data_9AXI
#
_entry.id   9AXI
#
_cell.length_a   1.00
_cell.length_b   1.00
_cell.length_c   1.00
_cell.angle_alpha   90.00
_cell.angle_beta   90.00
_cell.angle_gamma   90.00
#
_symmetry.space_group_name_H-M   'P 1'
#
loop_
_entity.id
_entity.type
_entity.pdbx_description
1 polymer 'Transmembrane protein gp41'
2 polymer 'Rabbit Polyclonal Antibody N625 Epitope - Predicted Light Chain'
3 polymer 'Rabbit Polyclonal Antibody N625 Epitope - Predicted Heavy Chain'
4 polymer 'Rabbit Polyclonal Antibody Base Epitope - Predicted Heavy Chain'
5 polymer 'Rabbit Polyclonal Antibody Base Epitope - Predicted Light Chain'
6 polymer 'Surface protein gp120'
7 branched 2-acetamido-2-deoxy-beta-D-glucopyranose-(1-4)-2-acetamido-2-deoxy-beta-D-glucopyranose
8 branched alpha-D-mannopyranose-(1-3)-[alpha-D-mannopyranose-(1-6)]beta-D-mannopyranose-(1-4)-2-acetamido-2-deoxy-beta-D-glucopyranose-(1-4)-2-acetamido-2-deoxy-beta-D-glucopyranose
9 branched 2-acetamido-2-deoxy-beta-D-glucopyranose-(1-6)-2-acetamido-2-deoxy-beta-D-glucopyranose
10 branched alpha-D-mannopyranose-(1-3)-beta-D-mannopyranose-(1-4)-2-acetamido-2-deoxy-beta-D-glucopyranose-(1-4)-2-acetamido-2-deoxy-beta-D-glucopyranose
11 non-polymer 2-acetamido-2-deoxy-beta-D-glucopyranose
12 non-polymer alpha-D-mannopyranose
#
loop_
_entity_poly.entity_id
_entity_poly.type
_entity_poly.pdbx_seq_one_letter_code
_entity_poly.pdbx_strand_id
1 'polypeptide(L)'
;RRAVGLGAVSFGFLGAAGSTMGAASITLTVQARQLLSGIVQQQSNLLKAPECQQHLLQDGHWGIKQLQTRVLAIEHYLKD
QQLLGIWGCSGKLICCTAVPWNSSWSNKSHDEIWGNMTWMQWDREISNYTNTIYRLLEDSQNQQEQNEKDLLALD
;
M,D,I
2 'polypeptide(L)'
;(UNK)(UNK)(UNK)(UNK)(UNK)(UNK)(UNK)(UNK)(UNK)(UNK)(UNK)(UNK)(UNK)(UNK)(UNK)(UNK)
(UNK)(UNK)(UNK)(UNK)(UNK)(UNK)(UNK)(UNK)(UNK)(UNK)(UNK)(UNK)(UNK)(UNK)(UNK)(UNK)
(UNK)(UNK)(UNK)(UNK)(UNK)(UNK)(UNK)(UNK)(UNK)(UNK)(UNK)(UNK)(UNK)(UNK)(UNK)(UNK)
(UNK)(UNK)(UNK)(UNK)(UNK)(UNK)(UNK)(UNK)(UNK)(UNK)(UNK)(UNK)(UNK)(UNK)(UNK)(UNK)
(UNK)(UNK)(UNK)(UNK)(UNK)(UNK)(UNK)(UNK)(UNK)(UNK)(UNK)(UNK)(UNK)(UNK)(UNK)(UNK)
(UNK)(UNK)(UNK)(UNK)(UNK)(UNK)(UNK)(UNK)(UNK)(UNK)(UNK)(UNK)(UNK)(UNK)(UNK)(UNK)
(UNK)(UNK)(UNK)(UNK)(UNK)(UNK)(UNK)(UNK)(UNK)(UNK)(UNK)(UNK)(UNK)(UNK)
;
F
3 'polypeptide(L)'
;(UNK)(UNK)(UNK)(UNK)(UNK)(UNK)(UNK)(UNK)(UNK)(UNK)(UNK)(UNK)(UNK)(UNK)(UNK)(UNK)
(UNK)(UNK)(UNK)(UNK)(UNK)(UNK)(UNK)(UNK)(UNK)(UNK)(UNK)(UNK)(UNK)(UNK)(UNK)(UNK)
(UNK)(UNK)(UNK)(UNK)(UNK)(UNK)(UNK)(UNK)(UNK)(UNK)(UNK)(UNK)(UNK)(UNK)(UNK)(UNK)
(UNK)(UNK)(UNK)(UNK)(UNK)(UNK)(UNK)(UNK)(UNK)(UNK)(UNK)(UNK)(UNK)(UNK)(UNK)(UNK)
(UNK)(UNK)(UNK)(UNK)(UNK)(UNK)(UNK)(UNK)(UNK)(UNK)(UNK)(UNK)(UNK)(UNK)(UNK)(UNK)
(UNK)(UNK)(UNK)(UNK)(UNK)(UNK)(UNK)(UNK)(UNK)(UNK)(UNK)(UNK)(UNK)(UNK)(UNK)(UNK)
(UNK)(UNK)(UNK)(UNK)(UNK)(UNK)(UNK)(UNK)(UNK)(UNK)(UNK)(UNK)(UNK)(UNK)(UNK)(UNK)
(UNK)(UNK)(UNK)(UNK)(UNK)(UNK)(UNK)
;
H
4 'polypeptide(L)'
;(UNK)(UNK)(UNK)(UNK)(UNK)(UNK)(UNK)(UNK)(UNK)(UNK)(UNK)(UNK)(UNK)(UNK)(UNK)(UNK)
(UNK)(UNK)(UNK)(UNK)(UNK)(UNK)(UNK)(UNK)(UNK)(UNK)(UNK)(UNK)(UNK)(UNK)(UNK)(UNK)
(UNK)(UNK)(UNK)(UNK)(UNK)(UNK)(UNK)(UNK)(UNK)(UNK)(UNK)(UNK)(UNK)(UNK)(UNK)(UNK)
(UNK)(UNK)(UNK)(UNK)(UNK)(UNK)(UNK)(UNK)(UNK)(UNK)(UNK)(UNK)(UNK)(UNK)(UNK)(UNK)
(UNK)(UNK)(UNK)(UNK)(UNK)(UNK)(UNK)(UNK)(UNK)(UNK)(UNK)(UNK)(UNK)(UNK)(UNK)(UNK)
(UNK)(UNK)(UNK)(UNK)(UNK)(UNK)(UNK)(UNK)(UNK)(UNK)(UNK)(UNK)(UNK)(UNK)(UNK)(UNK)
(UNK)(UNK)(UNK)(UNK)(UNK)(UNK)(UNK)(UNK)(UNK)(UNK)(UNK)(UNK)(UNK)(UNK)(UNK)(UNK)
(UNK)(UNK)(UNK)(UNK)(UNK)(UNK)(UNK)(UNK)(UNK)(UNK)
;
A
5 'polypeptide(L)'
;(UNK)(UNK)(UNK)(UNK)(UNK)(UNK)(UNK)(UNK)(UNK)(UNK)(UNK)(UNK)(UNK)(UNK)(UNK)(UNK)
(UNK)(UNK)(UNK)(UNK)(UNK)(UNK)(UNK)(UNK)(UNK)(UNK)(UNK)(UNK)(UNK)(UNK)(UNK)(UNK)
(UNK)(UNK)(UNK)(UNK)(UNK)(UNK)(UNK)(UNK)(UNK)(UNK)(UNK)(UNK)(UNK)(UNK)(UNK)(UNK)
(UNK)(UNK)(UNK)(UNK)(UNK)(UNK)(UNK)(UNK)(UNK)(UNK)(UNK)(UNK)(UNK)(UNK)(UNK)(UNK)
(UNK)(UNK)(UNK)(UNK)(UNK)(UNK)(UNK)(UNK)(UNK)(UNK)(UNK)(UNK)(UNK)(UNK)(UNK)(UNK)
(UNK)(UNK)(UNK)(UNK)(UNK)(UNK)(UNK)(UNK)(UNK)(UNK)(UNK)(UNK)(UNK)(UNK)(UNK)(UNK)
(UNK)(UNK)(UNK)(UNK)(UNK)(UNK)(UNK)(UNK)(UNK)(UNK)(UNK)(UNK)(UNK)
;
B
6 'polypeptide(L)'
;MDAMKRGLCCVLLLCGAVFVSPSQEIHARFRRGARNGNLWVTVYYGVPVWKDAETTLFCASDAKAYEKEKRNVWATHCCV
PTDPNPQEMVLENVTENFNMWKNDMVEQMHEDVISLWDQSLKPCVKLTPLCVTLECRQVNTTNATSSVNVTNGEEIKNCS
FNATTELRDKKQKVYALFYRLDIVPLEEERKGNSSKYRLINCNTSAITQACPKVTFDPIPIHYCAPAGYAILKCNNKTFN
GTGPCNNVSTVQCTHGIKPVVSTQLLLNGSLAEGEIIIRSENLTNNVKTIIVHLNESVEIVCTRPNNNTVKSIRIGPGQW
FYYTGDIIGNIRQAYCNIKKDDWIRTLQRVGKKLAEHFPRRIINFTQPAGGDLEITTHSFNCRGEFFYCNTSSLFNSTYN
PNDTNSNSSSSNSSLDITIPCRIKQIINMWQRVGQAMYAPPIEGNITCKSNITGLLLVRDGGVESNETEIFRPGGGDMRN
NWRSELYKYKVVEIKPLGIAPTRCKRRVVERRRR
;
K,L,J
#
loop_
_chem_comp.id
_chem_comp.type
_chem_comp.name
_chem_comp.formula
BMA D-saccharide, beta linking beta-D-mannopyranose 'C6 H12 O6'
MAN D-saccharide, alpha linking alpha-D-mannopyranose 'C6 H12 O6'
NAG D-saccharide, beta linking 2-acetamido-2-deoxy-beta-D-glucopyranose 'C8 H15 N O6'
#
# COMPACT_ATOMS: atom_id res chain seq x y z
N GLY A 5 7.08 3.24 -10.73
CA GLY A 5 7.18 2.58 -9.45
C GLY A 5 8.62 2.30 -9.05
N LEU A 6 8.79 1.51 -8.00
CA LEU A 6 10.09 1.15 -7.47
C LEU A 6 10.35 -0.34 -7.68
N GLY A 7 11.60 -0.67 -7.97
CA GLY A 7 11.98 -2.05 -8.13
C GLY A 7 11.56 -2.61 -9.47
N ALA A 8 11.61 -3.93 -9.56
CA ALA A 8 11.20 -4.65 -10.76
C ALA A 8 9.67 -4.67 -10.83
N VAL A 9 9.13 -3.54 -11.28
CA VAL A 9 7.69 -3.31 -11.34
C VAL A 9 7.38 -2.82 -12.75
N SER A 10 7.06 -3.75 -13.64
CA SER A 10 6.76 -3.46 -15.02
C SER A 10 6.36 -4.78 -15.67
N PHE A 11 5.55 -4.68 -16.73
CA PHE A 11 5.21 -5.89 -17.47
C PHE A 11 6.41 -6.44 -18.22
N GLY A 12 7.42 -5.63 -18.50
CA GLY A 12 8.57 -6.18 -19.18
C GLY A 12 9.30 -7.23 -18.37
N PHE A 13 9.07 -7.27 -17.05
CA PHE A 13 9.67 -8.27 -16.19
C PHE A 13 8.77 -9.46 -15.99
N LEU A 14 7.55 -9.38 -16.49
CA LEU A 14 6.55 -10.43 -16.34
C LEU A 14 6.43 -11.21 -17.62
N GLY A 15 6.74 -10.58 -18.75
CA GLY A 15 6.71 -11.26 -20.01
C GLY A 15 7.85 -12.23 -20.00
N ALA A 16 7.95 -13.04 -21.04
CA ALA A 16 8.91 -14.15 -21.07
C ALA A 16 8.54 -15.22 -20.05
N ALA A 17 7.32 -15.18 -19.50
CA ALA A 17 6.84 -16.25 -18.64
C ALA A 17 6.52 -17.38 -19.59
N GLY A 18 6.80 -18.60 -19.16
CA GLY A 18 6.54 -19.74 -20.02
C GLY A 18 7.73 -20.05 -20.90
N SER A 19 8.72 -19.16 -20.93
CA SER A 19 9.93 -19.29 -21.71
C SER A 19 11.01 -19.95 -20.86
N THR A 20 11.90 -20.66 -21.54
CA THR A 20 13.01 -21.34 -20.90
C THR A 20 13.85 -20.38 -20.08
N MET A 21 14.24 -20.84 -18.88
CA MET A 21 15.01 -20.01 -17.95
C MET A 21 16.23 -19.36 -18.60
N GLY A 22 16.95 -20.11 -19.44
CA GLY A 22 18.10 -19.52 -20.09
C GLY A 22 17.72 -18.36 -20.99
N ALA A 23 16.56 -18.46 -21.64
CA ALA A 23 16.17 -17.39 -22.54
C ALA A 23 15.64 -16.20 -21.75
N ALA A 24 14.94 -16.47 -20.65
CA ALA A 24 14.43 -15.38 -19.84
C ALA A 24 15.58 -14.62 -19.21
N SER A 25 16.63 -15.35 -18.81
CA SER A 25 17.80 -14.72 -18.22
C SER A 25 18.54 -13.87 -19.24
N ILE A 26 18.68 -14.38 -20.47
CA ILE A 26 19.33 -13.59 -21.52
C ILE A 26 18.54 -12.32 -21.77
N THR A 27 17.21 -12.42 -21.84
CA THR A 27 16.40 -11.23 -22.05
C THR A 27 16.59 -10.25 -20.89
N LEU A 28 16.60 -10.79 -19.66
CA LEU A 28 16.75 -9.96 -18.47
C LEU A 28 18.00 -9.12 -18.55
N THR A 29 19.11 -9.71 -18.97
CA THR A 29 20.37 -8.98 -18.97
C THR A 29 20.44 -7.84 -19.98
N VAL A 30 19.51 -7.76 -20.94
CA VAL A 30 19.50 -6.68 -21.92
C VAL A 30 18.22 -5.86 -21.84
N GLN A 31 17.36 -6.10 -20.85
CA GLN A 31 16.13 -5.31 -20.71
C GLN A 31 15.90 -4.76 -19.32
N ALA A 32 16.43 -5.41 -18.28
CA ALA A 32 16.11 -5.00 -16.92
C ALA A 32 16.48 -3.54 -16.64
N ARG A 33 17.58 -3.05 -17.21
CA ARG A 33 17.97 -1.67 -16.89
C ARG A 33 16.98 -0.71 -17.50
N GLN A 34 16.58 -0.98 -18.74
CA GLN A 34 15.66 -0.12 -19.46
C GLN A 34 14.27 -0.14 -18.83
N LEU A 35 13.88 -1.29 -18.29
CA LEU A 35 12.57 -1.42 -17.65
C LEU A 35 12.54 -0.75 -16.28
N LEU A 36 13.59 -0.90 -15.48
CA LEU A 36 13.57 -0.32 -14.14
C LEU A 36 13.51 1.21 -14.20
N SER A 37 14.13 1.81 -15.20
CA SER A 37 14.13 3.27 -15.33
C SER A 37 12.85 3.81 -15.94
N GLY A 38 12.06 2.99 -16.61
CA GLY A 38 10.85 3.45 -17.27
C GLY A 38 11.13 4.11 -18.59
N GLU A 51 -10.33 16.25 -11.52
CA GLU A 51 -10.18 16.81 -10.19
C GLU A 51 -10.04 15.69 -9.16
N CYS A 52 -9.09 14.79 -9.41
CA CYS A 52 -8.85 13.70 -8.47
C CYS A 52 -8.39 14.21 -7.12
N GLN A 53 -7.67 15.33 -7.10
CA GLN A 53 -7.19 15.90 -5.85
C GLN A 53 -8.33 16.42 -4.97
N GLN A 54 -9.53 16.64 -5.52
CA GLN A 54 -10.67 17.12 -4.73
C GLN A 54 -11.66 16.03 -4.36
N HIS A 55 -11.91 15.07 -5.26
CA HIS A 55 -12.86 14.01 -4.94
C HIS A 55 -12.20 12.86 -4.19
N LEU A 56 -11.05 12.41 -4.68
CA LEU A 56 -10.39 11.28 -4.08
C LEU A 56 -9.43 11.82 -3.04
N LEU A 57 -9.19 11.01 -2.02
CA LEU A 57 -8.27 11.27 -0.94
C LEU A 57 -8.79 12.41 -0.06
N GLN A 58 -10.08 12.72 -0.19
CA GLN A 58 -10.82 13.69 0.61
C GLN A 58 -12.23 13.14 0.82
N ASP A 59 -12.79 13.38 2.00
CA ASP A 59 -14.19 13.04 2.31
C ASP A 59 -14.54 11.59 1.97
N GLY A 60 -13.68 10.67 2.39
CA GLY A 60 -13.87 9.27 2.13
C GLY A 60 -12.66 8.50 2.66
N HIS A 61 -12.70 7.19 2.47
CA HIS A 61 -11.63 6.32 2.94
C HIS A 61 -10.70 5.89 1.83
N TRP A 62 -10.75 6.56 0.69
CA TRP A 62 -9.83 6.25 -0.39
C TRP A 62 -8.43 6.74 -0.05
N GLY A 63 -8.37 7.77 0.80
CA GLY A 63 -7.08 8.29 1.25
C GLY A 63 -6.27 7.23 1.96
N ILE A 64 -6.89 6.57 2.94
CA ILE A 64 -6.20 5.55 3.70
C ILE A 64 -5.88 4.37 2.82
N LYS A 65 -6.82 3.90 2.00
CA LYS A 65 -6.55 2.74 1.18
C LYS A 65 -5.39 2.98 0.21
N GLN A 66 -5.30 4.15 -0.41
CA GLN A 66 -4.18 4.39 -1.30
C GLN A 66 -2.88 4.59 -0.54
N LEU A 67 -2.93 5.24 0.62
CA LEU A 67 -1.70 5.40 1.37
C LEU A 67 -1.18 4.05 1.84
N GLN A 68 -2.10 3.15 2.22
CA GLN A 68 -1.66 1.83 2.64
C GLN A 68 -1.03 1.10 1.47
N THR A 69 -1.60 1.26 0.27
CA THR A 69 -1.05 0.59 -0.90
C THR A 69 0.35 1.11 -1.21
N ARG A 70 0.53 2.44 -1.15
CA ARG A 70 1.83 3.02 -1.47
C ARG A 70 2.87 2.69 -0.42
N VAL A 71 2.48 2.73 0.86
CA VAL A 71 3.42 2.42 1.93
C VAL A 71 3.81 0.95 1.84
N LEU A 72 2.85 0.08 1.56
CA LEU A 72 3.17 -1.34 1.46
C LEU A 72 4.13 -1.59 0.30
N ALA A 73 3.91 -0.92 -0.83
CA ALA A 73 4.83 -1.09 -1.95
C ALA A 73 6.22 -0.63 -1.59
N ILE A 74 6.33 0.45 -0.81
CA ILE A 74 7.64 0.92 -0.38
C ILE A 74 8.30 -0.10 0.53
N GLU A 75 7.54 -0.63 1.48
CA GLU A 75 8.08 -1.62 2.41
C GLU A 75 8.56 -2.87 1.69
N HIS A 76 7.82 -3.33 0.67
CA HIS A 76 8.25 -4.52 -0.04
C HIS A 76 9.51 -4.24 -0.85
N TYR A 77 9.59 -3.06 -1.46
CA TYR A 77 10.81 -2.69 -2.18
C TYR A 77 12.00 -2.69 -1.26
N LEU A 78 11.88 -2.01 -0.11
CA LEU A 78 13.00 -1.91 0.80
C LEU A 78 13.37 -3.27 1.36
N LYS A 79 12.38 -4.12 1.61
CA LYS A 79 12.66 -5.46 2.11
C LYS A 79 13.53 -6.23 1.11
N ASP A 80 13.17 -6.16 -0.17
CA ASP A 80 13.97 -6.91 -1.16
C ASP A 80 15.36 -6.31 -1.28
N GLN A 81 15.47 -4.98 -1.19
CA GLN A 81 16.80 -4.38 -1.28
C GLN A 81 17.64 -4.76 -0.07
N GLN A 82 17.02 -4.88 1.11
CA GLN A 82 17.72 -5.31 2.31
C GLN A 82 18.25 -6.73 2.13
N LEU A 83 17.44 -7.60 1.54
CA LEU A 83 17.90 -8.97 1.34
C LEU A 83 19.07 -9.00 0.38
N LEU A 84 19.03 -8.21 -0.69
CA LEU A 84 20.16 -8.19 -1.60
C LEU A 84 21.40 -7.64 -0.91
N GLY A 85 21.22 -6.64 -0.06
CA GLY A 85 22.34 -6.08 0.68
C GLY A 85 22.99 -7.09 1.61
N ILE A 86 22.17 -7.82 2.37
CA ILE A 86 22.68 -8.78 3.35
C ILE A 86 23.51 -9.85 2.66
N TRP A 87 23.09 -10.28 1.48
CA TRP A 87 23.80 -11.32 0.74
C TRP A 87 25.02 -10.79 0.01
N GLY A 88 25.26 -9.47 0.04
CA GLY A 88 26.38 -8.91 -0.69
C GLY A 88 26.10 -8.75 -2.16
N CYS A 89 24.83 -8.61 -2.52
CA CYS A 89 24.40 -8.52 -3.91
C CYS A 89 23.95 -7.12 -4.29
N SER A 90 24.26 -6.12 -3.48
CA SER A 90 23.80 -4.76 -3.73
C SER A 90 24.37 -4.20 -5.03
N GLY A 91 23.50 -3.54 -5.79
CA GLY A 91 23.86 -2.87 -7.03
C GLY A 91 23.93 -3.76 -8.24
N LYS A 92 23.63 -5.05 -8.11
CA LYS A 92 23.71 -6.03 -9.18
C LYS A 92 22.32 -6.58 -9.47
N LEU A 93 22.15 -7.10 -10.69
CA LEU A 93 20.93 -7.82 -11.05
C LEU A 93 21.13 -9.32 -11.04
N ILE A 94 22.31 -9.79 -11.45
CA ILE A 94 22.66 -11.21 -11.41
C ILE A 94 23.95 -11.26 -10.60
N CYS A 95 23.86 -11.75 -9.37
CA CYS A 95 25.00 -11.79 -8.47
C CYS A 95 25.43 -13.22 -8.20
N CYS A 96 26.70 -13.50 -8.44
CA CYS A 96 27.25 -14.80 -8.15
C CYS A 96 27.59 -14.87 -6.67
N THR A 97 27.41 -16.04 -6.06
CA THR A 97 27.75 -16.23 -4.66
C THR A 97 28.79 -17.33 -4.54
N ALA A 98 29.15 -17.63 -3.28
CA ALA A 98 30.12 -18.67 -2.95
C ALA A 98 29.50 -19.82 -2.19
N VAL A 99 28.20 -20.03 -2.32
CA VAL A 99 27.50 -21.12 -1.67
C VAL A 99 27.38 -22.27 -2.67
N PRO A 100 27.90 -23.46 -2.37
CA PRO A 100 27.79 -24.55 -3.35
C PRO A 100 26.34 -25.03 -3.42
N TRP A 101 25.97 -25.56 -4.57
CA TRP A 101 24.63 -26.09 -4.74
C TRP A 101 24.56 -27.49 -4.16
N ASN A 102 23.53 -27.73 -3.35
CA ASN A 102 23.29 -29.03 -2.74
C ASN A 102 22.34 -29.85 -3.59
N SER A 103 22.74 -31.09 -3.88
CA SER A 103 21.91 -31.99 -4.68
C SER A 103 20.62 -32.37 -3.97
N SER A 104 20.52 -32.13 -2.66
CA SER A 104 19.30 -32.41 -1.93
C SER A 104 18.21 -31.39 -2.22
N TRP A 105 18.58 -30.23 -2.75
CA TRP A 105 17.60 -29.21 -3.08
C TRP A 105 16.97 -29.50 -4.43
N SER A 106 17.79 -29.90 -5.40
CA SER A 106 17.31 -30.30 -6.71
C SER A 106 18.37 -31.18 -7.34
N ASN A 107 17.96 -32.35 -7.85
CA ASN A 107 18.87 -33.30 -8.47
C ASN A 107 18.82 -33.23 -10.00
N LYS A 108 18.23 -32.18 -10.56
CA LYS A 108 18.18 -32.01 -12.00
C LYS A 108 19.49 -31.45 -12.50
N SER A 109 19.85 -31.83 -13.72
CA SER A 109 21.10 -31.37 -14.31
C SER A 109 21.01 -29.88 -14.67
N HIS A 110 22.19 -29.30 -14.85
CA HIS A 110 22.30 -27.90 -15.26
C HIS A 110 21.51 -27.61 -16.52
N ASP A 111 21.60 -28.51 -17.51
CA ASP A 111 20.91 -28.27 -18.78
C ASP A 111 19.41 -28.39 -18.62
N GLU A 112 18.95 -29.38 -17.84
CA GLU A 112 17.51 -29.54 -17.63
C GLU A 112 16.93 -28.36 -16.86
N ILE A 113 17.69 -27.79 -15.94
CA ILE A 113 17.18 -26.66 -15.18
C ILE A 113 17.15 -25.41 -16.07
N TRP A 114 18.25 -25.16 -16.78
CA TRP A 114 18.33 -23.96 -17.61
C TRP A 114 17.65 -24.14 -18.95
N GLY A 115 17.53 -25.37 -19.44
CA GLY A 115 16.83 -25.64 -20.68
C GLY A 115 15.54 -26.34 -20.33
N ASN A 116 14.51 -26.26 -21.16
CA ASN A 116 13.25 -27.00 -20.94
C ASN A 116 12.66 -26.80 -19.54
N MET A 117 12.75 -25.58 -19.01
CA MET A 117 12.14 -25.31 -17.72
C MET A 117 11.97 -23.80 -17.58
N THR A 118 10.83 -23.40 -17.03
CA THR A 118 10.51 -21.99 -16.81
C THR A 118 10.81 -21.60 -15.37
N TRP A 119 10.79 -20.29 -15.12
CA TRP A 119 11.04 -19.82 -13.76
C TRP A 119 9.90 -20.17 -12.80
N MET A 120 8.67 -20.26 -13.29
CA MET A 120 7.56 -20.63 -12.41
C MET A 120 7.74 -22.06 -11.92
N GLN A 121 8.14 -22.97 -12.81
CA GLN A 121 8.31 -24.35 -12.43
C GLN A 121 9.47 -24.49 -11.47
N TRP A 122 10.55 -23.77 -11.73
CA TRP A 122 11.70 -23.82 -10.85
C TRP A 122 11.34 -23.27 -9.47
N ASP A 123 10.63 -22.14 -9.43
CA ASP A 123 10.25 -21.56 -8.15
C ASP A 123 9.39 -22.52 -7.35
N ARG A 124 8.47 -23.22 -8.01
CA ARG A 124 7.66 -24.19 -7.28
C ARG A 124 8.51 -25.34 -6.77
N GLU A 125 9.42 -25.83 -7.61
CA GLU A 125 10.24 -26.99 -7.26
C GLU A 125 11.06 -26.79 -5.99
N ILE A 126 11.66 -25.61 -5.78
CA ILE A 126 12.51 -25.40 -4.62
C ILE A 126 11.88 -24.45 -3.59
N SER A 127 10.57 -24.27 -3.61
CA SER A 127 9.96 -23.38 -2.63
C SER A 127 10.28 -23.82 -1.21
N ASN A 128 10.23 -25.13 -0.96
CA ASN A 128 10.43 -25.65 0.38
C ASN A 128 11.83 -25.45 0.91
N TYR A 129 12.80 -25.14 0.06
CA TYR A 129 14.18 -24.98 0.50
C TYR A 129 14.60 -23.52 0.47
N THR A 130 13.70 -22.60 0.15
CA THR A 130 14.08 -21.20 0.00
C THR A 130 14.72 -20.65 1.26
N ASN A 131 14.12 -20.93 2.42
CA ASN A 131 14.66 -20.35 3.63
C ASN A 131 16.00 -20.97 3.99
N THR A 132 16.20 -22.24 3.65
CA THR A 132 17.48 -22.85 3.97
C THR A 132 18.56 -22.18 3.16
N ILE A 133 18.26 -21.93 1.87
CA ILE A 133 19.25 -21.34 1.00
C ILE A 133 19.58 -19.95 1.51
N TYR A 134 18.55 -19.21 1.93
CA TYR A 134 18.78 -17.85 2.42
C TYR A 134 19.70 -17.85 3.62
N ARG A 135 19.53 -18.81 4.54
CA ARG A 135 20.39 -18.82 5.71
C ARG A 135 21.84 -19.03 5.29
N LEU A 136 22.05 -19.90 4.31
CA LEU A 136 23.41 -20.17 3.86
C LEU A 136 24.02 -18.93 3.22
N LEU A 137 23.21 -18.17 2.47
CA LEU A 137 23.74 -16.98 1.85
C LEU A 137 24.19 -15.99 2.89
N GLU A 138 23.42 -15.88 3.97
CA GLU A 138 23.80 -14.96 5.04
C GLU A 138 25.12 -15.38 5.66
N ASP A 139 25.27 -16.70 5.87
CA ASP A 139 26.50 -17.17 6.49
C ASP A 139 27.68 -16.94 5.57
N SER A 140 27.47 -17.10 4.26
CA SER A 140 28.56 -16.89 3.33
C SER A 140 29.06 -15.46 3.40
N GLN A 141 28.13 -14.50 3.47
CA GLN A 141 28.59 -13.11 3.52
C GLN A 141 29.33 -12.83 4.80
N ASN A 142 28.95 -13.45 5.91
CA ASN A 142 29.68 -13.20 7.15
C ASN A 142 31.12 -13.65 7.01
N GLN A 143 31.35 -14.76 6.31
CA GLN A 143 32.72 -15.20 6.14
C GLN A 143 33.48 -14.21 5.28
N GLN A 144 32.82 -13.70 4.24
CA GLN A 144 33.49 -12.75 3.37
C GLN A 144 33.79 -11.48 4.13
N GLU A 145 32.88 -11.09 5.04
CA GLU A 145 33.11 -9.87 5.80
C GLU A 145 34.34 -10.03 6.68
N GLN A 146 34.52 -11.22 7.27
CA GLN A 146 35.69 -11.44 8.10
C GLN A 146 36.96 -11.34 7.27
N ASN A 147 36.92 -11.85 6.04
CA ASN A 147 38.11 -11.81 5.21
C ASN A 147 38.49 -10.36 4.91
N GLU A 148 37.48 -9.51 4.70
CA GLU A 148 37.79 -8.11 4.43
C GLU A 148 38.45 -7.49 5.63
N LYS A 149 37.96 -7.83 6.82
CA LYS A 149 38.56 -7.31 8.03
C LYS A 149 39.97 -7.84 8.20
N ASP A 150 40.19 -9.13 7.87
CA ASP A 150 41.52 -9.71 8.07
C ASP A 150 42.56 -9.19 7.10
N LEU A 151 42.19 -8.93 5.84
CA LEU A 151 43.16 -8.46 4.85
C LEU A 151 43.35 -6.94 4.90
N LEU A 152 43.81 -6.47 6.06
CA LEU A 152 44.02 -5.04 6.27
C LEU A 152 45.17 -4.82 7.24
N SER B 10 17.62 19.42 2.16
CA SER B 10 18.39 19.81 0.99
C SER B 10 18.36 21.33 0.73
N PHE B 11 17.80 22.09 1.68
CA PHE B 11 17.62 23.52 1.50
C PHE B 11 18.92 24.24 1.14
N GLY B 12 19.98 23.96 1.90
CA GLY B 12 21.23 24.70 1.72
C GLY B 12 21.91 24.46 0.39
N PHE B 13 21.45 23.47 -0.38
CA PHE B 13 22.07 23.21 -1.67
C PHE B 13 21.83 24.38 -2.60
N LEU B 14 20.72 25.10 -2.39
CA LEU B 14 20.47 26.15 -3.36
C LEU B 14 21.35 27.35 -3.10
N GLY B 15 22.16 27.32 -2.03
CA GLY B 15 23.05 28.43 -1.81
C GLY B 15 24.11 28.53 -2.88
N ALA B 16 24.33 27.43 -3.62
CA ALA B 16 25.32 27.46 -4.70
C ALA B 16 24.76 27.93 -6.02
N ALA B 17 23.48 28.30 -6.08
CA ALA B 17 22.87 28.80 -7.30
C ALA B 17 23.66 29.96 -7.88
N GLY B 18 23.79 29.99 -9.19
CA GLY B 18 24.55 31.02 -9.89
C GLY B 18 25.99 31.09 -9.41
N SER B 19 26.77 30.04 -9.67
CA SER B 19 28.17 29.97 -9.26
C SER B 19 29.06 29.48 -10.39
N THR B 20 28.70 29.74 -11.64
CA THR B 20 29.49 29.39 -12.82
C THR B 20 29.73 27.89 -12.97
N MET B 21 29.00 27.06 -12.23
CA MET B 21 29.08 25.59 -12.26
C MET B 21 30.39 25.07 -11.69
N GLY B 22 31.53 25.55 -12.21
CA GLY B 22 32.82 25.06 -11.70
C GLY B 22 32.96 25.35 -10.23
N ALA B 23 32.68 26.59 -9.83
CA ALA B 23 32.71 26.93 -8.42
C ALA B 23 31.65 26.13 -7.70
N ALA B 24 30.45 26.06 -8.27
CA ALA B 24 29.38 25.25 -7.67
C ALA B 24 29.83 23.81 -7.48
N SER B 25 30.55 23.26 -8.46
CA SER B 25 31.01 21.88 -8.36
C SER B 25 32.00 21.73 -7.21
N ILE B 26 32.94 22.67 -7.09
CA ILE B 26 33.91 22.61 -6.01
C ILE B 26 33.20 22.74 -4.66
N THR B 27 32.24 23.66 -4.59
CA THR B 27 31.48 23.87 -3.36
C THR B 27 30.75 22.59 -2.98
N LEU B 28 30.08 21.94 -3.94
CA LEU B 28 29.34 20.73 -3.61
C LEU B 28 30.25 19.60 -3.20
N THR B 29 31.44 19.52 -3.80
CA THR B 29 32.38 18.43 -3.50
C THR B 29 32.55 18.22 -2.00
N VAL B 30 32.64 19.30 -1.24
CA VAL B 30 32.78 19.23 0.21
C VAL B 30 31.46 19.46 0.93
N GLN B 31 30.69 20.48 0.52
CA GLN B 31 29.50 20.86 1.27
C GLN B 31 28.32 19.91 1.10
N ALA B 32 28.17 19.24 -0.04
CA ALA B 32 26.99 18.42 -0.26
C ALA B 32 26.90 17.27 0.74
N ARG B 33 28.05 16.68 1.08
CA ARG B 33 28.03 15.57 2.01
C ARG B 33 27.60 16.04 3.39
N GLN B 34 28.11 17.19 3.83
CA GLN B 34 27.76 17.72 5.13
C GLN B 34 26.29 18.14 5.18
N LEU B 35 25.77 18.65 4.05
CA LEU B 35 24.37 19.05 3.96
C LEU B 35 23.44 17.84 3.99
N LEU B 36 23.81 16.74 3.33
CA LEU B 36 22.95 15.56 3.35
C LEU B 36 22.88 14.94 4.74
N SER B 37 23.99 14.94 5.47
CA SER B 37 24.01 14.36 6.80
C SER B 37 23.33 15.28 7.81
N GLU B 51 3.00 18.51 21.86
CA GLU B 51 1.66 17.98 22.12
C GLU B 51 0.62 18.64 21.23
N CYS B 52 0.86 19.90 20.86
CA CYS B 52 -0.06 20.61 20.00
C CYS B 52 0.05 20.16 18.55
N GLN B 53 1.22 19.67 18.14
CA GLN B 53 1.41 19.30 16.74
C GLN B 53 0.60 18.06 16.38
N GLN B 54 0.29 17.21 17.35
CA GLN B 54 -0.50 16.01 17.08
C GLN B 54 -1.97 16.32 16.89
N HIS B 55 -2.42 17.50 17.33
CA HIS B 55 -3.84 17.84 17.26
C HIS B 55 -4.37 17.78 15.83
N LEU B 56 -3.65 18.40 14.90
CA LEU B 56 -4.21 18.51 13.56
C LEU B 56 -4.12 17.19 12.82
N LEU B 57 -3.43 16.20 13.39
CA LEU B 57 -3.31 14.95 12.67
C LEU B 57 -4.64 14.21 12.74
N GLN B 58 -5.49 14.56 13.71
CA GLN B 58 -6.81 13.95 13.88
C GLN B 58 -7.94 14.92 13.55
N ASP B 59 -7.64 16.08 12.96
CA ASP B 59 -8.62 17.12 12.69
C ASP B 59 -8.84 17.21 11.18
N GLY B 60 -10.03 16.83 10.75
CA GLY B 60 -10.37 16.85 9.33
C GLY B 60 -9.48 15.93 8.50
N HIS B 61 -8.94 16.47 7.41
CA HIS B 61 -8.08 15.72 6.50
C HIS B 61 -6.64 16.23 6.46
N TRP B 62 -6.21 16.99 7.46
CA TRP B 62 -4.85 17.50 7.47
C TRP B 62 -3.83 16.39 7.64
N GLY B 63 -4.17 15.36 8.42
CA GLY B 63 -3.27 14.25 8.60
C GLY B 63 -3.02 13.50 7.31
N ILE B 64 -4.04 13.41 6.46
CA ILE B 64 -3.88 12.70 5.21
C ILE B 64 -2.98 13.49 4.28
N LYS B 65 -3.17 14.80 4.22
CA LYS B 65 -2.31 15.63 3.37
C LYS B 65 -0.85 15.54 3.81
N GLN B 66 -0.62 15.50 5.13
CA GLN B 66 0.75 15.38 5.60
C GLN B 66 1.34 14.02 5.24
N LEU B 67 0.52 12.96 5.34
CA LEU B 67 1.01 11.65 4.95
C LEU B 67 1.31 11.59 3.47
N GLN B 68 0.48 12.23 2.64
CA GLN B 68 0.76 12.22 1.21
C GLN B 68 2.08 12.92 0.93
N THR B 69 2.35 14.01 1.65
CA THR B 69 3.60 14.73 1.43
C THR B 69 4.79 13.87 1.82
N ARG B 70 4.71 13.19 2.96
CA ARG B 70 5.83 12.38 3.42
C ARG B 70 6.05 11.16 2.53
N VAL B 71 4.96 10.51 2.11
CA VAL B 71 5.09 9.34 1.26
C VAL B 71 5.67 9.74 -0.09
N LEU B 72 5.20 10.85 -0.65
CA LEU B 72 5.72 11.28 -1.94
C LEU B 72 7.20 11.62 -1.84
N ALA B 73 7.60 12.29 -0.75
CA ALA B 73 9.02 12.61 -0.58
C ALA B 73 9.86 11.33 -0.52
N ILE B 74 9.34 10.30 0.15
CA ILE B 74 10.07 9.04 0.23
C ILE B 74 10.16 8.41 -1.16
N GLU B 75 9.05 8.39 -1.90
CA GLU B 75 9.06 7.79 -3.22
C GLU B 75 10.04 8.48 -4.15
N HIS B 76 10.12 9.81 -4.10
CA HIS B 76 11.06 10.50 -4.98
C HIS B 76 12.50 10.22 -4.57
N TYR B 77 12.76 10.19 -3.27
CA TYR B 77 14.12 9.85 -2.81
C TYR B 77 14.52 8.47 -3.31
N LEU B 78 13.64 7.48 -3.13
CA LEU B 78 13.97 6.13 -3.52
C LEU B 78 14.09 6.00 -5.03
N LYS B 79 13.28 6.74 -5.80
CA LYS B 79 13.44 6.67 -7.25
C LYS B 79 14.79 7.22 -7.68
N ASP B 80 15.25 8.29 -7.03
CA ASP B 80 16.57 8.81 -7.39
C ASP B 80 17.66 7.83 -7.00
N GLN B 81 17.52 7.17 -5.85
CA GLN B 81 18.55 6.22 -5.43
C GLN B 81 18.54 5.00 -6.34
N GLN B 82 17.36 4.57 -6.78
CA GLN B 82 17.27 3.45 -7.70
C GLN B 82 17.95 3.80 -9.01
N LEU B 83 17.74 5.02 -9.47
CA LEU B 83 18.30 5.42 -10.74
C LEU B 83 19.82 5.45 -10.65
N LEU B 84 20.35 5.95 -9.53
CA LEU B 84 21.81 5.92 -9.37
C LEU B 84 22.32 4.49 -9.29
N GLY B 85 21.57 3.61 -8.65
CA GLY B 85 21.97 2.21 -8.57
C GLY B 85 22.04 1.54 -9.93
N ILE B 86 21.06 1.83 -10.79
CA ILE B 86 21.01 1.23 -12.12
C ILE B 86 22.26 1.57 -12.91
N TRP B 87 22.73 2.81 -12.79
CA TRP B 87 23.91 3.27 -13.51
C TRP B 87 25.21 2.81 -12.88
N GLY B 88 25.16 2.15 -11.73
CA GLY B 88 26.38 1.73 -11.05
C GLY B 88 27.06 2.83 -10.27
N CYS B 89 26.30 3.83 -9.84
CA CYS B 89 26.82 4.98 -9.10
C CYS B 89 26.42 4.95 -7.63
N SER B 90 25.86 3.84 -7.15
CA SER B 90 25.35 3.78 -5.79
C SER B 90 26.47 4.01 -4.77
N GLY B 91 26.13 4.80 -3.75
CA GLY B 91 27.04 5.08 -2.65
C GLY B 91 27.99 6.23 -2.91
N LYS B 92 27.98 6.82 -4.10
CA LYS B 92 28.86 7.91 -4.49
C LYS B 92 28.07 9.21 -4.59
N LEU B 93 28.81 10.31 -4.52
CA LEU B 93 28.23 11.64 -4.69
C LEU B 93 28.49 12.16 -6.10
N ILE B 94 29.69 11.93 -6.60
CA ILE B 94 30.10 12.30 -7.95
C ILE B 94 30.65 11.01 -8.54
N CYS B 95 30.09 10.56 -9.66
CA CYS B 95 30.52 9.29 -10.25
C CYS B 95 30.78 9.42 -11.74
N CYS B 96 31.96 8.97 -12.16
CA CYS B 96 32.35 8.99 -13.56
C CYS B 96 31.82 7.73 -14.21
N THR B 97 31.38 7.84 -15.45
CA THR B 97 30.93 6.69 -16.23
C THR B 97 31.87 6.44 -17.41
N ALA B 98 31.52 5.44 -18.19
CA ALA B 98 32.27 5.02 -19.36
C ALA B 98 31.60 5.45 -20.67
N VAL B 99 30.58 6.28 -20.60
CA VAL B 99 29.88 6.76 -21.80
C VAL B 99 30.59 8.01 -22.30
N PRO B 100 31.04 8.06 -23.56
CA PRO B 100 31.68 9.27 -24.06
C PRO B 100 30.66 10.36 -24.31
N TRP B 101 31.12 11.61 -24.29
CA TRP B 101 30.24 12.72 -24.60
C TRP B 101 30.11 12.90 -26.11
N ASN B 102 28.88 13.11 -26.56
CA ASN B 102 28.54 13.35 -27.96
C ASN B 102 28.38 14.85 -28.22
N SER B 103 29.10 15.35 -29.23
CA SER B 103 29.01 16.77 -29.58
C SER B 103 27.62 17.18 -30.05
N SER B 104 26.75 16.22 -30.40
CA SER B 104 25.37 16.52 -30.77
C SER B 104 24.60 17.08 -29.59
N TRP B 105 24.83 16.52 -28.41
CA TRP B 105 24.07 16.93 -27.23
C TRP B 105 24.39 18.37 -26.86
N SER B 106 25.66 18.73 -26.94
CA SER B 106 26.10 20.10 -26.69
C SER B 106 27.42 20.28 -27.42
N ASN B 107 27.53 21.35 -28.20
CA ASN B 107 28.75 21.64 -28.95
C ASN B 107 29.60 22.69 -28.27
N LYS B 108 29.39 22.91 -26.97
CA LYS B 108 30.19 23.82 -26.18
C LYS B 108 31.39 23.03 -25.65
N SER B 109 32.52 23.71 -25.53
CA SER B 109 33.70 23.06 -24.99
C SER B 109 33.59 22.94 -23.47
N HIS B 110 34.48 22.14 -22.89
CA HIS B 110 34.43 21.98 -21.44
C HIS B 110 34.87 23.25 -20.72
N ASP B 111 35.47 24.21 -21.42
CA ASP B 111 35.87 25.46 -20.78
C ASP B 111 34.68 26.39 -20.63
N GLU B 112 33.70 26.28 -21.53
CA GLU B 112 32.48 27.08 -21.43
C GLU B 112 31.49 26.43 -20.49
N ILE B 113 31.36 25.10 -20.56
CA ILE B 113 30.38 24.41 -19.74
C ILE B 113 30.71 24.59 -18.26
N TRP B 114 31.99 24.51 -17.92
CA TRP B 114 32.48 24.63 -16.54
C TRP B 114 32.97 26.03 -16.22
N GLY B 115 32.50 27.04 -16.94
CA GLY B 115 32.86 28.42 -16.67
C GLY B 115 31.99 29.36 -17.46
N ASN B 116 31.42 30.37 -16.79
CA ASN B 116 30.45 31.27 -17.40
C ASN B 116 29.19 30.51 -17.83
N MET B 117 28.76 29.57 -16.98
CA MET B 117 27.52 28.83 -17.21
C MET B 117 27.11 28.22 -15.88
N THR B 118 25.85 28.41 -15.50
CA THR B 118 25.31 27.90 -14.25
C THR B 118 24.63 26.56 -14.48
N TRP B 119 24.33 25.86 -13.39
CA TRP B 119 23.66 24.58 -13.50
C TRP B 119 22.25 24.71 -14.06
N MET B 120 21.56 25.82 -13.79
CA MET B 120 20.23 26.00 -14.36
C MET B 120 20.30 26.14 -15.87
N GLN B 121 21.29 26.87 -16.36
CA GLN B 121 21.41 27.07 -17.80
C GLN B 121 21.80 25.78 -18.47
N TRP B 122 22.72 25.04 -17.87
CA TRP B 122 23.12 23.76 -18.44
C TRP B 122 21.96 22.78 -18.45
N ASP B 123 21.21 22.72 -17.34
CA ASP B 123 20.07 21.83 -17.27
C ASP B 123 19.09 22.12 -18.39
N ARG B 124 18.84 23.41 -18.67
CA ARG B 124 17.97 23.72 -19.80
C ARG B 124 18.62 23.31 -21.12
N GLU B 125 19.93 23.53 -21.22
CA GLU B 125 20.68 23.27 -22.45
C GLU B 125 20.54 21.82 -22.92
N ILE B 126 20.53 20.87 -21.99
CA ILE B 126 20.41 19.44 -22.31
C ILE B 126 19.15 18.82 -21.76
N SER B 127 18.11 19.61 -21.50
CA SER B 127 16.91 19.03 -20.91
C SER B 127 16.25 18.02 -21.84
N ASN B 128 16.46 18.14 -23.15
CA ASN B 128 15.84 17.24 -24.12
C ASN B 128 16.75 16.09 -24.57
N TYR B 129 17.91 15.90 -23.94
CA TYR B 129 18.80 14.79 -24.24
C TYR B 129 18.94 13.83 -23.07
N THR B 130 18.19 14.05 -22.00
CA THR B 130 18.29 13.24 -20.80
C THR B 130 18.02 11.76 -21.07
N ASN B 131 17.00 11.45 -21.87
CA ASN B 131 16.69 10.05 -22.11
C ASN B 131 17.76 9.35 -22.94
N THR B 132 18.42 10.08 -23.84
CA THR B 132 19.47 9.44 -24.62
C THR B 132 20.64 9.09 -23.73
N ILE B 133 21.01 10.01 -22.85
CA ILE B 133 22.14 9.79 -21.97
C ILE B 133 21.81 8.65 -21.02
N TYR B 134 20.60 8.64 -20.48
CA TYR B 134 20.23 7.57 -19.55
C TYR B 134 20.27 6.21 -20.23
N ARG B 135 19.80 6.11 -21.47
CA ARG B 135 19.86 4.82 -22.15
C ARG B 135 21.31 4.39 -22.34
N LEU B 136 22.18 5.34 -22.66
CA LEU B 136 23.58 4.97 -22.83
C LEU B 136 24.21 4.52 -21.51
N LEU B 137 23.83 5.16 -20.41
CA LEU B 137 24.35 4.77 -19.11
C LEU B 137 23.90 3.37 -18.75
N GLU B 138 22.65 3.03 -19.07
CA GLU B 138 22.15 1.70 -18.78
C GLU B 138 22.88 0.65 -19.62
N ASP B 139 23.14 0.97 -20.89
CA ASP B 139 23.85 0.00 -21.74
C ASP B 139 25.29 -0.16 -21.25
N SER B 140 25.90 0.95 -20.82
CA SER B 140 27.26 0.87 -20.32
C SER B 140 27.31 -0.02 -19.08
N GLN B 141 26.35 0.13 -18.18
CA GLN B 141 26.37 -0.69 -16.97
C GLN B 141 26.14 -2.15 -17.31
N ASN B 142 25.32 -2.45 -18.33
CA ASN B 142 25.17 -3.85 -18.70
C ASN B 142 26.50 -4.42 -19.16
N GLN B 143 27.26 -3.63 -19.91
CA GLN B 143 28.55 -4.13 -20.37
C GLN B 143 29.51 -4.32 -19.20
N GLN B 144 29.50 -3.38 -18.25
CA GLN B 144 30.40 -3.50 -17.09
C GLN B 144 30.06 -4.73 -16.29
N GLU B 145 28.79 -4.88 -15.90
CA GLU B 145 28.38 -6.03 -15.10
C GLU B 145 28.79 -7.33 -15.80
N GLN B 146 28.59 -7.39 -17.12
CA GLN B 146 29.03 -8.57 -17.86
C GLN B 146 30.52 -8.79 -17.65
N ASN B 147 31.32 -7.74 -17.85
CA ASN B 147 32.77 -7.86 -17.69
C ASN B 147 33.12 -8.35 -16.30
N GLU B 148 32.39 -7.90 -15.28
CA GLU B 148 32.67 -8.34 -13.92
C GLU B 148 32.42 -9.83 -13.81
N LYS B 149 31.34 -10.30 -14.44
CA LYS B 149 31.02 -11.72 -14.43
C LYS B 149 32.10 -12.51 -15.17
N ASP B 150 32.66 -11.92 -16.23
CA ASP B 150 33.69 -12.57 -17.03
C ASP B 150 35.03 -12.66 -16.30
N LEU B 151 35.37 -11.66 -15.48
CA LEU B 151 36.62 -11.71 -14.74
C LEU B 151 36.66 -12.89 -13.78
N LEU B 152 35.52 -13.27 -13.22
CA LEU B 152 35.44 -14.41 -12.33
C LEU B 152 35.93 -15.68 -13.01
N LEU C 6 13.37 -2.80 6.52
CA LEU C 6 12.88 -3.12 7.86
C LEU C 6 13.88 -2.70 8.93
N GLY C 7 15.17 -2.85 8.63
CA GLY C 7 16.22 -2.38 9.51
C GLY C 7 16.51 -3.34 10.65
N ALA C 8 17.46 -2.92 11.49
CA ALA C 8 17.83 -3.68 12.69
C ALA C 8 16.81 -3.41 13.79
N VAL C 9 15.69 -4.12 13.66
CA VAL C 9 14.53 -3.95 14.54
C VAL C 9 14.14 -5.24 15.24
N SER C 10 14.80 -6.35 14.93
CA SER C 10 14.46 -7.61 15.57
C SER C 10 14.78 -7.56 17.06
N PHE C 11 13.99 -8.29 17.84
CA PHE C 11 14.20 -8.32 19.29
C PHE C 11 15.53 -8.97 19.64
N GLY C 12 15.98 -9.92 18.81
CA GLY C 12 17.22 -10.62 19.11
C GLY C 12 18.45 -9.74 19.05
N PHE C 13 18.32 -8.48 18.64
CA PHE C 13 19.43 -7.54 18.69
C PHE C 13 19.70 -7.12 20.12
N LEU C 14 18.75 -7.36 21.01
CA LEU C 14 18.88 -7.08 22.43
C LEU C 14 19.23 -8.40 23.10
N GLY C 15 19.66 -8.31 24.35
CA GLY C 15 20.10 -9.44 25.13
C GLY C 15 21.60 -9.42 25.27
N ALA C 16 22.28 -8.85 24.26
CA ALA C 16 23.71 -8.62 24.31
C ALA C 16 24.00 -7.33 25.06
N ALA C 17 22.95 -6.57 25.43
CA ALA C 17 23.10 -5.33 26.17
C ALA C 17 23.73 -5.57 27.53
N GLY C 18 23.58 -6.77 28.05
CA GLY C 18 24.10 -7.15 29.33
C GLY C 18 25.50 -7.72 29.27
N SER C 19 26.08 -7.74 28.07
CA SER C 19 27.39 -8.31 27.81
C SER C 19 28.34 -7.14 27.55
N THR C 20 29.63 -7.42 27.67
CA THR C 20 30.60 -6.38 27.40
C THR C 20 30.63 -6.10 25.89
N MET C 21 31.26 -4.97 25.53
CA MET C 21 31.33 -4.59 24.12
C MET C 21 31.97 -5.69 23.29
N GLY C 22 33.02 -6.31 23.80
CA GLY C 22 33.67 -7.39 23.07
C GLY C 22 32.73 -8.56 22.86
N ALA C 23 32.14 -9.05 23.97
CA ALA C 23 31.25 -10.19 23.89
C ALA C 23 30.03 -9.90 23.02
N ALA C 24 29.53 -8.67 23.06
CA ALA C 24 28.38 -8.35 22.23
C ALA C 24 28.80 -8.19 20.78
N SER C 25 30.00 -7.63 20.55
CA SER C 25 30.49 -7.42 19.20
C SER C 25 30.68 -8.75 18.49
N ILE C 26 31.19 -9.77 19.20
CA ILE C 26 31.37 -11.09 18.58
C ILE C 26 30.04 -11.76 18.23
N THR C 27 28.91 -11.14 18.58
CA THR C 27 27.62 -11.66 18.17
C THR C 27 27.22 -11.04 16.84
N LEU C 28 27.83 -9.92 16.47
CA LEU C 28 27.57 -9.29 15.18
C LEU C 28 28.38 -10.07 14.17
N THR C 29 27.84 -10.23 12.96
CA THR C 29 28.42 -11.04 11.89
C THR C 29 28.28 -12.53 12.19
N VAL C 30 27.64 -12.90 13.30
CA VAL C 30 27.34 -14.27 13.64
C VAL C 30 25.83 -14.48 13.66
N GLN C 31 25.11 -13.62 14.38
CA GLN C 31 23.66 -13.62 14.47
C GLN C 31 22.99 -12.44 13.78
N ALA C 32 23.72 -11.33 13.56
CA ALA C 32 23.10 -10.12 13.06
C ALA C 32 22.38 -10.31 11.72
N ARG C 33 22.95 -11.11 10.81
CA ARG C 33 22.29 -11.25 9.51
C ARG C 33 21.02 -12.08 9.62
N GLN C 34 21.03 -13.07 10.51
CA GLN C 34 19.85 -13.91 10.69
C GLN C 34 18.74 -13.11 11.35
N LEU C 35 19.11 -12.16 12.21
CA LEU C 35 18.13 -11.31 12.85
C LEU C 35 17.58 -10.28 11.89
N LEU C 36 18.43 -9.74 11.00
CA LEU C 36 17.94 -8.79 10.01
C LEU C 36 16.99 -9.47 9.03
N SER C 37 17.32 -10.70 8.64
CA SER C 37 16.56 -11.53 7.70
C SER C 37 15.77 -10.79 6.61
N GLU C 51 -11.95 -9.21 6.49
CA GLU C 51 -11.11 -9.46 7.65
C GLU C 51 -11.31 -8.38 8.72
N CYS C 52 -10.60 -8.55 9.82
CA CYS C 52 -10.62 -7.61 10.93
C CYS C 52 -9.84 -6.34 10.66
N GLN C 53 -9.06 -6.30 9.57
CA GLN C 53 -8.26 -5.14 9.26
C GLN C 53 -9.10 -4.03 8.67
N GLN C 54 -10.36 -4.31 8.36
CA GLN C 54 -11.28 -3.33 7.84
C GLN C 54 -11.97 -2.60 8.99
N HIS C 55 -11.69 -2.99 10.24
CA HIS C 55 -12.19 -2.27 11.41
C HIS C 55 -11.11 -1.37 11.99
N LEU C 56 -9.91 -1.90 12.21
CA LEU C 56 -8.85 -1.10 12.81
C LEU C 56 -8.55 0.09 11.92
N LEU C 57 -8.64 -0.13 10.62
CA LEU C 57 -8.37 0.86 9.61
C LEU C 57 -9.70 1.20 8.93
N GLN C 58 -9.81 2.45 8.49
CA GLN C 58 -10.99 2.99 7.80
C GLN C 58 -12.24 3.04 8.71
N ASP C 59 -12.07 3.00 10.04
CA ASP C 59 -13.22 3.11 10.95
C ASP C 59 -12.89 4.02 12.14
N GLY C 60 -12.04 5.00 11.94
CA GLY C 60 -11.64 5.89 13.00
C GLY C 60 -10.26 6.45 12.68
N HIS C 61 -9.70 7.16 13.65
CA HIS C 61 -8.41 7.81 13.41
C HIS C 61 -7.24 6.83 13.51
N TRP C 62 -7.51 5.57 13.84
CA TRP C 62 -6.46 4.58 13.93
C TRP C 62 -5.82 4.36 12.57
N GLY C 63 -6.60 4.57 11.51
CA GLY C 63 -6.10 4.39 10.16
C GLY C 63 -4.94 5.32 9.90
N ILE C 64 -4.99 6.51 10.48
CA ILE C 64 -3.93 7.46 10.24
C ILE C 64 -2.77 7.17 11.18
N LYS C 65 -3.07 6.88 12.46
CA LYS C 65 -2.02 6.62 13.42
C LYS C 65 -1.13 5.47 12.99
N GLN C 66 -1.73 4.43 12.43
CA GLN C 66 -0.92 3.30 12.00
C GLN C 66 -0.05 3.68 10.82
N LEU C 67 -0.60 4.45 9.88
CA LEU C 67 0.22 4.84 8.75
C LEU C 67 1.36 5.73 9.21
N GLN C 68 1.13 6.59 10.20
CA GLN C 68 2.22 7.45 10.62
C GLN C 68 3.33 6.62 11.22
N THR C 69 2.97 5.59 11.98
CA THR C 69 4.00 4.75 12.56
C THR C 69 4.79 4.08 11.47
N ARG C 70 4.10 3.55 10.47
CA ARG C 70 4.80 2.83 9.42
C ARG C 70 5.66 3.79 8.63
N VAL C 71 5.11 4.98 8.33
CA VAL C 71 5.88 5.93 7.56
C VAL C 71 7.08 6.39 8.36
N LEU C 72 6.88 6.63 9.65
CA LEU C 72 7.99 7.10 10.47
C LEU C 72 9.08 6.04 10.52
N ALA C 73 8.70 4.78 10.66
CA ALA C 73 9.72 3.73 10.71
C ALA C 73 10.55 3.70 9.45
N ILE C 74 9.90 3.92 8.30
CA ILE C 74 10.65 3.92 7.05
C ILE C 74 11.62 5.07 7.04
N GLU C 75 11.19 6.26 7.46
CA GLU C 75 12.09 7.40 7.43
C GLU C 75 13.29 7.17 8.32
N HIS C 76 13.09 6.55 9.49
CA HIS C 76 14.25 6.32 10.34
C HIS C 76 15.18 5.33 9.71
N TYR C 77 14.62 4.28 9.10
CA TYR C 77 15.45 3.31 8.42
C TYR C 77 16.27 3.98 7.33
N LEU C 78 15.61 4.79 6.51
CA LEU C 78 16.34 5.39 5.41
C LEU C 78 17.38 6.36 5.91
N LYS C 79 17.10 7.06 7.02
CA LYS C 79 18.10 7.98 7.52
C LYS C 79 19.35 7.24 7.95
N ASP C 80 19.18 6.09 8.61
CA ASP C 80 20.35 5.35 9.03
C ASP C 80 21.12 4.86 7.82
N GLN C 81 20.39 4.43 6.78
CA GLN C 81 21.08 3.93 5.60
C GLN C 81 21.80 5.07 4.91
N GLN C 82 21.21 6.26 4.94
CA GLN C 82 21.86 7.40 4.30
C GLN C 82 23.19 7.68 4.97
N LEU C 83 23.24 7.59 6.30
CA LEU C 83 24.49 7.86 6.97
C LEU C 83 25.53 6.83 6.59
N LEU C 84 25.11 5.56 6.49
CA LEU C 84 26.06 4.54 6.09
C LEU C 84 26.56 4.81 4.69
N GLY C 85 25.68 5.30 3.82
CA GLY C 85 26.12 5.67 2.48
C GLY C 85 27.14 6.78 2.53
N ILE C 86 26.85 7.82 3.30
CA ILE C 86 27.71 8.99 3.40
C ILE C 86 29.09 8.60 3.92
N TRP C 87 29.14 7.71 4.91
CA TRP C 87 30.41 7.31 5.49
C TRP C 87 31.13 6.26 4.67
N GLY C 88 30.54 5.76 3.59
CA GLY C 88 31.18 4.72 2.81
C GLY C 88 31.05 3.37 3.47
N CYS C 89 30.02 3.17 4.28
CA CYS C 89 29.80 1.94 5.03
C CYS C 89 28.62 1.14 4.51
N SER C 90 28.10 1.48 3.33
CA SER C 90 26.90 0.82 2.80
C SER C 90 27.13 -0.66 2.55
N GLY C 91 26.15 -1.46 2.97
CA GLY C 91 26.14 -2.90 2.75
C GLY C 91 26.92 -3.71 3.77
N LYS C 92 27.56 -3.06 4.74
CA LYS C 92 28.37 -3.72 5.75
C LYS C 92 27.68 -3.63 7.10
N LEU C 93 28.02 -4.57 7.99
CA LEU C 93 27.56 -4.50 9.37
C LEU C 93 28.63 -3.92 10.28
N ILE C 94 29.89 -4.19 9.97
CA ILE C 94 31.03 -3.63 10.69
C ILE C 94 31.89 -3.02 9.60
N CYS C 95 32.18 -1.73 9.70
CA CYS C 95 32.97 -1.06 8.68
C CYS C 95 34.05 -0.20 9.31
N CYS C 96 35.29 -0.42 8.90
CA CYS C 96 36.42 0.33 9.41
C CYS C 96 36.56 1.57 8.55
N THR C 97 36.89 2.70 9.18
CA THR C 97 37.14 3.94 8.46
C THR C 97 38.59 4.37 8.61
N ALA C 98 38.90 5.52 8.03
CA ALA C 98 40.23 6.11 8.02
C ALA C 98 40.39 7.25 9.03
N VAL C 99 39.42 7.44 9.90
CA VAL C 99 39.48 8.49 10.92
C VAL C 99 40.19 7.92 12.16
N PRO C 100 41.27 8.55 12.65
CA PRO C 100 41.93 8.02 13.85
C PRO C 100 41.09 8.31 15.08
N TRP C 101 41.25 7.48 16.10
CA TRP C 101 40.55 7.72 17.36
C TRP C 101 41.31 8.76 18.16
N ASN C 102 40.56 9.74 18.66
CA ASN C 102 41.10 10.80 19.49
C ASN C 102 40.92 10.48 20.97
N SER C 103 42.03 10.53 21.71
CA SER C 103 41.96 10.29 23.15
C SER C 103 41.16 11.38 23.88
N SER C 104 40.93 12.52 23.23
CA SER C 104 40.11 13.57 23.80
C SER C 104 38.67 13.10 23.98
N TRP C 105 38.18 12.27 23.06
CA TRP C 105 36.80 11.80 23.15
C TRP C 105 36.65 10.81 24.29
N SER C 106 37.62 9.91 24.44
CA SER C 106 37.65 8.95 25.53
C SER C 106 39.08 8.46 25.62
N ASN C 107 39.65 8.48 26.83
CA ASN C 107 41.01 8.01 27.07
C ASN C 107 41.08 6.68 27.78
N LYS C 108 40.00 5.89 27.73
CA LYS C 108 40.02 4.54 28.26
C LYS C 108 40.74 3.64 27.27
N SER C 109 41.52 2.70 27.79
CA SER C 109 42.30 1.83 26.92
C SER C 109 41.40 0.91 26.11
N HIS C 110 41.89 0.56 24.92
CA HIS C 110 41.20 -0.37 24.02
C HIS C 110 40.69 -1.60 24.76
N ASP C 111 41.57 -2.23 25.54
CA ASP C 111 41.17 -3.44 26.21
C ASP C 111 40.17 -3.13 27.32
N GLU C 112 40.31 -1.96 27.94
CA GLU C 112 39.37 -1.58 29.00
C GLU C 112 38.00 -1.30 28.42
N ILE C 113 37.94 -0.65 27.26
CA ILE C 113 36.67 -0.33 26.62
C ILE C 113 35.98 -1.61 26.14
N TRP C 114 36.71 -2.48 25.46
CA TRP C 114 36.11 -3.70 24.93
C TRP C 114 35.85 -4.77 25.98
N GLY C 115 36.64 -4.83 27.04
CA GLY C 115 36.49 -5.85 28.05
C GLY C 115 35.66 -5.53 29.28
N ASN C 116 35.63 -4.27 29.72
CA ASN C 116 34.94 -3.88 30.95
C ASN C 116 33.78 -2.90 30.73
N MET C 117 33.23 -2.79 29.52
CA MET C 117 32.11 -1.90 29.27
C MET C 117 31.09 -2.56 28.37
N THR C 118 29.84 -2.14 28.54
CA THR C 118 28.74 -2.54 27.68
C THR C 118 28.50 -1.46 26.63
N TRP C 119 27.72 -1.80 25.61
CA TRP C 119 27.45 -0.82 24.57
C TRP C 119 26.62 0.35 25.09
N MET C 120 25.76 0.12 26.09
CA MET C 120 24.97 1.22 26.62
C MET C 120 25.85 2.23 27.35
N GLN C 121 26.76 1.73 28.18
CA GLN C 121 27.63 2.65 28.91
C GLN C 121 28.56 3.36 27.95
N TRP C 122 29.02 2.65 26.92
CA TRP C 122 29.89 3.27 25.93
C TRP C 122 29.15 4.37 25.20
N ASP C 123 27.90 4.10 24.81
CA ASP C 123 27.11 5.10 24.11
C ASP C 123 26.94 6.34 24.97
N ARG C 124 26.75 6.16 26.28
CA ARG C 124 26.67 7.33 27.14
C ARG C 124 28.00 8.08 27.22
N GLU C 125 29.12 7.35 27.32
CA GLU C 125 30.42 8.00 27.51
C GLU C 125 30.80 8.94 26.37
N ILE C 126 30.48 8.60 25.12
CA ILE C 126 30.85 9.45 23.98
C ILE C 126 29.66 10.11 23.31
N SER C 127 28.51 10.23 23.98
CA SER C 127 27.37 10.83 23.30
C SER C 127 27.63 12.29 22.94
N ASN C 128 28.42 12.99 23.76
CA ASN C 128 28.63 14.41 23.51
C ASN C 128 29.62 14.68 22.39
N TYR C 129 30.25 13.64 21.86
CA TYR C 129 31.20 13.78 20.77
C TYR C 129 30.68 13.09 19.53
N THR C 130 29.43 12.58 19.55
CA THR C 130 28.95 11.82 18.41
C THR C 130 28.89 12.67 17.15
N ASN C 131 28.41 13.90 17.25
CA ASN C 131 28.31 14.71 16.05
C ASN C 131 29.69 15.08 15.55
N THR C 132 30.65 15.26 16.47
CA THR C 132 32.00 15.59 16.03
C THR C 132 32.56 14.44 15.25
N ILE C 133 32.36 13.22 15.76
CA ILE C 133 32.93 12.07 15.09
C ILE C 133 32.27 11.90 13.74
N TYR C 134 30.94 12.10 13.68
CA TYR C 134 30.26 11.93 12.40
C TYR C 134 30.80 12.91 11.38
N ARG C 135 31.09 14.15 11.77
CA ARG C 135 31.64 15.07 10.80
C ARG C 135 32.98 14.61 10.27
N LEU C 136 33.80 14.02 11.14
CA LEU C 136 35.08 13.52 10.67
C LEU C 136 34.89 12.39 9.69
N LEU C 137 33.88 11.54 9.93
CA LEU C 137 33.65 10.44 9.02
C LEU C 137 33.30 10.96 7.65
N GLU C 138 32.51 12.03 7.60
CA GLU C 138 32.12 12.60 6.33
C GLU C 138 33.33 13.12 5.59
N ASP C 139 34.22 13.79 6.34
CA ASP C 139 35.39 14.36 5.69
C ASP C 139 36.30 13.26 5.19
N SER C 140 36.39 12.16 5.95
CA SER C 140 37.24 11.07 5.50
C SER C 140 36.73 10.50 4.19
N GLN C 141 35.41 10.29 4.10
CA GLN C 141 34.90 9.73 2.86
C GLN C 141 35.08 10.72 1.73
N ASN C 142 34.98 12.01 2.05
CA ASN C 142 35.15 13.02 1.01
C ASN C 142 36.53 12.92 0.41
N GLN C 143 37.55 12.77 1.26
CA GLN C 143 38.91 12.66 0.76
C GLN C 143 39.07 11.39 -0.05
N GLN C 144 38.46 10.30 0.40
CA GLN C 144 38.59 9.05 -0.33
C GLN C 144 37.95 9.17 -1.69
N GLU C 145 36.81 9.86 -1.78
CA GLU C 145 36.15 10.00 -3.06
C GLU C 145 37.05 10.77 -4.03
N GLN C 146 37.75 11.79 -3.52
CA GLN C 146 38.66 12.53 -4.38
C GLN C 146 39.80 11.63 -4.84
N ASN C 147 40.29 10.77 -3.93
CA ASN C 147 41.38 9.89 -4.30
C ASN C 147 40.96 8.93 -5.40
N GLU C 148 39.69 8.52 -5.40
CA GLU C 148 39.25 7.62 -6.45
C GLU C 148 39.26 8.36 -7.78
N LYS C 149 38.79 9.61 -7.76
CA LYS C 149 38.80 10.39 -8.99
C LYS C 149 40.23 10.55 -9.47
N ASP C 150 41.17 10.74 -8.53
CA ASP C 150 42.55 10.97 -8.88
C ASP C 150 43.26 9.72 -9.39
N LEU C 151 42.59 8.56 -9.44
CA LEU C 151 43.24 7.38 -10.00
C LEU C 151 43.39 7.44 -11.51
N LEU C 152 42.74 8.40 -12.17
CA LEU C 152 42.86 8.60 -13.61
C LEU C 152 44.33 8.64 -14.07
N UNK D 1 14.56 -41.69 -26.30
CA UNK D 1 14.45 -42.02 -27.75
C UNK D 1 15.64 -42.86 -28.20
N UNK D 2 15.67 -43.19 -29.49
CA UNK D 2 16.72 -44.05 -30.03
C UNK D 2 18.10 -43.40 -29.87
N UNK D 3 19.11 -44.25 -29.73
CA UNK D 3 20.50 -43.79 -29.62
C UNK D 3 21.41 -44.63 -30.51
N UNK D 4 22.38 -43.96 -31.13
CA UNK D 4 23.36 -44.56 -32.02
C UNK D 4 24.69 -44.81 -31.30
N UNK D 5 25.53 -45.63 -31.90
CA UNK D 5 26.89 -45.83 -31.40
C UNK D 5 27.78 -46.41 -32.50
N UNK D 6 29.08 -46.16 -32.39
CA UNK D 6 30.06 -46.82 -33.26
C UNK D 6 30.05 -48.34 -33.01
N UNK D 7 30.15 -49.12 -34.09
CA UNK D 7 30.08 -50.57 -33.98
C UNK D 7 31.35 -51.21 -33.43
N UNK D 8 32.52 -50.68 -33.77
CA UNK D 8 33.78 -51.26 -33.33
C UNK D 8 34.83 -50.18 -33.37
N UNK D 9 35.86 -50.33 -32.54
CA UNK D 9 36.93 -49.34 -32.49
C UNK D 9 38.28 -49.97 -32.15
N UNK D 10 38.75 -50.91 -32.97
CA UNK D 10 40.03 -51.57 -32.68
C UNK D 10 41.14 -50.52 -32.61
N UNK D 11 42.02 -50.66 -31.62
CA UNK D 11 43.11 -49.72 -31.46
C UNK D 11 44.34 -50.40 -30.87
N UNK D 12 45.50 -49.90 -31.25
CA UNK D 12 46.77 -50.39 -30.72
C UNK D 12 46.88 -50.02 -29.24
N UNK D 13 47.53 -50.91 -28.48
CA UNK D 13 47.76 -50.62 -27.07
C UNK D 13 48.51 -49.31 -26.91
N UNK D 14 48.11 -48.54 -25.89
CA UNK D 14 48.61 -47.22 -25.54
C UNK D 14 48.13 -46.13 -26.49
N UNK D 15 47.26 -46.46 -27.45
CA UNK D 15 46.64 -45.49 -28.33
C UNK D 15 45.34 -44.98 -27.73
N UNK D 16 44.97 -43.76 -28.10
CA UNK D 16 43.69 -43.22 -27.67
C UNK D 16 42.56 -43.83 -28.51
N UNK D 17 41.36 -43.85 -27.94
CA UNK D 17 40.19 -44.34 -28.65
C UNK D 17 38.98 -43.54 -28.19
N UNK D 18 37.98 -43.42 -29.07
CA UNK D 18 36.78 -42.68 -28.72
C UNK D 18 35.57 -43.28 -29.43
N UNK D 19 34.40 -43.07 -28.84
CA UNK D 19 33.13 -43.53 -29.39
C UNK D 19 32.06 -42.48 -29.17
N UNK D 20 31.25 -42.24 -30.19
CA UNK D 20 30.12 -41.32 -30.14
C UNK D 20 28.87 -42.07 -29.69
N UNK D 21 27.92 -41.32 -29.10
CA UNK D 21 26.63 -41.88 -28.70
C UNK D 21 25.51 -40.86 -28.91
N UNK D 22 25.25 -40.50 -30.16
CA UNK D 22 24.23 -39.49 -30.45
C UNK D 22 22.83 -40.00 -30.11
N UNK D 23 21.99 -39.10 -29.63
CA UNK D 23 20.60 -39.39 -29.30
C UNK D 23 19.67 -38.75 -30.32
N UNK D 24 18.48 -39.34 -30.48
CA UNK D 24 17.46 -38.77 -31.36
C UNK D 24 16.90 -37.46 -30.84
N UNK D 25 17.05 -37.17 -29.56
CA UNK D 25 16.52 -35.96 -28.94
C UNK D 25 17.45 -35.60 -27.80
N UNK D 26 17.47 -34.32 -27.42
CA UNK D 26 18.32 -33.90 -26.33
C UNK D 26 18.00 -34.66 -25.05
N UNK D 27 19.05 -35.12 -24.37
CA UNK D 27 18.95 -35.86 -23.13
C UNK D 27 19.28 -35.01 -21.91
N UNK D 28 19.45 -33.70 -22.11
CA UNK D 28 19.78 -32.76 -21.03
C UNK D 28 20.95 -33.24 -20.17
N UNK D 29 21.99 -33.74 -20.84
CA UNK D 29 23.22 -34.20 -20.18
C UNK D 29 22.98 -35.34 -19.20
N UNK D 30 21.90 -36.09 -19.37
CA UNK D 30 21.57 -37.21 -18.50
C UNK D 30 22.11 -38.54 -18.99
N UNK D 31 22.94 -38.53 -20.03
CA UNK D 31 23.56 -39.76 -20.52
C UNK D 31 24.59 -40.28 -19.54
N UNK D 32 24.83 -41.59 -19.61
CA UNK D 32 25.79 -42.26 -18.75
C UNK D 32 26.44 -43.34 -19.58
N UNK D 33 27.62 -43.79 -19.17
CA UNK D 33 28.32 -44.82 -19.93
C UNK D 33 28.72 -45.97 -19.01
N UNK D 34 28.74 -47.16 -19.60
CA UNK D 34 29.12 -48.36 -18.86
C UNK D 34 29.82 -49.33 -19.80
N UNK D 35 30.58 -50.25 -19.21
CA UNK D 35 31.28 -51.24 -20.00
C UNK D 35 31.34 -52.54 -19.22
N UNK D 36 31.43 -53.63 -19.98
CA UNK D 36 31.48 -54.96 -19.40
C UNK D 36 32.41 -55.87 -20.17
N UNK D 37 33.16 -56.66 -19.43
CA UNK D 37 33.99 -57.72 -19.99
C UNK D 37 33.05 -58.84 -20.40
N UNK D 38 33.50 -59.74 -21.27
CA UNK D 38 32.64 -60.85 -21.62
C UNK D 38 32.33 -61.68 -20.37
N UNK D 39 31.10 -62.16 -20.28
CA UNK D 39 30.62 -62.99 -19.18
C UNK D 39 30.83 -62.30 -17.82
N UNK D 40 30.46 -61.02 -17.75
CA UNK D 40 30.58 -60.26 -16.51
C UNK D 40 29.50 -59.18 -16.48
N UNK D 41 29.11 -58.78 -15.27
CA UNK D 41 28.17 -57.68 -15.13
C UNK D 41 28.85 -56.37 -15.52
N UNK D 42 28.07 -55.47 -16.14
CA UNK D 42 28.61 -54.16 -16.52
C UNK D 42 28.89 -53.28 -15.31
N UNK D 43 29.96 -52.47 -15.43
CA UNK D 43 30.34 -51.47 -14.43
C UNK D 43 30.04 -50.07 -14.94
N UNK D 44 29.58 -49.18 -14.05
CA UNK D 44 29.30 -47.80 -14.45
C UNK D 44 30.61 -47.06 -14.71
N UNK D 45 30.91 -46.78 -15.98
CA UNK D 45 32.09 -46.00 -16.30
C UNK D 45 31.92 -44.53 -15.92
N UNK D 46 30.87 -43.88 -16.43
CA UNK D 46 30.59 -42.48 -16.13
C UNK D 46 29.15 -42.34 -15.67
N UNK D 47 28.96 -41.70 -14.50
CA UNK D 47 27.64 -41.54 -13.90
C UNK D 47 26.71 -40.69 -14.76
N UNK D 48 27.16 -39.49 -15.13
CA UNK D 48 26.40 -38.59 -15.99
C UNK D 48 27.28 -38.21 -17.15
N UNK D 49 27.05 -37.04 -17.75
CA UNK D 49 27.92 -36.59 -18.82
C UNK D 49 29.21 -36.08 -18.22
N UNK D 50 30.25 -36.92 -18.25
CA UNK D 50 31.58 -36.58 -17.76
C UNK D 50 31.67 -36.44 -16.24
N UNK D 51 30.76 -37.04 -15.47
CA UNK D 51 30.83 -37.01 -14.02
C UNK D 51 31.66 -38.15 -13.44
N UNK D 52 32.15 -39.07 -14.28
CA UNK D 52 32.94 -40.22 -13.86
C UNK D 52 32.19 -41.09 -12.86
N UNK D 53 32.88 -42.08 -12.30
CA UNK D 53 32.30 -43.00 -11.33
C UNK D 53 33.38 -43.42 -10.35
N UNK D 54 32.95 -43.77 -9.15
CA UNK D 54 33.88 -44.18 -8.10
C UNK D 54 34.76 -45.33 -8.58
N UNK D 55 36.05 -45.23 -8.25
CA UNK D 55 37.06 -46.24 -8.59
C UNK D 55 37.24 -46.43 -10.09
N UNK D 56 36.79 -45.51 -10.92
CA UNK D 56 37.05 -45.59 -12.35
C UNK D 56 38.47 -45.13 -12.63
N UNK D 57 39.04 -45.62 -13.73
CA UNK D 57 40.36 -45.18 -14.12
C UNK D 57 40.32 -43.71 -14.52
N UNK D 58 41.43 -43.01 -14.24
CA UNK D 58 41.54 -41.62 -14.66
C UNK D 58 41.66 -41.45 -16.17
N UNK D 59 41.97 -42.53 -16.90
CA UNK D 59 42.11 -42.46 -18.34
C UNK D 59 40.79 -42.49 -19.08
N UNK D 60 39.66 -42.71 -18.39
CA UNK D 60 38.35 -42.75 -19.02
C UNK D 60 37.70 -41.38 -18.93
N UNK D 61 37.65 -40.69 -20.07
CA UNK D 61 37.12 -39.33 -20.18
C UNK D 61 35.80 -39.39 -20.92
N UNK D 62 34.98 -38.36 -20.73
CA UNK D 62 33.72 -38.29 -21.46
C UNK D 62 33.31 -36.84 -21.62
N UNK D 63 32.48 -36.60 -22.63
CA UNK D 63 31.95 -35.27 -22.87
C UNK D 63 30.60 -35.40 -23.55
N UNK D 64 29.73 -34.42 -23.30
CA UNK D 64 28.43 -34.48 -23.97
C UNK D 64 27.69 -33.17 -23.79
N UNK D 65 26.82 -32.90 -24.75
CA UNK D 65 25.85 -31.83 -24.64
C UNK D 65 24.72 -32.14 -25.59
N UNK D 66 23.51 -31.73 -25.19
CA UNK D 66 22.32 -31.87 -26.03
C UNK D 66 22.16 -33.28 -26.56
N UNK D 67 22.11 -33.47 -27.88
CA UNK D 67 21.91 -34.77 -28.48
C UNK D 67 23.19 -35.52 -28.83
N UNK D 68 24.37 -34.96 -28.57
CA UNK D 68 25.62 -35.62 -28.92
C UNK D 68 26.45 -35.86 -27.65
N UNK D 69 27.09 -37.02 -27.61
CA UNK D 69 27.91 -37.42 -26.47
C UNK D 69 29.01 -38.33 -26.98
N UNK D 70 30.12 -38.37 -26.25
CA UNK D 70 31.21 -39.26 -26.59
C UNK D 70 32.00 -39.65 -25.34
N UNK D 71 32.65 -40.80 -25.42
CA UNK D 71 33.54 -41.29 -24.38
C UNK D 71 34.87 -41.62 -25.02
N UNK D 72 35.96 -41.53 -24.24
CA UNK D 72 37.26 -41.85 -24.79
C UNK D 72 38.18 -42.47 -23.76
N UNK D 73 39.02 -43.38 -24.24
CA UNK D 73 40.09 -44.01 -23.48
C UNK D 73 41.37 -43.27 -23.84
N UNK D 74 41.99 -42.63 -22.84
CA UNK D 74 43.19 -41.84 -23.10
C UNK D 74 44.31 -42.69 -23.68
N UNK D 75 44.44 -43.93 -23.21
CA UNK D 75 45.46 -44.83 -23.74
C UNK D 75 45.06 -46.25 -23.35
N UNK D 76 44.82 -47.09 -24.35
CA UNK D 76 44.37 -48.45 -24.08
C UNK D 76 45.42 -49.22 -23.28
N UNK D 77 44.99 -49.86 -22.21
CA UNK D 77 45.85 -50.67 -21.35
C UNK D 77 45.84 -52.14 -21.75
N UNK D 78 45.11 -52.51 -22.80
CA UNK D 78 44.88 -53.88 -23.28
C UNK D 78 43.90 -54.58 -22.35
N UNK D 79 44.12 -54.52 -21.04
CA UNK D 79 43.16 -55.05 -20.08
C UNK D 79 41.82 -54.32 -20.16
N UNK D 80 41.84 -53.09 -20.69
CA UNK D 80 40.65 -52.27 -20.81
C UNK D 80 39.67 -52.75 -21.89
N UNK D 81 40.08 -53.63 -22.80
CA UNK D 81 39.16 -54.01 -23.87
C UNK D 81 37.93 -54.67 -23.27
N UNK D 82 36.76 -54.18 -23.68
CA UNK D 82 35.48 -54.64 -23.20
C UNK D 82 34.43 -54.14 -24.16
N UNK D 83 33.20 -54.65 -24.04
CA UNK D 83 32.10 -54.04 -24.77
C UNK D 83 31.67 -52.85 -23.93
N UNK D 84 31.30 -51.74 -24.58
CA UNK D 84 30.85 -50.56 -23.86
C UNK D 84 29.65 -49.93 -24.54
N UNK D 85 28.75 -49.37 -23.73
CA UNK D 85 27.52 -48.80 -24.25
C UNK D 85 27.03 -47.62 -23.41
N UNK D 86 26.31 -46.74 -24.09
CA UNK D 86 25.65 -45.57 -23.51
C UNK D 86 24.25 -45.92 -22.99
N UNK D 87 23.83 -45.21 -21.96
CA UNK D 87 22.48 -45.27 -21.42
C UNK D 87 21.94 -43.85 -21.37
N UNK D 88 20.63 -43.71 -21.56
CA UNK D 88 19.95 -42.40 -21.54
C UNK D 88 18.93 -42.38 -20.42
N UNK D 89 19.20 -41.59 -19.38
CA UNK D 89 18.31 -41.55 -18.22
C UNK D 89 17.07 -40.68 -18.43
N UNK D 90 17.13 -39.64 -19.25
CA UNK D 90 15.99 -38.76 -19.38
C UNK D 90 14.84 -39.48 -20.06
N UNK D 91 13.61 -39.19 -19.61
CA UNK D 91 12.38 -39.69 -20.24
C UNK D 91 12.40 -41.20 -20.42
N UNK D 92 12.68 -41.92 -19.33
CA UNK D 92 12.74 -43.38 -19.41
C UNK D 92 11.41 -43.98 -19.85
N UNK D 93 10.30 -43.39 -19.45
CA UNK D 93 8.99 -43.95 -19.77
C UNK D 93 8.71 -43.88 -21.26
N UNK D 94 8.30 -45.01 -21.84
CA UNK D 94 7.94 -45.13 -23.25
C UNK D 94 9.10 -44.79 -24.20
N UNK D 95 10.34 -44.85 -23.73
CA UNK D 95 11.47 -44.53 -24.60
C UNK D 95 11.73 -45.63 -25.63
N UNK D 96 11.56 -46.89 -25.24
CA UNK D 96 11.87 -48.04 -26.08
C UNK D 96 13.35 -48.09 -26.49
N UNK D 97 14.22 -47.38 -25.76
CA UNK D 97 15.64 -47.33 -26.07
C UNK D 97 16.46 -46.95 -24.85
N UNK D 98 16.38 -47.74 -23.78
CA UNK D 98 17.10 -47.37 -22.56
C UNK D 98 18.61 -47.34 -22.77
N UNK D 99 19.14 -48.18 -23.66
CA UNK D 99 20.59 -48.24 -23.86
C UNK D 99 20.91 -48.44 -25.33
N UNK D 100 22.09 -47.96 -25.72
CA UNK D 100 22.63 -48.05 -27.07
C UNK D 100 23.29 -49.40 -27.31
N UNK D 101 23.47 -49.74 -28.58
CA UNK D 101 24.24 -50.94 -28.91
C UNK D 101 25.68 -50.71 -28.47
N UNK D 102 26.33 -51.78 -28.04
CA UNK D 102 27.70 -51.66 -27.57
C UNK D 102 28.75 -51.68 -28.67
N UNK D 103 29.84 -50.94 -28.43
CA UNK D 103 31.02 -50.96 -29.27
C UNK D 103 31.99 -52.00 -28.73
N UNK D 104 32.68 -52.70 -29.63
CA UNK D 104 33.71 -53.66 -29.26
C UNK D 104 35.07 -52.97 -29.29
N UNK D 105 35.70 -52.78 -28.13
CA UNK D 105 36.98 -52.06 -28.11
C UNK D 105 38.05 -52.77 -28.91
N UNK D 106 38.11 -54.11 -28.83
CA UNK D 106 39.04 -54.94 -29.60
C UNK D 106 40.49 -54.43 -29.56
N UNK D 107 41.00 -54.16 -28.36
CA UNK D 107 42.36 -53.64 -28.24
C UNK D 107 43.37 -54.63 -28.80
N UNK D 108 44.39 -54.10 -29.48
CA UNK D 108 45.42 -54.89 -30.12
C UNK D 108 46.76 -54.77 -29.41
N UNK D 109 47.50 -55.87 -29.41
CA UNK D 109 48.83 -55.91 -28.80
C UNK D 109 49.61 -57.04 -29.46
N UNK D 110 50.94 -56.93 -29.39
CA UNK D 110 51.82 -57.98 -29.90
C UNK D 110 53.18 -57.89 -29.21
N UNK E 1 26.33 -52.58 -1.21
CA UNK E 1 25.27 -53.62 -1.31
C UNK E 1 25.71 -54.76 -2.20
N UNK E 2 24.92 -55.84 -2.20
CA UNK E 2 25.26 -57.06 -2.93
C UNK E 2 24.01 -57.62 -3.61
N UNK E 3 23.30 -56.77 -4.36
CA UNK E 3 22.08 -57.19 -5.03
C UNK E 3 22.35 -58.37 -5.94
N UNK E 4 21.44 -59.35 -5.92
CA UNK E 4 21.62 -60.60 -6.65
C UNK E 4 20.33 -61.03 -7.31
N UNK E 5 20.44 -61.70 -8.46
CA UNK E 5 19.30 -62.30 -9.14
C UNK E 5 19.09 -63.73 -8.65
N UNK E 6 17.92 -64.28 -9.00
CA UNK E 6 17.55 -65.62 -8.54
C UNK E 6 16.26 -66.06 -9.22
N UNK E 7 15.99 -67.37 -9.10
CA UNK E 7 14.76 -67.99 -9.60
C UNK E 7 14.75 -68.06 -11.12
N UNK E 8 15.87 -68.46 -11.71
CA UNK E 8 15.99 -68.70 -13.14
C UNK E 8 16.26 -70.18 -13.41
N UNK E 9 15.60 -70.71 -14.43
CA UNK E 9 15.73 -72.13 -14.76
C UNK E 9 15.29 -72.33 -16.21
N UNK E 10 15.65 -73.50 -16.74
CA UNK E 10 15.21 -73.86 -18.09
C UNK E 10 13.70 -73.98 -18.14
N UNK E 11 13.11 -73.52 -19.23
CA UNK E 11 11.66 -73.41 -19.39
C UNK E 11 11.18 -74.13 -20.64
N UNK E 12 9.89 -74.44 -20.66
CA UNK E 12 9.23 -74.99 -21.83
C UNK E 12 9.07 -73.92 -22.90
N UNK E 13 8.86 -74.38 -24.13
CA UNK E 13 8.76 -73.47 -25.28
C UNK E 13 7.67 -72.42 -25.12
N UNK E 14 6.64 -72.67 -24.31
CA UNK E 14 5.57 -71.70 -24.09
C UNK E 14 5.20 -71.65 -22.62
N UNK E 15 6.22 -71.76 -21.76
CA UNK E 15 6.05 -71.78 -20.32
C UNK E 15 5.82 -70.38 -19.77
N UNK E 16 5.23 -70.34 -18.57
CA UNK E 16 5.19 -69.14 -17.76
C UNK E 16 6.39 -69.16 -16.83
N UNK E 17 6.80 -67.98 -16.36
CA UNK E 17 7.97 -67.93 -15.50
C UNK E 17 7.93 -66.68 -14.64
N UNK E 18 8.74 -66.68 -13.59
CA UNK E 18 8.92 -65.47 -12.80
C UNK E 18 10.34 -65.44 -12.27
N UNK E 19 10.92 -64.24 -12.25
CA UNK E 19 12.27 -64.00 -11.76
C UNK E 19 12.18 -63.31 -10.41
N UNK E 20 13.27 -63.37 -9.64
CA UNK E 20 13.33 -62.69 -8.36
C UNK E 20 14.73 -62.13 -8.16
N UNK E 21 14.83 -61.16 -7.26
CA UNK E 21 16.11 -60.62 -6.89
C UNK E 21 16.06 -60.21 -5.42
N UNK E 22 17.22 -60.32 -4.80
CA UNK E 22 17.42 -59.96 -3.40
C UNK E 22 18.28 -58.71 -3.32
N UNK E 23 17.76 -57.71 -2.64
CA UNK E 23 18.48 -56.46 -2.39
C UNK E 23 19.30 -56.61 -1.11
N UNK E 24 20.30 -57.50 -1.19
CA UNK E 24 21.11 -57.79 -0.02
C UNK E 24 21.86 -56.54 0.42
N UNK E 25 21.85 -56.31 1.74
CA UNK E 25 22.53 -55.18 2.37
C UNK E 25 22.07 -53.84 1.78
N UNK E 26 20.79 -53.76 1.41
CA UNK E 26 20.22 -52.52 0.90
C UNK E 26 18.72 -52.50 1.19
N UNK E 27 18.17 -51.29 1.28
CA UNK E 27 16.74 -51.10 1.44
C UNK E 27 16.12 -50.86 0.06
N UNK E 28 15.14 -51.69 -0.31
CA UNK E 28 14.51 -51.55 -1.62
C UNK E 28 13.85 -50.19 -1.80
N UNK E 29 13.30 -49.62 -0.73
CA UNK E 29 12.56 -48.37 -0.79
C UNK E 29 13.42 -47.12 -0.90
N UNK E 30 14.75 -47.24 -0.87
CA UNK E 30 15.62 -46.07 -0.95
C UNK E 30 16.00 -45.66 -2.37
N UNK E 31 15.76 -46.50 -3.37
CA UNK E 31 16.23 -46.24 -4.72
C UNK E 31 15.37 -46.99 -5.72
N UNK E 32 15.48 -46.61 -6.99
CA UNK E 32 14.76 -47.32 -8.03
C UNK E 32 15.52 -48.60 -8.38
N UNK E 33 14.80 -49.56 -8.95
CA UNK E 33 15.44 -50.79 -9.37
C UNK E 33 14.79 -51.25 -10.66
N UNK E 34 15.55 -52.00 -11.47
CA UNK E 34 15.04 -52.42 -12.76
C UNK E 34 15.65 -53.74 -13.17
N UNK E 35 14.96 -54.40 -14.10
CA UNK E 35 15.41 -55.65 -14.69
C UNK E 35 15.78 -55.38 -16.14
N UNK E 36 16.83 -56.05 -16.59
CA UNK E 36 17.29 -55.98 -17.96
C UNK E 36 17.86 -57.34 -18.31
N UNK E 37 17.93 -57.65 -19.59
CA UNK E 37 18.51 -58.93 -19.97
C UNK E 37 19.21 -58.80 -21.31
N UNK E 38 20.27 -59.58 -21.48
CA UNK E 38 21.02 -59.63 -22.72
C UNK E 38 20.91 -60.99 -23.37
N UNK E 39 20.68 -60.99 -24.68
CA UNK E 39 20.68 -62.23 -25.44
C UNK E 39 22.14 -62.67 -25.60
N UNK E 40 22.35 -63.94 -25.90
CA UNK E 40 23.73 -64.37 -26.12
C UNK E 40 24.32 -63.59 -27.30
N UNK E 41 25.58 -63.16 -27.13
CA UNK E 41 26.32 -62.43 -28.15
C UNK E 41 25.52 -61.21 -28.63
N UNK E 42 24.99 -60.45 -27.67
CA UNK E 42 24.19 -59.27 -28.01
C UNK E 42 24.28 -58.23 -26.90
N UNK E 43 23.96 -56.99 -27.28
CA UNK E 43 23.92 -55.88 -26.34
C UNK E 43 22.77 -56.02 -25.35
N UNK E 44 22.97 -55.47 -24.16
CA UNK E 44 21.93 -55.45 -23.15
C UNK E 44 20.81 -54.50 -23.54
N UNK E 45 19.59 -54.84 -23.15
CA UNK E 45 18.44 -53.98 -23.35
C UNK E 45 17.54 -54.01 -22.13
N UNK E 46 16.93 -52.88 -21.81
CA UNK E 46 16.05 -52.78 -20.66
C UNK E 46 14.83 -53.67 -20.83
N UNK E 47 14.40 -54.28 -19.72
CA UNK E 47 13.20 -55.10 -19.69
C UNK E 47 12.06 -54.44 -18.93
N UNK E 48 12.33 -53.91 -17.75
CA UNK E 48 11.27 -53.30 -16.94
C UNK E 48 11.92 -52.54 -15.79
N UNK E 49 11.16 -51.67 -15.14
CA UNK E 49 11.66 -50.98 -13.97
C UNK E 49 10.53 -50.69 -12.97
N UNK E 50 10.93 -50.42 -11.73
CA UNK E 50 10.00 -50.02 -10.70
C UNK E 50 10.69 -49.03 -9.76
N UNK E 51 9.88 -48.16 -9.16
CA UNK E 51 10.35 -47.14 -8.23
C UNK E 51 10.41 -47.69 -6.81
N UNK E 52 10.85 -46.83 -5.88
CA UNK E 52 10.91 -47.21 -4.47
C UNK E 52 9.56 -47.64 -3.90
N UNK E 53 8.44 -47.16 -4.47
CA UNK E 53 7.09 -47.48 -3.98
C UNK E 53 6.16 -47.79 -5.16
N UNK E 54 6.47 -48.88 -5.87
CA UNK E 54 5.75 -49.32 -7.07
C UNK E 54 5.67 -48.11 -8.01
N UNK E 55 4.49 -47.75 -8.53
CA UNK E 55 4.32 -46.58 -9.43
C UNK E 55 5.40 -46.59 -10.50
N UNK E 56 5.59 -47.75 -11.12
CA UNK E 56 6.71 -47.91 -12.05
C UNK E 56 6.62 -46.95 -13.22
N UNK E 57 5.45 -46.87 -13.85
CA UNK E 57 5.26 -46.05 -15.06
C UNK E 57 6.37 -46.30 -16.08
N UNK E 58 6.84 -47.55 -16.17
CA UNK E 58 8.00 -47.82 -17.00
C UNK E 58 8.19 -49.28 -17.38
N UNK E 59 7.16 -49.91 -17.96
CA UNK E 59 7.41 -51.18 -18.61
C UNK E 59 8.11 -50.86 -19.93
N UNK E 60 9.00 -51.76 -20.36
CA UNK E 60 9.72 -51.50 -21.59
C UNK E 60 8.76 -51.38 -22.77
N UNK E 61 8.92 -50.31 -23.55
CA UNK E 61 8.06 -50.12 -24.71
C UNK E 61 8.31 -51.22 -25.72
N UNK E 62 7.25 -51.69 -26.35
CA UNK E 62 7.27 -52.76 -27.36
C UNK E 62 7.71 -54.10 -26.78
N UNK E 63 7.85 -54.23 -25.46
CA UNK E 63 8.16 -55.50 -24.83
C UNK E 63 7.44 -55.63 -23.48
N UNK E 64 6.33 -54.89 -23.30
CA UNK E 64 5.59 -54.90 -22.06
C UNK E 64 4.58 -56.04 -21.99
N UNK E 65 4.41 -56.79 -23.08
CA UNK E 65 3.44 -57.86 -23.10
C UNK E 65 3.90 -59.01 -22.22
N UNK E 66 2.94 -59.62 -21.53
CA UNK E 66 3.16 -60.82 -20.73
C UNK E 66 4.31 -60.65 -19.74
N UNK E 67 4.34 -59.52 -19.05
CA UNK E 67 5.34 -59.26 -18.03
C UNK E 67 4.80 -58.22 -17.08
N UNK E 68 5.26 -58.27 -15.83
CA UNK E 68 4.93 -57.24 -14.84
C UNK E 68 5.95 -57.27 -13.73
N UNK E 69 6.48 -56.10 -13.38
CA UNK E 69 7.43 -55.98 -12.27
C UNK E 69 6.69 -55.51 -11.03
N UNK E 70 7.07 -56.05 -9.87
CA UNK E 70 6.48 -55.62 -8.62
C UNK E 70 7.46 -55.92 -7.50
N UNK E 71 7.36 -55.18 -6.41
CA UNK E 71 8.14 -55.50 -5.23
C UNK E 71 7.54 -56.72 -4.54
N UNK E 72 8.40 -57.58 -4.01
CA UNK E 72 7.98 -58.76 -3.27
C UNK E 72 7.97 -58.52 -1.77
N UNK E 73 8.94 -57.77 -1.27
CA UNK E 73 9.07 -57.56 0.17
C UNK E 73 10.08 -56.44 0.33
N UNK E 74 10.19 -55.93 1.56
CA UNK E 74 11.29 -55.00 1.79
C UNK E 74 12.57 -55.76 1.50
N UNK E 75 13.46 -55.10 0.77
CA UNK E 75 14.74 -55.68 0.37
C UNK E 75 14.55 -56.90 -0.53
N UNK E 76 13.43 -57.01 -1.25
CA UNK E 76 13.26 -58.09 -2.23
C UNK E 76 12.32 -57.63 -3.33
N UNK E 77 12.54 -58.15 -4.54
CA UNK E 77 11.71 -57.79 -5.68
C UNK E 77 11.57 -58.99 -6.61
N UNK E 78 10.53 -58.96 -7.44
CA UNK E 78 10.27 -60.04 -8.39
C UNK E 78 9.57 -59.49 -9.62
N UNK E 79 9.58 -60.29 -10.68
CA UNK E 79 8.89 -59.91 -11.91
C UNK E 79 8.26 -61.14 -12.56
N UNK E 80 7.01 -60.97 -12.98
CA UNK E 80 6.26 -62.02 -13.67
C UNK E 80 6.60 -62.02 -15.16
N UNK E 81 6.47 -63.19 -15.78
CA UNK E 81 6.60 -63.32 -17.22
C UNK E 81 5.69 -64.44 -17.68
N UNK E 82 5.26 -64.37 -18.93
CA UNK E 82 4.41 -65.38 -19.53
C UNK E 82 4.66 -65.39 -21.03
N UNK E 83 4.13 -66.41 -21.69
CA UNK E 83 4.25 -66.56 -23.15
C UNK E 83 5.72 -66.57 -23.57
N UNK E 84 6.50 -67.41 -22.90
CA UNK E 84 7.91 -67.56 -23.21
C UNK E 84 8.09 -68.07 -24.64
N UNK E 85 9.26 -67.77 -25.20
CA UNK E 85 9.62 -68.18 -26.55
C UNK E 85 11.12 -68.32 -26.61
N UNK E 86 11.60 -69.09 -27.59
CA UNK E 86 13.04 -69.25 -27.76
C UNK E 86 13.73 -67.91 -27.93
N UNK E 87 13.05 -66.96 -28.58
CA UNK E 87 13.62 -65.63 -28.76
C UNK E 87 13.86 -64.92 -27.43
N UNK E 88 13.14 -65.31 -26.38
CA UNK E 88 13.24 -64.69 -25.07
C UNK E 88 14.30 -65.28 -24.16
N UNK E 89 15.01 -66.34 -24.58
CA UNK E 89 16.04 -66.89 -23.71
C UNK E 89 17.13 -65.84 -23.55
N UNK E 90 17.57 -65.60 -22.32
CA UNK E 90 18.55 -64.54 -22.13
C UNK E 90 19.14 -64.61 -20.73
N UNK E 91 20.24 -63.89 -20.55
CA UNK E 91 20.86 -63.70 -19.23
C UNK E 91 20.27 -62.44 -18.62
N UNK E 92 19.38 -62.61 -17.63
CA UNK E 92 18.66 -61.49 -17.06
C UNK E 92 19.32 -61.09 -15.74
N UNK E 93 19.32 -59.78 -15.46
CA UNK E 93 19.89 -59.28 -14.22
C UNK E 93 19.13 -58.06 -13.73
N UNK E 94 19.15 -57.91 -12.41
CA UNK E 94 18.59 -56.76 -11.71
C UNK E 94 19.68 -55.72 -11.52
N UNK E 95 19.29 -54.45 -11.47
CA UNK E 95 20.24 -53.39 -11.15
C UNK E 95 19.52 -52.29 -10.39
N UNK E 96 20.28 -51.59 -9.55
CA UNK E 96 19.78 -50.46 -8.79
C UNK E 96 20.12 -49.17 -9.52
N UNK E 97 19.26 -48.16 -9.38
CA UNK E 97 19.52 -46.85 -9.95
C UNK E 97 19.09 -45.78 -8.96
N UNK E 98 19.85 -44.69 -8.93
CA UNK E 98 19.57 -43.54 -8.07
C UNK E 98 18.54 -42.63 -8.74
N UNK E 99 17.29 -43.10 -8.75
CA UNK E 99 16.25 -42.42 -9.49
C UNK E 99 14.90 -42.53 -8.81
N UNK E 100 13.98 -41.67 -9.25
CA UNK E 100 12.60 -41.63 -8.79
C UNK E 100 11.76 -41.20 -9.98
N UNK E 101 10.46 -41.54 -9.94
CA UNK E 101 9.54 -41.26 -11.05
C UNK E 101 10.18 -41.85 -12.30
N UNK E 102 10.36 -41.08 -13.39
CA UNK E 102 10.98 -41.59 -14.62
C UNK E 102 12.35 -40.96 -14.85
N UNK E 103 12.99 -40.42 -13.81
CA UNK E 103 14.27 -39.75 -13.96
C UNK E 103 15.38 -40.70 -14.42
N UNK E 104 15.40 -41.93 -13.89
CA UNK E 104 16.42 -42.97 -14.20
C UNK E 104 17.87 -42.43 -14.16
N UNK E 105 18.12 -41.37 -13.39
CA UNK E 105 19.43 -40.74 -13.33
C UNK E 105 20.47 -41.67 -12.70
N UNK E 106 21.72 -41.53 -13.14
CA UNK E 106 22.87 -42.27 -12.60
C UNK E 106 22.54 -43.75 -12.49
N UNK E 107 22.10 -44.30 -13.61
CA UNK E 107 21.65 -45.68 -13.72
C UNK E 107 22.79 -46.67 -13.50
N UNK E 108 22.39 -47.88 -13.11
CA UNK E 108 23.31 -48.99 -12.87
C UNK E 108 24.39 -48.67 -11.84
N UNK E 109 23.95 -48.11 -10.70
CA UNK E 109 24.89 -47.83 -9.61
C UNK E 109 25.55 -49.11 -9.12
N UNK E 110 24.79 -50.21 -9.13
CA UNK E 110 25.24 -51.54 -8.75
C UNK E 110 24.41 -52.51 -9.56
N UNK E 111 24.99 -53.66 -9.89
CA UNK E 111 24.28 -54.65 -10.67
C UNK E 111 24.56 -56.06 -10.20
N UNK E 112 23.52 -56.88 -10.29
CA UNK E 112 23.51 -58.29 -9.90
C UNK E 112 24.20 -59.16 -10.93
N UNK E 113 24.76 -60.28 -10.45
CA UNK E 113 25.21 -61.31 -11.37
C UNK E 113 23.98 -61.83 -12.10
N UNK E 114 24.14 -62.13 -13.38
CA UNK E 114 23.01 -62.58 -14.17
C UNK E 114 22.58 -64.00 -13.84
N UNK E 115 21.28 -64.21 -14.05
CA UNK E 115 20.59 -65.48 -13.96
C UNK E 115 20.08 -65.81 -15.36
N UNK E 116 20.68 -66.82 -15.98
CA UNK E 116 20.33 -67.15 -17.36
C UNK E 116 19.10 -68.03 -17.39
N UNK E 117 18.31 -67.88 -18.45
CA UNK E 117 17.16 -68.75 -18.64
C UNK E 117 16.97 -69.10 -20.10
N UNK E 118 16.67 -70.38 -20.33
CA UNK E 118 16.33 -70.94 -21.62
C UNK E 118 14.84 -70.81 -21.87
N UNK E 119 14.46 -70.91 -23.14
CA UNK E 119 13.04 -70.86 -23.49
C UNK E 119 12.79 -71.49 -24.84
N UNK F 1 52.14 -20.12 -23.76
CA UNK F 1 50.94 -20.94 -23.75
C UNK F 1 50.54 -21.29 -25.17
N UNK F 2 51.30 -22.17 -25.81
CA UNK F 2 51.05 -22.55 -27.19
C UNK F 2 50.11 -23.75 -27.28
N UNK F 3 49.35 -23.79 -28.38
CA UNK F 3 48.50 -24.92 -28.73
C UNK F 3 49.06 -25.55 -29.99
N UNK F 4 49.32 -26.86 -29.95
CA UNK F 4 49.99 -27.57 -31.04
C UNK F 4 49.03 -28.61 -31.62
N UNK F 5 48.56 -28.38 -32.84
CA UNK F 5 47.64 -29.28 -33.52
C UNK F 5 48.43 -30.33 -34.30
N UNK F 6 47.80 -31.48 -34.53
CA UNK F 6 48.45 -32.59 -35.20
C UNK F 6 47.41 -33.51 -35.81
N UNK F 7 47.65 -33.91 -37.06
CA UNK F 7 46.77 -34.80 -37.78
C UNK F 7 47.59 -35.50 -38.86
N UNK F 8 47.13 -36.69 -39.26
CA UNK F 8 47.90 -37.51 -40.19
C UNK F 8 47.81 -36.99 -41.61
N UNK F 9 46.71 -36.33 -41.97
CA UNK F 9 46.47 -35.79 -43.31
C UNK F 9 46.35 -36.88 -44.38
N UNK F 10 45.91 -36.49 -45.57
CA UNK F 10 45.77 -37.41 -46.71
C UNK F 10 44.78 -38.54 -46.43
N UNK F 11 43.54 -38.17 -46.12
CA UNK F 11 42.47 -39.15 -45.97
C UNK F 11 41.85 -39.49 -47.32
N UNK F 12 41.24 -40.67 -47.40
CA UNK F 12 40.59 -41.09 -48.63
C UNK F 12 39.30 -40.30 -48.85
N UNK F 13 38.69 -40.51 -50.02
CA UNK F 13 37.61 -39.63 -50.45
C UNK F 13 36.37 -39.74 -49.57
N UNK F 14 36.18 -40.89 -48.89
CA UNK F 14 35.02 -41.08 -48.02
C UNK F 14 35.39 -41.77 -46.70
N UNK F 15 36.66 -41.67 -46.29
CA UNK F 15 37.13 -42.30 -45.07
C UNK F 15 36.96 -41.39 -43.86
N UNK F 16 37.09 -41.99 -42.68
CA UNK F 16 37.11 -41.26 -41.42
C UNK F 16 38.52 -40.75 -41.12
N UNK F 17 38.58 -39.75 -40.24
CA UNK F 17 39.85 -39.15 -39.85
C UNK F 17 39.71 -38.58 -38.44
N UNK F 18 40.87 -38.32 -37.82
CA UNK F 18 40.89 -37.73 -36.50
C UNK F 18 42.10 -36.80 -36.40
N UNK F 19 42.01 -35.86 -35.47
CA UNK F 19 43.04 -34.86 -35.26
C UNK F 19 43.03 -34.52 -33.77
N UNK F 20 44.13 -33.93 -33.30
CA UNK F 20 44.22 -33.60 -31.88
C UNK F 20 45.03 -32.34 -31.70
N UNK F 21 44.91 -31.76 -30.51
CA UNK F 21 45.67 -30.57 -30.16
C UNK F 21 46.15 -30.68 -28.73
N UNK F 22 47.43 -30.42 -28.53
CA UNK F 22 48.05 -30.45 -27.20
C UNK F 22 48.08 -29.03 -26.68
N UNK F 23 47.60 -28.86 -25.44
CA UNK F 23 47.56 -27.55 -24.78
C UNK F 23 48.87 -27.31 -24.02
N UNK F 24 49.94 -27.09 -24.79
CA UNK F 24 51.24 -26.91 -24.17
C UNK F 24 51.25 -25.66 -23.27
N UNK F 25 51.66 -25.87 -22.02
CA UNK F 25 51.74 -24.80 -21.02
C UNK F 25 50.44 -24.01 -20.88
N UNK F 26 49.29 -24.68 -21.06
CA UNK F 26 48.00 -23.99 -21.00
C UNK F 26 46.97 -24.94 -20.38
N UNK F 27 46.85 -24.89 -19.05
CA UNK F 27 45.93 -25.79 -18.36
C UNK F 27 44.50 -25.61 -18.85
N UNK F 28 44.13 -24.38 -19.20
CA UNK F 28 42.82 -24.02 -19.75
C UNK F 28 41.67 -24.53 -18.86
N UNK F 29 41.81 -24.30 -17.56
CA UNK F 29 40.78 -24.77 -16.63
C UNK F 29 39.47 -24.02 -16.78
N UNK F 30 39.49 -22.85 -17.43
CA UNK F 30 38.30 -22.02 -17.63
C UNK F 30 38.36 -21.40 -19.03
N UNK F 31 38.37 -22.27 -20.04
CA UNK F 31 38.50 -21.82 -21.43
C UNK F 31 37.83 -22.86 -22.31
N UNK F 32 37.47 -22.44 -23.53
CA UNK F 32 36.88 -23.34 -24.50
C UNK F 32 37.88 -23.72 -25.57
N UNK F 33 37.99 -25.01 -25.86
CA UNK F 33 38.89 -25.53 -26.89
C UNK F 33 38.20 -25.52 -28.25
N UNK F 34 38.03 -24.32 -28.77
CA UNK F 34 37.34 -24.12 -30.04
C UNK F 34 38.19 -24.64 -31.18
N UNK F 35 37.54 -24.99 -32.29
CA UNK F 35 38.25 -25.39 -33.49
C UNK F 35 37.55 -24.81 -34.71
N UNK F 36 38.35 -24.47 -35.71
CA UNK F 36 37.84 -23.86 -36.93
C UNK F 36 38.72 -24.28 -38.08
N UNK F 37 38.20 -24.16 -39.30
CA UNK F 37 39.01 -24.49 -40.47
C UNK F 37 38.64 -23.59 -41.63
N UNK F 38 39.65 -23.24 -42.41
CA UNK F 38 39.48 -22.47 -43.63
C UNK F 38 39.78 -23.34 -44.84
N UNK F 39 38.85 -23.41 -45.78
CA UNK F 39 39.12 -24.16 -46.99
C UNK F 39 40.17 -23.40 -47.77
N UNK F 40 40.85 -24.08 -48.70
CA UNK F 40 41.83 -23.36 -49.49
C UNK F 40 41.17 -22.20 -50.21
N UNK F 41 41.84 -21.05 -50.19
CA UNK F 41 41.37 -19.82 -50.83
C UNK F 41 39.95 -19.48 -50.36
N UNK F 42 39.72 -19.58 -49.06
CA UNK F 42 38.40 -19.31 -48.50
C UNK F 42 38.50 -18.82 -47.07
N UNK F 43 37.40 -18.21 -46.61
CA UNK F 43 37.28 -17.76 -45.23
C UNK F 43 37.21 -18.91 -44.24
N UNK F 44 37.69 -18.65 -43.03
CA UNK F 44 37.61 -19.61 -41.95
C UNK F 44 36.18 -19.76 -41.46
N UNK F 45 35.84 -20.97 -41.00
CA UNK F 45 34.54 -21.23 -40.40
C UNK F 45 34.68 -22.14 -39.18
N UNK F 46 33.88 -21.84 -38.15
CA UNK F 46 33.88 -22.60 -36.90
C UNK F 46 33.37 -24.01 -37.14
N UNK F 47 33.94 -24.99 -36.42
CA UNK F 47 33.48 -26.38 -36.49
C UNK F 47 32.92 -26.87 -35.17
N UNK F 48 33.59 -26.62 -34.06
CA UNK F 48 33.15 -27.16 -32.77
C UNK F 48 33.91 -26.45 -31.66
N UNK F 49 33.39 -26.61 -30.43
CA UNK F 49 34.11 -26.17 -29.24
C UNK F 49 33.69 -27.03 -28.07
N UNK F 50 34.63 -27.24 -27.12
CA UNK F 50 34.33 -28.09 -25.95
C UNK F 50 34.90 -27.43 -24.68
N UNK F 51 34.02 -27.10 -23.73
CA UNK F 51 34.48 -26.50 -22.45
C UNK F 51 35.41 -27.49 -21.76
N UNK F 52 36.57 -27.02 -21.29
CA UNK F 52 37.53 -27.91 -20.58
C UNK F 52 36.82 -28.51 -19.36
N UNK F 53 36.06 -27.70 -18.63
CA UNK F 53 35.29 -28.21 -17.47
C UNK F 53 33.84 -28.46 -17.90
N UNK F 54 33.16 -29.42 -17.26
CA UNK F 54 31.75 -29.73 -17.59
C UNK F 54 31.67 -30.49 -18.92
N UNK F 55 32.74 -30.43 -19.72
CA UNK F 55 32.78 -31.16 -21.01
C UNK F 55 31.56 -30.78 -21.86
N UNK F 56 31.10 -29.53 -21.77
CA UNK F 56 29.97 -29.06 -22.60
C UNK F 56 30.47 -28.80 -24.02
N UNK F 57 29.79 -29.34 -25.04
CA UNK F 57 30.26 -29.18 -26.41
C UNK F 57 29.20 -28.56 -27.30
N UNK F 58 29.64 -27.70 -28.22
CA UNK F 58 28.77 -26.97 -29.12
C UNK F 58 29.33 -27.14 -30.51
N UNK F 59 28.45 -27.39 -31.49
CA UNK F 59 28.89 -27.73 -32.84
C UNK F 59 28.11 -26.93 -33.87
N UNK F 60 28.81 -26.50 -34.93
CA UNK F 60 28.18 -25.78 -36.02
C UNK F 60 27.10 -26.64 -36.64
N UNK F 61 25.96 -26.01 -37.00
CA UNK F 61 24.89 -26.77 -37.63
C UNK F 61 25.35 -27.40 -38.93
N UNK F 62 26.19 -26.69 -39.70
CA UNK F 62 26.66 -27.21 -40.98
C UNK F 62 27.41 -28.53 -40.83
N UNK F 63 28.05 -28.75 -39.69
CA UNK F 63 28.86 -29.94 -39.43
C UNK F 63 28.45 -30.68 -38.17
N UNK F 64 27.19 -30.53 -37.74
CA UNK F 64 26.76 -31.21 -36.52
C UNK F 64 26.82 -32.72 -36.70
N UNK F 65 26.50 -33.19 -37.90
CA UNK F 65 26.51 -34.61 -38.20
C UNK F 65 27.91 -35.01 -38.66
N UNK F 66 28.28 -36.25 -38.37
CA UNK F 66 29.55 -36.82 -38.81
C UNK F 66 30.75 -36.01 -38.34
N UNK F 67 30.66 -35.50 -37.11
CA UNK F 67 31.77 -34.78 -36.49
C UNK F 67 31.60 -34.93 -34.98
N UNK F 68 32.72 -34.89 -34.27
CA UNK F 68 32.69 -34.97 -32.83
C UNK F 68 33.92 -34.30 -32.26
N UNK F 69 33.83 -33.92 -31.00
CA UNK F 69 34.95 -33.37 -30.27
C UNK F 69 34.90 -33.92 -28.86
N UNK F 70 36.07 -34.16 -28.30
CA UNK F 70 36.15 -34.69 -26.95
C UNK F 70 37.48 -34.30 -26.35
N UNK F 71 37.53 -34.31 -25.02
CA UNK F 71 38.77 -34.13 -24.30
C UNK F 71 39.38 -35.51 -24.10
N UNK F 72 40.51 -35.75 -24.74
CA UNK F 72 41.14 -37.06 -24.65
C UNK F 72 41.90 -37.19 -23.36
N UNK F 73 42.47 -36.09 -22.88
CA UNK F 73 43.24 -36.10 -21.64
C UNK F 73 43.33 -34.65 -21.20
N UNK F 74 43.75 -34.43 -19.96
CA UNK F 74 44.01 -33.05 -19.56
C UNK F 74 45.06 -32.47 -20.48
N UNK F 75 44.81 -31.26 -20.94
CA UNK F 75 45.70 -30.55 -21.85
C UNK F 75 45.87 -31.30 -23.17
N UNK F 76 44.90 -32.16 -23.55
CA UNK F 76 44.95 -32.84 -24.85
C UNK F 76 43.53 -33.03 -25.39
N UNK F 77 43.09 -32.09 -26.23
CA UNK F 77 41.77 -32.12 -26.85
C UNK F 77 41.86 -32.89 -28.15
N UNK F 78 40.74 -33.45 -28.61
CA UNK F 78 40.72 -34.16 -29.88
C UNK F 78 39.41 -33.95 -30.61
N UNK F 79 39.47 -34.15 -31.93
CA UNK F 79 38.32 -34.03 -32.81
C UNK F 79 38.37 -35.19 -33.79
N UNK F 80 37.20 -35.57 -34.32
CA UNK F 80 37.10 -36.64 -35.28
C UNK F 80 36.05 -36.29 -36.30
N UNK F 81 36.18 -36.86 -37.49
CA UNK F 81 35.23 -36.64 -38.57
C UNK F 81 35.07 -37.93 -39.34
N UNK F 82 33.92 -38.06 -39.99
CA UNK F 82 33.59 -39.25 -40.77
C UNK F 82 32.88 -38.81 -42.03
N UNK F 83 32.79 -39.74 -42.98
CA UNK F 83 32.10 -39.53 -44.24
C UNK F 83 32.62 -38.27 -44.94
N UNK F 84 33.94 -38.20 -45.10
CA UNK F 84 34.58 -37.07 -45.75
C UNK F 84 34.00 -36.87 -47.15
N UNK F 85 34.02 -35.63 -47.62
CA UNK F 85 33.54 -35.27 -48.94
C UNK F 85 34.63 -34.57 -49.75
N UNK F 86 35.87 -35.02 -49.59
CA UNK F 86 37.03 -34.44 -50.27
C UNK F 86 37.09 -32.92 -50.11
N UNK F 87 36.76 -32.44 -48.92
CA UNK F 87 36.79 -31.00 -48.62
C UNK F 87 37.96 -30.73 -47.69
N UNK F 88 39.08 -30.31 -48.27
CA UNK F 88 40.29 -30.07 -47.50
C UNK F 88 40.24 -28.68 -46.86
N UNK F 89 40.92 -28.52 -45.74
CA UNK F 89 40.99 -27.21 -45.12
C UNK F 89 42.17 -27.14 -44.16
N UNK F 90 42.60 -25.93 -43.89
CA UNK F 90 43.66 -25.65 -42.92
C UNK F 90 43.09 -25.63 -41.51
N UNK F 91 42.58 -26.78 -41.07
CA UNK F 91 41.94 -26.85 -39.77
C UNK F 91 42.93 -26.56 -38.65
N UNK F 92 42.47 -25.79 -37.67
CA UNK F 92 43.31 -25.39 -36.55
C UNK F 92 42.48 -25.25 -35.28
N UNK F 93 43.15 -25.56 -34.16
CA UNK F 93 42.60 -25.41 -32.83
C UNK F 93 42.81 -23.98 -32.34
N UNK F 94 41.94 -23.56 -31.42
CA UNK F 94 42.10 -22.27 -30.79
C UNK F 94 41.58 -22.35 -29.36
N UNK F 95 42.15 -21.50 -28.51
CA UNK F 95 41.70 -21.36 -27.13
C UNK F 95 40.87 -20.10 -27.13
N UNK F 96 39.60 -20.24 -26.79
CA UNK F 96 38.64 -19.15 -26.76
C UNK F 96 38.31 -18.76 -25.33
N UNK F 97 38.39 -17.47 -25.06
CA UNK F 97 38.03 -16.92 -23.77
C UNK F 97 36.53 -16.97 -23.63
N UNK F 98 36.05 -17.34 -22.45
CA UNK F 98 34.62 -17.43 -22.22
C UNK F 98 34.09 -16.14 -21.63
N UNK F 99 32.84 -15.85 -21.95
CA UNK F 99 32.16 -14.65 -21.51
C UNK F 99 30.98 -15.01 -20.61
N UNK F 100 29.82 -14.38 -20.78
CA UNK F 100 28.66 -14.72 -19.98
C UNK F 100 27.41 -14.37 -20.76
N UNK F 101 26.56 -15.35 -20.97
CA UNK F 101 25.29 -15.20 -21.67
C UNK F 101 24.14 -15.36 -20.67
N UNK F 102 24.34 -14.80 -19.47
CA UNK F 102 23.37 -14.82 -18.38
C UNK F 102 23.26 -16.21 -17.74
N UNK F 103 22.77 -17.21 -18.48
CA UNK F 103 22.64 -18.54 -17.91
C UNK F 103 24.00 -19.16 -17.59
N UNK F 104 24.95 -19.06 -18.51
CA UNK F 104 26.26 -19.67 -18.35
C UNK F 104 27.22 -18.96 -19.28
N UNK F 105 28.50 -19.37 -19.23
CA UNK F 105 29.53 -18.78 -20.05
C UNK F 105 29.72 -19.58 -21.32
N UNK F 106 29.85 -18.87 -22.44
CA UNK F 106 30.11 -19.46 -23.74
C UNK F 106 31.29 -18.78 -24.40
N UNK F 107 31.93 -19.49 -25.34
CA UNK F 107 33.04 -18.93 -26.10
C UNK F 107 32.62 -17.61 -26.74
N UNK F 108 33.45 -16.58 -26.57
CA UNK F 108 33.18 -15.26 -27.12
C UNK F 108 34.18 -14.81 -28.17
N UNK F 109 35.46 -15.10 -27.97
CA UNK F 109 36.51 -14.66 -28.88
C UNK F 109 37.65 -15.64 -28.77
N UNK F 110 38.41 -15.79 -29.85
CA UNK F 110 39.57 -16.68 -29.83
C UNK F 110 40.76 -15.93 -29.27
N UNK F 111 41.28 -16.41 -28.13
CA UNK F 111 42.41 -15.76 -27.47
C UNK F 111 43.74 -16.22 -28.02
N UNK F 112 43.83 -17.47 -28.48
CA UNK F 112 45.08 -18.01 -28.99
C UNK F 112 44.75 -19.04 -30.05
N UNK F 113 45.67 -19.27 -30.98
CA UNK F 113 45.43 -20.27 -32.00
C UNK F 113 46.70 -21.01 -32.39
N UNK F 114 46.50 -22.28 -32.73
CA UNK F 114 47.51 -23.23 -33.17
C UNK F 114 47.84 -23.03 -34.65
N UNK F 115 49.02 -23.50 -35.05
CA UNK F 115 49.29 -23.59 -36.47
C UNK F 115 48.37 -24.66 -37.04
N UNK F 116 47.95 -24.46 -38.29
CA UNK F 116 47.02 -25.41 -38.91
C UNK F 116 47.62 -26.78 -39.13
N UNK F 117 46.77 -27.81 -38.93
CA UNK F 117 47.12 -29.19 -39.27
C UNK F 117 47.11 -29.42 -40.77
N UNK F 118 46.21 -28.74 -41.48
CA UNK F 118 46.11 -28.76 -42.93
C UNK F 118 45.98 -30.19 -43.49
N UNK F 119 45.07 -30.95 -42.92
CA UNK F 119 44.83 -32.31 -43.41
C UNK F 119 44.35 -32.26 -44.85
N UNK F 120 44.93 -33.09 -45.70
CA UNK F 120 44.51 -33.25 -47.08
C UNK F 120 43.51 -34.39 -47.22
N UNK F 121 42.70 -34.31 -48.28
CA UNK F 121 41.76 -35.38 -48.60
C UNK F 121 41.67 -35.48 -50.12
N UNK F 122 41.45 -36.70 -50.60
CA UNK F 122 41.32 -36.95 -52.03
C UNK F 122 40.00 -36.40 -52.57
N UNK G 1 22.87 -15.22 -36.59
CA UNK G 1 22.84 -14.86 -38.04
C UNK G 1 24.24 -14.87 -38.61
N UNK G 2 24.34 -14.92 -39.94
CA UNK G 2 25.61 -14.86 -40.64
C UNK G 2 25.93 -13.41 -40.97
N UNK G 3 27.02 -12.90 -40.39
CA UNK G 3 27.39 -11.52 -40.60
C UNK G 3 27.88 -11.31 -42.04
N UNK G 4 27.59 -10.13 -42.59
CA UNK G 4 28.08 -9.77 -43.92
C UNK G 4 29.42 -9.06 -43.80
N UNK G 5 30.34 -9.46 -44.67
CA UNK G 5 31.69 -8.89 -44.69
C UNK G 5 31.71 -7.50 -45.30
N UNK G 6 32.78 -6.77 -44.96
CA UNK G 6 33.07 -5.47 -45.54
C UNK G 6 33.50 -5.65 -46.98
N UNK G 7 33.44 -4.56 -47.75
CA UNK G 7 33.86 -4.63 -49.15
C UNK G 7 35.29 -5.16 -49.26
N UNK G 8 35.49 -6.07 -50.20
CA UNK G 8 36.78 -6.68 -50.48
C UNK G 8 37.70 -5.74 -51.25
N UNK G 9 39.01 -6.03 -51.17
CA UNK G 9 40.03 -5.28 -51.91
C UNK G 9 40.01 -3.79 -51.60
N UNK G 10 39.78 -3.45 -50.33
CA UNK G 10 39.75 -2.05 -49.91
C UNK G 10 41.18 -1.54 -49.73
N UNK G 11 41.86 -1.39 -50.87
CA UNK G 11 43.25 -0.96 -50.89
C UNK G 11 43.37 0.53 -50.59
N UNK G 12 44.49 0.91 -49.98
CA UNK G 12 44.78 2.32 -49.75
C UNK G 12 46.28 2.55 -49.69
N UNK G 13 46.70 3.74 -50.11
CA UNK G 13 48.09 4.19 -50.06
C UNK G 13 48.40 4.82 -48.70
N UNK G 14 48.35 3.98 -47.66
CA UNK G 14 48.57 4.35 -46.26
C UNK G 14 47.72 5.58 -45.92
N UNK G 15 48.29 6.62 -45.31
CA UNK G 15 47.58 7.87 -44.99
C UNK G 15 46.29 7.66 -44.20
N UNK G 16 46.31 6.72 -43.26
CA UNK G 16 45.18 6.42 -42.36
C UNK G 16 43.88 6.10 -43.07
N UNK G 17 43.91 5.68 -44.34
CA UNK G 17 42.67 5.50 -45.08
C UNK G 17 42.04 4.13 -44.90
N UNK G 18 42.66 3.19 -44.20
CA UNK G 18 42.05 1.87 -44.09
C UNK G 18 40.88 1.87 -43.12
N UNK G 19 39.80 1.21 -43.55
CA UNK G 19 38.61 0.95 -42.75
C UNK G 19 37.87 -0.22 -43.38
N UNK G 20 37.11 -0.94 -42.55
CA UNK G 20 36.32 -2.07 -43.06
C UNK G 20 35.10 -2.28 -42.18
N UNK G 21 33.91 -2.06 -42.74
CA UNK G 21 32.66 -2.13 -41.99
C UNK G 21 31.88 -3.40 -42.29
N UNK G 22 31.49 -4.12 -41.23
CA UNK G 22 30.73 -5.35 -41.30
C UNK G 22 29.32 -5.12 -40.75
N UNK G 23 28.35 -5.82 -41.32
CA UNK G 23 26.96 -5.77 -40.92
C UNK G 23 26.58 -7.09 -40.24
N UNK G 24 26.15 -7.00 -38.99
CA UNK G 24 25.87 -8.20 -38.19
C UNK G 24 24.71 -9.04 -38.72
N UNK G 25 23.71 -8.41 -39.32
CA UNK G 25 22.47 -9.03 -39.81
C UNK G 25 21.54 -9.46 -38.67
N UNK G 26 21.87 -9.09 -37.44
CA UNK G 26 21.10 -9.26 -36.22
C UNK G 26 21.80 -8.32 -35.24
N UNK G 27 21.12 -7.89 -34.20
CA UNK G 27 21.85 -7.11 -33.21
C UNK G 27 22.84 -7.98 -32.46
N UNK G 28 24.03 -7.43 -32.21
CA UNK G 28 25.02 -8.10 -31.39
C UNK G 28 24.55 -8.15 -29.95
N UNK G 29 24.77 -9.28 -29.26
CA UNK G 29 24.37 -9.35 -27.87
C UNK G 29 25.09 -8.26 -27.09
N UNK G 30 24.34 -7.51 -26.29
CA UNK G 30 24.88 -6.45 -25.43
C UNK G 30 25.72 -5.42 -26.20
N UNK G 31 25.61 -5.37 -27.54
CA UNK G 31 26.41 -4.47 -28.37
C UNK G 31 27.91 -4.64 -28.10
N UNK G 32 28.32 -5.87 -27.74
CA UNK G 32 29.72 -6.15 -27.45
C UNK G 32 30.13 -7.56 -27.85
N UNK G 33 29.41 -8.21 -28.75
CA UNK G 33 29.70 -9.58 -29.14
C UNK G 33 30.68 -9.67 -30.31
N UNK G 34 30.79 -8.64 -31.14
CA UNK G 34 31.66 -8.72 -32.30
C UNK G 34 33.10 -8.53 -31.86
N UNK G 35 34.00 -9.14 -32.62
CA UNK G 35 35.43 -9.03 -32.42
C UNK G 35 36.06 -9.11 -33.80
N UNK G 36 37.30 -8.67 -33.92
CA UNK G 36 37.97 -8.72 -35.21
C UNK G 36 39.36 -9.33 -35.07
N UNK G 37 39.77 -10.01 -36.13
CA UNK G 37 41.06 -10.68 -36.19
C UNK G 37 41.62 -10.53 -37.59
N UNK G 38 42.93 -10.71 -37.73
CA UNK G 38 43.57 -10.60 -39.02
C UNK G 38 44.67 -11.63 -39.12
N UNK G 39 44.96 -12.04 -40.36
CA UNK G 39 45.97 -13.04 -40.61
C UNK G 39 46.75 -12.72 -41.87
N UNK G 40 48.07 -12.90 -41.80
CA UNK G 40 48.88 -12.81 -42.98
C UNK G 40 48.61 -14.05 -43.82
N UNK G 41 48.93 -14.00 -45.11
CA UNK G 41 48.73 -15.20 -45.91
C UNK G 41 49.59 -16.33 -45.34
N UNK G 42 49.03 -17.54 -45.36
CA UNK G 42 49.72 -18.74 -44.88
C UNK G 42 50.18 -18.59 -43.43
N UNK G 43 49.28 -18.11 -42.57
CA UNK G 43 49.59 -17.93 -41.16
C UNK G 43 48.32 -18.06 -40.34
N UNK G 44 48.48 -18.45 -39.07
CA UNK G 44 47.35 -18.50 -38.16
C UNK G 44 46.85 -17.09 -37.88
N UNK G 45 45.54 -16.94 -37.75
CA UNK G 45 44.99 -15.63 -37.45
C UNK G 45 45.31 -15.20 -36.02
N UNK G 46 45.51 -13.90 -35.85
CA UNK G 46 45.71 -13.27 -34.54
C UNK G 46 44.57 -12.30 -34.27
N UNK G 47 44.11 -12.26 -33.02
CA UNK G 47 43.04 -11.34 -32.67
C UNK G 47 43.53 -9.91 -32.83
N UNK G 48 42.68 -9.06 -33.41
CA UNK G 48 42.99 -7.63 -33.55
C UNK G 48 42.31 -6.82 -32.48
N UNK G 49 41.06 -7.15 -32.15
CA UNK G 49 40.36 -6.43 -31.09
C UNK G 49 39.26 -7.30 -30.52
N UNK G 50 39.30 -7.49 -29.20
CA UNK G 50 38.28 -8.20 -28.46
C UNK G 50 37.10 -7.28 -28.25
N UNK G 51 35.90 -7.88 -28.11
CA UNK G 51 34.66 -7.15 -27.86
C UNK G 51 34.56 -5.93 -28.79
N UNK G 52 34.10 -4.78 -28.29
CA UNK G 52 34.00 -3.58 -29.10
C UNK G 52 35.21 -2.68 -28.82
N UNK G 53 36.17 -2.71 -29.73
CA UNK G 53 37.41 -1.93 -29.63
C UNK G 53 38.21 -2.12 -28.34
N UNK G 54 38.37 -3.37 -27.89
CA UNK G 54 39.23 -3.57 -26.73
C UNK G 54 40.71 -3.51 -27.11
N UNK G 55 41.01 -3.54 -28.41
CA UNK G 55 42.33 -3.45 -29.01
C UNK G 55 43.32 -4.54 -28.62
N UNK G 56 42.87 -5.67 -28.04
CA UNK G 56 43.71 -6.87 -27.76
C UNK G 56 45.04 -6.42 -27.15
N UNK G 57 46.19 -6.80 -27.73
CA UNK G 57 47.51 -6.34 -27.31
C UNK G 57 48.25 -5.82 -28.54
N UNK G 58 47.47 -5.33 -29.50
CA UNK G 58 47.84 -4.79 -30.81
C UNK G 58 48.23 -3.32 -30.70
N UNK G 59 48.92 -2.83 -31.73
CA UNK G 59 49.23 -1.42 -31.80
C UNK G 59 47.94 -0.60 -31.80
N UNK G 60 47.97 0.54 -31.10
CA UNK G 60 46.80 1.38 -30.93
C UNK G 60 46.16 1.85 -32.23
N UNK G 61 46.92 1.94 -33.33
CA UNK G 61 46.35 2.42 -34.57
C UNK G 61 45.20 1.54 -35.06
N UNK G 62 45.32 0.22 -34.86
CA UNK G 62 44.37 -0.75 -35.40
C UNK G 62 43.20 -0.96 -34.43
N UNK G 63 42.37 0.08 -34.26
CA UNK G 63 41.22 -0.06 -33.37
C UNK G 63 40.06 0.81 -33.82
N UNK G 64 38.86 0.22 -33.76
CA UNK G 64 37.62 0.91 -34.09
C UNK G 64 36.45 0.07 -33.56
N UNK G 65 35.29 0.70 -33.42
CA UNK G 65 34.10 -0.01 -32.97
C UNK G 65 32.86 0.79 -33.34
N UNK G 66 31.71 0.12 -33.27
CA UNK G 66 30.42 0.77 -33.45
C UNK G 66 29.34 -0.08 -32.78
N UNK G 67 28.20 0.54 -32.54
CA UNK G 67 27.07 -0.09 -31.88
C UNK G 67 26.19 -0.96 -32.78
N UNK G 68 25.47 -1.86 -32.11
CA UNK G 68 24.38 -2.71 -32.60
C UNK G 68 24.61 -3.59 -33.82
N UNK G 69 23.90 -3.36 -34.93
CA UNK G 69 23.94 -4.24 -36.10
C UNK G 69 25.08 -3.99 -37.06
N UNK G 70 25.94 -3.01 -36.85
CA UNK G 70 27.04 -2.77 -37.76
C UNK G 70 28.21 -2.18 -37.01
N UNK G 71 29.42 -2.55 -37.41
CA UNK G 71 30.62 -2.03 -36.77
C UNK G 71 31.75 -2.12 -37.77
N UNK G 72 32.80 -1.32 -37.55
CA UNK G 72 33.92 -1.32 -38.48
C UNK G 72 35.27 -1.18 -37.82
N UNK G 73 36.27 -1.80 -38.47
CA UNK G 73 37.67 -1.68 -38.14
C UNK G 73 38.22 -0.43 -38.81
N UNK G 74 39.34 0.06 -38.31
CA UNK G 74 40.05 1.19 -38.90
C UNK G 74 41.52 1.05 -38.56
N UNK G 75 42.38 1.70 -39.35
CA UNK G 75 43.80 1.74 -39.01
C UNK G 75 44.38 3.13 -39.25
N UNK G 76 44.75 3.78 -38.15
CA UNK G 76 45.26 5.15 -38.21
C UNK G 76 46.53 5.29 -39.04
N UNK G 77 47.40 4.28 -39.05
CA UNK G 77 48.62 4.35 -39.85
C UNK G 77 48.43 3.81 -41.25
N UNK G 78 47.73 2.67 -41.37
CA UNK G 78 47.57 1.97 -42.64
C UNK G 78 48.91 1.59 -43.25
N UNK G 79 49.89 1.31 -42.40
CA UNK G 79 51.22 0.93 -42.86
C UNK G 79 51.18 -0.36 -43.66
N UNK G 80 52.06 -0.46 -44.66
CA UNK G 80 52.11 -1.63 -45.53
C UNK G 80 52.34 -2.91 -44.74
N UNK G 81 53.10 -2.83 -43.64
CA UNK G 81 53.36 -4.01 -42.83
C UNK G 81 52.07 -4.62 -42.28
N UNK G 82 51.03 -3.80 -42.15
CA UNK G 82 49.74 -4.20 -41.59
C UNK G 82 48.75 -4.66 -42.65
N UNK G 83 49.14 -4.73 -43.92
CA UNK G 83 48.20 -5.10 -44.96
C UNK G 83 48.08 -6.62 -45.02
N UNK G 84 46.94 -7.12 -44.54
CA UNK G 84 46.68 -8.55 -44.46
C UNK G 84 45.17 -8.72 -44.40
N UNK G 85 44.69 -9.89 -44.77
CA UNK G 85 43.25 -10.14 -44.70
C UNK G 85 42.79 -10.06 -43.26
N UNK G 86 41.61 -9.46 -43.05
CA UNK G 86 41.04 -9.31 -41.72
C UNK G 86 39.55 -9.61 -41.77
N UNK G 87 39.03 -10.19 -40.69
CA UNK G 87 37.64 -10.58 -40.65
C UNK G 87 37.03 -10.42 -39.26
N UNK G 88 35.74 -10.09 -39.27
CA UNK G 88 34.89 -9.99 -38.10
C UNK G 88 34.37 -11.36 -37.69
N UNK G 89 34.09 -11.51 -36.39
CA UNK G 89 33.46 -12.71 -35.88
C UNK G 89 32.52 -12.33 -34.76
N UNK G 90 31.43 -13.08 -34.63
CA UNK G 90 30.43 -12.83 -33.61
C UNK G 90 29.63 -14.11 -33.45
N UNK G 91 28.81 -14.17 -32.40
CA UNK G 91 27.99 -15.35 -32.19
C UNK G 91 26.57 -14.99 -31.78
N UNK G 92 25.65 -15.86 -32.16
CA UNK G 92 24.28 -15.77 -31.70
C UNK G 92 24.26 -16.19 -30.24
N UNK G 93 23.35 -15.59 -29.46
CA UNK G 93 23.21 -16.06 -28.09
C UNK G 93 22.72 -17.49 -28.07
N UNK G 94 21.82 -17.85 -29.00
CA UNK G 94 21.31 -19.21 -29.07
C UNK G 94 22.41 -20.19 -29.45
N UNK G 95 22.55 -21.25 -28.64
CA UNK G 95 23.49 -22.36 -28.86
C UNK G 95 24.95 -21.92 -29.07
N UNK G 96 25.32 -20.69 -28.70
CA UNK G 96 26.69 -20.18 -28.92
C UNK G 96 27.16 -20.40 -30.36
N UNK G 97 26.27 -20.18 -31.32
CA UNK G 97 26.57 -20.45 -32.73
C UNK G 97 27.46 -19.33 -33.29
N UNK G 98 28.76 -19.46 -33.03
CA UNK G 98 29.72 -18.49 -33.53
C UNK G 98 29.85 -18.59 -35.04
N UNK G 99 30.04 -17.45 -35.70
CA UNK G 99 30.26 -17.38 -37.12
C UNK G 99 31.20 -16.22 -37.41
N UNK G 100 32.03 -16.41 -38.44
CA UNK G 100 32.97 -15.40 -38.90
C UNK G 100 32.60 -14.94 -40.30
N UNK G 101 32.81 -13.64 -40.55
CA UNK G 101 32.56 -13.03 -41.85
C UNK G 101 33.74 -13.27 -42.79
N UNK G 102 33.47 -13.13 -44.08
CA UNK G 102 34.55 -13.18 -45.06
C UNK G 102 35.50 -12.02 -44.84
N UNK G 103 36.77 -12.25 -45.12
CA UNK G 103 37.78 -11.21 -44.92
C UNK G 103 37.86 -10.21 -46.07
N UNK G 104 38.27 -8.99 -45.72
CA UNK G 104 38.61 -7.96 -46.68
C UNK G 104 40.11 -8.04 -46.94
N UNK G 105 40.52 -8.00 -48.21
CA UNK G 105 41.94 -8.15 -48.53
C UNK G 105 42.80 -7.08 -47.88
N UNK G 106 42.30 -5.85 -47.81
CA UNK G 106 43.02 -4.72 -47.20
C UNK G 106 44.46 -4.60 -47.70
N UNK G 107 44.60 -4.63 -49.03
CA UNK G 107 45.94 -4.58 -49.62
C UNK G 107 46.57 -3.20 -49.46
N UNK G 108 47.90 -3.19 -49.40
CA UNK G 108 48.66 -1.95 -49.34
C UNK G 108 48.74 -1.32 -50.72
N UNK G 109 48.73 0.02 -50.74
CA UNK G 109 48.90 0.80 -51.97
C UNK G 109 47.94 0.39 -53.08
N LEU H 39 25.83 -25.73 -9.93
CA LEU H 39 27.02 -25.99 -9.14
C LEU H 39 27.13 -24.97 -8.00
N TRP H 40 26.97 -23.68 -8.31
CA TRP H 40 27.02 -22.60 -7.32
C TRP H 40 25.73 -21.81 -7.34
N VAL H 41 25.33 -21.29 -6.17
CA VAL H 41 24.10 -20.48 -6.09
C VAL H 41 24.31 -19.11 -6.72
N THR H 42 23.41 -18.72 -7.61
CA THR H 42 23.38 -17.39 -8.22
C THR H 42 22.03 -16.74 -7.98
N VAL H 43 22.05 -15.48 -7.58
CA VAL H 43 20.84 -14.72 -7.26
C VAL H 43 20.47 -13.81 -8.44
N TYR H 44 19.23 -13.95 -8.92
CA TYR H 44 18.71 -13.20 -10.06
C TYR H 44 17.59 -12.29 -9.58
N TYR H 45 17.66 -11.01 -9.95
CA TYR H 45 16.63 -10.04 -9.60
C TYR H 45 15.93 -9.66 -10.91
N GLY H 46 14.61 -9.72 -10.90
CA GLY H 46 13.80 -9.43 -12.06
C GLY H 46 13.24 -10.69 -12.70
N VAL H 47 13.14 -11.77 -11.94
CA VAL H 47 12.67 -13.07 -12.39
C VAL H 47 11.17 -13.02 -12.72
N PRO H 48 10.71 -13.52 -13.91
CA PRO H 48 9.28 -13.47 -14.27
C PRO H 48 8.44 -14.51 -13.54
N VAL H 49 8.29 -14.30 -12.23
CA VAL H 49 7.54 -15.18 -11.33
C VAL H 49 6.54 -14.36 -10.56
N TRP H 50 5.36 -14.94 -10.32
CA TRP H 50 4.32 -14.26 -9.56
C TRP H 50 3.59 -15.26 -8.67
N LYS H 51 2.94 -14.73 -7.64
CA LYS H 51 2.13 -15.51 -6.72
C LYS H 51 0.79 -14.82 -6.53
N ASP H 52 -0.24 -15.63 -6.28
CA ASP H 52 -1.58 -15.08 -6.06
C ASP H 52 -1.55 -14.14 -4.87
N ALA H 53 -2.21 -12.98 -5.01
CA ALA H 53 -2.22 -12.02 -3.93
C ALA H 53 -3.46 -11.14 -4.02
N GLU H 54 -3.90 -10.66 -2.86
CA GLU H 54 -4.99 -9.70 -2.76
C GLU H 54 -4.40 -8.32 -2.62
N THR H 55 -5.02 -7.34 -3.28
CA THR H 55 -4.59 -5.96 -3.12
C THR H 55 -5.74 -5.05 -3.48
N THR H 56 -5.73 -3.85 -2.92
CA THR H 56 -6.75 -2.88 -3.26
C THR H 56 -6.49 -2.36 -4.67
N LEU H 57 -7.50 -2.40 -5.51
CA LEU H 57 -7.42 -1.92 -6.88
C LEU H 57 -7.96 -0.51 -6.92
N PHE H 58 -7.54 0.25 -7.93
CA PHE H 58 -8.07 1.60 -8.10
C PHE H 58 -8.92 1.63 -9.36
N CYS H 59 -9.86 2.57 -9.40
CA CYS H 59 -10.79 2.69 -10.50
C CYS H 59 -10.38 3.82 -11.44
N ALA H 60 -10.53 3.58 -12.74
CA ALA H 60 -10.19 4.56 -13.76
C ALA H 60 -11.28 4.53 -14.82
N SER H 61 -11.40 5.61 -15.58
CA SER H 61 -12.42 5.70 -16.62
C SER H 61 -11.93 6.58 -17.75
N ASP H 62 -12.75 6.68 -18.79
CA ASP H 62 -12.45 7.51 -19.94
C ASP H 62 -12.34 8.97 -19.52
N ALA H 63 -11.23 9.61 -19.88
CA ALA H 63 -11.00 11.00 -19.51
C ALA H 63 -12.07 11.93 -20.07
N LYS H 64 -12.60 11.62 -21.26
CA LYS H 64 -13.54 12.52 -21.93
C LYS H 64 -14.92 12.38 -21.29
N ALA H 65 -15.02 12.88 -20.06
CA ALA H 65 -16.25 12.81 -19.28
C ALA H 65 -16.73 11.37 -19.12
N ARG H 71 -22.10 15.47 -12.52
CA ARG H 71 -23.29 14.88 -11.92
C ARG H 71 -23.19 13.36 -11.81
N ASN H 72 -22.48 12.77 -12.75
CA ASN H 72 -22.34 11.32 -12.87
C ASN H 72 -21.44 10.81 -11.76
N VAL H 73 -22.05 10.19 -10.72
CA VAL H 73 -21.32 9.58 -9.61
C VAL H 73 -20.15 8.75 -10.08
N TRP H 74 -20.32 8.01 -11.16
CA TRP H 74 -19.25 7.13 -11.62
C TRP H 74 -18.15 7.94 -12.28
N ALA H 75 -18.50 9.08 -12.88
CA ALA H 75 -17.50 9.95 -13.49
C ALA H 75 -16.78 10.77 -12.43
N THR H 76 -17.46 11.08 -11.33
CA THR H 76 -16.82 11.80 -10.23
C THR H 76 -15.80 10.88 -9.58
N HIS H 77 -16.20 9.64 -9.33
CA HIS H 77 -15.26 8.64 -8.85
C HIS H 77 -14.56 8.13 -10.10
N CYS H 78 -13.61 7.21 -9.96
CA CYS H 78 -12.90 6.65 -11.12
C CYS H 78 -12.34 7.77 -11.98
N CYS H 79 -11.88 8.84 -11.32
CA CYS H 79 -11.41 10.05 -11.98
C CYS H 79 -10.10 9.85 -12.71
N VAL H 80 -9.33 8.82 -12.37
CA VAL H 80 -8.03 8.63 -12.99
C VAL H 80 -8.28 8.30 -14.46
N PRO H 81 -7.71 9.03 -15.41
CA PRO H 81 -7.98 8.72 -16.81
C PRO H 81 -7.30 7.42 -17.18
N THR H 82 -7.92 6.68 -18.09
CA THR H 82 -7.25 5.50 -18.60
C THR H 82 -6.43 5.88 -19.81
N ASP H 83 -5.47 5.03 -20.14
CA ASP H 83 -4.67 5.26 -21.32
C ASP H 83 -5.49 4.95 -22.58
N PRO H 84 -5.32 5.72 -23.66
CA PRO H 84 -5.86 5.25 -24.93
C PRO H 84 -4.95 4.13 -25.38
N ASN H 85 -5.50 3.18 -26.14
CA ASN H 85 -4.73 2.06 -26.68
C ASN H 85 -3.91 1.43 -25.55
N PRO H 86 -4.56 0.89 -24.53
CA PRO H 86 -3.84 0.36 -23.37
C PRO H 86 -2.99 -0.86 -23.70
N GLN H 87 -1.98 -1.05 -22.87
CA GLN H 87 -1.08 -2.18 -23.01
C GLN H 87 -1.75 -3.49 -22.64
N GLU H 88 -1.49 -4.50 -23.47
CA GLU H 88 -1.88 -5.87 -23.22
C GLU H 88 -0.76 -6.71 -23.81
N MET H 89 -0.29 -7.70 -23.06
CA MET H 89 0.79 -8.56 -23.51
C MET H 89 0.37 -10.00 -23.40
N VAL H 90 0.69 -10.80 -24.42
CA VAL H 90 0.34 -12.22 -24.40
C VAL H 90 1.52 -12.98 -23.84
N LEU H 91 1.25 -13.89 -22.90
CA LEU H 91 2.28 -14.73 -22.30
C LEU H 91 2.27 -16.05 -23.04
N GLU H 92 3.33 -16.33 -23.78
CA GLU H 92 3.38 -17.52 -24.61
C GLU H 92 3.64 -18.76 -23.76
N ASN H 93 2.89 -19.83 -24.05
CA ASN H 93 3.10 -21.12 -23.39
C ASN H 93 2.96 -21.03 -21.88
N VAL H 94 1.98 -20.27 -21.40
CA VAL H 94 1.72 -20.12 -19.97
C VAL H 94 0.33 -20.66 -19.66
N THR H 95 0.27 -21.57 -18.70
CA THR H 95 -0.98 -22.14 -18.21
C THR H 95 -1.16 -21.64 -16.78
N GLU H 96 -2.36 -21.15 -16.47
CA GLU H 96 -2.63 -20.60 -15.14
C GLU H 96 -3.99 -21.08 -14.66
N ASN H 97 -4.08 -21.42 -13.38
CA ASN H 97 -5.35 -21.83 -12.79
C ASN H 97 -6.17 -20.64 -12.32
N PHE H 98 -7.33 -20.47 -12.94
CA PHE H 98 -8.26 -19.39 -12.67
C PHE H 98 -9.45 -19.96 -11.91
N ASN H 99 -10.08 -19.14 -11.09
CA ASN H 99 -11.27 -19.56 -10.36
C ASN H 99 -12.21 -18.37 -10.33
N MET H 100 -13.31 -18.47 -11.07
CA MET H 100 -14.31 -17.41 -11.14
C MET H 100 -14.88 -17.09 -9.77
N TRP H 101 -15.02 -18.10 -8.91
CA TRP H 101 -15.52 -17.95 -7.56
C TRP H 101 -14.32 -17.84 -6.63
N LYS H 102 -14.50 -17.10 -5.54
CA LYS H 102 -13.43 -16.78 -4.59
C LYS H 102 -12.43 -15.83 -5.23
N ASN H 103 -12.93 -14.93 -6.08
CA ASN H 103 -12.17 -13.90 -6.75
C ASN H 103 -12.35 -12.60 -5.98
N ASP H 104 -11.28 -12.09 -5.37
CA ASP H 104 -11.42 -10.93 -4.50
C ASP H 104 -11.75 -9.66 -5.27
N MET H 105 -11.64 -9.68 -6.61
CA MET H 105 -12.00 -8.50 -7.38
C MET H 105 -13.50 -8.26 -7.31
N VAL H 106 -14.27 -9.34 -7.14
CA VAL H 106 -15.71 -9.20 -7.06
C VAL H 106 -16.09 -8.58 -5.73
N GLU H 107 -15.45 -9.02 -4.65
CA GLU H 107 -15.76 -8.46 -3.34
C GLU H 107 -15.39 -7.00 -3.29
N GLN H 108 -14.27 -6.62 -3.92
CA GLN H 108 -13.92 -5.21 -3.92
C GLN H 108 -14.91 -4.41 -4.74
N MET H 109 -15.34 -4.93 -5.89
CA MET H 109 -16.30 -4.17 -6.69
C MET H 109 -17.60 -4.01 -5.94
N HIS H 110 -18.01 -5.07 -5.22
CA HIS H 110 -19.25 -5.02 -4.45
C HIS H 110 -19.19 -3.93 -3.39
N GLU H 111 -18.09 -3.89 -2.65
CA GLU H 111 -17.97 -2.89 -1.60
C GLU H 111 -17.87 -1.49 -2.20
N ASP H 112 -17.19 -1.36 -3.34
CA ASP H 112 -17.06 -0.03 -3.94
C ASP H 112 -18.41 0.49 -4.42
N VAL H 113 -19.23 -0.38 -4.99
CA VAL H 113 -20.55 0.05 -5.48
C VAL H 113 -21.41 0.49 -4.31
N ILE H 114 -21.39 -0.29 -3.22
CA ILE H 114 -22.20 0.09 -2.06
C ILE H 114 -21.69 1.40 -1.47
N SER H 115 -20.38 1.53 -1.33
CA SER H 115 -19.82 2.74 -0.74
C SER H 115 -20.15 3.97 -1.58
N LEU H 116 -20.08 3.87 -2.90
CA LEU H 116 -20.40 5.03 -3.74
C LEU H 116 -21.86 5.41 -3.63
N TRP H 117 -22.76 4.42 -3.57
CA TRP H 117 -24.17 4.75 -3.39
C TRP H 117 -24.42 5.40 -2.04
N ASP H 118 -23.80 4.88 -0.99
CA ASP H 118 -24.03 5.43 0.35
C ASP H 118 -23.45 6.85 0.47
N GLN H 119 -22.31 7.11 -0.15
CA GLN H 119 -21.74 8.44 -0.10
C GLN H 119 -22.54 9.42 -0.95
N SER H 120 -23.05 8.97 -2.10
CA SER H 120 -23.80 9.87 -2.96
C SER H 120 -25.06 10.37 -2.26
N LEU H 121 -25.69 9.54 -1.43
CA LEU H 121 -26.89 9.95 -0.70
C LEU H 121 -26.59 10.69 0.59
N LYS H 122 -25.34 10.73 1.03
CA LYS H 122 -25.01 11.34 2.31
C LYS H 122 -25.49 12.78 2.43
N PRO H 123 -25.23 13.68 1.48
CA PRO H 123 -25.68 15.07 1.61
C PRO H 123 -27.10 15.35 1.13
N CYS H 124 -27.89 14.34 0.81
CA CYS H 124 -29.19 14.56 0.18
C CYS H 124 -30.28 14.69 1.26
N VAL H 125 -31.40 15.26 0.85
CA VAL H 125 -32.50 15.56 1.76
C VAL H 125 -33.07 14.32 2.40
N LYS H 126 -33.21 14.36 3.73
CA LYS H 126 -33.81 13.27 4.49
C LYS H 126 -35.31 13.52 4.50
N LEU H 127 -36.08 12.45 4.41
CA LEU H 127 -37.53 12.53 4.39
C LEU H 127 -38.18 12.11 5.70
N THR H 128 -37.43 12.08 6.78
CA THR H 128 -38.02 11.78 8.09
C THR H 128 -39.22 12.66 8.40
N PRO H 129 -39.21 13.97 8.13
CA PRO H 129 -40.41 14.79 8.41
C PRO H 129 -41.67 14.37 7.67
N LEU H 130 -41.59 13.49 6.67
CA LEU H 130 -42.77 13.05 5.94
C LEU H 130 -43.42 11.78 6.50
N CYS H 131 -42.90 11.24 7.61
CA CYS H 131 -43.54 10.11 8.28
C CYS H 131 -44.69 10.64 9.12
N VAL H 132 -45.80 10.90 8.46
CA VAL H 132 -47.00 11.45 9.08
C VAL H 132 -48.19 10.60 8.63
N THR H 133 -49.32 10.77 9.34
CA THR H 133 -50.53 10.12 8.86
C THR H 133 -50.85 10.69 7.49
N LEU H 134 -51.07 9.80 6.54
CA LEU H 134 -51.35 10.16 5.16
C LEU H 134 -52.75 9.71 4.80
N GLU H 135 -53.60 10.61 4.30
CA GLU H 135 -54.97 10.23 3.95
C GLU H 135 -55.10 10.13 2.44
N CYS H 136 -55.55 8.97 1.95
CA CYS H 136 -55.52 8.66 0.53
C CYS H 136 -56.89 8.21 0.01
N ARG H 137 -57.18 8.65 -1.21
CA ARG H 137 -58.36 8.26 -1.97
C ARG H 137 -57.90 7.76 -3.34
N GLN H 138 -58.71 6.93 -4.00
CA GLN H 138 -58.29 6.46 -5.32
C GLN H 138 -58.33 7.60 -6.34
N VAL H 139 -57.39 7.57 -7.27
CA VAL H 139 -57.37 8.56 -8.34
C VAL H 139 -58.41 8.20 -9.40
N ASN H 140 -59.28 9.14 -9.73
CA ASN H 140 -60.29 8.94 -10.77
C ASN H 140 -59.72 9.47 -12.08
N THR H 141 -59.36 8.55 -12.98
CA THR H 141 -58.87 8.92 -14.31
C THR H 141 -57.64 9.81 -14.24
N GLU H 154 -56.15 1.56 -8.67
CA GLU H 154 -55.69 0.72 -7.57
C GLU H 154 -54.20 0.88 -7.32
N GLU H 155 -53.44 1.17 -8.37
CA GLU H 155 -51.99 1.20 -8.26
C GLU H 155 -51.46 2.54 -7.79
N ILE H 156 -52.17 3.63 -8.08
CA ILE H 156 -51.77 4.98 -7.73
C ILE H 156 -52.90 5.62 -6.93
N LYS H 157 -52.56 6.19 -5.77
CA LYS H 157 -53.55 6.86 -4.93
C LYS H 157 -53.20 8.33 -4.75
N ASN H 158 -54.26 9.13 -4.60
CA ASN H 158 -54.18 10.57 -4.36
C ASN H 158 -54.19 10.77 -2.85
N CYS H 159 -53.02 11.05 -2.29
CA CYS H 159 -52.79 11.14 -0.87
C CYS H 159 -52.57 12.60 -0.49
N SER H 160 -53.00 12.96 0.71
CA SER H 160 -52.77 14.29 1.25
C SER H 160 -52.17 14.14 2.65
N PHE H 161 -51.31 15.10 2.98
CA PHE H 161 -50.63 15.09 4.26
C PHE H 161 -50.22 16.51 4.63
N ASN H 162 -49.93 16.71 5.92
CA ASN H 162 -49.47 17.99 6.43
C ASN H 162 -47.95 17.96 6.60
N ALA H 163 -47.26 18.53 5.63
CA ALA H 163 -45.81 18.52 5.56
C ALA H 163 -45.24 19.71 6.33
N THR H 164 -43.98 19.60 6.72
CA THR H 164 -43.32 20.70 7.40
C THR H 164 -42.97 21.79 6.39
N THR H 165 -42.60 22.95 6.90
CA THR H 165 -42.25 24.12 6.08
C THR H 165 -40.94 24.72 6.58
N GLU H 166 -40.57 25.84 5.95
CA GLU H 166 -39.33 26.53 6.32
C GLU H 166 -39.34 26.95 7.78
N LEU H 167 -40.52 27.33 8.29
CA LEU H 167 -40.66 27.77 9.66
C LEU H 167 -41.20 26.63 10.50
N ARG H 168 -40.71 26.53 11.74
CA ARG H 168 -41.09 25.41 12.60
C ARG H 168 -42.50 25.53 13.17
N ASP H 169 -43.13 26.70 13.09
CA ASP H 169 -44.48 26.89 13.60
C ASP H 169 -45.54 26.84 12.50
N LYS H 170 -45.15 26.46 11.27
CA LYS H 170 -46.08 26.40 10.16
C LYS H 170 -46.00 25.04 9.46
N LYS H 171 -47.16 24.57 9.02
CA LYS H 171 -47.31 23.33 8.26
C LYS H 171 -47.96 23.71 6.94
N GLN H 172 -47.81 22.85 5.94
CA GLN H 172 -48.43 23.07 4.64
C GLN H 172 -49.19 21.83 4.22
N LYS H 173 -50.29 22.03 3.50
CA LYS H 173 -51.11 20.93 3.01
C LYS H 173 -50.54 20.52 1.67
N VAL H 174 -50.18 19.26 1.53
CA VAL H 174 -49.55 18.73 0.33
C VAL H 174 -50.40 17.60 -0.21
N TYR H 175 -50.68 17.66 -1.51
CA TYR H 175 -51.35 16.58 -2.21
C TYR H 175 -50.32 15.95 -3.13
N ALA H 176 -50.28 14.63 -3.15
CA ALA H 176 -49.31 13.93 -3.98
C ALA H 176 -49.87 12.59 -4.38
N LEU H 177 -49.40 12.08 -5.51
CA LEU H 177 -49.79 10.76 -5.96
C LEU H 177 -48.68 9.80 -5.56
N PHE H 178 -49.05 8.68 -4.97
CA PHE H 178 -48.10 7.66 -4.55
C PHE H 178 -48.52 6.32 -5.12
N TYR H 179 -47.53 5.47 -5.35
CA TYR H 179 -47.83 4.11 -5.78
C TYR H 179 -48.26 3.30 -4.57
N ARG H 180 -49.17 2.36 -4.80
CA ARG H 180 -49.64 1.54 -3.70
C ARG H 180 -48.52 0.73 -3.07
N LEU H 181 -47.48 0.39 -3.85
CA LEU H 181 -46.41 -0.42 -3.29
C LEU H 181 -45.52 0.35 -2.33
N ASP H 182 -45.62 1.67 -2.29
CA ASP H 182 -44.85 2.52 -1.39
C ASP H 182 -45.64 2.90 -0.15
N ILE H 183 -46.86 2.40 -0.02
CA ILE H 183 -47.77 2.75 1.06
C ILE H 183 -48.22 1.52 1.82
N VAL H 184 -48.25 1.62 3.14
CA VAL H 184 -48.74 0.57 4.03
C VAL H 184 -49.98 1.10 4.76
N PRO H 185 -51.13 0.41 4.69
CA PRO H 185 -52.31 0.91 5.39
C PRO H 185 -52.19 0.85 6.91
N LEU H 186 -52.82 1.82 7.57
CA LEU H 186 -52.94 1.86 9.03
C LEU H 186 -54.28 1.32 9.50
N GLU H 187 -55.32 1.48 8.69
CA GLU H 187 -56.67 1.04 8.99
C GLU H 187 -57.23 0.40 7.73
N GLU H 188 -58.24 -0.47 7.90
CA GLU H 188 -58.84 -1.13 6.75
C GLU H 188 -59.32 -0.08 5.75
N GLU H 189 -58.98 -0.30 4.49
CA GLU H 189 -59.31 0.65 3.44
C GLU H 189 -60.78 0.56 3.03
N ARG H 190 -61.29 1.66 2.52
CA ARG H 190 -62.65 1.78 1.99
C ARG H 190 -62.59 2.50 0.66
N LYS H 191 -63.20 1.93 -0.37
CA LYS H 191 -63.16 2.54 -1.68
C LYS H 191 -63.92 3.87 -1.68
N GLY H 192 -63.28 4.92 -2.19
CA GLY H 192 -63.89 6.23 -2.26
C GLY H 192 -63.71 7.12 -1.05
N ASN H 193 -63.17 6.59 0.04
CA ASN H 193 -62.99 7.32 1.29
C ASN H 193 -61.51 7.58 1.54
N SER H 194 -61.26 8.61 2.34
CA SER H 194 -59.91 9.05 2.71
C SER H 194 -59.33 8.15 3.81
N SER H 195 -58.95 6.94 3.41
CA SER H 195 -58.37 6.02 4.38
C SER H 195 -56.97 6.47 4.80
N LYS H 196 -56.61 6.15 6.05
CA LYS H 196 -55.29 6.49 6.58
C LYS H 196 -54.25 5.44 6.25
N TYR H 197 -53.11 5.91 5.76
CA TYR H 197 -51.95 5.12 5.35
C TYR H 197 -50.68 5.79 5.87
N ARG H 198 -49.57 5.05 5.83
CA ARG H 198 -48.25 5.60 6.11
C ARG H 198 -47.29 5.11 5.03
N LEU H 199 -46.15 5.78 4.89
CA LEU H 199 -45.16 5.33 3.92
C LEU H 199 -44.49 4.03 4.37
N ILE H 200 -44.22 3.17 3.39
CA ILE H 200 -43.57 1.89 3.66
C ILE H 200 -42.14 2.15 4.12
N ASN H 201 -41.67 1.32 5.05
CA ASN H 201 -40.35 1.40 5.66
C ASN H 201 -40.19 2.58 6.60
N CYS H 202 -41.28 3.30 6.91
CA CYS H 202 -41.15 4.35 7.90
C CYS H 202 -40.84 3.76 9.27
N ASN H 203 -41.51 2.66 9.63
CA ASN H 203 -41.24 2.08 10.94
C ASN H 203 -39.84 1.50 11.01
N THR H 204 -39.32 0.99 9.90
CA THR H 204 -37.99 0.39 9.94
C THR H 204 -36.88 1.42 10.03
N SER H 205 -36.89 2.46 9.20
CA SER H 205 -35.81 3.43 9.24
C SER H 205 -36.16 4.69 8.48
N ALA H 206 -35.20 5.62 8.46
CA ALA H 206 -35.33 6.87 7.73
C ALA H 206 -35.21 6.63 6.22
N ILE H 207 -35.91 7.47 5.45
CA ILE H 207 -35.88 7.43 4.00
C ILE H 207 -35.15 8.67 3.50
N THR H 208 -34.12 8.46 2.68
CA THR H 208 -33.32 9.54 2.12
C THR H 208 -33.69 9.76 0.66
N GLN H 209 -33.95 11.01 0.30
CA GLN H 209 -34.25 11.34 -1.09
C GLN H 209 -32.98 11.39 -1.91
N ALA H 210 -32.96 10.75 -3.06
CA ALA H 210 -31.79 10.87 -3.92
C ALA H 210 -31.74 12.28 -4.46
N CYS H 211 -30.55 12.85 -4.56
CA CYS H 211 -30.44 14.19 -5.11
C CYS H 211 -30.75 14.19 -6.60
N PRO H 212 -31.69 15.03 -7.09
CA PRO H 212 -32.02 15.00 -8.52
C PRO H 212 -30.86 15.46 -9.40
N LYS H 213 -29.89 16.17 -8.85
CA LYS H 213 -28.75 16.64 -9.64
C LYS H 213 -27.73 15.53 -9.85
N VAL H 214 -27.77 14.48 -9.04
CA VAL H 214 -26.79 13.41 -9.07
C VAL H 214 -27.28 12.33 -10.01
N THR H 215 -26.43 11.94 -10.95
CA THR H 215 -26.74 10.93 -11.96
C THR H 215 -26.04 9.62 -11.65
N PHE H 216 -26.81 8.54 -11.59
CA PHE H 216 -26.32 7.21 -11.28
C PHE H 216 -26.22 6.31 -12.51
N ASP H 217 -26.43 6.87 -13.71
CA ASP H 217 -26.42 6.10 -14.94
C ASP H 217 -25.09 5.36 -15.11
N PRO H 218 -25.09 4.03 -15.25
CA PRO H 218 -23.83 3.31 -15.40
C PRO H 218 -23.01 3.75 -16.59
N ILE H 219 -21.70 3.80 -16.39
CA ILE H 219 -20.73 4.10 -17.44
C ILE H 219 -19.68 2.99 -17.35
N PRO H 220 -18.91 2.75 -18.41
CA PRO H 220 -17.84 1.77 -18.25
C PRO H 220 -16.81 2.28 -17.28
N ILE H 221 -16.33 1.38 -16.42
CA ILE H 221 -15.24 1.67 -15.50
C ILE H 221 -14.21 0.56 -15.66
N HIS H 222 -12.98 0.87 -15.26
CA HIS H 222 -11.88 -0.07 -15.36
C HIS H 222 -11.24 -0.22 -13.99
N TYR H 223 -10.96 -1.46 -13.59
CA TYR H 223 -10.24 -1.72 -12.37
C TYR H 223 -8.78 -1.95 -12.72
N CYS H 224 -7.90 -1.24 -12.05
CA CYS H 224 -6.48 -1.21 -12.36
C CYS H 224 -5.69 -1.64 -11.13
N ALA H 225 -4.65 -2.41 -11.38
CA ALA H 225 -3.78 -2.90 -10.33
C ALA H 225 -2.83 -1.79 -9.86
N PRO H 226 -2.46 -1.77 -8.58
CA PRO H 226 -1.42 -0.85 -8.14
C PRO H 226 -0.08 -1.38 -8.61
N ALA H 227 0.92 -0.48 -8.62
CA ALA H 227 2.26 -0.88 -9.03
C ALA H 227 2.74 -2.06 -8.19
N GLY H 228 3.36 -3.02 -8.87
CA GLY H 228 3.87 -4.22 -8.26
C GLY H 228 2.99 -5.44 -8.49
N TYR H 229 1.78 -5.23 -8.98
CA TYR H 229 0.79 -6.26 -9.26
C TYR H 229 0.41 -6.20 -10.73
N ALA H 230 -0.14 -7.30 -11.24
CA ALA H 230 -0.58 -7.38 -12.62
C ALA H 230 -1.89 -8.16 -12.68
N ILE H 231 -2.72 -7.87 -13.69
CA ILE H 231 -3.99 -8.59 -13.84
C ILE H 231 -3.85 -9.55 -15.02
N LEU H 232 -4.07 -10.83 -14.75
CA LEU H 232 -4.01 -11.85 -15.78
C LEU H 232 -5.41 -12.04 -16.32
N LYS H 233 -5.52 -12.23 -17.63
CA LYS H 233 -6.78 -12.44 -18.30
C LYS H 233 -6.74 -13.76 -19.07
N CYS H 234 -7.82 -14.51 -18.96
CA CYS H 234 -7.98 -15.78 -19.67
C CYS H 234 -8.64 -15.50 -21.01
N ASN H 235 -7.94 -15.83 -22.10
CA ASN H 235 -8.42 -15.61 -23.45
C ASN H 235 -9.01 -16.85 -24.10
N ASN H 236 -9.23 -17.91 -23.32
CA ASN H 236 -9.83 -19.14 -23.84
C ASN H 236 -11.34 -18.92 -23.93
N LYS H 237 -11.85 -18.91 -25.15
CA LYS H 237 -13.25 -18.60 -25.44
C LYS H 237 -14.23 -19.58 -24.82
N THR H 238 -13.79 -20.78 -24.43
CA THR H 238 -14.65 -21.80 -23.87
C THR H 238 -14.35 -22.10 -22.40
N PHE H 239 -13.59 -21.23 -21.74
CA PHE H 239 -13.25 -21.43 -20.34
C PHE H 239 -14.52 -21.41 -19.49
N ASN H 240 -14.66 -22.39 -18.58
CA ASN H 240 -15.87 -22.54 -17.79
C ASN H 240 -15.85 -21.74 -16.48
N GLY H 241 -14.82 -20.95 -16.24
CA GLY H 241 -14.68 -20.15 -15.04
C GLY H 241 -13.78 -20.71 -13.97
N THR H 242 -13.42 -22.00 -14.03
CA THR H 242 -12.53 -22.62 -13.05
C THR H 242 -11.48 -23.43 -13.79
N GLY H 243 -10.43 -23.79 -13.08
CA GLY H 243 -9.43 -24.65 -13.64
C GLY H 243 -8.41 -23.94 -14.51
N PRO H 244 -7.55 -24.71 -15.18
CA PRO H 244 -6.49 -24.09 -15.99
C PRO H 244 -7.00 -23.39 -17.23
N CYS H 245 -6.25 -22.35 -17.62
CA CYS H 245 -6.43 -21.60 -18.84
C CYS H 245 -5.09 -21.61 -19.54
N ASN H 246 -5.07 -22.04 -20.81
CA ASN H 246 -3.85 -22.18 -21.59
C ASN H 246 -3.57 -21.01 -22.53
N ASN H 247 -4.27 -19.88 -22.38
CA ASN H 247 -3.99 -18.70 -23.19
C ASN H 247 -4.22 -17.55 -22.22
N VAL H 248 -3.14 -17.06 -21.62
CA VAL H 248 -3.18 -16.06 -20.56
C VAL H 248 -2.41 -14.83 -21.03
N SER H 249 -3.05 -13.67 -20.92
CA SER H 249 -2.43 -12.39 -21.24
C SER H 249 -2.41 -11.53 -19.99
N THR H 250 -1.53 -10.55 -19.96
CA THR H 250 -1.40 -9.64 -18.84
C THR H 250 -1.82 -8.23 -19.23
N VAL H 251 -2.66 -7.63 -18.38
CA VAL H 251 -3.16 -6.28 -18.56
C VAL H 251 -2.92 -5.48 -17.29
N GLN H 252 -2.93 -4.15 -17.48
CA GLN H 252 -2.85 -3.22 -16.36
C GLN H 252 -4.21 -2.96 -15.75
N CYS H 253 -5.24 -2.95 -16.59
CA CYS H 253 -6.60 -2.63 -16.20
C CYS H 253 -7.56 -3.59 -16.89
N THR H 254 -8.71 -3.80 -16.28
CA THR H 254 -9.75 -4.61 -16.90
C THR H 254 -10.42 -3.81 -18.02
N HIS H 255 -11.26 -4.50 -18.79
CA HIS H 255 -12.03 -3.82 -19.82
C HIS H 255 -13.09 -2.97 -19.14
N GLY H 256 -13.82 -2.18 -19.91
CA GLY H 256 -14.83 -1.35 -19.29
C GLY H 256 -16.01 -2.19 -18.88
N ILE H 257 -16.41 -2.04 -17.61
CA ILE H 257 -17.52 -2.76 -17.01
C ILE H 257 -18.56 -1.74 -16.59
N LYS H 258 -19.81 -1.93 -17.00
CA LYS H 258 -20.87 -1.02 -16.61
C LYS H 258 -21.53 -1.53 -15.33
N PRO H 259 -21.59 -0.74 -14.24
CA PRO H 259 -22.21 -1.25 -13.01
C PRO H 259 -23.74 -1.24 -13.08
N VAL H 260 -24.27 -2.08 -13.95
CA VAL H 260 -25.71 -2.18 -14.15
C VAL H 260 -26.30 -3.08 -13.07
N VAL H 261 -27.39 -2.63 -12.47
CA VAL H 261 -28.08 -3.36 -11.41
C VAL H 261 -29.37 -3.94 -11.96
N SER H 262 -29.48 -5.27 -11.89
CA SER H 262 -30.65 -6.00 -12.37
C SER H 262 -30.75 -7.27 -11.52
N THR H 263 -31.94 -7.88 -11.51
CA THR H 263 -32.15 -9.08 -10.69
C THR H 263 -32.22 -10.40 -11.43
N GLN H 264 -32.84 -10.49 -12.61
CA GLN H 264 -32.95 -11.77 -13.32
C GLN H 264 -32.19 -11.81 -14.62
N LEU H 265 -32.21 -10.73 -15.38
CA LEU H 265 -31.51 -10.62 -16.65
C LEU H 265 -30.31 -9.72 -16.46
N LEU H 266 -29.21 -10.04 -17.13
CA LEU H 266 -28.01 -9.21 -17.09
C LEU H 266 -28.07 -8.29 -18.31
N LEU H 267 -28.07 -6.99 -18.07
CA LEU H 267 -28.21 -6.00 -19.14
C LEU H 267 -26.90 -5.29 -19.44
N ASN H 268 -26.74 -4.92 -20.71
CA ASN H 268 -25.64 -4.09 -21.20
C ASN H 268 -24.28 -4.65 -20.83
N GLY H 269 -24.13 -5.97 -20.85
CA GLY H 269 -22.87 -6.61 -20.56
C GLY H 269 -22.11 -6.99 -21.83
N SER H 270 -21.10 -7.82 -21.64
CA SER H 270 -20.29 -8.30 -22.75
C SER H 270 -20.98 -9.52 -23.35
N LEU H 271 -20.72 -9.77 -24.63
CA LEU H 271 -21.20 -10.99 -25.26
C LEU H 271 -20.11 -12.06 -25.25
N ALA H 272 -20.54 -13.31 -25.19
CA ALA H 272 -19.61 -14.43 -25.24
C ALA H 272 -18.91 -14.46 -26.59
N GLU H 273 -17.62 -14.77 -26.59
CA GLU H 273 -16.89 -14.86 -27.85
C GLU H 273 -17.35 -16.06 -28.67
N GLY H 274 -17.68 -17.16 -28.00
CA GLY H 274 -18.08 -18.40 -28.63
C GLY H 274 -19.57 -18.60 -28.55
N GLU H 275 -19.99 -19.78 -28.09
CA GLU H 275 -21.38 -20.13 -27.94
C GLU H 275 -21.81 -19.82 -26.52
N ILE H 276 -23.08 -20.10 -26.20
CA ILE H 276 -23.59 -19.82 -24.86
C ILE H 276 -22.81 -20.66 -23.86
N ILE H 277 -22.33 -20.02 -22.80
CA ILE H 277 -21.52 -20.69 -21.77
C ILE H 277 -22.33 -20.74 -20.48
N ILE H 278 -22.48 -21.94 -19.93
CA ILE H 278 -23.19 -22.17 -18.68
C ILE H 278 -22.15 -22.27 -17.57
N ARG H 279 -22.15 -21.33 -16.61
CA ARG H 279 -21.17 -21.32 -15.54
C ARG H 279 -21.85 -21.43 -14.19
N SER H 280 -21.33 -22.30 -13.34
CA SER H 280 -21.82 -22.47 -11.98
C SER H 280 -20.69 -22.98 -11.11
N GLU H 281 -20.70 -22.57 -9.84
CA GLU H 281 -19.70 -23.08 -8.90
C GLU H 281 -19.77 -24.60 -8.82
N ASN H 282 -20.98 -25.15 -8.82
CA ASN H 282 -21.19 -26.59 -8.75
C ASN H 282 -22.56 -26.87 -9.34
N LEU H 283 -22.61 -27.47 -10.53
CA LEU H 283 -23.91 -27.72 -11.15
C LEU H 283 -24.71 -28.76 -10.39
N THR H 284 -24.04 -29.75 -9.78
CA THR H 284 -24.74 -30.77 -9.03
C THR H 284 -25.47 -30.18 -7.84
N ASN H 285 -24.85 -29.21 -7.17
CA ASN H 285 -25.45 -28.58 -6.00
C ASN H 285 -26.42 -27.49 -6.46
N ASN H 286 -27.71 -27.76 -6.37
CA ASN H 286 -28.70 -26.86 -6.94
C ASN H 286 -28.87 -25.58 -6.13
N VAL H 287 -28.19 -25.47 -4.99
CA VAL H 287 -28.24 -24.23 -4.21
C VAL H 287 -27.52 -23.11 -4.95
N LYS H 288 -26.45 -23.44 -5.66
CA LYS H 288 -25.65 -22.42 -6.30
C LYS H 288 -26.36 -21.87 -7.53
N THR H 289 -26.17 -20.58 -7.76
CA THR H 289 -26.74 -19.89 -8.92
C THR H 289 -25.90 -20.10 -10.17
N ILE H 290 -26.58 -20.25 -11.30
CA ILE H 290 -25.97 -20.45 -12.61
C ILE H 290 -26.05 -19.12 -13.34
N ILE H 291 -25.04 -18.83 -14.16
CA ILE H 291 -24.92 -17.54 -14.83
C ILE H 291 -24.74 -17.76 -16.33
N VAL H 292 -25.85 -18.00 -17.02
CA VAL H 292 -25.81 -18.23 -18.46
C VAL H 292 -25.33 -16.98 -19.19
N HIS H 293 -24.13 -17.03 -19.77
CA HIS H 293 -23.66 -15.95 -20.63
C HIS H 293 -24.11 -16.22 -22.06
N LEU H 294 -24.49 -15.17 -22.77
CA LEU H 294 -25.07 -15.35 -24.11
C LEU H 294 -24.17 -14.71 -25.16
N ASN H 295 -24.15 -15.32 -26.35
CA ASN H 295 -23.28 -14.85 -27.43
C ASN H 295 -23.98 -13.91 -28.39
N GLU H 296 -25.28 -13.63 -28.19
CA GLU H 296 -26.01 -12.66 -28.99
C GLU H 296 -27.04 -11.97 -28.12
N SER H 297 -27.07 -10.65 -28.13
CA SER H 297 -27.93 -9.94 -27.20
C SER H 297 -29.39 -10.05 -27.65
N VAL H 298 -30.30 -9.87 -26.71
CA VAL H 298 -31.75 -9.82 -26.98
C VAL H 298 -32.23 -8.42 -26.62
N GLU H 299 -32.91 -7.75 -27.56
CA GLU H 299 -33.31 -6.38 -27.31
C GLU H 299 -34.62 -6.30 -26.52
N ILE H 300 -34.55 -5.54 -25.41
CA ILE H 300 -35.68 -5.29 -24.52
C ILE H 300 -35.88 -3.78 -24.42
N VAL H 301 -37.11 -3.32 -24.65
CA VAL H 301 -37.46 -1.90 -24.56
C VAL H 301 -38.48 -1.75 -23.43
N CYS H 302 -38.20 -0.87 -22.47
CA CYS H 302 -39.04 -0.67 -21.30
C CYS H 302 -39.55 0.76 -21.26
N THR H 303 -40.78 0.93 -20.79
CA THR H 303 -41.35 2.27 -20.70
C THR H 303 -42.38 2.40 -19.59
N ARG H 304 -42.53 3.66 -19.16
CA ARG H 304 -43.53 4.15 -18.22
C ARG H 304 -44.37 5.17 -18.99
N PRO H 305 -45.49 4.75 -19.62
CA PRO H 305 -46.28 5.63 -20.48
C PRO H 305 -47.25 6.53 -19.70
N ASN H 306 -46.70 7.36 -18.81
CA ASN H 306 -47.53 8.25 -17.99
C ASN H 306 -46.89 9.63 -17.99
N ASN H 307 -47.63 10.60 -18.52
CA ASN H 307 -47.15 11.97 -18.69
C ASN H 307 -47.32 12.68 -17.35
N ASN H 308 -46.33 12.52 -16.48
CA ASN H 308 -46.39 13.06 -15.12
C ASN H 308 -46.09 14.55 -15.08
N THR H 309 -46.73 15.23 -14.15
CA THR H 309 -46.43 16.61 -13.78
C THR H 309 -45.84 16.52 -12.38
N VAL H 310 -44.60 16.99 -12.24
CA VAL H 310 -43.83 16.93 -11.00
C VAL H 310 -43.83 18.29 -10.31
N LYS H 311 -44.12 18.27 -9.02
CA LYS H 311 -44.18 19.45 -8.17
C LYS H 311 -43.14 19.30 -7.07
N SER H 312 -42.75 20.41 -6.44
CA SER H 312 -41.82 20.34 -5.33
C SER H 312 -42.18 21.36 -4.26
N ILE H 313 -41.85 21.02 -3.02
CA ILE H 313 -42.04 21.85 -1.84
C ILE H 313 -40.77 21.87 -1.01
N ARG H 314 -40.64 22.86 -0.14
CA ARG H 314 -39.56 22.86 0.83
C ARG H 314 -40.00 22.11 2.08
N ILE H 315 -39.07 21.34 2.63
CA ILE H 315 -39.27 20.63 3.88
C ILE H 315 -38.68 21.41 5.05
N GLY H 316 -37.55 22.06 4.80
CA GLY H 316 -36.83 22.82 5.79
C GLY H 316 -35.84 23.68 5.05
N PRO H 317 -35.00 24.41 5.78
CA PRO H 317 -34.05 25.31 5.12
C PRO H 317 -33.18 24.64 4.08
N GLY H 318 -33.33 25.04 2.81
CA GLY H 318 -32.51 24.47 1.75
C GLY H 318 -32.87 23.07 1.32
N GLN H 319 -33.93 22.47 1.87
CA GLN H 319 -34.29 21.08 1.62
C GLN H 319 -35.58 20.99 0.82
N TRP H 320 -35.47 20.57 -0.44
CA TRP H 320 -36.59 20.43 -1.34
C TRP H 320 -37.01 18.97 -1.45
N PHE H 321 -38.32 18.75 -1.48
CA PHE H 321 -38.91 17.44 -1.67
C PHE H 321 -39.64 17.41 -3.00
N TYR H 322 -39.36 16.39 -3.81
CA TYR H 322 -39.96 16.24 -5.13
C TYR H 322 -40.96 15.10 -5.08
N TYR H 323 -42.10 15.31 -5.72
CA TYR H 323 -43.15 14.31 -5.76
C TYR H 323 -43.95 14.49 -7.03
N THR H 324 -44.71 13.45 -7.39
CA THR H 324 -45.55 13.54 -8.56
C THR H 324 -46.78 14.35 -8.21
N GLY H 325 -47.04 15.38 -9.00
CA GLY H 325 -48.16 16.25 -8.74
C GLY H 325 -49.42 15.71 -9.36
N ASP H 326 -49.38 15.44 -10.66
CA ASP H 326 -50.56 14.96 -11.36
C ASP H 326 -50.13 14.14 -12.58
N ILE H 327 -51.13 13.58 -13.28
CA ILE H 327 -50.92 12.86 -14.52
C ILE H 327 -51.77 13.57 -15.56
N ILE H 328 -51.12 14.02 -16.64
CA ILE H 328 -51.82 14.81 -17.65
C ILE H 328 -52.80 13.97 -18.45
N GLY H 329 -52.41 12.76 -18.81
CA GLY H 329 -53.23 11.87 -19.61
C GLY H 329 -53.89 10.82 -18.76
N ASN H 330 -54.09 9.64 -19.34
CA ASN H 330 -54.73 8.56 -18.59
C ASN H 330 -53.67 7.87 -17.75
N ILE H 331 -54.09 6.88 -16.97
CA ILE H 331 -53.17 6.12 -16.13
C ILE H 331 -52.96 4.78 -16.80
N ARG H 332 -51.71 4.46 -17.08
CA ARG H 332 -51.33 3.25 -17.79
C ARG H 332 -50.31 2.47 -16.99
N GLN H 333 -50.31 1.16 -17.19
CA GLN H 333 -49.33 0.29 -16.56
C GLN H 333 -48.02 0.33 -17.34
N ALA H 334 -46.91 0.34 -16.61
CA ALA H 334 -45.60 0.30 -17.26
C ALA H 334 -45.38 -1.08 -17.85
N TYR H 335 -44.55 -1.14 -18.90
CA TYR H 335 -44.32 -2.44 -19.52
C TYR H 335 -42.99 -2.48 -20.25
N CYS H 336 -42.56 -3.69 -20.55
CA CYS H 336 -41.39 -3.95 -21.38
C CYS H 336 -41.76 -4.85 -22.54
N ASN H 337 -41.09 -4.68 -23.67
CA ASN H 337 -41.28 -5.51 -24.85
C ASN H 337 -39.94 -6.12 -25.23
N ILE H 338 -39.90 -7.45 -25.31
CA ILE H 338 -38.71 -8.19 -25.73
C ILE H 338 -38.99 -8.82 -27.08
N LYS H 339 -38.06 -8.65 -28.04
CA LYS H 339 -38.33 -9.26 -29.36
C LYS H 339 -38.61 -10.76 -29.21
N LYS H 340 -39.70 -11.21 -29.82
CA LYS H 340 -40.15 -12.59 -29.60
C LYS H 340 -39.25 -13.64 -30.25
N ASP H 341 -38.79 -13.41 -31.48
CA ASP H 341 -38.00 -14.45 -32.13
C ASP H 341 -36.63 -14.58 -31.51
N ASP H 342 -36.06 -13.46 -31.05
CA ASP H 342 -34.73 -13.52 -30.47
C ASP H 342 -34.80 -14.21 -29.12
N TRP H 343 -35.84 -13.91 -28.35
CA TRP H 343 -35.99 -14.56 -27.06
C TRP H 343 -36.19 -16.05 -27.23
N ILE H 344 -37.03 -16.46 -28.18
CA ILE H 344 -37.29 -17.88 -28.33
C ILE H 344 -36.03 -18.61 -28.76
N ARG H 345 -35.27 -18.06 -29.72
CA ARG H 345 -34.05 -18.73 -30.13
C ARG H 345 -33.06 -18.80 -28.98
N THR H 346 -32.95 -17.71 -28.21
CA THR H 346 -32.01 -17.66 -27.10
C THR H 346 -32.34 -18.72 -26.06
N LEU H 347 -33.62 -18.83 -25.71
CA LEU H 347 -34.00 -19.77 -24.67
C LEU H 347 -33.85 -21.20 -25.17
N GLN H 348 -34.13 -21.45 -26.46
CA GLN H 348 -33.93 -22.80 -26.99
C GLN H 348 -32.45 -23.19 -26.94
N ARG H 349 -31.56 -22.24 -27.24
CA ARG H 349 -30.13 -22.55 -27.20
C ARG H 349 -29.66 -22.79 -25.77
N VAL H 350 -30.22 -22.04 -24.82
CA VAL H 350 -29.87 -22.26 -23.43
C VAL H 350 -30.36 -23.64 -23.00
N GLY H 351 -31.58 -24.00 -23.41
CA GLY H 351 -32.10 -25.30 -23.07
C GLY H 351 -31.22 -26.40 -23.62
N LYS H 352 -30.70 -26.22 -24.84
CA LYS H 352 -29.78 -27.19 -25.42
C LYS H 352 -28.54 -27.36 -24.56
N LYS H 353 -27.93 -26.24 -24.16
CA LYS H 353 -26.71 -26.36 -23.36
C LYS H 353 -26.99 -26.99 -22.00
N LEU H 354 -28.13 -26.65 -21.39
CA LEU H 354 -28.45 -27.25 -20.11
C LEU H 354 -28.70 -28.74 -20.27
N ALA H 355 -29.34 -29.13 -21.37
CA ALA H 355 -29.58 -30.54 -21.63
C ALA H 355 -28.26 -31.28 -21.74
N GLU H 356 -27.25 -30.63 -22.31
CA GLU H 356 -25.94 -31.26 -22.39
C GLU H 356 -25.34 -31.41 -21.01
N HIS H 357 -25.54 -30.40 -20.15
CA HIS H 357 -25.02 -30.45 -18.79
C HIS H 357 -25.83 -31.37 -17.89
N PHE H 358 -27.13 -31.54 -18.19
CA PHE H 358 -28.05 -32.39 -17.43
C PHE H 358 -28.66 -33.41 -18.38
N PRO H 359 -27.93 -34.45 -18.76
CA PRO H 359 -28.41 -35.38 -19.78
C PRO H 359 -29.55 -36.25 -19.28
N ARG H 360 -30.37 -36.72 -20.23
CA ARG H 360 -31.51 -37.59 -19.95
C ARG H 360 -32.49 -36.92 -19.00
N ARG H 361 -32.73 -35.63 -19.20
CA ARG H 361 -33.69 -34.87 -18.42
C ARG H 361 -34.41 -33.90 -19.36
N ILE H 362 -35.63 -33.52 -18.98
CA ILE H 362 -36.36 -32.50 -19.70
C ILE H 362 -36.07 -31.17 -19.02
N ILE H 363 -35.70 -30.16 -19.80
CA ILE H 363 -35.36 -28.84 -19.28
C ILE H 363 -36.63 -28.00 -19.27
N ASN H 364 -37.18 -27.76 -18.07
CA ASN H 364 -38.40 -26.98 -17.89
C ASN H 364 -38.06 -25.66 -17.24
N PHE H 365 -38.39 -24.56 -17.91
CA PHE H 365 -38.24 -23.22 -17.36
C PHE H 365 -39.61 -22.77 -16.86
N THR H 366 -39.67 -22.31 -15.61
CA THR H 366 -40.93 -21.87 -15.02
C THR H 366 -40.69 -20.54 -14.30
N GLN H 367 -41.76 -19.99 -13.75
CA GLN H 367 -41.70 -18.72 -13.05
C GLN H 367 -41.10 -18.88 -11.65
N PRO H 368 -40.54 -17.82 -11.07
CA PRO H 368 -40.10 -17.90 -9.68
C PRO H 368 -41.25 -18.21 -8.74
N ALA H 369 -40.93 -18.87 -7.63
CA ALA H 369 -41.93 -19.16 -6.62
C ALA H 369 -42.41 -17.83 -6.04
N GLY H 370 -43.65 -17.82 -5.56
CA GLY H 370 -44.21 -16.57 -5.06
C GLY H 370 -43.44 -16.03 -3.86
N GLY H 371 -43.39 -14.71 -3.79
CA GLY H 371 -42.69 -14.03 -2.72
C GLY H 371 -42.66 -12.54 -3.00
N ASP H 372 -41.88 -11.83 -2.20
CA ASP H 372 -41.76 -10.38 -2.34
C ASP H 372 -41.25 -10.05 -3.75
N LEU H 373 -41.65 -8.88 -4.25
CA LEU H 373 -41.29 -8.49 -5.62
C LEU H 373 -39.79 -8.49 -5.82
N GLU H 374 -39.03 -8.06 -4.81
CA GLU H 374 -37.59 -7.99 -4.94
C GLU H 374 -36.91 -9.33 -5.23
N ILE H 375 -37.59 -10.46 -4.95
CA ILE H 375 -37.02 -11.79 -5.19
C ILE H 375 -37.82 -12.62 -6.20
N THR H 376 -38.85 -12.04 -6.82
CA THR H 376 -39.66 -12.74 -7.81
C THR H 376 -39.73 -12.04 -9.15
N THR H 377 -39.40 -10.75 -9.22
CA THR H 377 -39.49 -9.96 -10.44
C THR H 377 -38.11 -9.53 -10.90
N HIS H 378 -38.07 -9.10 -12.15
CA HIS H 378 -36.88 -8.55 -12.81
C HIS H 378 -36.80 -7.07 -12.50
N SER H 379 -36.03 -6.73 -11.49
CA SER H 379 -35.87 -5.34 -11.12
C SER H 379 -34.80 -4.67 -11.96
N PHE H 380 -34.96 -3.37 -12.21
CA PHE H 380 -33.91 -2.61 -12.87
C PHE H 380 -34.16 -1.12 -12.72
N ASN H 381 -33.11 -0.34 -12.93
CA ASN H 381 -33.15 1.12 -12.92
C ASN H 381 -33.19 1.67 -14.34
N CYS H 382 -34.33 2.27 -14.73
CA CYS H 382 -34.56 2.85 -16.05
C CYS H 382 -34.57 4.37 -15.90
N ARG H 383 -33.45 4.99 -16.24
CA ARG H 383 -33.28 6.45 -16.17
C ARG H 383 -33.64 7.00 -14.79
N GLY H 384 -33.27 6.29 -13.74
CA GLY H 384 -33.54 6.75 -12.39
C GLY H 384 -34.78 6.18 -11.73
N GLU H 385 -35.68 5.55 -12.49
CA GLU H 385 -36.88 4.97 -11.90
C GLU H 385 -36.69 3.46 -11.76
N PHE H 386 -37.29 2.90 -10.72
CA PHE H 386 -37.12 1.48 -10.41
C PHE H 386 -38.33 0.66 -10.83
N PHE H 387 -38.09 -0.19 -11.84
CA PHE H 387 -39.08 -1.07 -12.46
C PHE H 387 -38.92 -2.46 -11.85
N TYR H 388 -40.05 -3.14 -11.65
CA TYR H 388 -40.14 -4.51 -11.16
C TYR H 388 -41.03 -5.31 -12.11
N CYS H 389 -40.43 -5.90 -13.13
CA CYS H 389 -41.17 -6.51 -14.24
C CYS H 389 -41.43 -8.00 -14.00
N ASN H 390 -42.65 -8.44 -14.28
CA ASN H 390 -43.06 -9.83 -14.07
C ASN H 390 -42.73 -10.62 -15.33
N THR H 391 -41.70 -11.46 -15.23
CA THR H 391 -41.14 -12.20 -16.34
C THR H 391 -41.70 -13.61 -16.47
N SER H 392 -42.81 -13.92 -15.80
CA SER H 392 -43.39 -15.26 -15.89
C SER H 392 -43.82 -15.61 -17.30
N SER H 393 -44.07 -14.63 -18.15
CA SER H 393 -44.44 -14.89 -19.53
C SER H 393 -43.26 -15.26 -20.41
N LEU H 394 -42.03 -15.09 -19.92
CA LEU H 394 -40.82 -15.40 -20.69
C LEU H 394 -40.28 -16.79 -20.38
N PHE H 395 -40.21 -17.15 -19.10
CA PHE H 395 -39.69 -18.45 -18.69
C PHE H 395 -40.86 -19.43 -18.61
N ASN H 396 -41.43 -19.69 -19.79
CA ASN H 396 -42.62 -20.50 -19.95
C ASN H 396 -42.44 -21.57 -21.02
N SER H 397 -41.20 -21.95 -21.32
CA SER H 397 -40.91 -22.97 -22.31
C SER H 397 -40.90 -24.35 -21.64
N THR H 398 -40.90 -25.39 -22.47
CA THR H 398 -40.95 -26.77 -22.01
C THR H 398 -39.69 -27.60 -22.25
N TYR H 399 -38.92 -27.32 -23.30
CA TYR H 399 -37.82 -28.22 -23.66
C TYR H 399 -37.05 -27.63 -24.82
N ASN H 400 -35.80 -28.05 -24.94
CA ASN H 400 -34.95 -27.73 -26.09
C ASN H 400 -35.66 -28.01 -27.40
N LEU H 415 -43.50 -8.49 -33.99
CA LEU H 415 -44.10 -9.31 -32.95
C LEU H 415 -43.13 -9.44 -31.78
N ASP H 416 -43.59 -9.08 -30.58
CA ASP H 416 -42.76 -9.13 -29.38
C ASP H 416 -43.59 -9.68 -28.22
N ILE H 417 -42.94 -9.80 -27.06
CA ILE H 417 -43.55 -10.30 -25.83
C ILE H 417 -43.64 -9.14 -24.85
N THR H 418 -44.85 -8.83 -24.37
CA THR H 418 -45.08 -7.73 -23.44
C THR H 418 -45.06 -8.25 -22.01
N ILE H 419 -44.26 -7.60 -21.18
CA ILE H 419 -44.02 -7.90 -19.77
C ILE H 419 -44.64 -6.80 -18.91
N PRO H 420 -45.64 -7.09 -18.08
CA PRO H 420 -46.15 -6.04 -17.17
C PRO H 420 -45.08 -5.64 -16.17
N CYS H 421 -45.01 -4.35 -15.83
CA CYS H 421 -44.03 -3.87 -14.87
C CYS H 421 -44.65 -2.95 -13.82
N ARG H 422 -44.24 -3.13 -12.58
CA ARG H 422 -44.63 -2.27 -11.46
C ARG H 422 -43.49 -1.31 -11.22
N ILE H 423 -43.79 -0.14 -10.67
CA ILE H 423 -42.76 0.86 -10.35
C ILE H 423 -42.84 1.24 -8.89
N LYS H 424 -41.67 1.35 -8.25
CA LYS H 424 -41.60 1.76 -6.85
C LYS H 424 -40.70 2.97 -6.69
N GLN H 425 -41.02 3.81 -5.70
CA GLN H 425 -40.20 4.95 -5.35
C GLN H 425 -39.34 4.75 -4.10
N ILE H 426 -39.74 3.88 -3.18
CA ILE H 426 -38.97 3.64 -1.95
C ILE H 426 -38.25 2.31 -2.12
N ILE H 427 -36.92 2.37 -2.21
CA ILE H 427 -36.08 1.23 -2.57
C ILE H 427 -35.18 0.84 -1.42
N ASN H 428 -35.17 -0.45 -1.07
CA ASN H 428 -34.25 -1.01 -0.07
C ASN H 428 -33.12 -1.69 -0.84
N MET H 429 -32.08 -0.95 -1.18
CA MET H 429 -31.05 -1.48 -2.06
C MET H 429 -30.25 -2.58 -1.36
N TRP H 430 -29.88 -3.61 -2.13
CA TRP H 430 -29.09 -4.76 -1.68
C TRP H 430 -29.74 -5.52 -0.54
N GLN H 431 -31.04 -5.35 -0.33
CA GLN H 431 -31.77 -6.04 0.72
C GLN H 431 -31.18 -5.73 2.10
N ARG H 432 -30.68 -4.51 2.27
CA ARG H 432 -30.16 -4.08 3.57
C ARG H 432 -31.30 -3.43 4.33
N VAL H 433 -31.72 -4.07 5.41
CA VAL H 433 -32.84 -3.53 6.17
C VAL H 433 -32.33 -2.34 6.97
N GLY H 434 -33.04 -1.21 6.88
CA GLY H 434 -32.67 -0.01 7.60
C GLY H 434 -32.14 1.17 6.78
N GLN H 435 -31.81 1.01 5.49
CA GLN H 435 -31.32 2.15 4.68
C GLN H 435 -32.12 2.30 3.39
N ALA H 436 -33.32 2.87 3.52
CA ALA H 436 -34.23 3.06 2.40
C ALA H 436 -33.89 4.38 1.71
N MET H 437 -34.15 4.44 0.41
CA MET H 437 -34.02 5.68 -0.35
C MET H 437 -35.29 5.94 -1.15
N TYR H 438 -35.55 7.22 -1.41
CA TYR H 438 -36.67 7.67 -2.22
C TYR H 438 -36.17 8.12 -3.58
N ALA H 439 -36.75 7.56 -4.64
CA ALA H 439 -36.38 7.91 -6.00
C ALA H 439 -37.30 9.02 -6.51
N PRO H 440 -36.80 10.23 -6.75
CA PRO H 440 -37.69 11.31 -7.21
C PRO H 440 -38.32 10.95 -8.54
N PRO H 441 -39.54 11.45 -8.80
CA PRO H 441 -40.15 11.22 -10.12
C PRO H 441 -39.52 12.07 -11.20
N ILE H 442 -39.69 11.62 -12.44
CA ILE H 442 -39.27 12.35 -13.63
C ILE H 442 -40.49 12.72 -14.46
N GLU H 443 -40.57 13.98 -14.86
CA GLU H 443 -41.70 14.49 -15.63
C GLU H 443 -41.78 13.84 -17.01
N GLY H 444 -42.99 13.83 -17.56
CA GLY H 444 -43.22 13.22 -18.85
C GLY H 444 -43.27 11.71 -18.73
N ASN H 445 -43.00 11.04 -19.84
CA ASN H 445 -43.01 9.58 -19.89
C ASN H 445 -41.58 9.11 -20.04
N ILE H 446 -41.33 7.87 -19.64
CA ILE H 446 -39.99 7.29 -19.65
C ILE H 446 -39.88 6.13 -20.61
N THR H 447 -38.85 6.14 -21.43
CA THR H 447 -38.51 5.01 -22.28
C THR H 447 -37.01 4.77 -22.14
N CYS H 448 -36.62 3.50 -22.24
CA CYS H 448 -35.23 3.11 -22.30
C CYS H 448 -35.19 1.77 -22.99
N LYS H 449 -34.01 1.37 -23.45
CA LYS H 449 -33.84 0.07 -24.06
C LYS H 449 -32.48 -0.50 -23.72
N SER H 450 -32.43 -1.81 -23.50
CA SER H 450 -31.21 -2.49 -23.10
C SER H 450 -31.01 -3.75 -23.92
N ASN H 451 -29.78 -4.27 -23.80
CA ASN H 451 -29.34 -5.51 -24.41
C ASN H 451 -29.27 -6.57 -23.33
N ILE H 452 -30.05 -7.63 -23.48
CA ILE H 452 -29.97 -8.76 -22.56
C ILE H 452 -28.80 -9.63 -23.00
N THR H 453 -27.79 -9.74 -22.14
CA THR H 453 -26.56 -10.45 -22.46
C THR H 453 -26.38 -11.72 -21.65
N GLY H 454 -27.15 -11.92 -20.59
CA GLY H 454 -27.05 -13.14 -19.82
C GLY H 454 -28.22 -13.28 -18.89
N LEU H 455 -28.34 -14.48 -18.33
CA LEU H 455 -29.41 -14.85 -17.42
C LEU H 455 -28.82 -15.39 -16.13
N LEU H 456 -29.56 -15.19 -15.04
CA LEU H 456 -29.26 -15.82 -13.76
C LEU H 456 -30.34 -16.86 -13.54
N LEU H 457 -29.94 -18.13 -13.48
CA LEU H 457 -30.87 -19.23 -13.30
C LEU H 457 -30.55 -19.99 -12.03
N VAL H 458 -31.60 -20.49 -11.37
CA VAL H 458 -31.49 -21.32 -10.19
C VAL H 458 -32.20 -22.63 -10.49
N ARG H 459 -31.53 -23.74 -10.25
CA ARG H 459 -32.12 -25.04 -10.52
C ARG H 459 -32.88 -25.55 -9.30
N ASP H 460 -34.01 -26.16 -9.56
CA ASP H 460 -34.84 -26.82 -8.58
C ASP H 460 -34.82 -28.30 -8.95
N GLY H 461 -34.13 -29.08 -8.12
CA GLY H 461 -33.92 -30.50 -8.32
C GLY H 461 -34.78 -31.27 -7.35
N GLY H 462 -34.18 -31.73 -6.26
CA GLY H 462 -34.92 -32.37 -5.19
C GLY H 462 -35.56 -33.67 -5.61
N VAL H 463 -36.90 -33.69 -5.69
CA VAL H 463 -37.60 -34.91 -6.11
C VAL H 463 -37.25 -35.25 -7.55
N GLU H 464 -37.06 -34.24 -8.38
CA GLU H 464 -36.82 -34.44 -9.81
C GLU H 464 -37.97 -35.25 -10.43
N SER H 465 -39.18 -34.72 -10.28
CA SER H 465 -40.37 -35.42 -10.74
C SER H 465 -40.33 -35.59 -12.25
N ASN H 466 -40.75 -36.77 -12.70
CA ASN H 466 -40.83 -37.11 -14.12
C ASN H 466 -39.48 -36.99 -14.83
N GLU H 467 -38.38 -37.12 -14.08
CA GLU H 467 -37.03 -37.03 -14.63
C GLU H 467 -36.81 -35.70 -15.35
N THR H 468 -37.34 -34.61 -14.78
CA THR H 468 -37.11 -33.27 -15.29
C THR H 468 -36.30 -32.46 -14.30
N GLU H 469 -35.76 -31.34 -14.79
CA GLU H 469 -35.07 -30.34 -13.99
C GLU H 469 -35.85 -29.05 -14.17
N ILE H 470 -36.08 -28.30 -13.10
CA ILE H 470 -36.84 -27.06 -13.19
C ILE H 470 -35.90 -25.89 -13.00
N PHE H 471 -35.86 -24.98 -13.96
CA PHE H 471 -35.00 -23.80 -13.87
C PHE H 471 -35.89 -22.57 -13.68
N ARG H 472 -35.48 -21.70 -12.77
CA ARG H 472 -36.20 -20.48 -12.45
C ARG H 472 -35.25 -19.29 -12.50
N PRO H 473 -35.76 -18.08 -12.74
CA PRO H 473 -34.90 -16.90 -12.60
C PRO H 473 -34.33 -16.79 -11.19
N GLY H 474 -33.10 -16.30 -11.12
CA GLY H 474 -32.40 -16.13 -9.85
C GLY H 474 -32.32 -14.69 -9.39
N GLY H 475 -31.16 -14.26 -8.91
CA GLY H 475 -30.98 -12.92 -8.38
C GLY H 475 -31.07 -12.85 -6.88
N GLY H 476 -30.94 -11.63 -6.37
CA GLY H 476 -30.95 -11.36 -4.95
C GLY H 476 -29.59 -11.12 -4.34
N ASP H 477 -28.50 -11.44 -5.05
CA ASP H 477 -27.15 -11.25 -4.58
C ASP H 477 -26.40 -10.60 -5.73
N MET H 478 -26.09 -9.30 -5.58
CA MET H 478 -25.52 -8.52 -6.67
C MET H 478 -24.16 -8.99 -7.12
N ARG H 479 -23.43 -9.76 -6.31
CA ARG H 479 -22.10 -10.16 -6.74
C ARG H 479 -22.13 -11.09 -7.93
N ASN H 480 -23.27 -11.75 -8.17
CA ASN H 480 -23.34 -12.63 -9.33
C ASN H 480 -23.33 -11.82 -10.60
N ASN H 481 -23.81 -10.57 -10.54
CA ASN H 481 -23.82 -9.81 -11.77
C ASN H 481 -22.41 -9.35 -12.09
N TRP H 482 -21.67 -8.94 -11.05
CA TRP H 482 -20.34 -8.41 -11.28
C TRP H 482 -19.35 -9.53 -11.53
N ARG H 483 -19.61 -10.69 -10.93
CA ARG H 483 -18.77 -11.83 -11.20
C ARG H 483 -18.86 -12.18 -12.67
N SER H 484 -20.03 -11.96 -13.27
CA SER H 484 -20.24 -12.30 -14.67
C SER H 484 -19.30 -11.55 -15.59
N GLU H 485 -18.71 -10.44 -15.14
CA GLU H 485 -17.75 -9.70 -15.94
C GLU H 485 -16.32 -9.94 -15.48
N LEU H 486 -16.11 -10.17 -14.19
CA LEU H 486 -14.78 -10.34 -13.63
C LEU H 486 -14.29 -11.79 -13.68
N TYR H 487 -15.11 -12.72 -14.19
CA TYR H 487 -14.74 -14.12 -14.22
C TYR H 487 -13.42 -14.39 -14.94
N LYS H 488 -13.02 -13.54 -15.88
CA LYS H 488 -11.81 -13.78 -16.65
C LYS H 488 -10.56 -13.12 -16.08
N TYR H 489 -10.66 -12.39 -14.96
CA TYR H 489 -9.51 -11.66 -14.43
C TYR H 489 -9.05 -12.25 -13.10
N LYS H 490 -7.73 -12.24 -12.93
CA LYS H 490 -7.06 -12.69 -11.71
C LYS H 490 -6.00 -11.66 -11.38
N VAL H 491 -5.79 -11.36 -10.09
CA VAL H 491 -4.77 -10.40 -9.67
C VAL H 491 -3.61 -11.16 -9.06
N VAL H 492 -2.38 -10.90 -9.54
CA VAL H 492 -1.19 -11.57 -9.02
C VAL H 492 -0.14 -10.53 -8.64
N GLU H 493 0.75 -10.95 -7.73
CA GLU H 493 1.89 -10.18 -7.25
C GLU H 493 3.16 -10.67 -7.93
N ILE H 494 3.98 -9.73 -8.38
CA ILE H 494 5.27 -10.05 -9.01
C ILE H 494 6.31 -10.33 -7.93
N LYS H 495 7.06 -11.43 -8.08
CA LYS H 495 8.09 -11.86 -7.14
C LYS H 495 9.44 -11.88 -7.87
N PRO H 496 10.09 -10.72 -8.02
CA PRO H 496 11.24 -10.62 -8.93
C PRO H 496 12.53 -11.27 -8.47
N LEU H 497 12.66 -11.70 -7.22
CA LEU H 497 13.90 -12.23 -6.68
C LEU H 497 13.88 -13.76 -6.65
N GLY H 498 14.84 -14.37 -7.36
CA GLY H 498 14.91 -15.82 -7.43
C GLY H 498 16.36 -16.28 -7.37
N ILE H 499 16.51 -17.60 -7.18
CA ILE H 499 17.81 -18.24 -7.05
C ILE H 499 17.90 -19.43 -8.00
N ALA H 500 19.06 -19.59 -8.64
CA ALA H 500 19.26 -20.75 -9.52
C ALA H 500 20.72 -21.17 -9.50
N PRO H 501 21.01 -22.46 -9.75
CA PRO H 501 22.42 -22.87 -9.88
C PRO H 501 23.05 -22.37 -11.17
N THR H 502 24.30 -21.93 -11.09
CA THR H 502 25.05 -21.53 -12.27
C THR H 502 26.46 -22.09 -12.06
N ARG H 503 27.35 -21.87 -13.03
CA ARG H 503 28.72 -22.35 -12.93
C ARG H 503 29.70 -21.29 -12.45
N CYS H 504 29.22 -20.12 -12.04
CA CYS H 504 30.08 -19.02 -11.64
C CYS H 504 30.03 -18.84 -10.12
N LYS H 505 31.20 -18.60 -9.53
CA LYS H 505 31.31 -18.36 -8.09
C LYS H 505 32.04 -17.05 -7.83
N ARG H 506 31.69 -16.45 -6.71
CA ARG H 506 32.34 -15.23 -6.26
C ARG H 506 33.74 -15.52 -5.74
N ARG H 507 34.69 -14.65 -6.07
CA ARG H 507 36.04 -14.83 -5.57
C ARG H 507 36.12 -14.56 -4.08
N VAL H 508 36.84 -15.42 -3.38
CA VAL H 508 37.03 -15.28 -1.94
C VAL H 508 38.00 -14.14 -1.66
N LEU I 39 34.48 15.33 -22.21
CA LEU I 39 35.00 14.14 -22.89
C LEU I 39 34.17 12.92 -22.46
N TRP I 40 34.09 12.67 -21.15
CA TRP I 40 33.33 11.55 -20.59
C TRP I 40 32.16 12.07 -19.78
N VAL I 41 31.08 11.31 -19.72
CA VAL I 41 29.92 11.70 -18.92
C VAL I 41 30.16 11.46 -17.44
N THR I 42 29.79 12.44 -16.59
CA THR I 42 29.82 12.32 -15.14
C THR I 42 28.46 12.65 -14.56
N VAL I 43 28.02 11.83 -13.62
CA VAL I 43 26.75 12.00 -12.91
C VAL I 43 27.03 12.62 -11.55
N TYR I 44 26.38 13.75 -11.27
CA TYR I 44 26.50 14.47 -10.01
C TYR I 44 25.17 14.38 -9.28
N TYR I 45 25.23 14.23 -7.97
CA TYR I 45 24.06 14.27 -7.10
C TYR I 45 24.26 15.46 -6.19
N GLY I 46 23.20 16.24 -5.97
CA GLY I 46 23.28 17.42 -5.13
C GLY I 46 23.39 18.70 -5.94
N VAL I 47 23.05 18.65 -7.21
CA VAL I 47 23.14 19.79 -8.12
C VAL I 47 22.11 20.86 -7.75
N PRO I 48 22.51 22.16 -7.62
CA PRO I 48 21.55 23.22 -7.24
C PRO I 48 20.64 23.65 -8.38
N VAL I 49 19.74 22.74 -8.77
CA VAL I 49 18.79 22.95 -9.85
C VAL I 49 17.40 22.69 -9.30
N TRP I 50 16.42 23.49 -9.76
CA TRP I 50 15.05 23.35 -9.33
C TRP I 50 14.12 23.55 -10.51
N LYS I 51 12.91 23.01 -10.35
CA LYS I 51 11.83 23.13 -11.33
C LYS I 51 10.59 23.68 -10.64
N ASP I 52 9.76 24.38 -11.40
CA ASP I 52 8.50 24.84 -10.83
C ASP I 52 7.67 23.63 -10.42
N ALA I 53 7.05 23.69 -9.25
CA ALA I 53 6.25 22.57 -8.80
C ALA I 53 5.18 23.04 -7.83
N GLU I 54 4.10 22.27 -7.76
CA GLU I 54 3.03 22.48 -6.80
C GLU I 54 3.18 21.44 -5.69
N THR I 55 2.89 21.84 -4.47
CA THR I 55 2.89 20.91 -3.35
C THR I 55 1.97 21.46 -2.28
N THR I 56 1.98 20.82 -1.11
CA THR I 56 1.19 21.26 0.03
C THR I 56 2.14 21.85 1.04
N LEU I 57 1.91 23.10 1.41
CA LEU I 57 2.72 23.80 2.39
C LEU I 57 2.07 23.64 3.75
N PHE I 58 2.88 23.63 4.82
CA PHE I 58 2.29 23.53 6.14
C PHE I 58 2.34 24.90 6.80
N CYS I 59 1.43 25.11 7.75
CA CYS I 59 1.34 26.37 8.45
C CYS I 59 2.08 26.32 9.78
N ALA I 60 2.81 27.39 10.07
CA ALA I 60 3.58 27.51 11.30
C ALA I 60 3.37 28.92 11.83
N SER I 61 3.56 29.10 13.13
CA SER I 61 3.37 30.41 13.73
C SER I 61 4.36 30.59 14.87
N ASP I 62 4.57 31.85 15.24
CA ASP I 62 5.45 32.18 16.36
C ASP I 62 4.85 31.68 17.67
N ALA I 63 5.68 31.05 18.48
CA ALA I 63 5.26 30.51 19.77
C ALA I 63 5.34 31.60 20.85
N ARG I 71 -10.04 29.29 22.30
CA ARG I 71 -8.83 30.03 21.99
C ARG I 71 -8.91 30.59 20.57
N ASN I 72 -7.77 30.89 19.96
CA ASN I 72 -7.68 31.43 18.61
C ASN I 72 -7.55 30.30 17.59
N VAL I 73 -8.46 30.25 16.63
CA VAL I 73 -8.48 29.16 15.66
C VAL I 73 -7.18 29.14 14.86
N TRP I 74 -6.55 30.30 14.71
CA TRP I 74 -5.30 30.38 13.96
C TRP I 74 -4.13 29.87 14.78
N ALA I 75 -4.29 29.80 16.11
CA ALA I 75 -3.26 29.32 17.01
C ALA I 75 -3.45 27.84 17.30
N THR I 76 -4.70 27.38 17.22
CA THR I 76 -4.99 25.96 17.38
C THR I 76 -4.40 25.24 16.19
N HIS I 77 -4.61 25.79 15.01
CA HIS I 77 -4.03 25.34 13.76
C HIS I 77 -2.68 26.04 13.71
N CYS I 78 -1.89 25.82 12.66
CA CYS I 78 -0.55 26.40 12.55
C CYS I 78 0.27 26.06 13.80
N CYS I 79 0.16 24.78 14.16
CA CYS I 79 0.75 24.21 15.36
C CYS I 79 2.28 24.28 15.37
N VAL I 80 2.91 24.17 14.22
CA VAL I 80 4.37 24.08 14.19
C VAL I 80 4.98 25.44 14.60
N PRO I 81 5.86 25.48 15.61
CA PRO I 81 6.52 26.74 15.94
C PRO I 81 7.43 27.17 14.80
N THR I 82 7.55 28.47 14.57
CA THR I 82 8.51 28.95 13.60
C THR I 82 9.83 29.26 14.28
N ASP I 83 10.88 29.32 13.48
CA ASP I 83 12.18 29.69 14.02
C ASP I 83 12.21 31.20 14.32
N PRO I 84 12.87 31.62 15.41
CA PRO I 84 13.15 33.04 15.54
C PRO I 84 14.26 33.38 14.58
N ASN I 85 14.29 34.63 14.10
CA ASN I 85 15.34 35.11 13.21
C ASN I 85 15.56 34.10 12.07
N PRO I 86 14.53 33.86 11.26
CA PRO I 86 14.63 32.81 10.24
C PRO I 86 15.64 33.10 9.16
N GLN I 87 16.14 32.01 8.58
CA GLN I 87 17.12 32.07 7.50
C GLN I 87 16.53 32.56 6.19
N GLU I 88 17.30 33.41 5.52
CA GLU I 88 17.06 33.85 4.15
C GLU I 88 18.41 33.83 3.49
N MET I 89 18.53 33.11 2.37
CA MET I 89 19.80 32.95 1.66
C MET I 89 19.69 33.58 0.28
N VAL I 90 20.37 34.70 0.07
CA VAL I 90 20.26 35.42 -1.19
C VAL I 90 21.03 34.65 -2.26
N LEU I 91 20.41 34.48 -3.43
CA LEU I 91 21.02 33.78 -4.55
C LEU I 91 21.64 34.82 -5.47
N GLU I 92 22.97 34.85 -5.52
CA GLU I 92 23.65 35.86 -6.32
C GLU I 92 23.56 35.55 -7.80
N ASN I 93 23.34 36.58 -8.61
CA ASN I 93 23.30 36.46 -10.07
C ASN I 93 22.26 35.42 -10.54
N VAL I 94 21.11 35.37 -9.87
CA VAL I 94 20.03 34.46 -10.24
C VAL I 94 18.79 35.26 -10.62
N THR I 95 18.29 35.02 -11.82
CA THR I 95 17.09 35.65 -12.35
C THR I 95 16.02 34.58 -12.45
N GLU I 96 14.80 34.88 -11.99
CA GLU I 96 13.73 33.88 -12.03
C GLU I 96 12.44 34.54 -12.47
N ASN I 97 11.56 33.77 -13.10
CA ASN I 97 10.27 34.26 -13.56
C ASN I 97 9.19 34.02 -12.52
N PHE I 98 8.58 35.10 -12.03
CA PHE I 98 7.54 35.06 -11.02
C PHE I 98 6.23 35.46 -11.67
N ASN I 99 5.13 34.92 -11.17
CA ASN I 99 3.82 35.29 -11.65
C ASN I 99 2.89 35.35 -10.46
N MET I 100 2.42 36.56 -10.15
CA MET I 100 1.53 36.78 -9.02
C MET I 100 0.23 36.01 -9.19
N TRP I 101 -0.24 35.87 -10.42
CA TRP I 101 -1.46 35.15 -10.75
C TRP I 101 -1.04 33.76 -11.18
N LYS I 102 -1.93 32.80 -10.99
CA LYS I 102 -1.63 31.39 -11.25
C LYS I 102 -0.57 30.91 -10.26
N ASN I 103 -0.64 31.42 -9.03
CA ASN I 103 0.24 31.06 -7.92
C ASN I 103 -0.52 30.10 -7.02
N ASP I 104 -0.07 28.85 -6.96
CA ASP I 104 -0.83 27.84 -6.21
C ASP I 104 -0.82 28.10 -4.71
N MET I 105 0.06 28.98 -4.22
CA MET I 105 0.07 29.28 -2.80
C MET I 105 -1.19 30.03 -2.42
N VAL I 106 -1.75 30.78 -3.35
CA VAL I 106 -2.96 31.55 -3.07
C VAL I 106 -4.14 30.62 -3.01
N GLU I 107 -4.20 29.66 -3.93
CA GLU I 107 -5.33 28.74 -3.93
C GLU I 107 -5.27 27.87 -2.68
N GLN I 108 -4.07 27.48 -2.26
CA GLN I 108 -3.96 26.71 -1.03
C GLN I 108 -4.42 27.54 0.16
N MET I 109 -3.98 28.80 0.24
CA MET I 109 -4.37 29.61 1.38
C MET I 109 -5.88 29.80 1.41
N HIS I 110 -6.48 29.99 0.24
CA HIS I 110 -7.93 30.16 0.15
C HIS I 110 -8.65 28.93 0.69
N GLU I 111 -8.21 27.74 0.24
CA GLU I 111 -8.83 26.51 0.70
C GLU I 111 -8.59 26.29 2.18
N ASP I 112 -7.40 26.62 2.67
CA ASP I 112 -7.10 26.38 4.08
C ASP I 112 -7.90 27.31 4.97
N VAL I 113 -8.09 28.55 4.55
CA VAL I 113 -8.86 29.49 5.36
C VAL I 113 -10.31 29.03 5.43
N ILE I 114 -10.88 28.62 4.29
CA ILE I 114 -12.27 28.20 4.32
C ILE I 114 -12.42 26.93 5.15
N SER I 115 -11.52 25.96 4.95
CA SER I 115 -11.59 24.71 5.69
C SER I 115 -11.47 24.95 7.19
N LEU I 116 -10.54 25.79 7.61
CA LEU I 116 -10.38 26.05 9.03
C LEU I 116 -11.63 26.73 9.59
N TRP I 117 -12.17 27.71 8.85
CA TRP I 117 -13.34 28.42 9.31
C TRP I 117 -14.49 27.45 9.55
N ASP I 118 -14.74 26.58 8.56
CA ASP I 118 -15.84 25.63 8.68
C ASP I 118 -15.60 24.62 9.80
N GLN I 119 -14.35 24.18 9.99
CA GLN I 119 -14.09 23.23 11.06
C GLN I 119 -14.30 23.89 12.41
N SER I 120 -14.00 25.19 12.50
CA SER I 120 -14.18 25.90 13.76
C SER I 120 -15.64 26.11 14.09
N LEU I 121 -16.47 26.38 13.07
CA LEU I 121 -17.89 26.57 13.34
C LEU I 121 -18.66 25.28 13.52
N LYS I 122 -18.24 24.18 12.88
CA LYS I 122 -18.93 22.90 12.93
C LYS I 122 -19.36 22.51 14.36
N PRO I 123 -18.45 22.42 15.35
CA PRO I 123 -18.88 22.02 16.70
C PRO I 123 -19.48 23.18 17.50
N CYS I 124 -20.58 23.76 17.00
CA CYS I 124 -21.21 24.90 17.66
C CYS I 124 -22.72 24.73 17.59
N VAL I 125 -23.41 25.62 18.30
CA VAL I 125 -24.87 25.56 18.41
C VAL I 125 -25.53 25.93 17.09
N LYS I 126 -26.47 25.09 16.67
CA LYS I 126 -27.24 25.34 15.46
C LYS I 126 -28.45 26.17 15.87
N LEU I 127 -28.87 27.08 14.99
CA LEU I 127 -30.03 27.92 15.26
C LEU I 127 -31.27 27.51 14.48
N THR I 128 -31.30 26.29 13.96
CA THR I 128 -32.50 25.79 13.30
C THR I 128 -33.76 25.95 14.17
N PRO I 129 -33.74 25.66 15.47
CA PRO I 129 -34.95 25.86 16.28
C PRO I 129 -35.51 27.27 16.29
N LEU I 130 -34.75 28.27 15.85
CA LEU I 130 -35.21 29.65 15.88
C LEU I 130 -35.89 30.12 14.59
N CYS I 131 -36.03 29.26 13.59
CA CYS I 131 -36.79 29.65 12.40
C CYS I 131 -38.28 29.59 12.71
N VAL I 132 -38.75 30.60 13.44
CA VAL I 132 -40.13 30.73 13.84
C VAL I 132 -40.58 32.13 13.46
N THR I 133 -41.89 32.32 13.43
CA THR I 133 -42.42 33.65 13.14
C THR I 133 -42.04 34.59 14.27
N LEU I 134 -41.48 35.75 13.91
CA LEU I 134 -41.11 36.79 14.87
C LEU I 134 -42.13 37.90 14.80
N GLU I 135 -42.51 38.45 15.95
CA GLU I 135 -43.41 39.60 16.02
C GLU I 135 -42.57 40.81 16.40
N CYS I 136 -42.37 41.75 15.48
CA CYS I 136 -41.43 42.85 15.69
C CYS I 136 -42.16 44.19 15.76
N ARG I 137 -41.70 45.01 16.71
CA ARG I 137 -42.19 46.35 16.98
C ARG I 137 -41.01 47.31 17.04
N GLN I 138 -41.31 48.61 16.95
CA GLN I 138 -40.26 49.62 17.04
C GLN I 138 -39.71 49.64 18.47
N VAL I 139 -38.40 49.88 18.60
CA VAL I 139 -37.79 49.94 19.92
C VAL I 139 -38.31 51.14 20.70
N ASN I 140 -38.35 52.30 20.07
CA ASN I 140 -38.82 53.54 20.70
C ASN I 140 -40.10 54.03 20.03
N GLU I 155 -33.74 50.92 12.29
CA GLU I 155 -32.78 49.90 11.86
C GLU I 155 -32.75 48.70 12.80
N ILE I 156 -33.22 48.90 14.03
CA ILE I 156 -33.24 47.85 15.05
C ILE I 156 -34.68 47.69 15.51
N LYS I 157 -35.18 46.47 15.52
CA LYS I 157 -36.53 46.16 15.95
C LYS I 157 -36.54 45.24 17.16
N ASN I 158 -37.57 45.40 17.99
CA ASN I 158 -37.80 44.59 19.18
C ASN I 158 -38.73 43.45 18.78
N CYS I 159 -38.16 42.27 18.61
CA CYS I 159 -38.86 41.11 18.07
C CYS I 159 -39.06 40.10 19.18
N SER I 160 -40.28 39.57 19.29
CA SER I 160 -40.60 38.52 20.24
C SER I 160 -40.82 37.23 19.47
N PHE I 161 -40.47 36.11 20.10
CA PHE I 161 -40.69 34.81 19.50
C PHE I 161 -40.78 33.74 20.59
N ASN I 162 -41.38 32.60 20.22
CA ASN I 162 -41.50 31.46 21.10
C ASN I 162 -40.40 30.45 20.78
N ALA I 163 -39.35 30.47 21.60
CA ALA I 163 -38.16 29.67 21.41
C ALA I 163 -38.34 28.32 22.11
N THR I 164 -37.58 27.33 21.65
CA THR I 164 -37.60 26.03 22.29
C THR I 164 -36.80 26.07 23.59
N THR I 165 -36.95 25.02 24.38
CA THR I 165 -36.28 24.87 25.67
C THR I 165 -35.66 23.48 25.73
N GLU I 166 -35.03 23.15 26.85
CA GLU I 166 -34.46 21.82 26.99
C GLU I 166 -35.53 20.73 27.05
N LEU I 167 -36.78 21.08 27.33
CA LEU I 167 -37.87 20.11 27.36
C LEU I 167 -38.65 20.24 26.06
N ARG I 168 -39.01 19.10 25.49
CA ARG I 168 -39.71 19.11 24.21
C ARG I 168 -41.17 19.53 24.32
N ASP I 169 -41.74 19.55 25.53
CA ASP I 169 -43.11 19.97 25.75
C ASP I 169 -43.22 21.39 26.28
N LYS I 170 -42.13 22.16 26.30
CA LYS I 170 -42.16 23.53 26.81
C LYS I 170 -41.44 24.46 25.85
N LYS I 171 -42.03 25.65 25.67
CA LYS I 171 -41.46 26.75 24.93
C LYS I 171 -41.35 27.94 25.86
N GLN I 172 -40.53 28.91 25.48
CA GLN I 172 -40.33 30.12 26.27
C GLN I 172 -40.50 31.35 25.39
N LYS I 173 -40.98 32.43 26.00
CA LYS I 173 -41.16 33.69 25.29
C LYS I 173 -39.86 34.47 25.39
N VAL I 174 -39.30 34.85 24.25
CA VAL I 174 -38.02 35.54 24.17
C VAL I 174 -38.21 36.87 23.48
N TYR I 175 -37.68 37.94 24.06
CA TYR I 175 -37.67 39.26 23.48
C TYR I 175 -36.22 39.57 23.13
N ALA I 176 -35.99 39.98 21.89
CA ALA I 176 -34.62 40.26 21.45
C ALA I 176 -34.65 41.38 20.44
N LEU I 177 -33.53 42.09 20.34
CA LEU I 177 -33.39 43.16 19.37
C LEU I 177 -32.61 42.61 18.18
N PHE I 178 -33.12 42.87 16.98
CA PHE I 178 -32.47 42.44 15.75
C PHE I 178 -32.31 43.61 14.82
N TYR I 179 -31.27 43.56 14.01
CA TYR I 179 -31.06 44.57 13.00
C TYR I 179 -32.01 44.28 11.84
N ARG I 180 -32.50 45.35 11.21
CA ARG I 180 -33.41 45.16 10.08
C ARG I 180 -32.78 44.34 8.97
N LEU I 181 -31.45 44.41 8.81
CA LEU I 181 -30.82 43.66 7.73
C LEU I 181 -30.85 42.15 7.96
N ASP I 182 -31.15 41.70 9.18
CA ASP I 182 -31.22 40.29 9.50
C ASP I 182 -32.65 39.77 9.51
N ILE I 183 -33.63 40.62 9.21
CA ILE I 183 -35.04 40.30 9.29
C ILE I 183 -35.67 40.48 7.92
N VAL I 184 -36.45 39.48 7.49
CA VAL I 184 -37.16 39.48 6.21
C VAL I 184 -38.66 39.52 6.48
N PRO I 185 -39.42 40.48 5.95
CA PRO I 185 -40.86 40.52 6.23
C PRO I 185 -41.65 39.40 5.59
N LEU I 186 -42.70 38.98 6.32
CA LEU I 186 -43.67 38.01 5.85
C LEU I 186 -44.94 38.68 5.35
N GLU I 187 -45.26 39.86 5.88
CA GLU I 187 -46.47 40.60 5.56
C GLU I 187 -46.11 42.09 5.49
N GLU I 188 -47.10 42.93 5.16
CA GLU I 188 -46.84 44.36 5.05
C GLU I 188 -46.37 44.91 6.39
N GLU I 189 -45.40 45.81 6.32
CA GLU I 189 -44.84 46.46 7.51
C GLU I 189 -45.65 47.68 7.92
N ARG I 190 -46.18 47.65 9.15
CA ARG I 190 -46.94 48.73 9.74
C ARG I 190 -46.04 49.58 10.61
N LYS I 191 -46.29 50.90 10.64
CA LYS I 191 -45.52 51.75 11.53
C LYS I 191 -45.94 51.53 12.99
N GLY I 192 -47.22 51.28 13.21
CA GLY I 192 -47.74 51.00 14.54
C GLY I 192 -47.93 49.51 14.73
N ASN I 193 -48.51 49.17 15.89
CA ASN I 193 -48.77 47.78 16.24
C ASN I 193 -47.53 46.90 16.09
N SER I 194 -47.58 45.83 15.29
CA SER I 194 -46.44 44.94 15.12
C SER I 194 -46.60 44.26 13.77
N SER I 195 -45.50 43.69 13.27
CA SER I 195 -45.55 42.91 12.04
C SER I 195 -44.77 41.62 12.17
N LYS I 196 -45.21 40.62 11.40
CA LYS I 196 -44.53 39.34 11.36
C LYS I 196 -43.36 39.34 10.37
N TYR I 197 -42.25 38.77 10.82
CA TYR I 197 -41.03 38.62 10.02
C TYR I 197 -40.35 37.31 10.38
N ARG I 198 -39.33 36.96 9.61
CA ARG I 198 -38.53 35.77 9.84
C ARG I 198 -37.05 36.12 9.70
N LEU I 199 -36.19 35.24 10.20
CA LEU I 199 -34.75 35.47 10.06
C LEU I 199 -34.35 35.32 8.60
N ILE I 200 -33.43 36.18 8.17
CA ILE I 200 -32.91 36.11 6.81
C ILE I 200 -32.13 34.82 6.61
N ASN I 201 -32.25 34.24 5.42
CA ASN I 201 -31.63 32.97 5.02
C ASN I 201 -32.28 31.76 5.66
N CYS I 202 -33.38 31.93 6.39
CA CYS I 202 -34.05 30.76 6.95
C CYS I 202 -34.55 29.85 5.84
N ASN I 203 -34.98 30.41 4.71
CA ASN I 203 -35.48 29.57 3.63
C ASN I 203 -34.37 28.99 2.77
N THR I 204 -33.10 29.33 3.04
CA THR I 204 -31.98 28.87 2.24
C THR I 204 -31.13 27.84 2.96
N SER I 205 -30.85 28.00 4.25
CA SER I 205 -30.02 27.04 4.96
C SER I 205 -30.20 27.21 6.46
N ALA I 206 -29.67 26.23 7.19
CA ALA I 206 -29.57 26.35 8.63
C ALA I 206 -28.52 27.41 8.97
N ILE I 207 -28.74 28.10 10.09
CA ILE I 207 -27.82 29.13 10.57
C ILE I 207 -27.08 28.57 11.77
N THR I 208 -25.75 28.61 11.73
CA THR I 208 -24.93 28.09 12.81
C THR I 208 -24.39 29.25 13.64
N GLN I 209 -24.54 29.15 14.95
CA GLN I 209 -24.02 30.17 15.85
C GLN I 209 -22.53 29.98 16.05
N ALA I 210 -21.76 31.05 15.90
CA ALA I 210 -20.34 30.93 16.15
C ALA I 210 -20.16 30.69 17.64
N CYS I 211 -19.21 29.84 17.99
CA CYS I 211 -18.97 29.57 19.41
C CYS I 211 -18.44 30.84 20.10
N PRO I 212 -19.05 31.28 21.21
CA PRO I 212 -18.58 32.54 21.83
C PRO I 212 -17.20 32.45 22.46
N LYS I 213 -16.68 31.25 22.67
CA LYS I 213 -15.38 31.06 23.30
C LYS I 213 -14.27 30.79 22.31
N VAL I 214 -14.57 30.84 21.02
CA VAL I 214 -13.61 30.60 19.95
C VAL I 214 -13.51 31.92 19.20
N THR I 215 -12.30 32.45 19.07
CA THR I 215 -12.07 33.70 18.37
C THR I 215 -11.37 33.46 17.05
N PHE I 216 -11.74 34.28 16.07
CA PHE I 216 -11.19 34.24 14.73
C PHE I 216 -10.26 35.39 14.44
N ASP I 217 -9.86 36.16 15.46
CA ASP I 217 -9.00 37.31 15.29
C ASP I 217 -7.71 36.90 14.58
N PRO I 218 -7.38 37.47 13.42
CA PRO I 218 -6.20 37.01 12.69
C PRO I 218 -4.90 37.31 13.42
N ILE I 219 -3.97 36.38 13.29
CA ILE I 219 -2.61 36.50 13.82
C ILE I 219 -1.68 36.23 12.66
N PRO I 220 -0.42 36.64 12.73
CA PRO I 220 0.48 36.30 11.63
C PRO I 220 0.68 34.80 11.56
N ILE I 221 0.69 34.29 10.33
CA ILE I 221 1.00 32.89 10.06
C ILE I 221 2.07 32.85 8.99
N HIS I 222 2.77 31.71 8.93
CA HIS I 222 3.83 31.50 7.97
C HIS I 222 3.55 30.22 7.22
N TYR I 223 3.72 30.23 5.90
CA TYR I 223 3.63 29.01 5.11
C TYR I 223 5.03 28.49 4.88
N CYS I 224 5.24 27.22 5.17
CA CYS I 224 6.56 26.60 5.13
C CYS I 224 6.54 25.44 4.15
N ALA I 225 7.63 25.32 3.41
CA ALA I 225 7.79 24.25 2.46
C ALA I 225 8.10 22.92 3.15
N PRO I 226 7.60 21.80 2.62
CA PRO I 226 8.06 20.50 3.12
C PRO I 226 9.46 20.24 2.60
N ALA I 227 10.18 19.34 3.27
CA ALA I 227 11.52 19.01 2.83
C ALA I 227 11.50 18.54 1.38
N GLY I 228 12.50 19.00 0.62
CA GLY I 228 12.64 18.70 -0.79
C GLY I 228 12.20 19.85 -1.67
N TYR I 229 11.51 20.84 -1.09
CA TYR I 229 11.00 22.02 -1.75
C TYR I 229 11.58 23.27 -1.08
N ALA I 230 11.53 24.39 -1.80
CA ALA I 230 12.02 25.66 -1.27
C ALA I 230 11.13 26.78 -1.78
N ILE I 231 11.10 27.90 -1.06
CA ILE I 231 10.30 29.06 -1.46
C ILE I 231 11.24 30.15 -1.91
N LEU I 232 11.05 30.64 -3.13
CA LEU I 232 11.85 31.73 -3.66
C LEU I 232 11.10 33.03 -3.45
N LYS I 233 11.78 34.03 -2.92
CA LYS I 233 11.23 35.35 -2.65
C LYS I 233 11.88 36.35 -3.59
N CYS I 234 11.05 37.19 -4.20
CA CYS I 234 11.53 38.25 -5.07
C CYS I 234 11.83 39.47 -4.22
N ASN I 235 13.08 39.90 -4.21
CA ASN I 235 13.53 41.04 -3.42
C ASN I 235 13.67 42.30 -4.25
N ASN I 236 13.16 42.32 -5.47
CA ASN I 236 13.23 43.51 -6.31
C ASN I 236 12.09 44.45 -5.95
N LYS I 237 12.45 45.62 -5.45
CA LYS I 237 11.46 46.62 -5.05
C LYS I 237 10.80 47.17 -6.30
N THR I 238 9.54 47.56 -6.17
CA THR I 238 8.76 48.07 -7.30
C THR I 238 8.73 47.04 -8.43
N PHE I 239 8.50 45.79 -8.05
CA PHE I 239 8.32 44.68 -8.97
C PHE I 239 6.84 44.37 -9.14
N ASN I 240 6.40 44.33 -10.40
CA ASN I 240 5.04 43.98 -10.71
C ASN I 240 5.00 42.46 -10.87
N GLY I 241 3.86 41.89 -11.21
CA GLY I 241 3.76 40.46 -11.39
C GLY I 241 4.14 40.10 -12.82
N THR I 242 3.85 38.84 -13.18
CA THR I 242 4.13 38.29 -14.50
C THR I 242 5.45 38.74 -15.13
N GLY I 243 6.58 38.36 -14.55
CA GLY I 243 7.84 38.76 -15.12
C GLY I 243 9.08 38.34 -14.36
N PRO I 244 10.25 38.57 -14.96
CA PRO I 244 11.51 38.21 -14.30
C PRO I 244 11.83 39.09 -13.10
N CYS I 245 12.45 38.46 -12.10
CA CYS I 245 12.93 39.11 -10.89
C CYS I 245 14.44 38.89 -10.86
N ASN I 246 15.19 39.98 -10.73
CA ASN I 246 16.64 39.96 -10.75
C ASN I 246 17.29 39.91 -9.37
N ASN I 247 16.52 39.79 -8.31
CA ASN I 247 17.06 39.73 -6.95
C ASN I 247 16.19 38.71 -6.21
N VAL I 248 16.63 37.47 -6.19
CA VAL I 248 15.87 36.34 -5.67
C VAL I 248 16.62 35.71 -4.52
N SER I 249 15.94 35.48 -3.41
CA SER I 249 16.50 34.81 -2.25
C SER I 249 15.67 33.56 -1.97
N THR I 250 16.26 32.60 -1.28
CA THR I 250 15.59 31.35 -0.93
C THR I 250 15.28 31.35 0.55
N VAL I 251 14.03 31.03 0.88
CA VAL I 251 13.55 30.96 2.26
C VAL I 251 12.86 29.61 2.47
N GLN I 252 12.76 29.25 3.75
CA GLN I 252 12.03 28.06 4.18
C GLN I 252 10.57 28.35 4.45
N CYS I 253 10.27 29.55 4.93
CA CYS I 253 8.92 29.95 5.30
C CYS I 253 8.69 31.38 4.83
N THR I 254 7.42 31.72 4.61
CA THR I 254 7.05 33.08 4.27
C THR I 254 7.08 33.96 5.51
N HIS I 255 6.95 35.26 5.31
CA HIS I 255 6.86 36.18 6.43
C HIS I 255 5.50 36.01 7.08
N GLY I 256 5.26 36.70 8.18
CA GLY I 256 3.97 36.55 8.83
C GLY I 256 2.90 37.25 8.03
N ILE I 257 1.83 36.52 7.72
CA ILE I 257 0.69 37.01 6.96
C ILE I 257 -0.53 36.93 7.85
N LYS I 258 -1.27 38.03 7.96
CA LYS I 258 -2.48 38.03 8.77
C LYS I 258 -3.67 37.71 7.89
N PRO I 259 -4.47 36.67 8.20
CA PRO I 259 -5.64 36.38 7.33
C PRO I 259 -6.80 37.32 7.59
N VAL I 260 -6.60 38.58 7.24
CA VAL I 260 -7.61 39.62 7.42
C VAL I 260 -8.58 39.58 6.25
N VAL I 261 -9.87 39.61 6.56
CA VAL I 261 -10.95 39.58 5.58
C VAL I 261 -11.57 40.96 5.44
N SER I 262 -11.56 41.48 4.21
CA SER I 262 -12.11 42.78 3.87
C SER I 262 -12.49 42.73 2.39
N THR I 263 -13.34 43.66 1.95
CA THR I 263 -13.74 43.69 0.53
C THR I 263 -13.22 44.84 -0.31
N GLN I 264 -12.91 46.01 0.24
CA GLN I 264 -12.42 47.11 -0.59
C GLN I 264 -11.04 47.59 -0.20
N LEU I 265 -10.79 47.73 1.09
CA LEU I 265 -9.51 48.16 1.62
C LEU I 265 -8.83 46.96 2.25
N LEU I 266 -7.50 46.92 2.20
CA LEU I 266 -6.74 45.87 2.86
C LEU I 266 -6.35 46.48 4.20
N LEU I 267 -6.99 46.01 5.27
CA LEU I 267 -6.91 46.68 6.57
C LEU I 267 -5.64 46.41 7.36
N ASN I 268 -4.87 45.37 7.04
CA ASN I 268 -3.60 45.16 7.69
C ASN I 268 -2.70 44.40 6.73
N GLY I 269 -1.41 44.46 6.97
CA GLY I 269 -0.45 43.72 6.18
C GLY I 269 0.79 44.53 5.93
N SER I 270 1.63 43.99 5.06
CA SER I 270 2.89 44.62 4.70
C SER I 270 2.70 45.82 3.79
N LEU I 271 3.50 46.84 4.00
CA LEU I 271 3.53 48.02 3.15
C LEU I 271 4.63 47.87 2.11
N ALA I 272 4.43 48.49 0.95
CA ALA I 272 5.44 48.44 -0.10
C ALA I 272 6.73 49.07 0.39
N GLU I 273 7.85 48.44 0.05
CA GLU I 273 9.14 48.98 0.46
C GLU I 273 9.52 50.22 -0.33
N GLY I 274 8.92 50.40 -1.50
CA GLY I 274 9.23 51.47 -2.42
C GLY I 274 8.06 52.43 -2.51
N GLU I 275 7.66 52.76 -3.73
CA GLU I 275 6.54 53.64 -4.00
C GLU I 275 5.27 52.81 -4.15
N ILE I 276 4.13 53.47 -4.39
CA ILE I 276 2.87 52.76 -4.52
C ILE I 276 2.90 51.93 -5.79
N ILE I 277 2.57 50.65 -5.69
CA ILE I 277 2.62 49.73 -6.83
C ILE I 277 1.22 49.31 -7.25
N ILE I 278 0.94 49.45 -8.54
CA ILE I 278 -0.32 49.07 -9.17
C ILE I 278 -0.09 47.74 -9.87
N ARG I 279 -0.77 46.66 -9.44
CA ARG I 279 -0.60 45.34 -10.03
C ARG I 279 -1.92 44.81 -10.58
N SER I 280 -1.89 44.31 -11.80
CA SER I 280 -3.08 43.71 -12.41
C SER I 280 -2.64 42.63 -13.40
N GLU I 281 -3.41 41.55 -13.46
CA GLU I 281 -3.11 40.47 -14.40
C GLU I 281 -3.06 40.95 -15.84
N ASN I 282 -3.95 41.85 -16.20
CA ASN I 282 -4.01 42.44 -17.54
C ASN I 282 -4.62 43.81 -17.34
N LEU I 283 -3.77 44.83 -17.26
CA LEU I 283 -4.22 46.14 -16.84
C LEU I 283 -5.21 46.75 -17.84
N THR I 284 -5.09 46.39 -19.12
CA THR I 284 -5.99 46.93 -20.13
C THR I 284 -7.31 46.19 -20.19
N ASN I 285 -7.45 45.08 -19.46
CA ASN I 285 -8.68 44.29 -19.41
C ASN I 285 -9.52 44.83 -18.27
N ASN I 286 -10.72 45.31 -18.57
CA ASN I 286 -11.55 45.96 -17.58
C ASN I 286 -12.37 44.98 -16.74
N VAL I 287 -12.09 43.68 -16.83
CA VAL I 287 -12.76 42.67 -16.03
C VAL I 287 -11.86 42.15 -14.91
N LYS I 288 -10.59 42.59 -14.87
CA LYS I 288 -9.63 42.19 -13.85
C LYS I 288 -9.65 43.21 -12.73
N THR I 289 -9.34 42.74 -11.53
CA THR I 289 -9.26 43.61 -10.36
C THR I 289 -7.83 44.10 -10.18
N ILE I 290 -7.68 45.40 -9.94
CA ILE I 290 -6.38 46.03 -9.75
C ILE I 290 -6.08 46.09 -8.27
N ILE I 291 -4.91 45.57 -7.87
CA ILE I 291 -4.48 45.57 -6.48
C ILE I 291 -3.44 46.68 -6.33
N VAL I 292 -3.71 47.62 -5.43
CA VAL I 292 -2.82 48.76 -5.18
C VAL I 292 -2.17 48.56 -3.82
N HIS I 293 -0.84 48.48 -3.81
CA HIS I 293 -0.08 48.34 -2.56
C HIS I 293 0.50 49.71 -2.23
N LEU I 294 0.13 50.23 -1.07
CA LEU I 294 0.57 51.53 -0.61
C LEU I 294 1.89 51.38 0.12
N ASN I 295 2.71 52.44 0.09
CA ASN I 295 3.97 52.45 0.83
C ASN I 295 3.84 53.13 2.19
N GLU I 296 2.66 53.69 2.49
CA GLU I 296 2.37 54.33 3.76
C GLU I 296 0.95 53.93 4.10
N SER I 297 0.68 53.65 5.38
CA SER I 297 -0.66 53.28 5.77
C SER I 297 -1.51 54.50 6.07
N VAL I 298 -2.82 54.30 6.04
CA VAL I 298 -3.81 55.31 6.44
C VAL I 298 -4.58 54.78 7.63
N GLU I 299 -4.65 55.55 8.70
CA GLU I 299 -5.33 55.07 9.90
C GLU I 299 -6.84 55.27 9.80
N ILE I 300 -7.58 54.18 10.03
CA ILE I 300 -9.03 54.17 10.06
C ILE I 300 -9.48 53.57 11.39
N VAL I 301 -10.31 54.30 12.13
CA VAL I 301 -10.80 53.87 13.43
C VAL I 301 -12.30 53.64 13.31
N CYS I 302 -12.75 52.43 13.62
CA CYS I 302 -14.14 52.04 13.46
C CYS I 302 -14.73 51.76 14.82
N THR I 303 -16.01 52.11 14.99
CA THR I 303 -16.68 51.88 16.25
C THR I 303 -18.18 51.67 16.09
N ARG I 304 -18.71 50.97 17.10
CA ARG I 304 -20.14 50.71 17.28
C ARG I 304 -20.53 51.31 18.62
N PRO I 305 -21.06 52.55 18.66
CA PRO I 305 -21.36 53.25 19.92
C PRO I 305 -22.69 52.84 20.53
N ASN I 306 -22.86 51.56 20.86
CA ASN I 306 -24.10 51.06 21.41
C ASN I 306 -23.83 50.20 22.63
N ASN I 307 -24.38 50.62 23.77
CA ASN I 307 -24.15 50.01 25.07
C ASN I 307 -25.07 48.78 25.16
N ASN I 308 -24.70 47.74 24.43
CA ASN I 308 -25.53 46.55 24.34
C ASN I 308 -25.48 45.72 25.61
N THR I 309 -26.65 45.26 26.04
CA THR I 309 -26.81 44.33 27.15
C THR I 309 -27.19 43.02 26.50
N VAL I 310 -26.34 42.00 26.72
CA VAL I 310 -26.46 40.68 26.11
C VAL I 310 -27.06 39.68 27.10
N LYS I 311 -28.07 38.96 26.63
CA LYS I 311 -28.80 37.96 27.40
C LYS I 311 -28.62 36.63 26.69
N SER I 312 -28.84 35.53 27.40
CA SER I 312 -28.76 34.22 26.78
C SER I 312 -29.80 33.27 27.36
N ILE I 313 -30.23 32.34 26.51
CA ILE I 313 -31.20 31.30 26.86
C ILE I 313 -30.73 29.95 26.34
N ARG I 314 -31.23 28.87 26.94
CA ARG I 314 -31.03 27.55 26.38
C ARG I 314 -32.13 27.27 25.38
N ILE I 315 -31.75 26.63 24.26
CA ILE I 315 -32.67 26.21 23.22
C ILE I 315 -32.62 24.70 22.99
N GLY I 316 -31.95 23.97 23.88
CA GLY I 316 -31.81 22.54 23.77
C GLY I 316 -30.82 22.08 24.82
N PRO I 317 -30.62 20.77 24.94
CA PRO I 317 -29.64 20.30 25.94
C PRO I 317 -28.24 20.83 25.66
N GLY I 318 -27.74 21.69 26.54
CA GLY I 318 -26.41 22.25 26.35
C GLY I 318 -26.29 23.27 25.25
N GLN I 319 -27.40 23.71 24.67
CA GLN I 319 -27.40 24.61 23.50
C GLN I 319 -27.81 26.01 23.96
N TRP I 320 -26.82 26.89 24.15
CA TRP I 320 -27.07 28.26 24.57
C TRP I 320 -27.12 29.18 23.37
N PHE I 321 -28.12 30.05 23.34
CA PHE I 321 -28.30 31.04 22.29
C PHE I 321 -28.06 32.43 22.88
N TYR I 322 -27.22 33.22 22.21
CA TYR I 322 -26.87 34.56 22.67
C TYR I 322 -27.50 35.59 21.75
N TYR I 323 -28.07 36.63 22.34
CA TYR I 323 -28.74 37.68 21.61
C TYR I 323 -28.63 38.98 22.38
N THR I 324 -28.89 40.08 21.70
CA THR I 324 -28.86 41.39 22.34
C THR I 324 -30.17 41.57 23.07
N GLY I 325 -30.08 41.84 24.38
CA GLY I 325 -31.26 42.01 25.20
C GLY I 325 -31.75 43.43 25.18
N ASP I 326 -30.86 44.39 25.40
CA ASP I 326 -31.28 45.79 25.46
C ASP I 326 -30.14 46.71 25.04
N ILE I 327 -30.47 48.00 24.95
CA ILE I 327 -29.52 49.07 24.70
C ILE I 327 -29.70 50.05 25.83
N ILE I 328 -28.64 50.33 26.58
CA ILE I 328 -28.78 51.15 27.77
C ILE I 328 -28.96 52.62 27.43
N GLY I 329 -28.18 53.14 26.49
CA GLY I 329 -28.25 54.54 26.10
C GLY I 329 -29.02 54.77 24.82
N ASN I 330 -28.62 55.80 24.09
CA ASN I 330 -29.27 56.16 22.84
C ASN I 330 -28.87 55.16 21.77
N ILE I 331 -29.76 54.97 20.80
CA ILE I 331 -29.43 54.11 19.66
C ILE I 331 -28.72 54.98 18.64
N ARG I 332 -27.53 54.56 18.23
CA ARG I 332 -26.69 55.30 17.33
C ARG I 332 -26.19 54.42 16.19
N GLN I 333 -25.91 55.05 15.06
CA GLN I 333 -25.37 54.35 13.91
C GLN I 333 -23.87 54.13 14.09
N ALA I 334 -23.40 52.95 13.69
CA ALA I 334 -21.96 52.66 13.75
C ALA I 334 -21.25 53.49 12.69
N TYR I 335 -19.97 53.75 12.92
CA TYR I 335 -19.24 54.57 11.95
C TYR I 335 -17.75 54.32 12.02
N CYS I 336 -17.06 54.77 10.97
CA CYS I 336 -15.61 54.77 10.91
C CYS I 336 -15.10 56.17 10.64
N ASN I 337 -13.94 56.50 11.19
CA ASN I 337 -13.26 57.78 10.98
C ASN I 337 -11.89 57.51 10.41
N ILE I 338 -11.67 57.93 9.17
CA ILE I 338 -10.40 57.74 8.47
C ILE I 338 -9.73 59.10 8.36
N LYS I 339 -8.43 59.18 8.66
CA LYS I 339 -7.77 60.50 8.61
C LYS I 339 -7.91 61.12 7.22
N LYS I 340 -8.38 62.37 7.18
CA LYS I 340 -8.66 63.03 5.90
C LYS I 340 -7.41 63.39 5.11
N ASP I 341 -6.37 63.90 5.78
CA ASP I 341 -5.20 64.33 5.01
C ASP I 341 -4.45 63.15 4.44
N ASP I 342 -4.41 62.04 5.18
CA ASP I 342 -3.67 60.89 4.69
C ASP I 342 -4.42 60.25 3.53
N TRP I 343 -5.74 60.22 3.63
CA TRP I 343 -6.53 59.66 2.54
C TRP I 343 -6.39 60.50 1.29
N ILE I 344 -6.41 61.82 1.44
CA ILE I 344 -6.31 62.69 0.26
C ILE I 344 -4.95 62.51 -0.40
N ARG I 345 -3.87 62.48 0.39
CA ARG I 345 -2.56 62.27 -0.23
C ARG I 345 -2.50 60.91 -0.91
N THR I 346 -3.10 59.90 -0.27
CA THR I 346 -3.10 58.55 -0.81
C THR I 346 -3.77 58.51 -2.17
N LEU I 347 -4.93 59.15 -2.30
CA LEU I 347 -5.59 59.11 -3.59
C LEU I 347 -4.89 59.99 -4.61
N GLN I 348 -4.23 61.07 -4.19
CA GLN I 348 -3.49 61.84 -5.19
C GLN I 348 -2.36 61.02 -5.77
N ARG I 349 -1.70 60.23 -4.92
CA ARG I 349 -0.59 59.40 -5.38
C ARG I 349 -1.08 58.24 -6.23
N VAL I 350 -2.22 57.65 -5.86
CA VAL I 350 -2.77 56.56 -6.65
C VAL I 350 -3.22 57.09 -8.00
N GLY I 351 -3.88 58.26 -8.01
CA GLY I 351 -4.32 58.83 -9.26
C GLY I 351 -3.15 59.12 -10.19
N LYS I 352 -2.04 59.62 -9.62
CA LYS I 352 -0.86 59.88 -10.44
C LYS I 352 -0.33 58.59 -11.06
N LYS I 353 -0.25 57.52 -10.27
CA LYS I 353 0.27 56.27 -10.85
C LYS I 353 -0.68 55.71 -11.89
N LEU I 354 -1.99 55.82 -11.66
CA LEU I 354 -2.93 55.32 -12.66
C LEU I 354 -2.81 56.15 -13.93
N ALA I 355 -2.60 57.46 -13.78
CA ALA I 355 -2.42 58.31 -14.95
C ALA I 355 -1.19 57.89 -15.73
N GLU I 356 -0.14 57.43 -15.02
CA GLU I 356 1.03 56.93 -15.73
C GLU I 356 0.68 55.65 -16.50
N HIS I 357 -0.16 54.81 -15.88
CA HIS I 357 -0.55 53.57 -16.53
C HIS I 357 -1.61 53.79 -17.61
N PHE I 358 -2.41 54.85 -17.48
CA PHE I 358 -3.47 55.21 -18.41
C PHE I 358 -3.22 56.64 -18.89
N PRO I 359 -2.26 56.84 -19.79
CA PRO I 359 -1.88 58.19 -20.18
C PRO I 359 -2.98 58.87 -20.99
N ARG I 360 -2.98 60.21 -20.93
CA ARG I 360 -3.94 61.04 -21.66
C ARG I 360 -5.37 60.72 -21.25
N ARG I 361 -5.59 60.47 -19.96
CA ARG I 361 -6.92 60.23 -19.43
C ARG I 361 -7.04 60.90 -18.08
N ILE I 362 -8.27 61.30 -17.74
CA ILE I 362 -8.62 61.83 -16.44
C ILE I 362 -8.95 60.64 -15.56
N ILE I 363 -8.57 60.66 -14.29
CA ILE I 363 -8.83 59.53 -13.40
C ILE I 363 -9.92 59.90 -12.41
N ASN I 364 -11.07 59.22 -12.50
CA ASN I 364 -12.23 59.49 -11.66
C ASN I 364 -12.44 58.36 -10.66
N PHE I 365 -12.20 58.63 -9.38
CA PHE I 365 -12.47 57.67 -8.31
C PHE I 365 -13.89 57.94 -7.83
N THR I 366 -14.81 57.03 -8.16
CA THR I 366 -16.23 57.16 -7.85
C THR I 366 -16.66 56.03 -6.93
N GLN I 367 -17.85 56.18 -6.37
CA GLN I 367 -18.45 55.13 -5.56
C GLN I 367 -18.85 53.94 -6.44
N PRO I 368 -19.00 52.75 -5.85
CA PRO I 368 -19.41 51.59 -6.65
C PRO I 368 -20.86 51.70 -7.13
N ALA I 369 -21.16 50.95 -8.18
CA ALA I 369 -22.50 50.89 -8.71
C ALA I 369 -23.41 50.18 -7.72
N GLY I 370 -24.71 50.50 -7.77
CA GLY I 370 -25.63 49.89 -6.83
C GLY I 370 -25.76 48.39 -7.02
N GLY I 371 -25.98 47.71 -5.90
CA GLY I 371 -26.11 46.27 -5.89
C GLY I 371 -26.18 45.78 -4.46
N ASP I 372 -26.05 44.46 -4.31
CA ASP I 372 -26.15 43.84 -2.99
C ASP I 372 -25.15 44.47 -2.03
N LEU I 373 -25.58 44.65 -0.77
CA LEU I 373 -24.75 45.29 0.24
C LEU I 373 -23.36 44.66 0.31
N GLU I 374 -23.29 43.33 0.25
CA GLU I 374 -22.03 42.61 0.36
C GLU I 374 -21.01 42.92 -0.73
N ILE I 375 -21.43 43.52 -1.85
CA ILE I 375 -20.52 43.82 -2.96
C ILE I 375 -20.38 45.31 -3.24
N THR I 376 -21.04 46.18 -2.49
CA THR I 376 -20.95 47.62 -2.69
C THR I 376 -20.33 48.36 -1.51
N THR I 377 -20.26 47.76 -0.34
CA THR I 377 -19.72 48.33 0.88
C THR I 377 -18.39 47.69 1.25
N HIS I 378 -17.71 48.35 2.18
CA HIS I 378 -16.47 47.88 2.77
C HIS I 378 -16.82 47.03 3.97
N SER I 379 -16.59 45.73 3.86
CA SER I 379 -16.94 44.78 4.90
C SER I 379 -15.73 44.47 5.75
N PHE I 380 -15.93 44.32 7.06
CA PHE I 380 -14.83 43.85 7.90
C PHE I 380 -15.34 43.30 9.22
N ASN I 381 -14.48 42.51 9.85
CA ASN I 381 -14.73 41.89 11.15
C ASN I 381 -13.98 42.64 12.25
N CYS I 382 -14.72 43.38 13.09
CA CYS I 382 -14.18 44.19 14.19
C CYS I 382 -14.57 43.51 15.51
N ARG I 383 -13.62 42.78 16.10
CA ARG I 383 -13.84 42.00 17.32
C ARG I 383 -15.01 41.05 17.20
N GLY I 384 -15.21 40.46 16.03
CA GLY I 384 -16.30 39.52 15.86
C GLY I 384 -17.58 40.12 15.31
N GLU I 385 -17.68 41.45 15.25
CA GLU I 385 -18.87 42.10 14.70
C GLU I 385 -18.60 42.37 13.24
N PHE I 386 -19.61 42.24 12.41
CA PHE I 386 -19.46 42.44 10.97
C PHE I 386 -20.05 43.77 10.54
N PHE I 387 -19.15 44.66 10.11
CA PHE I 387 -19.42 46.01 9.68
C PHE I 387 -19.49 46.04 8.17
N TYR I 388 -20.45 46.82 7.64
CA TYR I 388 -20.64 47.06 6.22
C TYR I 388 -20.71 48.57 6.02
N CYS I 389 -19.54 49.17 5.79
CA CYS I 389 -19.36 50.62 5.78
C CYS I 389 -19.53 51.15 4.37
N ASN I 390 -20.32 52.21 4.22
CA ASN I 390 -20.61 52.77 2.90
C ASN I 390 -19.56 53.82 2.58
N THR I 391 -18.49 53.37 1.92
CA THR I 391 -17.33 54.20 1.61
C THR I 391 -17.52 55.04 0.36
N SER I 392 -18.67 55.69 0.19
CA SER I 392 -18.88 56.51 -1.01
C SER I 392 -18.21 57.87 -0.86
N SER I 393 -18.07 58.34 0.38
CA SER I 393 -17.42 59.64 0.61
C SER I 393 -15.92 59.58 0.42
N LEU I 394 -15.33 58.38 0.34
CA LEU I 394 -13.90 58.23 0.18
C LEU I 394 -13.46 58.15 -1.27
N PHE I 395 -14.37 57.85 -2.20
CA PHE I 395 -14.04 57.69 -3.61
C PHE I 395 -15.01 58.61 -4.34
N ASN I 396 -14.70 59.90 -4.26
CA ASN I 396 -15.53 60.98 -4.76
C ASN I 396 -14.58 62.08 -5.25
N SER I 397 -13.69 61.75 -6.18
CA SER I 397 -12.70 62.75 -6.58
C SER I 397 -12.18 62.47 -7.98
N THR I 398 -11.59 63.51 -8.57
CA THR I 398 -10.98 63.43 -9.89
C THR I 398 -9.53 63.92 -9.85
N TYR I 399 -8.65 63.14 -10.46
CA TYR I 399 -7.25 63.51 -10.67
C TYR I 399 -7.10 63.99 -12.11
N ASN I 400 -6.57 65.20 -12.26
CA ASN I 400 -6.22 65.90 -13.52
C ASN I 400 -6.64 65.25 -14.84
N LEU I 415 -10.89 67.04 10.68
CA LEU I 415 -9.67 66.33 10.33
C LEU I 415 -9.94 64.93 9.80
N ASP I 416 -11.04 64.32 10.22
CA ASP I 416 -11.41 62.96 9.85
C ASP I 416 -12.59 62.95 8.89
N ILE I 417 -12.68 61.86 8.11
CA ILE I 417 -13.80 61.59 7.23
C ILE I 417 -14.63 60.51 7.91
N THR I 418 -15.90 60.82 8.19
CA THR I 418 -16.80 59.88 8.85
C THR I 418 -17.57 59.09 7.81
N ILE I 419 -17.55 57.77 7.95
CA ILE I 419 -18.20 56.81 7.05
C ILE I 419 -19.32 56.12 7.82
N PRO I 420 -20.58 56.19 7.39
CA PRO I 420 -21.63 55.46 8.12
C PRO I 420 -21.47 53.97 7.88
N CYS I 421 -21.74 53.17 8.90
CA CYS I 421 -21.63 51.72 8.78
C CYS I 421 -22.88 51.02 9.29
N ARG I 422 -23.19 49.90 8.66
CA ARG I 422 -24.29 49.02 9.05
C ARG I 422 -23.66 47.80 9.71
N ILE I 423 -24.41 47.15 10.61
CA ILE I 423 -23.93 45.96 11.30
C ILE I 423 -24.87 44.81 10.97
N LYS I 424 -24.30 43.63 10.70
CA LYS I 424 -25.12 42.43 10.46
C LYS I 424 -24.69 41.33 11.39
N GLN I 425 -25.65 40.50 11.79
CA GLN I 425 -25.37 39.32 12.59
C GLN I 425 -25.40 38.01 11.81
N ILE I 426 -26.14 37.93 10.70
CA ILE I 426 -26.23 36.70 9.89
C ILE I 426 -25.39 36.92 8.63
N ILE I 427 -24.27 36.21 8.54
CA ILE I 427 -23.24 36.44 7.52
C ILE I 427 -23.16 35.26 6.57
N ASN I 428 -23.25 35.52 5.26
CA ASN I 428 -23.01 34.50 4.24
C ASN I 428 -21.58 34.72 3.78
N MET I 429 -20.67 33.89 4.27
CA MET I 429 -19.25 34.05 3.99
C MET I 429 -18.82 33.33 2.71
N TRP I 430 -17.69 33.79 2.18
CA TRP I 430 -16.98 33.15 1.06
C TRP I 430 -17.83 33.05 -0.20
N GLN I 431 -18.83 33.92 -0.35
CA GLN I 431 -19.73 33.93 -1.50
C GLN I 431 -20.46 32.60 -1.67
N ARG I 432 -20.72 31.90 -0.58
CA ARG I 432 -21.46 30.65 -0.64
C ARG I 432 -22.95 30.90 -0.44
N VAL I 433 -23.75 29.96 -0.94
CA VAL I 433 -25.19 29.98 -0.73
C VAL I 433 -25.48 28.96 0.34
N GLY I 434 -26.04 29.42 1.43
CA GLY I 434 -26.30 28.59 2.59
C GLY I 434 -25.10 28.61 3.51
N GLN I 435 -25.13 27.73 4.51
CA GLN I 435 -24.10 27.71 5.55
C GLN I 435 -23.95 29.07 6.22
N ALA I 436 -25.08 29.72 6.50
CA ALA I 436 -25.04 31.02 7.15
C ALA I 436 -24.49 30.90 8.56
N MET I 437 -23.76 31.93 8.98
CA MET I 437 -23.20 32.02 10.32
C MET I 437 -23.90 33.14 11.09
N TYR I 438 -24.15 32.92 12.36
CA TYR I 438 -24.70 33.93 13.26
C TYR I 438 -23.59 34.40 14.20
N ALA I 439 -23.37 35.72 14.25
CA ALA I 439 -22.35 36.30 15.10
C ALA I 439 -22.97 36.80 16.40
N PRO I 440 -22.66 36.22 17.57
CA PRO I 440 -23.26 36.70 18.80
C PRO I 440 -22.87 38.14 19.06
N PRO I 441 -23.73 38.92 19.73
CA PRO I 441 -23.36 40.28 20.10
C PRO I 441 -22.36 40.32 21.24
N ILE I 442 -21.62 41.42 21.30
CA ILE I 442 -20.71 41.72 22.40
C ILE I 442 -21.24 42.91 23.19
N GLU I 443 -21.25 42.76 24.51
CA GLU I 443 -21.74 43.79 25.42
C GLU I 443 -20.89 45.06 25.37
N GLY I 444 -21.53 46.19 25.61
CA GLY I 444 -20.87 47.48 25.58
C GLY I 444 -20.62 47.93 24.15
N ASN I 445 -19.74 48.92 24.00
CA ASN I 445 -19.45 49.47 22.69
C ASN I 445 -18.18 48.82 22.15
N ILE I 446 -18.05 48.86 20.82
CA ILE I 446 -16.93 48.25 20.10
C ILE I 446 -16.08 49.31 19.41
N THR I 447 -14.76 49.22 19.59
CA THR I 447 -13.83 50.06 18.85
C THR I 447 -12.68 49.20 18.34
N CYS I 448 -12.14 49.57 17.19
CA CYS I 448 -10.93 48.96 16.65
C CYS I 448 -10.24 49.96 15.74
N LYS I 449 -8.94 49.76 15.53
CA LYS I 449 -8.11 50.63 14.71
C LYS I 449 -7.33 49.81 13.70
N SER I 450 -7.45 50.16 12.41
CA SER I 450 -6.79 49.45 11.34
C SER I 450 -5.87 50.37 10.54
N ASN I 451 -4.86 49.77 9.94
CA ASN I 451 -3.90 50.45 9.07
C ASN I 451 -4.22 50.07 7.64
N ILE I 452 -4.82 50.97 6.87
CA ILE I 452 -5.16 50.64 5.49
C ILE I 452 -3.85 50.62 4.72
N THR I 453 -3.54 49.47 4.10
CA THR I 453 -2.31 49.24 3.37
C THR I 453 -2.50 49.15 1.86
N GLY I 454 -3.72 48.99 1.37
CA GLY I 454 -3.90 48.88 -0.06
C GLY I 454 -5.35 49.00 -0.44
N LEU I 455 -5.58 49.01 -1.75
CA LEU I 455 -6.90 49.17 -2.33
C LEU I 455 -7.18 48.13 -3.41
N LEU I 456 -8.43 47.70 -3.50
CA LEU I 456 -8.90 46.87 -4.61
C LEU I 456 -9.78 47.74 -5.49
N LEU I 457 -9.33 48.04 -6.71
CA LEU I 457 -10.04 48.92 -7.63
C LEU I 457 -10.45 48.15 -8.87
N VAL I 458 -11.60 48.52 -9.43
CA VAL I 458 -12.10 47.94 -10.67
C VAL I 458 -12.37 49.08 -11.65
N ARG I 459 -11.82 48.96 -12.85
CA ARG I 459 -12.02 49.98 -13.89
C ARG I 459 -13.29 49.69 -14.66
N ASP I 460 -14.04 50.74 -14.98
CA ASP I 460 -15.27 50.56 -15.75
C ASP I 460 -14.98 50.14 -17.19
N GLY I 461 -13.94 50.70 -17.78
CA GLY I 461 -13.62 50.42 -19.17
C GLY I 461 -14.60 51.02 -20.14
N GLU I 467 -12.45 60.59 -22.53
CA GLU I 467 -11.15 60.94 -21.98
C GLU I 467 -11.04 60.69 -20.48
N THR I 468 -12.10 60.18 -19.85
CA THR I 468 -12.11 59.93 -18.41
C THR I 468 -12.24 58.44 -18.12
N GLU I 469 -11.34 57.95 -17.28
CA GLU I 469 -11.38 56.58 -16.78
C GLU I 469 -12.02 56.61 -15.41
N ILE I 470 -12.90 55.64 -15.14
CA ILE I 470 -13.58 55.55 -13.86
C ILE I 470 -13.11 54.30 -13.14
N PHE I 471 -12.65 54.48 -11.91
CA PHE I 471 -12.18 53.42 -11.04
C PHE I 471 -13.12 53.41 -9.85
N ARG I 472 -13.60 52.23 -9.48
CA ARG I 472 -14.53 52.08 -8.38
C ARG I 472 -13.96 51.10 -7.38
N PRO I 473 -14.33 51.20 -6.10
CA PRO I 473 -13.98 50.12 -5.18
C PRO I 473 -14.65 48.83 -5.63
N GLY I 474 -13.99 47.72 -5.34
CA GLY I 474 -14.58 46.44 -5.65
C GLY I 474 -13.79 45.35 -4.97
N GLY I 475 -14.31 44.14 -5.10
CA GLY I 475 -13.71 43.01 -4.44
C GLY I 475 -14.76 41.96 -4.17
N GLY I 476 -14.47 41.14 -3.17
CA GLY I 476 -15.31 40.04 -2.77
C GLY I 476 -14.73 38.69 -3.15
N ASP I 477 -13.79 38.65 -4.08
CA ASP I 477 -13.09 37.41 -4.41
C ASP I 477 -11.90 37.43 -3.46
N MET I 478 -11.99 36.61 -2.42
CA MET I 478 -11.03 36.69 -1.33
C MET I 478 -9.61 36.37 -1.75
N ARG I 479 -9.42 35.70 -2.89
CA ARG I 479 -8.08 35.36 -3.32
C ARG I 479 -7.23 36.60 -3.54
N ASN I 480 -7.88 37.70 -3.93
CA ASN I 480 -7.13 38.92 -4.20
C ASN I 480 -6.54 39.47 -2.92
N ASN I 481 -7.16 39.21 -1.76
CA ASN I 481 -6.55 39.78 -0.57
C ASN I 481 -5.30 39.01 -0.22
N TRP I 482 -5.36 37.68 -0.37
CA TRP I 482 -4.24 36.84 0.01
C TRP I 482 -3.15 36.90 -1.04
N ARG I 483 -3.57 37.12 -2.29
CA ARG I 483 -2.60 37.28 -3.36
C ARG I 483 -1.78 38.53 -3.11
N SER I 484 -2.38 39.53 -2.44
CA SER I 484 -1.68 40.78 -2.17
C SER I 484 -0.52 40.57 -1.23
N GLU I 485 -0.46 39.44 -0.53
CA GLU I 485 0.65 39.13 0.34
C GLU I 485 1.59 38.10 -0.27
N LEU I 486 1.06 37.17 -1.06
CA LEU I 486 1.84 36.09 -1.64
C LEU I 486 2.41 36.42 -3.01
N TYR I 487 2.27 37.66 -3.47
CA TYR I 487 2.73 38.03 -4.80
C TYR I 487 4.23 37.82 -5.00
N LYS I 488 5.03 37.84 -3.94
CA LYS I 488 6.48 37.72 -4.05
C LYS I 488 7.03 36.32 -3.80
N TYR I 489 6.19 35.31 -3.58
CA TYR I 489 6.69 33.96 -3.28
C TYR I 489 6.36 32.99 -4.40
N LYS I 490 7.28 32.07 -4.63
CA LYS I 490 7.15 30.98 -5.59
C LYS I 490 7.61 29.70 -4.91
N VAL I 491 6.96 28.58 -5.18
CA VAL I 491 7.38 27.29 -4.62
C VAL I 491 8.06 26.48 -5.70
N VAL I 492 9.28 25.99 -5.44
CA VAL I 492 10.02 25.19 -6.40
C VAL I 492 10.48 23.90 -5.76
N GLU I 493 10.72 22.90 -6.62
CA GLU I 493 11.20 21.58 -6.24
C GLU I 493 12.67 21.44 -6.59
N ILE I 494 13.46 20.92 -5.67
CA ILE I 494 14.89 20.69 -5.88
C ILE I 494 15.12 19.40 -6.64
N LYS I 495 15.96 19.46 -7.69
CA LYS I 495 16.28 18.32 -8.55
C LYS I 495 17.77 17.99 -8.40
N PRO I 496 18.14 17.14 -7.42
CA PRO I 496 19.55 16.97 -7.08
C PRO I 496 20.44 16.30 -8.12
N LEU I 497 19.89 15.65 -9.13
CA LEU I 497 20.71 14.97 -10.14
C LEU I 497 21.04 15.88 -11.33
N GLY I 498 22.22 15.66 -11.89
CA GLY I 498 22.62 16.33 -13.11
C GLY I 498 23.80 15.62 -13.74
N ILE I 499 24.03 15.93 -15.01
CA ILE I 499 25.08 15.30 -15.81
C ILE I 499 25.94 16.35 -16.48
N ALA I 500 27.25 16.14 -16.49
CA ALA I 500 28.14 17.06 -17.19
C ALA I 500 29.37 16.34 -17.73
N PRO I 501 29.98 16.84 -18.81
CA PRO I 501 31.24 16.24 -19.29
C PRO I 501 32.42 16.52 -18.37
N THR I 502 33.32 15.54 -18.29
CA THR I 502 34.56 15.62 -17.53
C THR I 502 35.70 15.08 -18.38
N ARG I 503 36.91 15.15 -17.82
CA ARG I 503 38.11 14.57 -18.41
C ARG I 503 38.44 13.18 -17.86
N CYS I 504 37.76 12.76 -16.79
CA CYS I 504 38.05 11.50 -16.09
C CYS I 504 37.13 10.36 -16.50
N LYS I 505 37.72 9.26 -16.97
CA LYS I 505 36.99 8.07 -17.36
C LYS I 505 36.84 7.14 -16.16
N ARG I 506 35.73 6.41 -16.11
CA ARG I 506 35.48 5.44 -15.05
C ARG I 506 36.58 4.40 -14.91
N ARG I 507 37.09 3.89 -16.04
CA ARG I 507 38.12 2.83 -16.05
C ARG I 507 37.73 1.64 -15.16
N LEU J 39 42.07 3.05 18.41
CA LEU J 39 43.07 3.63 17.52
C LEU J 39 42.36 4.21 16.29
N TRP J 40 41.48 3.44 15.66
CA TRP J 40 40.72 3.86 14.48
C TRP J 40 39.23 3.75 14.78
N VAL J 41 38.42 4.59 14.14
CA VAL J 41 36.97 4.53 14.33
C VAL J 41 36.38 3.41 13.48
N THR J 42 35.48 2.62 14.08
CA THR J 42 34.71 1.59 13.39
C THR J 42 33.23 1.82 13.61
N VAL J 43 32.47 1.71 12.53
CA VAL J 43 31.02 1.87 12.55
C VAL J 43 30.38 0.48 12.62
N TYR J 44 29.49 0.30 13.59
CA TYR J 44 28.78 -0.94 13.83
C TYR J 44 27.29 -0.67 13.66
N TYR J 45 26.59 -1.61 13.03
CA TYR J 45 25.15 -1.55 12.87
C TYR J 45 24.59 -2.79 13.55
N GLY J 46 23.60 -2.60 14.40
CA GLY J 46 23.01 -3.66 15.17
C GLY J 46 23.43 -3.63 16.62
N VAL J 47 23.91 -2.48 17.09
CA VAL J 47 24.41 -2.29 18.46
C VAL J 47 23.27 -2.43 19.46
N PRO J 48 23.40 -3.23 20.55
CA PRO J 48 22.30 -3.43 21.51
C PRO J 48 22.10 -2.24 22.43
N VAL J 49 21.73 -1.10 21.85
CA VAL J 49 21.53 0.16 22.58
C VAL J 49 20.15 0.69 22.23
N TRP J 50 19.50 1.31 23.23
CA TRP J 50 18.19 1.89 23.07
C TRP J 50 18.08 3.18 23.86
N LYS J 51 17.10 4.00 23.48
CA LYS J 51 16.80 5.24 24.17
C LYS J 51 15.31 5.34 24.42
N ASP J 52 14.93 6.05 25.48
CA ASP J 52 13.53 6.24 25.80
C ASP J 52 12.81 6.93 24.66
N ALA J 53 11.63 6.45 24.31
CA ALA J 53 10.86 7.04 23.23
C ALA J 53 9.38 6.82 23.43
N GLU J 54 8.59 7.77 22.92
CA GLU J 54 7.13 7.70 22.94
C GLU J 54 6.62 7.35 21.56
N THR J 55 5.94 6.21 21.44
CA THR J 55 5.41 5.75 20.12
C THR J 55 4.05 5.08 20.34
N THR J 56 3.23 5.04 19.28
CA THR J 56 1.89 4.38 19.38
C THR J 56 2.07 2.88 19.50
N LEU J 57 1.39 2.25 20.47
CA LEU J 57 1.48 0.78 20.65
C LEU J 57 0.14 0.14 20.29
N PHE J 58 0.14 -0.78 19.32
CA PHE J 58 -1.13 -1.40 18.86
C PHE J 58 -1.67 -2.37 19.93
N CYS J 59 -2.99 -2.50 20.02
CA CYS J 59 -3.61 -3.40 21.04
C CYS J 59 -3.90 -4.76 20.40
N ALA J 60 -3.48 -5.84 21.06
CA ALA J 60 -3.69 -7.21 20.53
C ALA J 60 -4.38 -8.07 21.59
N SER J 61 -5.41 -8.82 21.21
CA SER J 61 -6.16 -9.66 22.18
C SER J 61 -5.94 -11.14 21.87
N ASP J 62 -6.20 -12.02 22.85
CA ASP J 62 -6.03 -13.44 22.64
C ASP J 62 -7.01 -13.94 21.59
N ALA J 63 -6.55 -14.86 20.75
CA ALA J 63 -7.43 -15.44 19.74
C ALA J 63 -8.48 -16.30 20.41
N LYS J 64 -9.67 -16.33 19.82
CA LYS J 64 -10.77 -17.14 20.32
C LYS J 64 -11.14 -16.76 21.75
N ARG J 71 -22.03 -9.51 19.88
CA ARG J 71 -20.77 -8.83 19.62
C ARG J 71 -20.18 -8.33 20.93
N ASN J 72 -19.10 -7.56 20.85
CA ASN J 72 -18.39 -7.10 22.02
C ASN J 72 -17.60 -5.86 21.60
N VAL J 73 -16.69 -5.44 22.48
CA VAL J 73 -15.69 -4.41 22.24
C VAL J 73 -14.45 -5.05 22.83
N TRP J 74 -13.27 -4.40 22.76
CA TRP J 74 -12.06 -5.04 23.28
C TRP J 74 -11.65 -6.32 22.51
N ALA J 75 -12.46 -6.75 21.53
CA ALA J 75 -12.29 -7.90 20.68
C ALA J 75 -12.53 -7.46 19.24
N THR J 76 -13.59 -6.68 19.01
CA THR J 76 -13.76 -6.09 17.68
C THR J 76 -12.55 -5.22 17.40
N HIS J 77 -12.16 -4.42 18.39
CA HIS J 77 -10.91 -3.68 18.31
C HIS J 77 -9.88 -4.68 18.84
N CYS J 78 -8.60 -4.33 18.88
CA CYS J 78 -7.59 -5.26 19.42
C CYS J 78 -7.65 -6.63 18.74
N CYS J 79 -8.19 -6.68 17.51
CA CYS J 79 -8.40 -7.93 16.79
C CYS J 79 -7.12 -8.71 16.60
N VAL J 80 -6.02 -8.02 16.25
CA VAL J 80 -4.68 -8.57 16.04
C VAL J 80 -4.44 -9.74 16.99
N PRO J 81 -4.22 -10.97 16.52
CA PRO J 81 -4.03 -12.06 17.47
C PRO J 81 -2.67 -11.95 18.14
N THR J 82 -2.62 -12.34 19.41
CA THR J 82 -1.35 -12.40 20.09
C THR J 82 -0.64 -13.70 19.73
N ASP J 83 0.64 -13.73 19.99
CA ASP J 83 1.38 -14.95 19.77
C ASP J 83 1.01 -15.98 20.84
N PRO J 84 0.82 -17.25 20.49
CA PRO J 84 0.72 -18.25 21.54
C PRO J 84 2.12 -18.43 22.10
N ASN J 85 2.20 -18.79 23.37
CA ASN J 85 3.48 -19.06 24.02
C ASN J 85 4.44 -17.90 23.73
N PRO J 86 4.10 -16.68 24.12
CA PRO J 86 4.93 -15.52 23.79
C PRO J 86 6.28 -15.59 24.47
N GLN J 87 7.27 -14.96 23.84
CA GLN J 87 8.63 -14.98 24.34
C GLN J 87 8.94 -13.76 25.19
N GLU J 88 9.85 -13.97 26.13
CA GLU J 88 10.40 -12.94 27.01
C GLU J 88 11.88 -13.25 27.08
N MET J 89 12.73 -12.24 26.85
CA MET J 89 14.18 -12.44 26.88
C MET J 89 14.75 -11.63 28.04
N VAL J 90 15.26 -12.32 29.05
CA VAL J 90 15.80 -11.65 30.23
C VAL J 90 17.14 -11.04 29.86
N LEU J 91 17.36 -9.78 30.26
CA LEU J 91 18.62 -9.11 29.98
C LEU J 91 19.46 -9.24 31.25
N GLU J 92 20.52 -10.03 31.17
CA GLU J 92 21.34 -10.29 32.35
C GLU J 92 22.20 -9.08 32.67
N ASN J 93 22.39 -8.80 33.96
CA ASN J 93 23.27 -7.71 34.38
C ASN J 93 22.86 -6.35 33.81
N VAL J 94 21.56 -6.11 33.64
CA VAL J 94 21.06 -4.85 33.09
C VAL J 94 20.18 -4.18 34.13
N THR J 95 20.49 -2.92 34.42
CA THR J 95 19.73 -2.09 35.35
C THR J 95 19.15 -0.92 34.59
N GLU J 96 17.83 -0.72 34.69
CA GLU J 96 17.16 0.36 33.96
C GLU J 96 16.36 1.24 34.91
N ASN J 97 16.22 2.51 34.55
CA ASN J 97 15.44 3.45 35.33
C ASN J 97 14.00 3.48 34.87
N PHE J 98 13.08 3.11 35.76
CA PHE J 98 11.66 3.06 35.50
C PHE J 98 10.95 4.14 36.31
N ASN J 99 9.84 4.63 35.77
CA ASN J 99 9.00 5.58 36.47
C ASN J 99 7.57 5.28 36.07
N MET J 100 6.75 4.73 36.98
CA MET J 100 5.38 4.40 36.62
C MET J 100 4.54 5.64 36.39
N TRP J 101 4.96 6.78 36.91
CA TRP J 101 4.27 8.05 36.72
C TRP J 101 4.99 8.73 35.56
N LYS J 102 4.23 9.47 34.75
CA LYS J 102 4.75 10.07 33.52
C LYS J 102 5.10 8.97 32.52
N ASN J 103 4.31 7.91 32.53
CA ASN J 103 4.43 6.75 31.64
C ASN J 103 3.45 6.95 30.49
N ASP J 104 3.97 7.11 29.27
CA ASP J 104 3.10 7.42 28.14
C ASP J 104 2.17 6.25 27.80
N MET J 105 2.46 5.05 28.31
CA MET J 105 1.58 3.93 28.02
C MET J 105 0.24 4.13 28.71
N VAL J 106 0.24 4.86 29.82
CA VAL J 106 -0.99 5.08 30.55
C VAL J 106 -1.85 6.06 29.78
N GLU J 107 -1.23 7.11 29.25
CA GLU J 107 -1.99 8.10 28.50
C GLU J 107 -2.55 7.48 27.23
N GLN J 108 -1.80 6.59 26.60
CA GLN J 108 -2.34 5.94 25.41
C GLN J 108 -3.49 5.01 25.79
N MET J 109 -3.37 4.26 26.88
CA MET J 109 -4.47 3.37 27.25
C MET J 109 -5.70 4.19 27.60
N HIS J 110 -5.49 5.33 28.26
CA HIS J 110 -6.59 6.21 28.64
C HIS J 110 -7.35 6.70 27.41
N GLU J 111 -6.59 7.17 26.42
CA GLU J 111 -7.25 7.69 25.23
C GLU J 111 -7.88 6.57 24.42
N ASP J 112 -7.29 5.38 24.40
CA ASP J 112 -7.90 4.30 23.63
C ASP J 112 -9.19 3.85 24.29
N VAL J 113 -9.22 3.81 25.62
CA VAL J 113 -10.44 3.38 26.31
C VAL J 113 -11.56 4.37 26.06
N ILE J 114 -11.26 5.68 26.16
CA ILE J 114 -12.31 6.67 25.95
C ILE J 114 -12.77 6.66 24.49
N SER J 115 -11.82 6.60 23.56
CA SER J 115 -12.14 6.62 22.15
C SER J 115 -13.00 5.43 21.78
N LEU J 116 -12.65 4.23 22.27
CA LEU J 116 -13.46 3.07 21.96
C LEU J 116 -14.85 3.19 22.55
N TRP J 117 -14.94 3.71 23.78
CA TRP J 117 -16.26 3.87 24.39
C TRP J 117 -17.14 4.75 23.53
N ASP J 118 -16.59 5.90 23.11
CA ASP J 118 -17.37 6.85 22.34
C ASP J 118 -17.72 6.28 20.96
N GLN J 119 -16.80 5.53 20.34
CA GLN J 119 -17.11 4.97 19.04
C GLN J 119 -18.19 3.89 19.17
N SER J 120 -18.17 3.15 20.27
CA SER J 120 -19.18 2.13 20.51
C SER J 120 -20.55 2.75 20.68
N LEU J 121 -20.64 3.85 21.43
CA LEU J 121 -21.94 4.50 21.65
C LEU J 121 -22.44 5.30 20.46
N LYS J 122 -21.55 5.87 19.63
CA LYS J 122 -21.93 6.69 18.48
C LYS J 122 -23.08 6.10 17.66
N PRO J 123 -22.97 4.89 17.09
CA PRO J 123 -24.10 4.34 16.32
C PRO J 123 -25.18 3.73 17.19
N CYS J 124 -25.76 4.52 18.09
CA CYS J 124 -26.78 4.03 19.00
C CYS J 124 -27.89 5.07 19.11
N VAL J 125 -29.00 4.65 19.69
CA VAL J 125 -30.21 5.47 19.79
C VAL J 125 -29.99 6.65 20.72
N LYS J 126 -30.35 7.85 20.24
CA LYS J 126 -30.29 9.05 21.03
C LYS J 126 -31.61 9.13 21.79
N LEU J 127 -31.57 9.59 23.04
CA LEU J 127 -32.76 9.72 23.86
C LEU J 127 -33.25 11.15 23.99
N THR J 128 -32.77 12.05 23.13
CA THR J 128 -33.26 13.42 23.13
C THR J 128 -34.79 13.50 23.07
N PRO J 129 -35.51 12.69 22.28
CA PRO J 129 -36.98 12.76 22.28
C PRO J 129 -37.62 12.54 23.65
N LEU J 130 -36.91 11.97 24.63
CA LEU J 130 -37.49 11.69 25.93
C LEU J 130 -37.28 12.81 26.95
N CYS J 131 -36.66 13.93 26.58
CA CYS J 131 -36.58 15.06 27.51
C CYS J 131 -37.93 15.75 27.53
N VAL J 132 -38.87 15.13 28.22
CA VAL J 132 -40.23 15.63 28.37
C VAL J 132 -40.54 15.63 29.85
N THR J 133 -41.58 16.36 30.22
CA THR J 133 -42.00 16.36 31.61
C THR J 133 -42.52 14.96 31.97
N LEU J 134 -42.06 14.45 33.11
CA LEU J 134 -42.50 13.16 33.64
C LEU J 134 -43.46 13.45 34.78
N GLU J 135 -44.49 12.62 34.94
CA GLU J 135 -45.39 12.69 36.08
C GLU J 135 -45.19 11.42 36.91
N CYS J 136 -44.50 11.54 38.03
CA CYS J 136 -44.05 10.38 38.78
C CYS J 136 -44.83 10.25 40.08
N ARG J 137 -45.08 9.00 40.46
CA ARG J 137 -45.77 8.64 41.69
C ARG J 137 -45.02 7.49 42.36
N GLN J 138 -45.33 7.29 43.64
CA GLN J 138 -44.76 6.17 44.37
C GLN J 138 -45.18 4.85 43.75
N VAL J 139 -44.22 3.93 43.65
CA VAL J 139 -44.48 2.63 43.01
C VAL J 139 -45.43 1.80 43.86
N ASN J 140 -46.45 1.27 43.22
CA ASN J 140 -47.43 0.43 43.90
C ASN J 140 -46.81 -0.92 44.26
N THR J 141 -46.82 -1.23 45.56
CA THR J 141 -46.38 -2.53 46.04
C THR J 141 -46.71 -2.66 47.52
N GLU J 154 -38.00 5.90 49.02
CA GLU J 154 -38.44 6.19 47.67
C GLU J 154 -37.27 6.20 46.72
N GLU J 155 -36.80 5.01 46.36
CA GLU J 155 -35.68 4.87 45.44
C GLU J 155 -36.12 4.72 44.00
N ILE J 156 -37.30 4.15 43.76
CA ILE J 156 -37.83 3.91 42.43
C ILE J 156 -39.21 4.57 42.35
N LYS J 157 -39.45 5.31 41.27
CA LYS J 157 -40.74 5.93 41.03
C LYS J 157 -41.34 5.44 39.72
N ASN J 158 -42.67 5.43 39.68
CA ASN J 158 -43.48 5.05 38.53
C ASN J 158 -43.83 6.33 37.79
N CYS J 159 -43.16 6.58 36.66
CA CYS J 159 -43.26 7.84 35.91
C CYS J 159 -44.01 7.63 34.61
N SER J 160 -45.00 8.50 34.37
CA SER J 160 -45.79 8.53 33.15
C SER J 160 -45.29 9.67 32.27
N PHE J 161 -45.14 9.41 30.97
CA PHE J 161 -44.73 10.45 30.03
C PHE J 161 -45.27 10.16 28.64
N ASN J 162 -45.30 11.21 27.82
CA ASN J 162 -45.74 11.14 26.43
C ASN J 162 -44.54 11.08 25.50
N ALA J 163 -44.27 9.89 24.96
CA ALA J 163 -43.11 9.62 24.13
C ALA J 163 -43.49 9.74 22.65
N THR J 164 -42.48 9.98 21.82
CA THR J 164 -42.68 10.04 20.38
C THR J 164 -42.82 8.63 19.81
N THR J 165 -43.26 8.58 18.54
CA THR J 165 -43.48 7.34 17.81
C THR J 165 -42.82 7.48 16.44
N GLU J 166 -42.91 6.43 15.61
CA GLU J 166 -42.31 6.55 14.29
C GLU J 166 -43.00 7.59 13.42
N LEU J 167 -44.26 7.92 13.72
CA LEU J 167 -44.96 8.98 13.00
C LEU J 167 -44.79 10.25 13.82
N ARG J 168 -44.46 11.36 13.16
CA ARG J 168 -44.20 12.57 13.94
C ARG J 168 -45.46 13.26 14.42
N ASP J 169 -46.64 12.86 13.96
CA ASP J 169 -47.90 13.44 14.41
C ASP J 169 -48.61 12.61 15.48
N LYS J 170 -47.96 11.56 15.99
CA LYS J 170 -48.55 10.70 17.02
C LYS J 170 -47.60 10.54 18.18
N LYS J 171 -48.15 10.54 19.39
CA LYS J 171 -47.42 10.29 20.62
C LYS J 171 -48.07 9.10 21.33
N GLN J 172 -47.32 8.48 22.22
CA GLN J 172 -47.80 7.34 22.99
C GLN J 172 -47.58 7.57 24.48
N LYS J 173 -48.47 7.01 25.29
CA LYS J 173 -48.38 7.12 26.74
C LYS J 173 -47.54 5.98 27.25
N VAL J 174 -46.47 6.30 27.98
CA VAL J 174 -45.51 5.33 28.47
C VAL J 174 -45.39 5.43 29.98
N TYR J 175 -45.43 4.28 30.65
CA TYR J 175 -45.18 4.19 32.08
C TYR J 175 -43.84 3.48 32.21
N ALA J 176 -43.00 3.96 33.12
CA ALA J 176 -41.72 3.33 33.33
C ALA J 176 -41.29 3.52 34.77
N LEU J 177 -40.48 2.60 35.25
CA LEU J 177 -39.88 2.71 36.57
C LEU J 177 -38.49 3.30 36.41
N PHE J 178 -38.23 4.38 37.15
CA PHE J 178 -36.94 5.04 37.13
C PHE J 178 -36.40 5.15 38.54
N TYR J 179 -35.09 5.16 38.67
CA TYR J 179 -34.48 5.36 39.96
C TYR J 179 -34.53 6.85 40.30
N ARG J 180 -34.66 7.15 41.59
CA ARG J 180 -34.70 8.54 42.01
C ARG J 180 -33.40 9.26 41.67
N LEU J 181 -32.28 8.55 41.59
CA LEU J 181 -31.01 9.20 41.31
C LEU J 181 -30.90 9.66 39.86
N ASP J 182 -31.77 9.17 38.98
CA ASP J 182 -31.77 9.55 37.57
C ASP J 182 -32.77 10.65 37.26
N ILE J 183 -33.48 11.15 38.27
CA ILE J 183 -34.54 12.12 38.11
C ILE J 183 -34.32 13.34 39.00
N VAL J 184 -34.53 14.53 38.44
CA VAL J 184 -34.42 15.81 39.12
C VAL J 184 -35.83 16.40 39.24
N PRO J 185 -36.31 16.73 40.44
CA PRO J 185 -37.67 17.31 40.55
C PRO J 185 -37.76 18.71 40.00
N LEU J 186 -38.93 19.04 39.44
CA LEU J 186 -39.26 20.38 38.99
C LEU J 186 -40.21 21.10 39.94
N GLU J 187 -41.12 20.36 40.58
CA GLU J 187 -42.13 20.86 41.49
C GLU J 187 -41.92 20.25 42.87
N GLU J 188 -42.50 20.88 43.89
CA GLU J 188 -42.47 20.26 45.21
C GLU J 188 -43.17 18.92 45.09
N GLU J 189 -42.64 17.91 45.78
CA GLU J 189 -43.18 16.56 45.68
C GLU J 189 -44.22 16.27 46.76
N ARG J 190 -44.79 15.07 46.69
CA ARG J 190 -45.85 14.60 47.58
C ARG J 190 -47.09 15.51 47.51
N LYS J 191 -47.41 15.99 46.31
CA LYS J 191 -48.61 16.76 46.05
C LYS J 191 -49.62 15.84 45.37
N GLY J 192 -50.81 15.73 45.93
CA GLY J 192 -51.76 14.78 45.36
C GLY J 192 -51.13 13.41 45.43
N ASN J 193 -51.12 12.70 44.30
CA ASN J 193 -50.48 11.39 44.21
C ASN J 193 -49.39 11.36 43.14
N SER J 194 -48.95 12.51 42.64
CA SER J 194 -47.91 12.55 41.62
C SER J 194 -47.34 13.96 41.55
N SER J 195 -46.18 14.10 40.93
CA SER J 195 -45.62 15.43 40.69
C SER J 195 -44.75 15.41 39.43
N LYS J 196 -44.44 16.62 38.93
CA LYS J 196 -43.61 16.76 37.74
C LYS J 196 -42.12 16.63 38.03
N TYR J 197 -41.44 15.86 37.19
CA TYR J 197 -40.01 15.60 37.25
C TYR J 197 -39.37 15.67 35.87
N ARG J 198 -38.05 15.86 35.84
CA ARG J 198 -37.24 15.88 34.63
C ARG J 198 -36.11 14.85 34.74
N LEU J 199 -35.66 14.33 33.60
CA LEU J 199 -34.50 13.45 33.63
C LEU J 199 -33.24 14.23 33.97
N ILE J 200 -32.38 13.61 34.79
CA ILE J 200 -31.12 14.24 35.17
C ILE J 200 -30.21 14.35 33.95
N ASN J 201 -29.47 15.46 33.86
CA ASN J 201 -28.57 15.79 32.76
C ASN J 201 -29.30 16.15 31.48
N CYS J 202 -30.62 16.30 31.50
CA CYS J 202 -31.27 16.76 30.28
C CYS J 202 -30.85 18.19 29.96
N ASN J 203 -30.79 19.06 30.97
CA ASN J 203 -30.40 20.44 30.71
C ASN J 203 -28.95 20.51 30.23
N THR J 204 -28.08 19.66 30.77
CA THR J 204 -26.68 19.70 30.39
C THR J 204 -26.43 19.21 28.97
N SER J 205 -26.96 18.05 28.60
CA SER J 205 -26.71 17.55 27.25
C SER J 205 -27.64 16.41 26.89
N ALA J 206 -27.46 15.91 25.67
CA ALA J 206 -28.20 14.77 25.17
C ALA J 206 -27.74 13.50 25.85
N ILE J 207 -28.67 12.57 26.02
CA ILE J 207 -28.42 11.26 26.62
C ILE J 207 -28.50 10.23 25.51
N THR J 208 -27.43 9.46 25.35
CA THR J 208 -27.35 8.43 24.31
C THR J 208 -27.57 7.07 24.96
N GLN J 209 -28.45 6.27 24.36
CA GLN J 209 -28.71 4.93 24.86
C GLN J 209 -27.60 4.00 24.40
N ALA J 210 -27.05 3.21 25.31
CA ALA J 210 -26.05 2.25 24.89
C ALA J 210 -26.73 1.19 24.05
N CYS J 211 -26.06 0.72 23.01
CA CYS J 211 -26.65 -0.32 22.17
C CYS J 211 -26.82 -1.62 22.97
N PRO J 212 -28.02 -2.20 23.05
CA PRO J 212 -28.21 -3.39 23.88
C PRO J 212 -27.51 -4.63 23.35
N LYS J 213 -27.06 -4.63 22.10
CA LYS J 213 -26.43 -5.80 21.48
C LYS J 213 -24.92 -5.80 21.63
N VAL J 214 -24.33 -4.75 22.20
CA VAL J 214 -22.90 -4.60 22.33
C VAL J 214 -22.57 -4.61 23.81
N THR J 215 -21.62 -5.45 24.21
CA THR J 215 -21.19 -5.59 25.59
C THR J 215 -19.80 -5.01 25.75
N PHE J 216 -19.54 -4.46 26.93
CA PHE J 216 -18.28 -3.84 27.29
C PHE J 216 -17.47 -4.66 28.27
N ASP J 217 -17.79 -5.95 28.42
CA ASP J 217 -17.11 -6.83 29.36
C ASP J 217 -15.59 -6.71 29.19
N PRO J 218 -14.82 -6.44 30.27
CA PRO J 218 -13.37 -6.18 30.14
C PRO J 218 -12.50 -7.42 29.92
N ILE J 219 -12.60 -8.03 28.74
CA ILE J 219 -11.74 -9.16 28.42
C ILE J 219 -10.30 -8.66 28.45
N PRO J 220 -9.29 -9.50 28.65
CA PRO J 220 -7.91 -9.00 28.63
C PRO J 220 -7.46 -8.59 27.24
N ILE J 221 -6.62 -7.54 27.22
CA ILE J 221 -5.96 -7.06 26.02
C ILE J 221 -4.47 -6.95 26.31
N HIS J 222 -3.67 -6.92 25.24
CA HIS J 222 -2.23 -6.79 25.34
C HIS J 222 -1.79 -5.62 24.47
N TYR J 223 -0.84 -4.82 24.95
CA TYR J 223 -0.26 -3.75 24.15
C TYR J 223 1.07 -4.21 23.58
N CYS J 224 1.28 -3.99 22.29
CA CYS J 224 2.44 -4.45 21.54
C CYS J 224 3.14 -3.25 20.92
N ALA J 225 4.46 -3.29 20.95
CA ALA J 225 5.27 -2.25 20.35
C ALA J 225 5.34 -2.43 18.83
N PRO J 226 5.40 -1.34 18.06
CA PRO J 226 5.65 -1.47 16.63
C PRO J 226 7.10 -1.83 16.38
N ALA J 227 7.37 -2.36 15.18
CA ALA J 227 8.74 -2.74 14.83
C ALA J 227 9.67 -1.55 14.99
N GLY J 228 10.82 -1.84 15.59
CA GLY J 228 11.86 -0.86 15.87
C GLY J 228 11.86 -0.43 17.32
N TYR J 229 10.80 -0.75 18.05
CA TYR J 229 10.61 -0.43 19.46
C TYR J 229 10.48 -1.74 20.22
N ALA J 230 10.74 -1.68 21.53
CA ALA J 230 10.64 -2.85 22.39
C ALA J 230 10.08 -2.42 23.73
N ILE J 231 9.42 -3.34 24.43
CA ILE J 231 8.87 -3.07 25.75
C ILE J 231 9.74 -3.76 26.78
N LEU J 232 10.25 -3.01 27.74
CA LEU J 232 11.05 -3.56 28.80
C LEU J 232 10.14 -3.76 30.00
N LYS J 233 10.24 -4.92 30.63
CA LYS J 233 9.46 -5.25 31.81
C LYS J 233 10.39 -5.33 33.01
N CYS J 234 9.94 -4.82 34.14
CA CYS J 234 10.68 -4.93 35.40
C CYS J 234 10.26 -6.20 36.12
N ASN J 235 11.19 -7.13 36.28
CA ASN J 235 10.92 -8.40 36.93
C ASN J 235 11.06 -8.32 38.44
N ASN J 236 11.89 -7.41 38.93
CA ASN J 236 12.11 -7.29 40.37
C ASN J 236 10.84 -6.94 41.11
N LYS J 237 10.53 -7.75 42.11
CA LYS J 237 9.38 -7.57 42.97
C LYS J 237 9.78 -6.64 44.10
N THR J 238 8.81 -5.94 44.67
CA THR J 238 8.99 -4.93 45.73
C THR J 238 9.41 -3.61 45.13
N PHE J 239 9.52 -3.50 43.80
CA PHE J 239 9.83 -2.24 43.15
C PHE J 239 8.72 -1.24 43.45
N ASN J 240 9.10 -0.03 43.89
CA ASN J 240 8.14 0.95 44.37
C ASN J 240 7.55 1.83 43.29
N GLY J 241 7.87 1.59 42.01
CA GLY J 241 7.35 2.36 40.90
C GLY J 241 8.29 3.38 40.30
N THR J 242 9.36 3.76 40.98
CA THR J 242 10.33 4.69 40.44
C THR J 242 11.73 4.17 40.70
N GLY J 243 12.70 4.76 40.02
CA GLY J 243 14.09 4.42 40.24
C GLY J 243 14.54 3.19 39.48
N PRO J 244 15.76 2.74 39.75
CA PRO J 244 16.30 1.60 39.00
C PRO J 244 15.63 0.27 39.33
N CYS J 245 15.57 -0.57 38.31
CA CYS J 245 15.12 -1.96 38.38
C CYS J 245 16.34 -2.79 37.98
N ASN J 246 16.74 -3.71 38.87
CA ASN J 246 17.95 -4.52 38.70
C ASN J 246 17.68 -5.86 38.02
N ASN J 247 16.47 -6.10 37.54
CA ASN J 247 16.17 -7.33 36.80
C ASN J 247 15.10 -6.94 35.80
N VAL J 248 15.49 -6.86 34.53
CA VAL J 248 14.59 -6.44 33.47
C VAL J 248 14.64 -7.48 32.36
N SER J 249 13.61 -7.45 31.52
CA SER J 249 13.54 -8.34 30.37
C SER J 249 12.87 -7.60 29.23
N THR J 250 13.12 -8.08 28.02
CA THR J 250 12.53 -7.50 26.82
C THR J 250 11.40 -8.36 26.30
N VAL J 251 10.26 -7.73 26.04
CA VAL J 251 9.08 -8.37 25.49
C VAL J 251 8.59 -7.54 24.31
N GLN J 252 7.80 -8.19 23.46
CA GLN J 252 7.13 -7.53 22.36
C GLN J 252 5.78 -6.96 22.80
N CYS J 253 5.06 -7.70 23.64
CA CYS J 253 3.72 -7.32 24.08
C CYS J 253 3.63 -7.42 25.59
N THR J 254 2.76 -6.62 26.18
CA THR J 254 2.49 -6.67 27.60
C THR J 254 1.62 -7.88 27.94
N HIS J 255 1.48 -8.16 29.24
CA HIS J 255 0.58 -9.22 29.67
C HIS J 255 -0.87 -8.78 29.43
N GLY J 256 -1.80 -9.68 29.70
CA GLY J 256 -3.19 -9.34 29.47
C GLY J 256 -3.73 -8.45 30.56
N ILE J 257 -4.20 -7.26 30.18
CA ILE J 257 -4.73 -6.26 31.09
C ILE J 257 -6.22 -6.12 30.85
N LYS J 258 -7.02 -6.25 31.91
CA LYS J 258 -8.46 -6.11 31.79
C LYS J 258 -8.87 -4.66 32.02
N PRO J 259 -9.56 -4.00 31.07
CA PRO J 259 -9.94 -2.60 31.28
C PRO J 259 -11.14 -2.45 32.22
N VAL J 260 -10.92 -2.80 33.49
CA VAL J 260 -11.97 -2.77 34.51
C VAL J 260 -12.06 -1.37 35.07
N VAL J 261 -13.29 -0.86 35.18
CA VAL J 261 -13.58 0.47 35.69
C VAL J 261 -14.15 0.40 37.10
N SER J 262 -13.51 1.10 38.02
CA SER J 262 -13.92 1.18 39.43
C SER J 262 -13.33 2.47 39.99
N THR J 263 -13.85 2.92 41.14
CA THR J 263 -13.33 4.13 41.77
C THR J 263 -12.57 3.95 43.07
N GLN J 264 -12.83 2.94 43.90
CA GLN J 264 -12.12 2.81 45.16
C GLN J 264 -11.32 1.52 45.27
N LEU J 265 -11.88 0.41 44.83
CA LEU J 265 -11.22 -0.88 44.86
C LEU J 265 -10.84 -1.24 43.43
N LEU J 266 -9.69 -1.88 43.25
CA LEU J 266 -9.26 -2.35 41.94
C LEU J 266 -9.70 -3.80 41.82
N LEU J 267 -10.48 -4.11 40.79
CA LEU J 267 -11.06 -5.43 40.63
C LEU J 267 -10.43 -6.18 39.46
N ASN J 268 -10.35 -7.49 39.61
CA ASN J 268 -9.94 -8.41 38.56
C ASN J 268 -8.58 -8.03 37.96
N GLY J 269 -7.67 -7.54 38.80
CA GLY J 269 -6.34 -7.18 38.38
C GLY J 269 -5.32 -8.24 38.70
N SER J 270 -4.05 -7.85 38.63
CA SER J 270 -2.94 -8.74 38.94
C SER J 270 -2.65 -8.67 40.43
N LEU J 271 -2.17 -9.78 40.99
CA LEU J 271 -1.73 -9.80 42.37
C LEU J 271 -0.23 -9.54 42.46
N ALA J 272 0.18 -8.96 43.59
CA ALA J 272 1.60 -8.75 43.83
C ALA J 272 2.30 -10.10 43.92
N GLU J 273 3.51 -10.18 43.37
CA GLU J 273 4.24 -11.44 43.44
C GLU J 273 4.60 -11.79 44.87
N GLY J 274 4.97 -10.79 45.67
CA GLY J 274 5.42 -10.99 47.03
C GLY J 274 4.43 -10.51 48.07
N GLU J 275 4.71 -9.35 48.64
CA GLU J 275 3.96 -8.74 49.72
C GLU J 275 3.08 -7.61 49.18
N ILE J 276 2.34 -6.97 50.07
CA ILE J 276 1.54 -5.82 49.67
C ILE J 276 2.48 -4.66 49.40
N ILE J 277 2.31 -4.01 48.25
CA ILE J 277 3.19 -2.91 47.86
C ILE J 277 2.41 -1.61 47.82
N ILE J 278 2.92 -0.59 48.52
CA ILE J 278 2.33 0.73 48.58
C ILE J 278 3.10 1.63 47.61
N ARG J 279 2.47 2.12 46.55
CA ARG J 279 3.14 2.95 45.55
C ARG J 279 2.48 4.32 45.48
N SER J 280 3.27 5.38 45.59
CA SER J 280 2.77 6.73 45.51
C SER J 280 3.85 7.64 44.95
N GLU J 281 3.45 8.57 44.09
CA GLU J 281 4.41 9.49 43.48
C GLU J 281 5.19 10.24 44.54
N ASN J 282 4.52 10.69 45.59
CA ASN J 282 5.17 11.40 46.69
C ASN J 282 4.31 11.21 47.93
N LEU J 283 4.70 10.28 48.80
CA LEU J 283 3.89 9.96 49.97
C LEU J 283 3.69 11.16 50.87
N THR J 284 4.68 12.06 50.92
CA THR J 284 4.58 13.26 51.73
C THR J 284 3.44 14.16 51.25
N ASN J 285 3.23 14.25 49.94
CA ASN J 285 2.22 15.14 49.37
C ASN J 285 0.88 14.41 49.29
N ASN J 286 -0.07 14.85 50.11
CA ASN J 286 -1.37 14.19 50.24
C ASN J 286 -2.25 14.39 49.01
N VAL J 287 -1.81 15.19 48.04
CA VAL J 287 -2.54 15.36 46.79
C VAL J 287 -2.47 14.09 45.95
N LYS J 288 -1.34 13.39 46.01
CA LYS J 288 -1.14 12.22 45.16
C LYS J 288 -1.89 11.03 45.75
N THR J 289 -2.43 10.20 44.86
CA THR J 289 -3.13 9.01 45.27
C THR J 289 -2.17 7.85 45.51
N ILE J 290 -2.44 7.10 46.58
CA ILE J 290 -1.65 5.95 46.96
C ILE J 290 -2.32 4.70 46.38
N ILE J 291 -1.57 3.92 45.61
CA ILE J 291 -2.06 2.71 44.99
C ILE J 291 -1.52 1.54 45.81
N VAL J 292 -2.42 0.72 46.35
CA VAL J 292 -2.04 -0.42 47.17
C VAL J 292 -2.27 -1.68 46.34
N HIS J 293 -1.20 -2.46 46.13
CA HIS J 293 -1.27 -3.71 45.37
C HIS J 293 -1.22 -4.86 46.35
N LEU J 294 -2.26 -5.69 46.34
CA LEU J 294 -2.35 -6.79 47.27
C LEU J 294 -1.71 -8.04 46.67
N ASN J 295 -1.18 -8.91 47.54
CA ASN J 295 -0.65 -10.19 47.11
C ASN J 295 -1.68 -11.31 47.20
N GLU J 296 -2.86 -11.03 47.75
CA GLU J 296 -3.94 -11.98 47.89
C GLU J 296 -5.21 -11.22 47.54
N SER J 297 -6.15 -11.89 46.87
CA SER J 297 -7.40 -11.25 46.53
C SER J 297 -8.42 -11.41 47.65
N VAL J 298 -9.41 -10.51 47.65
CA VAL J 298 -10.55 -10.59 48.55
C VAL J 298 -11.80 -10.76 47.70
N GLU J 299 -12.59 -11.78 47.98
CA GLU J 299 -13.77 -12.03 47.15
C GLU J 299 -14.93 -11.12 47.54
N ILE J 300 -15.52 -10.49 46.52
CA ILE J 300 -16.69 -9.64 46.65
C ILE J 300 -17.74 -10.12 45.66
N VAL J 301 -18.96 -10.33 46.14
CA VAL J 301 -20.09 -10.74 45.31
C VAL J 301 -21.13 -9.65 45.39
N CYS J 302 -21.56 -9.14 44.24
CA CYS J 302 -22.52 -8.05 44.17
C CYS J 302 -23.77 -8.49 43.44
N THR J 303 -24.92 -8.00 43.90
CA THR J 303 -26.18 -8.37 43.28
C THR J 303 -27.20 -7.25 43.33
N ARG J 304 -28.13 -7.32 42.37
CA ARG J 304 -29.31 -6.48 42.25
C ARG J 304 -30.49 -7.44 42.36
N PRO J 305 -31.05 -7.65 43.57
CA PRO J 305 -32.09 -8.67 43.84
C PRO J 305 -33.49 -8.22 43.44
N ASN J 306 -33.68 -7.85 42.18
CA ASN J 306 -34.97 -7.36 41.70
C ASN J 306 -35.27 -7.98 40.36
N ASN J 307 -36.36 -8.74 40.31
CA ASN J 307 -36.79 -9.48 39.13
C ASN J 307 -37.52 -8.49 38.22
N ASN J 308 -36.74 -7.79 37.39
CA ASN J 308 -37.29 -6.77 36.51
C ASN J 308 -37.95 -7.37 35.29
N THR J 309 -39.03 -6.74 34.85
CA THR J 309 -39.68 -7.04 33.58
C THR J 309 -39.39 -5.83 32.71
N VAL J 310 -38.73 -6.07 31.59
CA VAL J 310 -38.27 -5.03 30.67
C VAL J 310 -39.18 -4.95 29.46
N LYS J 311 -39.59 -3.74 29.14
CA LYS J 311 -40.48 -3.41 28.03
C LYS J 311 -39.70 -2.52 27.08
N SER J 312 -40.16 -2.43 25.84
CA SER J 312 -39.52 -1.52 24.89
C SER J 312 -40.56 -0.89 23.98
N ILE J 313 -40.25 0.32 23.52
CA ILE J 313 -41.08 1.07 22.60
C ILE J 313 -40.23 1.62 21.47
N ARG J 314 -40.87 1.89 20.34
CA ARG J 314 -40.21 2.55 19.23
C ARG J 314 -40.44 4.05 19.40
N ILE J 315 -39.38 4.84 19.28
CA ILE J 315 -39.45 6.29 19.45
C ILE J 315 -39.06 7.04 18.18
N GLY J 316 -38.90 6.33 17.07
CA GLY J 316 -38.52 6.93 15.81
C GLY J 316 -38.21 5.79 14.88
N PRO J 317 -38.02 6.07 13.59
CA PRO J 317 -37.72 4.97 12.66
C PRO J 317 -36.48 4.22 13.10
N GLY J 318 -36.65 2.93 13.38
CA GLY J 318 -35.54 2.09 13.78
C GLY J 318 -34.99 2.36 15.16
N GLN J 319 -35.61 3.25 15.94
CA GLN J 319 -35.08 3.69 17.24
C GLN J 319 -35.89 3.03 18.35
N TRP J 320 -35.33 2.01 18.99
CA TRP J 320 -35.98 1.31 20.09
C TRP J 320 -35.45 1.84 21.41
N PHE J 321 -36.35 2.11 22.33
CA PHE J 321 -36.03 2.56 23.68
C PHE J 321 -36.36 1.47 24.68
N TYR J 322 -35.40 1.10 25.53
CA TYR J 322 -35.57 0.05 26.51
C TYR J 322 -35.64 0.66 27.90
N TYR J 323 -36.57 0.18 28.70
CA TYR J 323 -36.78 0.69 30.04
C TYR J 323 -37.36 -0.42 30.91
N THR J 324 -37.28 -0.23 32.22
CA THR J 324 -37.84 -1.20 33.13
C THR J 324 -39.35 -1.00 33.17
N GLY J 325 -40.08 -2.07 32.90
CA GLY J 325 -41.52 -2.02 32.86
C GLY J 325 -42.12 -2.24 34.22
N ASP J 326 -41.74 -3.32 34.88
CA ASP J 326 -42.30 -3.64 36.18
C ASP J 326 -41.28 -4.42 37.00
N ILE J 327 -41.62 -4.69 38.25
CA ILE J 327 -40.84 -5.52 39.15
C ILE J 327 -41.75 -6.62 39.68
N ILE J 328 -41.32 -7.86 39.55
CA ILE J 328 -42.08 -9.00 40.01
C ILE J 328 -41.68 -9.25 41.47
N GLY J 329 -42.67 -9.30 42.35
CA GLY J 329 -42.39 -9.44 43.76
C GLY J 329 -42.15 -8.08 44.37
N ASN J 330 -41.47 -8.06 45.52
CA ASN J 330 -41.25 -6.81 46.22
C ASN J 330 -39.96 -6.16 45.72
N ILE J 331 -39.63 -4.99 46.25
CA ILE J 331 -38.46 -4.22 45.84
C ILE J 331 -37.43 -4.27 46.94
N ARG J 332 -36.21 -4.68 46.59
CA ARG J 332 -35.11 -4.84 47.51
C ARG J 332 -33.91 -4.03 47.04
N GLN J 333 -33.10 -3.60 48.01
CA GLN J 333 -31.91 -2.81 47.73
C GLN J 333 -30.76 -3.67 47.22
N ALA J 334 -30.02 -3.15 46.25
CA ALA J 334 -28.85 -3.85 45.74
C ALA J 334 -27.77 -3.86 46.82
N TYR J 335 -26.92 -4.89 46.79
CA TYR J 335 -25.89 -4.96 47.82
C TYR J 335 -24.71 -5.80 47.35
N CYS J 336 -23.59 -5.64 48.07
CA CYS J 336 -22.41 -6.47 47.87
C CYS J 336 -22.00 -7.15 49.18
N ASN J 337 -21.50 -8.37 49.07
CA ASN J 337 -20.99 -9.13 50.20
C ASN J 337 -19.50 -9.37 50.02
N ILE J 338 -18.71 -8.86 50.96
CA ILE J 338 -17.26 -8.95 50.95
C ILE J 338 -16.86 -9.88 52.09
N LYS J 339 -16.06 -10.92 51.81
CA LYS J 339 -15.74 -11.83 52.91
C LYS J 339 -15.10 -11.07 54.08
N LYS J 340 -15.64 -11.29 55.29
CA LYS J 340 -15.20 -10.51 56.45
C LYS J 340 -13.78 -10.83 56.90
N ASP J 341 -13.41 -12.11 56.96
CA ASP J 341 -12.07 -12.40 57.49
C ASP J 341 -10.99 -12.02 56.50
N ASP J 342 -11.26 -12.15 55.20
CA ASP J 342 -10.25 -11.79 54.23
C ASP J 342 -10.08 -10.29 54.21
N TRP J 343 -11.19 -9.56 54.32
CA TRP J 343 -11.11 -8.10 54.34
C TRP J 343 -10.34 -7.64 55.56
N ILE J 344 -10.65 -8.20 56.74
CA ILE J 344 -9.98 -7.75 57.95
C ILE J 344 -8.48 -8.03 57.88
N ARG J 345 -8.08 -9.24 57.43
CA ARG J 345 -6.66 -9.51 57.34
C ARG J 345 -6.00 -8.57 56.34
N THR J 346 -6.67 -8.32 55.21
CA THR J 346 -6.10 -7.46 54.18
C THR J 346 -5.89 -6.05 54.72
N LEU J 347 -6.89 -5.53 55.43
CA LEU J 347 -6.78 -4.16 55.93
C LEU J 347 -5.72 -4.09 57.01
N GLN J 348 -5.59 -5.12 57.84
CA GLN J 348 -4.54 -5.11 58.86
C GLN J 348 -3.17 -5.09 58.21
N ARG J 349 -3.00 -5.84 57.11
CA ARG J 349 -1.71 -5.88 56.42
C ARG J 349 -1.41 -4.55 55.74
N VAL J 350 -2.45 -3.90 55.19
CA VAL J 350 -2.23 -2.59 54.59
C VAL J 350 -1.85 -1.59 55.67
N GLY J 351 -2.54 -1.64 56.82
CA GLY J 351 -2.20 -0.74 57.90
C GLY J 351 -0.76 -0.93 58.35
N LYS J 352 -0.32 -2.19 58.41
CA LYS J 352 1.06 -2.46 58.76
C LYS J 352 2.02 -1.84 57.76
N LYS J 353 1.74 -2.01 56.46
CA LYS J 353 2.64 -1.46 55.45
C LYS J 353 2.65 0.06 55.49
N LEU J 354 1.51 0.68 55.76
CA LEU J 354 1.48 2.14 55.88
C LEU J 354 2.27 2.59 57.09
N ALA J 355 2.19 1.83 58.19
CA ALA J 355 2.91 2.18 59.40
C ALA J 355 4.41 2.26 59.15
N GLU J 356 4.92 1.41 58.25
CA GLU J 356 6.34 1.42 57.92
C GLU J 356 6.75 2.68 57.17
N HIS J 357 5.80 3.39 56.57
CA HIS J 357 6.07 4.61 55.81
C HIS J 357 5.72 5.87 56.58
N PHE J 358 4.84 5.76 57.58
CA PHE J 358 4.40 6.88 58.41
C PHE J 358 4.63 6.52 59.87
N PRO J 359 5.88 6.52 60.31
CA PRO J 359 6.19 6.02 61.66
C PRO J 359 5.68 6.97 62.73
N ARG J 360 5.42 6.39 63.91
CA ARG J 360 4.96 7.16 65.07
C ARG J 360 3.65 7.89 64.77
N ARG J 361 2.77 7.23 64.03
CA ARG J 361 1.45 7.77 63.72
C ARG J 361 0.44 6.64 63.78
N ILE J 362 -0.78 6.99 64.19
CA ILE J 362 -1.89 6.05 64.16
C ILE J 362 -2.44 6.01 62.73
N ILE J 363 -2.62 4.81 62.20
CA ILE J 363 -3.18 4.63 60.86
C ILE J 363 -4.69 4.49 61.00
N ASN J 364 -5.42 5.51 60.56
CA ASN J 364 -6.89 5.55 60.64
C ASN J 364 -7.52 5.44 59.26
N PHE J 365 -8.18 4.32 59.00
CA PHE J 365 -8.96 4.13 57.78
C PHE J 365 -10.37 4.60 58.06
N THR J 366 -10.83 5.64 57.35
CA THR J 366 -12.15 6.20 57.56
C THR J 366 -12.89 6.32 56.24
N GLN J 367 -14.11 6.82 56.30
CA GLN J 367 -14.96 6.98 55.13
C GLN J 367 -14.58 8.25 54.36
N PRO J 368 -14.93 8.32 53.08
CA PRO J 368 -14.73 9.58 52.35
C PRO J 368 -15.62 10.68 52.91
N ALA J 369 -15.18 11.92 52.73
CA ALA J 369 -16.00 13.06 53.14
C ALA J 369 -17.25 13.07 52.26
N GLY J 370 -18.34 13.61 52.80
CA GLY J 370 -19.58 13.60 52.05
C GLY J 370 -19.49 14.44 50.78
N GLY J 371 -20.21 13.98 49.77
CA GLY J 371 -20.21 14.64 48.48
C GLY J 371 -20.97 13.79 47.48
N ASP J 372 -20.82 14.16 46.20
CA ASP J 372 -21.49 13.45 45.13
C ASP J 372 -21.11 11.98 45.14
N LEU J 373 -22.05 11.11 44.76
CA LEU J 373 -21.80 9.67 44.83
C LEU J 373 -20.59 9.28 44.01
N GLU J 374 -20.38 9.95 42.88
CA GLU J 374 -19.28 9.62 41.99
C GLU J 374 -17.91 9.76 42.62
N ILE J 375 -17.77 10.50 43.72
CA ILE J 375 -16.49 10.68 44.40
C ILE J 375 -16.47 10.17 45.83
N THR J 376 -17.56 9.56 46.31
CA THR J 376 -17.63 9.03 47.67
C THR J 376 -17.94 7.55 47.75
N THR J 377 -18.46 6.97 46.68
CA THR J 377 -18.87 5.57 46.64
C THR J 377 -17.95 4.77 45.74
N HIS J 378 -18.07 3.45 45.87
CA HIS J 378 -17.37 2.49 45.05
C HIS J 378 -18.24 2.19 43.84
N SER J 379 -17.82 2.65 42.67
CA SER J 379 -18.58 2.49 41.45
C SER J 379 -18.08 1.30 40.67
N PHE J 380 -19.00 0.56 40.03
CA PHE J 380 -18.56 -0.50 39.12
C PHE J 380 -19.67 -0.89 38.16
N ASN J 381 -19.27 -1.52 37.06
CA ASN J 381 -20.17 -2.04 36.04
C ASN J 381 -20.35 -3.56 36.20
N CYS J 382 -21.54 -3.97 36.63
CA CYS J 382 -21.90 -5.37 36.87
C CYS J 382 -22.91 -5.80 35.80
N ARG J 383 -22.42 -6.49 34.75
CA ARG J 383 -23.25 -6.90 33.61
C ARG J 383 -24.03 -5.75 33.00
N GLY J 384 -23.44 -4.58 32.92
CA GLY J 384 -24.13 -3.44 32.32
C GLY J 384 -24.85 -2.56 33.30
N GLU J 385 -25.02 -2.99 34.55
CA GLU J 385 -25.67 -2.16 35.55
C GLU J 385 -24.57 -1.38 36.25
N PHE J 386 -24.87 -0.14 36.63
CA PHE J 386 -23.89 0.69 37.31
C PHE J 386 -24.25 0.81 38.79
N PHE J 387 -23.39 0.23 39.62
CA PHE J 387 -23.54 0.17 41.06
C PHE J 387 -22.69 1.26 41.69
N TYR J 388 -23.24 1.90 42.72
CA TYR J 388 -22.58 2.93 43.53
C TYR J 388 -22.72 2.52 45.00
N CYS J 389 -21.76 1.76 45.49
CA CYS J 389 -21.82 1.10 46.79
C CYS J 389 -21.19 1.98 47.87
N ASN J 390 -21.84 2.05 49.02
CA ASN J 390 -21.36 2.86 50.14
C ASN J 390 -20.45 1.99 51.00
N THR J 391 -19.15 2.25 50.93
CA THR J 391 -18.10 1.44 51.54
C THR J 391 -17.68 1.95 52.91
N SER J 392 -18.45 2.86 53.52
CA SER J 392 -18.08 3.38 54.83
C SER J 392 -18.00 2.30 55.90
N SER J 393 -18.69 1.18 55.71
CA SER J 393 -18.62 0.09 56.67
C SER J 393 -17.35 -0.74 56.54
N LEU J 394 -16.60 -0.58 55.45
CA LEU J 394 -15.35 -1.31 55.26
C LEU J 394 -14.16 -0.55 55.81
N PHE J 395 -14.10 0.75 55.55
CA PHE J 395 -13.00 1.60 56.01
C PHE J 395 -13.41 2.21 57.35
N ASN J 396 -13.51 1.32 58.34
CA ASN J 396 -13.97 1.66 59.68
C ASN J 396 -13.12 0.92 60.72
N SER J 397 -11.83 1.25 60.76
CA SER J 397 -10.92 0.56 61.66
C SER J 397 -9.73 1.47 61.95
N THR J 398 -8.97 1.11 62.98
CA THR J 398 -7.81 1.88 63.43
C THR J 398 -6.67 0.94 63.74
N TYR J 399 -5.64 0.94 62.91
CA TYR J 399 -4.47 0.11 63.17
C TYR J 399 -3.49 0.90 64.04
N LEU J 415 -19.40 -15.68 56.91
CA LEU J 415 -19.68 -14.39 57.52
C LEU J 415 -19.17 -13.26 56.64
N ASP J 416 -20.09 -12.57 55.97
CA ASP J 416 -19.80 -11.50 55.03
C ASP J 416 -20.17 -10.14 55.60
N ILE J 417 -19.53 -9.10 55.04
CA ILE J 417 -19.86 -7.71 55.30
C ILE J 417 -20.73 -7.26 54.14
N THR J 418 -21.93 -6.77 54.45
CA THR J 418 -22.88 -6.34 53.42
C THR J 418 -22.77 -4.83 53.23
N ILE J 419 -22.59 -4.43 51.98
CA ILE J 419 -22.42 -3.05 51.54
C ILE J 419 -23.70 -2.61 50.81
N PRO J 420 -24.43 -1.59 51.29
CA PRO J 420 -25.57 -1.07 50.53
C PRO J 420 -25.10 -0.49 49.20
N CYS J 421 -25.88 -0.72 48.13
CA CYS J 421 -25.53 -0.17 46.82
C CYS J 421 -26.72 0.50 46.15
N ARG J 422 -26.44 1.63 45.50
CA ARG J 422 -27.41 2.36 44.69
C ARG J 422 -27.15 2.01 43.24
N ILE J 423 -28.18 2.09 42.40
CA ILE J 423 -28.07 1.79 40.98
C ILE J 423 -28.45 3.04 40.18
N LYS J 424 -27.67 3.32 39.13
CA LYS J 424 -27.99 4.42 38.23
C LYS J 424 -28.03 3.92 36.80
N GLN J 425 -28.89 4.56 36.01
CA GLN J 425 -28.96 4.29 34.57
C GLN J 425 -28.33 5.37 33.71
N ILE J 426 -28.26 6.62 34.18
CA ILE J 426 -27.68 7.73 33.43
C ILE J 426 -26.31 8.02 34.01
N ILE J 427 -25.26 7.71 33.25
CA ILE J 427 -23.89 7.71 33.74
C ILE J 427 -23.07 8.77 33.01
N ASN J 428 -22.39 9.64 33.78
CA ASN J 428 -21.45 10.60 33.22
C ASN J 428 -20.07 10.01 33.43
N MET J 429 -19.53 9.36 32.40
CA MET J 429 -18.26 8.67 32.53
C MET J 429 -17.07 9.61 32.34
N TRP J 430 -15.98 9.28 33.04
CA TRP J 430 -14.70 9.98 32.95
C TRP J 430 -14.80 11.47 33.27
N GLN J 431 -15.74 11.84 34.13
CA GLN J 431 -15.93 13.22 34.54
C GLN J 431 -16.15 14.18 33.37
N ARG J 432 -16.67 13.69 32.24
CA ARG J 432 -16.91 14.56 31.09
C ARG J 432 -18.35 15.05 31.14
N VAL J 433 -18.51 16.33 31.47
CA VAL J 433 -19.85 16.89 31.57
C VAL J 433 -20.28 17.23 30.15
N GLY J 434 -21.47 16.77 29.76
CA GLY J 434 -21.97 17.00 28.43
C GLY J 434 -22.14 15.76 27.56
N GLN J 435 -21.65 14.59 27.99
CA GLN J 435 -21.82 13.35 27.22
C GLN J 435 -22.37 12.25 28.12
N ALA J 436 -23.67 12.32 28.39
CA ALA J 436 -24.33 11.35 29.26
C ALA J 436 -24.70 10.12 28.46
N MET J 437 -24.68 8.96 29.12
CA MET J 437 -25.08 7.70 28.51
C MET J 437 -26.14 7.02 29.37
N TYR J 438 -27.09 6.37 28.71
CA TYR J 438 -28.17 5.64 29.37
C TYR J 438 -27.92 4.14 29.23
N ALA J 439 -27.88 3.44 30.37
CA ALA J 439 -27.65 2.00 30.39
C ALA J 439 -29.00 1.29 30.43
N PRO J 440 -29.39 0.53 29.40
CA PRO J 440 -30.71 -0.10 29.43
C PRO J 440 -30.76 -1.20 30.49
N PRO J 441 -31.93 -1.45 31.08
CA PRO J 441 -32.03 -2.52 32.10
C PRO J 441 -32.00 -3.91 31.51
N ILE J 442 -31.62 -4.86 32.37
CA ILE J 442 -31.66 -6.29 32.11
C ILE J 442 -32.75 -6.95 32.93
N GLU J 443 -33.58 -7.77 32.30
CA GLU J 443 -34.65 -8.45 32.98
C GLU J 443 -34.10 -9.50 33.93
N GLY J 444 -34.89 -9.84 34.94
CA GLY J 444 -34.46 -10.77 35.96
C GLY J 444 -33.59 -10.05 36.98
N ASN J 445 -32.75 -10.82 37.68
CA ASN J 445 -31.90 -10.28 38.73
C ASN J 445 -30.46 -10.39 38.26
N ILE J 446 -29.61 -9.54 38.81
CA ILE J 446 -28.20 -9.47 38.42
C ILE J 446 -27.30 -9.87 39.56
N THR J 447 -26.38 -10.80 39.29
CA THR J 447 -25.37 -11.19 40.25
C THR J 447 -24.05 -11.30 39.51
N CYS J 448 -22.97 -10.87 40.16
CA CYS J 448 -21.63 -11.00 39.62
C CYS J 448 -20.67 -11.16 40.79
N LYS J 449 -19.48 -11.66 40.50
CA LYS J 449 -18.44 -11.88 41.49
C LYS J 449 -17.11 -11.37 40.97
N SER J 450 -16.30 -10.80 41.86
CA SER J 450 -15.01 -10.28 41.45
C SER J 450 -13.98 -10.41 42.57
N ASN J 451 -12.73 -10.27 42.16
CA ASN J 451 -11.56 -10.37 43.03
C ASN J 451 -11.02 -8.98 43.31
N ILE J 452 -11.00 -8.56 44.57
CA ILE J 452 -10.40 -7.26 44.91
C ILE J 452 -8.91 -7.50 44.99
N THR J 453 -8.15 -6.81 44.13
CA THR J 453 -6.71 -6.98 44.01
C THR J 453 -5.92 -5.76 44.45
N GLY J 454 -6.58 -4.65 44.75
CA GLY J 454 -5.86 -3.47 45.19
C GLY J 454 -6.82 -2.41 45.67
N LEU J 455 -6.25 -1.34 46.19
CA LEU J 455 -7.00 -0.21 46.74
C LEU J 455 -6.43 1.11 46.26
N LEU J 456 -7.29 2.10 46.14
CA LEU J 456 -6.87 3.48 45.93
C LEU J 456 -7.18 4.25 47.21
N LEU J 457 -6.13 4.75 47.87
CA LEU J 457 -6.27 5.49 49.12
C LEU J 457 -5.73 6.90 48.94
N VAL J 458 -6.36 7.85 49.62
CA VAL J 458 -5.93 9.23 49.65
C VAL J 458 -5.70 9.60 51.11
N ARG J 459 -4.50 10.07 51.42
CA ARG J 459 -4.18 10.48 52.77
C ARG J 459 -4.83 11.84 53.03
N ASP J 460 -5.43 11.99 54.20
CA ASP J 460 -6.09 13.26 54.52
C ASP J 460 -5.10 14.41 54.43
N GLY J 461 -4.00 14.31 55.17
CA GLY J 461 -2.94 15.29 55.06
C GLY J 461 -3.18 16.61 55.73
N GLY J 462 -4.11 16.68 56.69
CA GLY J 462 -4.21 17.87 57.49
C GLY J 462 -2.93 18.16 58.25
N VAL J 463 -2.57 19.43 58.29
CA VAL J 463 -1.35 19.83 58.98
C VAL J 463 -1.45 19.51 60.46
N GLU J 464 -2.65 19.64 61.03
CA GLU J 464 -2.90 19.36 62.44
C GLU J 464 -3.62 18.03 62.61
N SER J 465 -3.04 17.16 63.43
CA SER J 465 -3.68 15.91 63.81
C SER J 465 -3.02 15.41 65.08
N ASN J 466 -3.77 14.66 65.87
CA ASN J 466 -3.27 14.15 67.15
C ASN J 466 -2.36 12.93 66.94
N GLU J 467 -1.25 13.19 66.26
CA GLU J 467 -0.26 12.17 65.93
C GLU J 467 -0.90 10.99 65.20
N THR J 468 -1.81 11.29 64.27
CA THR J 468 -2.48 10.29 63.47
C THR J 468 -2.38 10.67 62.00
N GLU J 469 -2.59 9.67 61.14
CA GLU J 469 -2.71 9.87 59.70
C GLU J 469 -4.01 9.21 59.29
N ILE J 470 -4.83 9.92 58.51
CA ILE J 470 -6.14 9.36 58.08
C ILE J 470 -6.05 8.98 56.59
N PHE J 471 -6.42 7.74 56.26
CA PHE J 471 -6.41 7.29 54.85
C PHE J 471 -7.85 7.05 54.40
N ARG J 472 -8.37 7.92 53.51
CA ARG J 472 -9.77 7.80 53.06
C ARG J 472 -9.80 7.29 51.62
N PRO J 473 -10.77 6.43 51.25
CA PRO J 473 -10.83 5.88 49.89
C PRO J 473 -11.06 6.99 48.86
N GLY J 474 -10.29 6.97 47.77
CA GLY J 474 -10.45 7.99 46.70
C GLY J 474 -9.93 7.49 45.37
N GLY J 475 -10.61 7.84 44.27
CA GLY J 475 -10.19 7.39 42.93
C GLY J 475 -9.97 8.54 41.98
N GLY J 476 -11.04 9.03 41.34
CA GLY J 476 -10.92 10.15 40.38
C GLY J 476 -10.54 9.67 39.00
N ASP J 477 -9.27 9.89 38.59
CA ASP J 477 -8.81 9.46 37.25
C ASP J 477 -8.91 7.95 37.17
N MET J 478 -9.31 7.42 36.02
CA MET J 478 -9.26 5.96 35.90
C MET J 478 -7.79 5.70 35.72
N ARG J 479 -7.05 6.76 35.51
CA ARG J 479 -5.61 6.69 35.22
C ARG J 479 -4.75 6.18 36.34
N ASN J 480 -5.35 5.91 37.48
CA ASN J 480 -4.59 5.34 38.58
C ASN J 480 -5.01 3.89 38.59
N ASN J 481 -6.00 3.54 37.78
CA ASN J 481 -6.33 2.13 37.71
C ASN J 481 -5.40 1.47 36.71
N TRP J 482 -5.14 2.16 35.60
CA TRP J 482 -4.30 1.59 34.56
C TRP J 482 -2.84 1.64 34.96
N ARG J 483 -2.48 2.59 35.83
CA ARG J 483 -1.13 2.58 36.36
C ARG J 483 -0.90 1.36 37.22
N SER J 484 -1.97 0.71 37.69
CA SER J 484 -1.76 -0.45 38.54
C SER J 484 -1.34 -1.66 37.73
N GLU J 485 -1.47 -1.61 36.40
CA GLU J 485 -1.05 -2.72 35.55
C GLU J 485 0.18 -2.39 34.70
N LEU J 486 0.32 -1.14 34.28
CA LEU J 486 1.40 -0.71 33.40
C LEU J 486 2.63 -0.21 34.15
N TYR J 487 2.64 -0.28 35.48
CA TYR J 487 3.77 0.26 36.25
C TYR J 487 5.08 -0.44 35.97
N LYS J 488 5.04 -1.68 35.50
CA LYS J 488 6.25 -2.45 35.26
C LYS J 488 6.75 -2.41 33.82
N TYR J 489 6.12 -1.63 32.94
CA TYR J 489 6.51 -1.60 31.54
C TYR J 489 7.02 -0.23 31.13
N LYS J 490 8.01 -0.25 30.24
CA LYS J 490 8.59 0.94 29.64
C LYS J 490 8.74 0.68 28.16
N VAL J 491 8.54 1.69 27.31
CA VAL J 491 8.71 1.55 25.87
C VAL J 491 10.00 2.27 25.47
N VAL J 492 10.87 1.56 24.75
CA VAL J 492 12.14 2.12 24.30
C VAL J 492 12.29 1.90 22.80
N GLU J 493 13.13 2.74 22.19
CA GLU J 493 13.46 2.67 20.77
C GLU J 493 14.86 2.11 20.61
N ILE J 494 15.02 1.19 19.67
CA ILE J 494 16.31 0.58 19.36
C ILE J 494 17.13 1.53 18.50
N LYS J 495 18.40 1.73 18.87
CA LYS J 495 19.33 2.62 18.16
C LYS J 495 20.51 1.78 17.67
N PRO J 496 20.34 1.08 16.55
CA PRO J 496 21.32 0.04 16.16
C PRO J 496 22.66 0.56 15.65
N LEU J 497 22.79 1.85 15.38
CA LEU J 497 24.00 2.41 14.79
C LEU J 497 24.87 3.06 15.84
N GLY J 498 26.16 2.71 15.84
CA GLY J 498 27.09 3.27 16.80
C GLY J 498 28.51 3.04 16.35
N ILE J 499 29.45 3.60 17.11
CA ILE J 499 30.86 3.57 16.78
C ILE J 499 31.71 3.09 17.96
N ALA J 500 32.90 2.60 17.66
CA ALA J 500 33.83 2.19 18.71
C ALA J 500 35.25 2.19 18.16
N PRO J 501 36.27 2.33 19.02
CA PRO J 501 37.66 2.20 18.55
C PRO J 501 38.03 0.77 18.20
N THR J 502 38.89 0.64 17.18
CA THR J 502 39.45 -0.63 16.76
C THR J 502 40.94 -0.45 16.52
N ARG J 503 41.60 -1.56 16.17
CA ARG J 503 42.99 -1.58 15.76
C ARG J 503 43.15 -1.71 14.25
N CYS J 504 42.05 -1.88 13.51
CA CYS J 504 42.04 -2.09 12.07
C CYS J 504 41.76 -0.80 11.30
N LYS J 505 42.67 -0.44 10.40
CA LYS J 505 42.54 0.74 9.55
C LYS J 505 41.88 0.33 8.24
N ARG J 506 41.05 1.23 7.68
CA ARG J 506 40.41 0.98 6.39
C ARG J 506 41.41 0.68 5.29
N ARG J 507 42.51 1.44 5.23
CA ARG J 507 43.53 1.28 4.20
C ARG J 507 42.95 1.39 2.79
C1 NAG K . -42.64 -2.41 9.68
C2 NAG K . -42.25 -3.75 10.31
C3 NAG K . -42.55 -4.89 9.34
C4 NAG K . -43.99 -4.84 8.86
C5 NAG K . -44.30 -3.45 8.31
C6 NAG K . -45.76 -3.28 7.94
C7 NAG K . -40.40 -3.91 11.93
C8 NAG K . -38.92 -3.90 12.11
N2 NAG K . -40.84 -3.76 10.68
O3 NAG K . -42.30 -6.14 9.99
O4 NAG K . -44.20 -5.79 7.83
O5 NAG K . -44.01 -2.46 9.30
O6 NAG K . -46.62 -3.57 9.03
O7 NAG K . -41.17 -4.05 12.87
C1 NAG K . -45.22 -6.74 8.19
C2 NAG K . -45.82 -7.31 6.90
C3 NAG K . -46.90 -8.33 7.26
C4 NAG K . -46.26 -9.43 8.11
C5 NAG K . -45.64 -8.82 9.36
C6 NAG K . -44.91 -9.83 10.20
C7 NAG K . -46.07 -6.04 4.80
C8 NAG K . -46.76 -4.90 4.12
N2 NAG K . -46.40 -6.25 6.08
O3 NAG K . -47.43 -8.89 6.07
O4 NAG K . -47.26 -10.38 8.48
O5 NAG K . -44.68 -7.82 8.98
O6 NAG K . -45.49 -11.12 10.09
O7 NAG K . -45.24 -6.75 4.22
C1 NAG L . -4.98 -16.23 -27.38
C2 NAG L . -3.80 -16.39 -28.31
C3 NAG L . -3.67 -15.11 -29.12
C4 NAG L . -4.93 -14.86 -29.92
C5 NAG L . -6.14 -14.82 -28.96
C6 NAG L . -7.48 -14.80 -29.66
C7 NAG L . -1.87 -17.77 -27.67
C8 NAG L . -0.64 -17.85 -26.81
N2 NAG L . -2.59 -16.64 -27.55
O3 NAG L . -2.55 -15.22 -29.99
O4 NAG L . -4.69 -13.67 -30.66
O5 NAG L . -6.15 -16.02 -28.16
O6 NAG L . -8.14 -13.57 -29.49
O7 NAG L . -2.20 -18.68 -28.43
C1 NAG L . -5.68 -12.65 -30.97
C2 NAG L . -5.18 -11.31 -30.46
C3 NAG L . -6.19 -10.22 -30.83
C4 NAG L . -6.40 -10.21 -32.33
C5 NAG L . -6.89 -11.57 -32.78
C6 NAG L . -7.06 -11.68 -34.28
C7 NAG L . -4.24 -10.44 -28.37
C8 NAG L . -4.15 -10.62 -26.88
N2 NAG L . -4.98 -11.34 -29.02
O3 NAG L . -5.70 -8.95 -30.42
O4 NAG L . -7.36 -9.22 -32.68
O5 NAG L . -5.93 -12.58 -32.39
O6 NAG L . -7.48 -10.44 -34.84
O7 NAG L . -3.69 -9.50 -28.94
C1 NAG M . -28.19 0.14 -21.36
C2 NAG M . -28.90 0.83 -20.21
C3 NAG M . -29.93 1.79 -20.78
C4 NAG M . -29.24 2.80 -21.69
C5 NAG M . -28.52 2.04 -22.80
C6 NAG M . -27.70 2.92 -23.71
C7 NAG M . -29.70 0.03 -18.03
C8 NAG M . -30.38 -1.08 -17.29
N2 NAG M . -29.54 -0.14 -19.34
O3 NAG M . -30.58 2.48 -19.71
O4 NAG M . -30.20 3.67 -22.26
O5 NAG M . -27.60 1.11 -22.20
O6 NAG M . -26.59 3.47 -23.02
O7 NAG M . -29.30 1.04 -17.46
C1 NAG M . -29.80 5.06 -22.20
C2 NAG M . -30.70 5.80 -23.16
C3 NAG M . -30.34 7.28 -23.16
C4 NAG M . -30.49 7.82 -21.74
C5 NAG M . -29.59 7.01 -20.81
C6 NAG M . -29.73 7.42 -19.36
C7 NAG M . -31.58 4.71 -25.20
C8 NAG M . -31.25 4.20 -26.56
N2 NAG M . -30.57 5.25 -24.50
O3 NAG M . -31.21 7.97 -24.04
O4 NAG M . -30.08 9.18 -21.72
O5 NAG M . -29.94 5.62 -20.89
O6 NAG M . -31.01 7.07 -18.85
O7 NAG M . -32.72 4.65 -24.75
C1 BMA M . -31.15 10.09 -21.36
C2 BMA M . -30.48 11.13 -20.42
C3 BMA M . -31.37 12.35 -20.21
C4 BMA M . -31.89 12.86 -21.52
C5 BMA M . -32.66 11.78 -22.24
C6 BMA M . -33.18 12.34 -23.52
O2 BMA M . -29.27 11.61 -21.00
O3 BMA M . -30.68 13.40 -19.60
O4 BMA M . -32.73 13.97 -21.27
O5 BMA M . -31.74 10.70 -22.52
O6 BMA M . -33.66 11.31 -24.36
C1 MAN M . -30.88 13.36 -18.19
C2 MAN M . -31.14 14.81 -17.75
C3 MAN M . -29.90 15.65 -18.02
C4 MAN M . -28.65 15.00 -17.38
C5 MAN M . -28.52 13.56 -17.88
C6 MAN M . -27.40 12.81 -17.20
O2 MAN M . -31.39 14.91 -16.35
O3 MAN M . -30.04 16.99 -17.55
O4 MAN M . -27.48 15.72 -17.73
O5 MAN M . -29.74 12.84 -17.59
O6 MAN M . -26.23 13.60 -17.30
C1 MAN M . -34.16 11.80 -25.65
C2 MAN M . -33.03 11.53 -26.74
C3 MAN M . -32.13 12.73 -26.98
C4 MAN M . -32.95 13.97 -27.25
C5 MAN M . -33.75 14.33 -26.02
C6 MAN M . -34.68 15.51 -26.25
O2 MAN M . -33.63 11.24 -28.01
O3 MAN M . -31.22 12.50 -28.05
O4 MAN M . -32.08 15.04 -27.57
O5 MAN M . -34.62 13.21 -25.60
O6 MAN M . -35.24 15.88 -24.99
C1 NAG N . -24.18 -18.47 -30.69
C2 NAG N . -23.87 -18.34 -32.17
C3 NAG N . -24.92 -19.11 -32.95
C4 NAG N . -24.90 -20.56 -32.51
C5 NAG N . -25.12 -20.64 -31.01
C6 NAG N . -24.99 -22.06 -30.48
C7 NAG N . -22.71 -16.22 -32.56
C8 NAG N . -22.85 -14.80 -33.03
N2 NAG N . -23.83 -16.95 -32.59
O3 NAG N . -24.64 -19.01 -34.34
O4 NAG N . -25.99 -21.24 -33.14
O5 NAG N . -24.15 -19.85 -30.31
O6 NAG N . -24.97 -22.07 -29.06
O7 NAG N . -21.64 -16.67 -32.16
C1 NAG N . -25.57 -22.11 -34.22
C2 NAG N . -26.62 -23.19 -34.35
C3 NAG N . -26.23 -24.13 -35.48
C4 NAG N . -26.11 -23.33 -36.77
C5 NAG N . -25.07 -22.23 -36.58
C6 NAG N . -24.95 -21.32 -37.78
C7 NAG N . -27.89 -23.89 -32.37
C8 NAG N . -27.87 -24.72 -31.11
N2 NAG N . -26.78 -23.93 -33.11
O3 NAG N . -27.23 -25.14 -35.63
O4 NAG N . -25.72 -24.18 -37.83
O5 NAG N . -25.45 -21.39 -35.47
O6 NAG N . -24.77 -22.06 -38.98
O7 NAG N . -28.87 -23.23 -32.68
C1 NAG O . -46.74 -12.64 -12.41
C2 NAG O . -47.06 -12.84 -10.94
C3 NAG O . -47.58 -14.25 -10.74
C4 NAG O . -48.81 -14.48 -11.62
C5 NAG O . -48.44 -14.21 -13.07
C6 NAG O . -49.62 -14.30 -14.01
C7 NAG O . -45.75 -11.55 -9.30
C8 NAG O . -44.46 -11.49 -8.54
N2 NAG O . -45.88 -12.61 -10.11
O3 NAG O . -47.93 -14.44 -9.37
O4 NAG O . -49.24 -15.83 -11.50
O5 NAG O . -47.91 -12.88 -13.19
O6 NAG O . -49.40 -13.55 -15.19
O7 NAG O . -46.61 -10.70 -9.18
C1 NAG O . -50.62 -15.89 -11.07
C2 NAG O . -51.24 -17.19 -11.58
C3 NAG O . -52.69 -17.27 -11.12
C4 NAG O . -52.73 -17.19 -9.60
C5 NAG O . -52.07 -15.90 -9.14
C6 NAG O . -52.00 -15.77 -7.63
C7 NAG O . -50.82 -18.39 -13.68
C8 NAG O . -50.82 -18.28 -15.18
N2 NAG O . -51.17 -17.27 -13.04
O3 NAG O . -53.26 -18.48 -11.57
O4 NAG O . -54.08 -17.23 -9.15
O5 NAG O . -50.72 -15.84 -9.63
O6 NAG O . -53.28 -15.95 -7.05
O7 NAG O . -50.52 -19.42 -13.10
C1 NAG P . -47.39 -20.58 -20.91
C2 NAG P . -48.39 -19.45 -20.66
C3 NAG P . -49.79 -20.02 -20.63
C4 NAG P . -50.08 -20.73 -21.95
C5 NAG P . -49.04 -21.84 -22.13
C6 NAG P . -49.18 -22.57 -23.45
C7 NAG P . -48.00 -17.42 -19.32
C8 NAG P . -47.69 -16.89 -17.95
N2 NAG P . -48.09 -18.76 -19.42
O3 NAG P . -50.73 -18.98 -20.43
O4 NAG P . -51.38 -21.31 -21.91
O5 NAG P . -47.73 -21.26 -22.13
O6 NAG P . -47.99 -23.29 -23.77
O7 NAG P . -48.17 -16.69 -20.28
C1 NAG P . -52.06 -21.16 -23.16
C2 NAG P . -53.27 -22.09 -23.15
C3 NAG P . -54.03 -21.96 -24.45
C4 NAG P . -54.44 -20.52 -24.66
C5 NAG P . -53.20 -19.63 -24.65
C6 NAG P . -53.51 -18.15 -24.77
C7 NAG P . -52.65 -23.99 -21.72
C8 NAG P . -52.23 -25.43 -21.67
N2 NAG P . -52.86 -23.47 -22.93
O3 NAG P . -55.18 -22.79 -24.42
O4 NAG P . -55.13 -20.37 -25.90
O5 NAG P . -52.50 -19.81 -23.41
O6 NAG P . -52.44 -17.44 -25.35
O7 NAG P . -52.78 -23.32 -20.70
C1 NAG Q . -26.79 -4.02 -28.31
C2 NAG Q . -25.90 -2.79 -28.14
C3 NAG Q . -25.89 -2.00 -29.44
C4 NAG Q . -25.39 -2.91 -30.56
C5 NAG Q . -26.27 -4.16 -30.64
C6 NAG Q . -25.76 -5.16 -31.65
C7 NAG Q . -25.75 -1.90 -25.85
C8 NAG Q . -26.36 -0.98 -24.84
N2 NAG Q . -26.36 -1.95 -27.04
O3 NAG Q . -25.03 -0.88 -29.30
O4 NAG Q . -25.51 -2.21 -31.79
O5 NAG Q . -26.28 -4.83 -29.37
O6 NAG Q . -26.46 -6.39 -31.54
O7 NAG Q . -24.75 -2.57 -25.60
C1 NAG Q . -24.23 -1.90 -32.37
C2 NAG Q . -24.53 -1.25 -33.71
C3 NAG Q . -23.21 -0.88 -34.39
C4 NAG Q . -22.42 0.05 -33.48
C5 NAG Q . -22.18 -0.64 -32.14
C6 NAG Q . -21.48 0.25 -31.14
C7 NAG Q . -26.65 -2.07 -34.62
C8 NAG Q . -27.30 -3.06 -35.55
N2 NAG Q . -25.31 -2.11 -34.56
O3 NAG Q . -23.48 -0.24 -35.63
O4 NAG Q . -21.17 0.36 -34.08
O5 NAG Q . -23.45 -1.01 -31.56
O6 NAG Q . -20.71 -0.52 -30.21
O7 NAG Q . -27.30 -1.26 -33.96
C1 NAG R . -39.28 44.95 23.95
C2 NAG R . -38.63 45.99 24.84
C3 NAG R . -38.69 45.51 26.29
C4 NAG R . -40.14 45.30 26.68
C5 NAG R . -40.76 44.27 25.75
C6 NAG R . -42.23 44.05 26.02
C7 NAG R . -36.76 47.50 24.37
C8 NAG R . -35.32 47.61 23.95
N2 NAG R . -37.26 46.27 24.44
O3 NAG R . -38.09 46.49 27.13
O4 NAG R . -40.21 44.82 28.03
O5 NAG R . -40.65 44.73 24.39
O6 NAG R . -42.64 44.70 27.22
O7 NAG R . -37.43 48.49 24.64
C1 NAG R . -43.89 44.16 27.68
C2 NAG R . -43.66 43.40 28.98
C3 NAG R . -44.98 42.83 29.47
C4 NAG R . -45.98 43.97 29.67
C5 NAG R . -46.16 44.70 28.35
C6 NAG R . -47.09 45.90 28.45
C7 NAG R . -41.46 42.34 29.27
C8 NAG R . -40.60 41.15 28.96
N2 NAG R . -42.69 42.32 28.78
O3 NAG R . -44.78 42.15 30.70
O4 NAG R . -47.22 43.45 30.10
O5 NAG R . -44.89 45.19 27.89
O6 NAG R . -48.43 45.50 28.64
O7 NAG R . -41.04 43.29 29.94
C1 NAG S . -35.56 33.20 0.37
C2 NAG S . -35.26 33.09 -1.11
C3 NAG S . -34.65 34.40 -1.60
C4 NAG S . -35.61 35.54 -1.34
C5 NAG S . -35.95 35.58 0.16
C6 NAG S . -37.00 36.60 0.50
C7 NAG S . -34.61 30.96 -2.17
C8 NAG S . -33.52 29.93 -2.29
N2 NAG S . -34.33 31.99 -1.36
O3 NAG S . -34.41 34.29 -2.99
O4 NAG S . -34.97 36.76 -1.66
O5 NAG S . -36.46 34.31 0.58
O6 NAG S . -38.21 36.37 -0.21
O7 NAG S . -35.67 30.86 -2.77
C1 NAG S . -35.79 37.60 -2.49
C2 NAG S . -35.31 39.04 -2.33
C3 NAG S . -36.15 39.95 -3.22
C4 NAG S . -36.02 39.49 -4.66
C5 NAG S . -36.48 38.04 -4.77
C6 NAG S . -36.29 37.47 -6.15
C7 NAG S . -34.34 39.47 -0.12
C8 NAG S . -34.60 39.95 1.28
N2 NAG S . -35.39 39.47 -0.94
O3 NAG S . -35.69 41.29 -3.08
O4 NAG S . -36.81 40.31 -5.51
O5 NAG S . -35.70 37.22 -3.88
O6 NAG S . -36.81 36.15 -6.24
O7 NAG S . -33.22 39.10 -0.47
C1 NAG T . 13.22 45.24 -10.93
C2 NAG T . 14.57 45.89 -11.19
C3 NAG T . 14.37 47.07 -12.13
C4 NAG T . 13.73 46.60 -13.42
C5 NAG T . 12.40 45.92 -13.09
C6 NAG T . 11.73 45.32 -14.30
C7 NAG T . 16.53 46.53 -9.85
C8 NAG T . 17.01 46.98 -8.49
N2 NAG T . 15.20 46.34 -9.96
O3 NAG T . 15.63 47.68 -12.42
O4 NAG T . 13.46 47.71 -14.27
O5 NAG T . 12.63 44.84 -12.17
O6 NAG T . 10.47 44.75 -13.96
O7 NAG T . 17.29 46.34 -10.78
C1 NAG T . 14.45 47.80 -15.30
C2 NAG T . 13.82 48.43 -16.54
C3 NAG T . 14.86 48.53 -17.63
C4 NAG T . 16.02 49.38 -17.13
C5 NAG T . 16.62 48.75 -15.87
C6 NAG T . 17.71 49.58 -15.25
C7 NAG T . 11.40 48.06 -16.85
C8 NAG T . 10.35 47.13 -17.38
N2 NAG T . 12.68 47.65 -16.99
O3 NAG T . 14.28 49.13 -18.78
O4 NAG T . 17.03 49.45 -18.14
O5 NAG T . 15.59 48.60 -14.88
O6 NAG T . 17.17 50.69 -14.53
O7 NAG T . 11.12 49.12 -16.31
C1 NAG U . 4.74 43.81 -15.66
C2 NAG U . 3.82 44.38 -16.72
C3 NAG U . 4.09 43.70 -18.06
C4 NAG U . 5.58 43.78 -18.41
C5 NAG U . 6.45 43.31 -17.25
C6 NAG U . 7.91 43.57 -17.47
C7 NAG U . 1.68 45.26 -15.89
C8 NAG U . 0.25 44.94 -15.56
N2 NAG U . 2.42 44.25 -16.36
O3 NAG U . 3.32 44.34 -19.06
O4 NAG U . 5.84 42.93 -19.52
O5 NAG U . 6.09 44.00 -16.03
O6 NAG U . 8.73 42.78 -16.61
O7 NAG U . 2.15 46.38 -15.71
C1 NAG U . 6.17 43.49 -20.84
C2 NAG U . 4.91 43.37 -21.70
C3 NAG U . 5.18 43.91 -23.10
C4 NAG U . 5.73 45.34 -23.02
C5 NAG U . 6.97 45.37 -22.13
C6 NAG U . 7.53 46.75 -21.94
C7 NAG U . 3.30 41.55 -21.30
C8 NAG U . 3.02 40.09 -21.47
N2 NAG U . 4.47 41.98 -21.78
O3 NAG U . 3.96 43.92 -23.84
O4 NAG U . 6.08 45.79 -24.32
O5 NAG U . 6.62 44.88 -20.83
O6 NAG U . 8.75 46.72 -21.22
O7 NAG U . 2.49 42.30 -20.76
C1 NAG V . 18.54 42.45 -3.07
C2 NAG V . 20.06 42.45 -3.11
C3 NAG V . 20.61 42.60 -1.70
C4 NAG V . 20.06 43.87 -1.07
C5 NAG V . 18.53 43.83 -1.09
C6 NAG V . 17.88 45.10 -0.59
C7 NAG V . 21.31 41.24 -4.85
C8 NAG V . 21.75 39.89 -5.35
N2 NAG V . 20.58 41.24 -3.73
O3 NAG V . 22.03 42.66 -1.73
O4 NAG V . 20.62 44.07 0.23
O5 NAG V . 18.07 43.65 -2.44
O6 NAG V . 16.49 44.93 -0.37
O7 NAG V . 21.61 42.28 -5.44
C1 NAG V . 19.97 43.51 1.40
C2 NAG V . 20.92 42.61 2.17
C3 NAG V . 20.24 42.06 3.41
C4 NAG V . 19.74 43.22 4.26
C5 NAG V . 18.82 44.12 3.44
C6 NAG V . 18.41 45.36 4.19
C7 NAG V . 22.68 41.05 1.42
C8 NAG V . 23.02 39.92 0.50
N2 NAG V . 21.42 41.51 1.34
O3 NAG V . 21.16 41.27 4.15
O4 NAG V . 19.01 42.71 5.39
O5 NAG V . 19.50 44.56 2.25
O6 NAG V . 18.22 45.09 5.58
O7 NAG V . 23.50 41.52 2.20
C1 NAG W . -5.57 45.21 12.24
C2 NAG W . -6.94 44.63 12.58
C3 NAG W . -7.48 45.28 13.85
C4 NAG W . -6.49 45.10 15.00
C5 NAG W . -5.14 45.66 14.57
C6 NAG W . -4.06 45.43 15.60
C7 NAG W . -8.94 44.00 11.32
C8 NAG W . -9.81 44.30 10.14
N2 NAG W . -7.88 44.80 11.48
O3 NAG W . -8.73 44.69 14.20
O4 NAG W . -6.95 45.78 16.15
O5 NAG W . -4.69 45.05 13.36
O6 NAG W . -4.07 44.09 16.06
O7 NAG W . -9.18 43.09 12.09
C1 NAG W . -6.93 44.94 17.31
C2 NAG W . -7.06 45.82 18.54
C3 NAG W . -7.05 44.96 19.80
C4 NAG W . -8.18 43.95 19.72
C5 NAG W . -8.01 43.12 18.45
C6 NAG W . -9.13 42.12 18.24
C7 NAG W . -6.16 48.08 18.94
C8 NAG W . -4.94 48.93 18.94
N2 NAG W . -5.98 46.79 18.59
O3 NAG W . -7.23 45.80 20.94
O4 NAG W . -8.12 43.08 20.85
O5 NAG W . -8.00 43.98 17.30
O6 NAG W . -10.24 42.72 17.57
O7 NAG W . -7.27 48.52 19.24
C1 BMA W . -9.27 43.24 21.71
C2 BMA W . -9.29 41.99 22.61
C3 BMA W . -10.33 42.14 23.70
C4 BMA W . -10.18 43.46 24.41
C5 BMA W . -10.25 44.58 23.41
C6 BMA W . -10.09 45.94 24.07
O2 BMA W . -8.05 41.85 23.28
O3 BMA W . -10.27 41.07 24.65
O4 BMA W . -11.21 43.59 25.36
O5 BMA W . -9.18 44.42 22.46
O6 BMA W . -10.82 45.93 25.28
C1 MAN W . -11.42 40.21 24.51
C2 MAN W . -11.43 39.24 25.72
C3 MAN W . -10.29 38.24 25.60
C4 MAN W . -10.32 37.56 24.24
C5 MAN W . -10.25 38.62 23.14
C6 MAN W . -10.31 38.03 21.75
O2 MAN W . -12.63 38.45 25.74
O3 MAN W . -10.33 37.26 26.63
O4 MAN W . -9.20 36.70 24.12
O5 MAN W . -11.36 39.51 23.29
O6 MAN W . -10.74 39.06 20.86
C1 NAG X . 5.55 56.72 -1.04
C2 NAG X . 6.64 57.60 -0.47
C3 NAG X . 6.34 59.04 -0.82
C4 NAG X . 6.28 59.18 -2.34
C5 NAG X . 5.21 58.23 -2.88
C6 NAG X . 5.16 58.21 -4.39
C7 NAG X . 7.58 56.59 1.56
C8 NAG X . 7.54 56.54 3.05
N2 NAG X . 6.73 57.43 0.97
O3 NAG X . 7.37 59.88 -0.30
O4 NAG X . 5.88 60.50 -2.68
O5 NAG X . 5.50 56.88 -2.46
O6 NAG X . 4.20 57.28 -4.86
O7 NAG X . 8.35 55.88 0.92
C1 NAG X . 7.00 61.34 -3.03
C2 NAG X . 6.43 62.54 -3.75
C3 NAG X . 7.56 63.49 -4.13
C4 NAG X . 8.31 63.90 -2.88
C5 NAG X . 8.85 62.66 -2.18
C6 NAG X . 9.53 62.97 -0.87
C7 NAG X . 4.34 62.15 -4.97
C8 NAG X . 3.73 61.72 -6.27
N2 NAG X . 5.67 62.14 -4.92
O3 NAG X . 7.01 64.63 -4.77
O4 NAG X . 9.38 64.76 -3.22
O5 NAG X . 7.76 61.77 -1.88
O6 NAG X . 10.01 61.78 -0.25
O7 NAG X . 3.65 62.50 -4.02
C1 NAG Y . -23.76 55.33 0.15
C2 NAG Y . -24.88 54.51 -0.49
C3 NAG Y . -25.25 55.16 -1.82
C4 NAG Y . -25.67 56.60 -1.59
C5 NAG Y . -24.54 57.35 -0.89
C6 NAG Y . -24.91 58.77 -0.53
C7 NAG Y . -24.93 52.11 0.01
C8 NAG Y . -24.38 50.76 -0.35
N2 NAG Y . -24.46 53.14 -0.70
O3 NAG Y . -26.32 54.44 -2.41
O4 NAG Y . -25.89 57.22 -2.86
O5 NAG Y . -24.20 56.68 0.33
O6 NAG Y . -23.82 59.45 0.08
O7 NAG Y . -25.75 52.26 0.91
C1 NAG Y . -27.08 58.02 -3.10
C2 NAG Y . -27.71 57.42 -4.37
C3 NAG Y . -28.92 58.27 -4.75
C4 NAG Y . -29.91 58.30 -3.59
C5 NAG Y . -29.22 58.85 -2.34
C6 NAG Y . -30.11 58.82 -1.12
C7 NAG Y . -25.93 56.35 -5.64
C8 NAG Y . -25.01 56.43 -6.82
N2 NAG Y . -26.76 57.37 -5.45
O3 NAG Y . -29.54 57.72 -5.91
O4 NAG Y . -31.03 59.11 -3.92
O5 NAG Y . -28.07 58.05 -2.04
O6 NAG Y . -31.03 59.91 -1.13
O7 NAG Y . -25.91 55.38 -4.88
C1 NAG Z . -29.41 21.19 35.54
C2 NAG Z . -28.23 22.10 35.78
C3 NAG Z . -27.53 21.67 37.06
C4 NAG Z . -28.52 21.73 38.22
C5 NAG Z . -29.74 20.87 37.89
C6 NAG Z . -30.84 21.02 38.91
C7 NAG Z . -26.61 23.14 34.27
C8 NAG Z . -25.71 22.94 33.08
N2 NAG Z . -27.31 22.08 34.66
O3 NAG Z . -26.43 22.53 37.30
O4 NAG Z . -27.88 21.18 39.38
O5 NAG Z . -30.31 21.28 36.64
O6 NAG Z . -32.01 21.58 38.34
O7 NAG Z . -26.69 24.23 34.85
C1 NAG Z . -28.02 22.00 40.54
C2 NAG Z . -28.08 21.09 41.77
C3 NAG Z . -28.20 21.94 43.03
C4 NAG Z . -27.02 22.90 43.10
C5 NAG Z . -27.00 23.78 41.85
C6 NAG Z . -25.81 24.70 41.81
C7 NAG Z . -29.02 18.84 41.46
C8 NAG Z . -30.28 18.02 41.42
N2 NAG Z . -29.18 20.15 41.69
O3 NAG Z . -28.22 21.10 44.17
O4 NAG Z . -27.14 23.72 44.26
O5 NAG Z . -26.92 22.94 40.69
O6 NAG Z . -25.45 25.14 43.12
O7 NAG Z . -27.92 18.34 41.29
C1 NAG AA . 14.77 -12.07 37.14
C2 NAG AA . 15.04 -13.23 38.07
C3 NAG AA . 14.89 -14.52 37.29
C4 NAG AA . 13.49 -14.61 36.71
C5 NAG AA . 13.22 -13.38 35.85
C6 NAG AA . 11.80 -13.31 35.35
C7 NAG AA . 16.58 -12.52 39.83
C8 NAG AA . 18.00 -12.51 40.31
N2 NAG AA . 16.36 -13.13 38.67
O3 NAG AA . 15.14 -15.63 38.14
O4 NAG AA . 13.39 -15.76 35.86
O5 NAG AA . 13.43 -12.19 36.62
O6 NAG AA . 10.90 -12.90 36.37
O7 NAG AA . 15.67 -11.98 40.48
C1 NAG AA . 12.38 -16.69 36.29
C2 NAG AA . 11.92 -17.49 35.08
C3 NAG AA . 10.88 -18.51 35.51
C4 NAG AA . 11.48 -19.42 36.58
C5 NAG AA . 11.93 -18.56 37.76
C6 NAG AA . 12.60 -19.36 38.85
C7 NAG AA . 12.12 -16.15 33.02
C8 NAG AA . 11.40 -15.28 32.05
N2 NAG AA . 11.39 -16.63 34.04
O3 NAG AA . 10.48 -19.29 34.39
O4 NAG AA . 10.52 -20.36 37.02
O5 NAG AA . 12.88 -17.58 37.30
O6 NAG AA . 12.50 -18.71 40.11
O7 NAG AA . 13.31 -16.41 32.91
C1 NAG BA . -14.43 -10.03 37.19
C2 NAG BA . -15.54 -9.11 36.73
C3 NAG BA . -16.88 -9.81 36.90
C4 NAG BA . -16.87 -11.11 36.11
C5 NAG BA . -15.70 -11.97 36.59
C6 NAG BA . -15.53 -13.25 35.81
C7 NAG BA . -15.98 -6.71 36.99
C8 NAG BA . -15.88 -5.52 37.90
N2 NAG BA . -15.53 -7.86 37.49
O3 NAG BA . -17.93 -8.97 36.44
O4 NAG BA . -18.08 -11.82 36.32
O5 NAG BA . -14.48 -11.23 36.44
O6 NAG BA . -15.44 -12.98 34.42
O7 NAG BA . -16.44 -6.61 35.86
C1 NAG BA . -18.61 -12.42 35.12
C2 NAG BA . -19.69 -13.40 35.53
C3 NAG BA . -20.35 -14.03 34.31
C4 NAG BA . -20.82 -12.96 33.32
C5 NAG BA . -19.65 -12.02 33.00
C6 NAG BA . -20.05 -10.87 32.11
C7 NAG BA . -19.32 -14.47 37.72
C8 NAG BA . -18.68 -15.62 38.44
N2 NAG BA . -19.16 -14.44 36.40
O3 NAG BA . -21.47 -14.80 34.72
O4 NAG BA . -21.26 -13.59 32.13
O5 NAG BA . -19.15 -11.45 34.21
O6 NAG BA . -20.60 -9.79 32.86
O7 NAG BA . -19.96 -13.61 38.32
C1 BMA BA . -22.68 -13.51 31.97
C2 BMA BA . -22.95 -13.49 30.46
C3 BMA BA . -24.44 -13.60 30.17
C4 BMA BA . -25.08 -14.73 30.96
C5 BMA BA . -24.78 -14.60 32.45
C6 BMA BA . -25.37 -15.73 33.27
O2 BMA BA . -22.34 -14.60 29.84
O3 BMA BA . -24.68 -13.80 28.79
O4 BMA BA . -26.48 -14.71 30.76
O5 BMA BA . -23.34 -14.60 32.60
O6 BMA BA . -24.83 -16.94 32.78
C1 MAN BA . -25.33 -12.64 28.23
C2 MAN BA . -26.22 -13.12 27.06
C3 MAN BA . -25.34 -13.59 25.91
C4 MAN BA . -24.31 -12.53 25.55
C5 MAN BA . -23.48 -12.18 26.78
C6 MAN BA . -22.47 -11.08 26.50
O2 MAN BA . -27.02 -12.06 26.54
O3 MAN BA . -26.12 -13.94 24.77
O4 MAN BA . -23.45 -13.01 24.52
O5 MAN BA . -24.35 -11.70 27.81
O6 MAN BA . -21.79 -11.41 25.30
C1 MAN BA . -25.72 -18.06 33.03
C2 MAN BA . -24.91 -19.09 33.82
C3 MAN BA . -23.77 -19.60 32.95
C4 MAN BA . -24.30 -20.12 31.61
C5 MAN BA . -25.15 -19.04 30.93
C6 MAN BA . -25.83 -19.54 29.66
O2 MAN BA . -25.70 -20.23 34.13
O3 MAN BA . -23.02 -20.60 33.62
O4 MAN BA . -23.21 -20.48 30.77
O5 MAN BA . -26.18 -18.60 31.83
O6 MAN BA . -24.82 -20.04 28.78
C1 NAG CA . 1.04 -11.62 51.52
C2 NAG CA . 1.39 -13.02 51.96
C3 NAG CA . 1.17 -13.15 53.46
C4 NAG CA . 2.02 -12.11 54.18
C5 NAG CA . 1.67 -10.73 53.66
C6 NAG CA . 2.53 -9.63 54.25
C7 NAG CA . 1.04 -14.61 50.12
C8 NAG CA . 0.10 -15.62 49.51
N2 NAG CA . 0.62 -14.01 51.25
O3 NAG CA . 1.54 -14.46 53.89
O4 NAG CA . 1.73 -12.16 55.57
O5 NAG CA . 1.85 -10.67 52.24
O6 NAG CA . 2.12 -8.35 53.80
O7 NAG CA . 2.12 -14.33 49.61
C1 NAG CA . 2.81 -12.74 56.33
C2 NAG CA . 2.56 -12.38 57.80
C3 NAG CA . 3.65 -12.99 58.65
C4 NAG CA . 3.66 -14.49 58.46
C5 NAG CA . 3.89 -14.81 56.98
C6 NAG CA . 3.84 -16.28 56.67
C7 NAG CA . 1.51 -10.31 58.61
C8 NAG CA . 1.63 -8.82 58.69
N2 NAG CA . 2.51 -10.94 57.97
O3 NAG CA . 3.41 -12.68 60.01
O4 NAG CA . 4.71 -15.08 59.23
O5 NAG CA . 2.87 -14.17 56.20
O6 NAG CA . 4.81 -17.00 57.42
O7 NAG CA . 0.56 -10.91 59.10
C1 NAG DA . -22.78 5.80 53.82
C2 NAG DA . -23.14 7.26 53.69
C3 NAG DA . -22.67 8.00 54.93
C4 NAG DA . -23.32 7.38 56.16
C5 NAG DA . -23.00 5.88 56.22
C6 NAG DA . -23.71 5.16 57.33
C7 NAG DA . -23.08 7.76 51.28
C8 NAG DA . -22.31 8.40 50.17
N2 NAG DA . -22.53 7.83 52.50
O3 NAG DA . -23.03 9.37 54.83
O4 NAG DA . -22.79 7.98 57.34
O5 NAG DA . -23.41 5.26 54.99
O6 NAG DA . -23.64 3.76 57.16
O7 NAG DA . -24.16 7.21 51.09
C1 NAG DA . -23.77 8.79 58.01
C2 NAG DA . -23.52 8.74 59.51
C3 NAG DA . -24.55 9.62 60.21
C4 NAG DA . -24.41 11.04 59.70
C5 NAG DA . -24.60 11.06 58.18
C6 NAG DA . -24.36 12.43 57.58
C7 NAG DA . -22.63 6.83 60.77
C8 NAG DA . -22.88 5.41 61.22
N2 NAG DA . -23.59 7.38 60.02
O3 NAG DA . -24.33 9.59 61.62
O4 NAG DA . -25.38 11.87 60.31
O5 NAG DA . -23.68 10.16 57.56
O6 NAG DA . -22.97 12.74 57.58
O7 NAG DA . -21.61 7.44 61.09
C1 NAG EA . -47.68 2.79 37.17
C2 NAG EA . -47.71 1.28 37.24
C3 NAG EA . -48.61 0.76 36.12
C4 NAG EA . -50.00 1.33 36.29
C5 NAG EA . -49.92 2.85 36.27
C6 NAG EA . -51.24 3.53 36.53
C7 NAG EA . -45.91 -0.25 37.93
C8 NAG EA . -44.51 -0.72 37.64
N2 NAG EA . -46.38 0.71 37.11
O3 NAG EA . -48.63 -0.66 36.18
O4 NAG EA . -50.82 0.95 35.18
O5 NAG EA . -49.02 3.30 37.31
O6 NAG EA . -51.77 3.18 37.80
O7 NAG EA . -46.58 -0.72 38.83
C1 NAG EA . -51.41 -0.36 35.34
C2 NAG EA . -52.88 -0.27 34.97
C3 NAG EA . -53.53 -1.65 35.08
C4 NAG EA . -52.76 -2.66 34.23
C5 NAG EA . -51.28 -2.64 34.61
C6 NAG EA . -50.44 -3.52 33.72
C7 NAG EA . -54.29 1.71 35.31
C8 NAG EA . -54.94 2.61 36.33
N2 NAG EA . -53.59 0.69 35.80
O3 NAG EA . -54.88 -1.57 34.65
O4 NAG EA . -53.29 -3.96 34.44
O5 NAG EA . -50.75 -1.32 34.51
O6 NAG EA . -49.10 -3.61 34.19
O7 NAG EA . -54.39 1.92 34.11
C1 NAG FA . 9.96 -29.44 -22.29
C2 NAG FA . 8.95 -28.42 -22.80
C3 NAG FA . 7.56 -29.05 -22.81
C4 NAG FA . 7.59 -30.29 -23.69
C5 NAG FA . 8.64 -31.26 -23.17
C6 NAG FA . 8.80 -32.49 -24.04
C7 NAG FA . 9.63 -26.11 -22.30
C8 NAG FA . 9.52 -24.97 -21.34
N2 NAG FA . 8.96 -27.22 -21.98
O3 NAG FA . 6.62 -28.12 -23.30
O4 NAG FA . 6.32 -30.92 -23.68
O5 NAG FA . 9.93 -30.61 -23.14
O6 NAG FA . 9.57 -33.49 -23.39
O7 NAG FA . 10.29 -26.03 -23.34
C1 NAG GA . 22.65 -31.03 1.71
C2 NAG GA . 23.85 -31.04 2.65
C3 NAG GA . 23.76 -32.23 3.57
C4 NAG GA . 22.44 -32.16 4.34
C5 NAG GA . 21.29 -32.13 3.35
C6 NAG GA . 19.94 -31.96 4.02
C7 NAG GA . 25.71 -29.95 1.47
C8 NAG GA . 27.00 -30.15 0.73
N2 NAG GA . 25.11 -31.05 1.91
O3 NAG GA . 24.85 -32.23 4.47
O4 NAG GA . 22.32 -33.30 5.19
O5 NAG GA . 21.44 -31.01 2.47
O6 NAG GA . 19.69 -33.01 4.95
O7 NAG GA . 25.24 -28.83 1.65
C1 NAG HA . 15.42 -36.43 -6.87
C2 NAG HA . 15.30 -37.62 -5.92
C3 NAG HA . 13.82 -37.93 -5.67
C4 NAG HA . 13.11 -36.69 -5.15
C5 NAG HA . 13.32 -35.51 -6.10
C6 NAG HA . 12.76 -34.21 -5.56
C7 NAG HA . 16.52 -39.72 -5.67
C8 NAG HA . 17.19 -40.85 -6.37
N2 NAG HA . 15.98 -38.78 -6.45
O3 NAG HA . 13.72 -38.99 -4.74
O4 NAG HA . 11.72 -36.95 -5.03
O5 NAG HA . 14.73 -35.30 -6.32
O6 NAG HA . 11.44 -34.37 -5.08
O7 NAG HA . 16.45 -39.65 -4.44
C1 NAG IA . 6.90 -29.08 0.63
C2 NAG IA . 6.66 -29.85 -0.68
C3 NAG IA . 5.22 -30.35 -0.74
C4 NAG IA . 4.88 -31.15 0.51
C5 NAG IA . 5.19 -30.32 1.76
C6 NAG IA . 4.97 -31.07 3.04
C7 NAG IA . 7.75 -29.42 -2.85
C8 NAG IA . 7.94 -28.42 -3.95
N2 NAG IA . 6.97 -29.02 -1.84
O3 NAG IA . 5.05 -31.17 -1.89
O4 NAG IA . 3.50 -31.50 0.51
O5 NAG IA . 6.56 -29.90 1.75
O6 NAG IA . 3.59 -31.32 3.27
O7 NAG IA . 8.28 -30.52 -2.87
C1 NAG JA . 25.82 10.87 -31.39
C2 NAG JA . 26.63 11.23 -32.63
C3 NAG JA . 26.06 10.45 -33.80
C4 NAG JA . 26.16 8.96 -33.51
C5 NAG JA . 25.40 8.65 -32.22
C6 NAG JA . 25.55 7.21 -31.78
C7 NAG JA . 27.56 13.30 -33.55
C8 NAG JA . 27.36 14.77 -33.75
N2 NAG JA . 26.59 12.65 -32.90
O3 NAG JA . 26.80 10.77 -34.99
O4 NAG JA . 25.59 8.22 -34.59
O5 NAG JA . 25.92 9.45 -31.15
O6 NAG JA . 25.06 7.01 -30.47
O7 NAG JA . 28.56 12.72 -33.95
C1 NAG KA . 41.73 15.63 19.09
C2 NAG KA . 42.45 16.00 17.82
C3 NAG KA . 43.21 17.30 18.02
C4 NAG KA . 42.21 18.39 18.41
C5 NAG KA . 41.47 17.96 19.68
C6 NAG KA . 40.41 18.93 20.10
C7 NAG KA . 43.05 13.98 16.53
C8 NAG KA . 44.12 12.97 16.25
N2 NAG KA . 43.37 14.93 17.42
O3 NAG KA . 43.86 17.65 16.81
O4 NAG KA . 42.89 19.61 18.63
O5 NAG KA . 40.83 16.70 19.46
O6 NAG KA . 39.60 18.39 21.13
O7 NAG KA . 41.94 13.93 16.00
C1 NAG LA . 34.25 -2.44 35.24
C2 NAG LA . 33.19 -3.49 35.46
C3 NAG LA . 32.58 -3.31 36.84
C4 NAG LA . 33.68 -3.41 37.89
C5 NAG LA . 34.76 -2.37 37.60
C6 NAG LA . 35.93 -2.46 38.53
C7 NAG LA . 31.53 -4.53 33.97
C8 NAG LA . 30.51 -4.28 32.91
N2 NAG LA . 32.16 -3.44 34.44
O3 NAG LA . 31.58 -4.30 37.07
O4 NAG LA . 33.14 -3.19 39.18
O5 NAG LA . 35.26 -2.55 36.26
O6 NAG LA . 36.80 -1.34 38.39
O7 NAG LA . 31.78 -5.65 34.38
C1 NAG MA . 41.20 11.35 30.80
C2 NAG MA . 39.68 11.45 30.94
C3 NAG MA . 39.32 12.32 32.13
C4 NAG MA . 40.03 11.84 33.39
C5 NAG MA . 41.54 11.66 33.14
C6 NAG MA . 42.26 11.03 34.30
C7 NAG MA . 38.24 11.28 28.95
C8 NAG MA . 37.72 12.00 27.74
N2 NAG MA . 39.09 11.97 29.72
O3 NAG MA . 37.92 12.29 32.33
O4 NAG MA . 39.86 12.78 34.44
O5 NAG MA . 41.75 10.82 31.99
O6 NAG MA . 43.63 11.41 34.32
O7 NAG MA . 37.90 10.13 29.22
C1 NAG NA . -56.28 14.96 -5.44
C2 NAG NA . -56.52 15.43 -6.87
C3 NAG NA . -56.40 16.94 -6.95
C4 NAG NA . -57.35 17.60 -5.97
C5 NAG NA . -57.14 17.03 -4.56
C6 NAG NA . -58.18 17.53 -3.58
C7 NAG NA . -55.98 13.98 -8.78
C8 NAG NA . -54.89 13.42 -9.64
N2 NAG NA . -55.60 14.79 -7.80
O3 NAG NA . -56.72 17.37 -8.27
O4 NAG NA . -57.12 19.00 -5.94
O5 NAG NA . -57.23 15.61 -4.57
O6 NAG NA . -58.12 18.95 -3.44
O7 NAG NA . -57.16 13.69 -8.97
C1 NAG OA . -53.81 18.58 8.67
C2 NAG OA . -54.47 17.24 9.00
C3 NAG OA . -55.99 17.38 9.00
C4 NAG OA . -56.41 18.51 9.93
C5 NAG OA . -55.70 19.79 9.54
C6 NAG OA . -55.99 20.94 10.49
C7 NAG OA . -54.08 14.90 8.37
C8 NAG OA . -53.62 13.97 7.30
N2 NAG OA . -54.05 16.20 8.07
O3 NAG OA . -56.57 16.15 9.43
O4 NAG OA . -57.82 18.70 9.85
O5 NAG OA . -54.27 19.59 9.57
O6 NAG OA . -57.32 20.88 10.97
O7 NAG OA . -54.48 14.50 9.46
C1 NAG PA . -9.86 -24.01 -23.45
C2 NAG PA . -9.11 -24.52 -24.67
C3 NAG PA . -9.65 -25.88 -25.07
C4 NAG PA . -9.53 -26.84 -23.89
C5 NAG PA . -10.29 -26.26 -22.69
C6 NAG PA . -10.16 -27.10 -21.44
C7 NAG PA . -8.40 -23.56 -26.81
C8 NAG PA . -8.68 -22.52 -27.86
N2 NAG PA . -9.23 -23.58 -25.77
O3 NAG PA . -8.90 -26.39 -26.16
O4 NAG PA . -10.10 -28.10 -24.23
O5 NAG PA . -9.75 -24.97 -22.38
O6 NAG PA . -8.82 -27.14 -20.98
O7 NAG PA . -7.46 -24.35 -26.92
C1 NAG QA . -14.26 -26.83 -15.83
C2 NAG QA . -15.12 -27.72 -14.93
C3 NAG QA . -14.21 -28.53 -14.02
C4 NAG QA . -13.25 -29.34 -14.86
C5 NAG QA . -12.44 -28.40 -15.75
C6 NAG QA . -11.50 -29.12 -16.69
C7 NAG QA . -17.33 -26.72 -14.53
C8 NAG QA . -18.16 -25.88 -13.61
N2 NAG QA . -16.06 -26.93 -14.16
O3 NAG QA . -15.01 -29.40 -13.22
O4 NAG QA . -12.37 -30.07 -14.01
O5 NAG QA . -13.34 -27.64 -16.57
O6 NAG QA . -10.36 -28.33 -16.98
O7 NAG QA . -17.79 -27.19 -15.56
C1 NAG RA . -21.23 -30.51 -5.75
C2 NAG RA . -20.01 -30.97 -4.96
C3 NAG RA . -20.11 -32.45 -4.62
C4 NAG RA . -21.43 -32.75 -3.92
C5 NAG RA . -22.60 -32.23 -4.75
C6 NAG RA . -23.93 -32.37 -4.05
C7 NAG RA . -17.68 -30.20 -5.15
C8 NAG RA . -16.52 -29.99 -6.07
N2 NAG RA . -18.79 -30.70 -5.71
O3 NAG RA . -19.02 -32.82 -3.78
O4 NAG RA . -21.58 -34.15 -3.73
O5 NAG RA . -22.42 -30.83 -5.01
O6 NAG RA . -24.28 -33.74 -3.87
O7 NAG RA . -17.61 -29.95 -3.95
C1 NAG SA . -47.65 15.87 -21.77
C2 NAG SA . -47.84 15.78 -23.28
C3 NAG SA . -47.27 17.04 -23.91
C4 NAG SA . -47.97 18.26 -23.33
C5 NAG SA . -47.79 18.27 -21.82
C6 NAG SA . -48.52 19.41 -21.15
C7 NAG SA . -47.90 13.49 -24.15
C8 NAG SA . -47.09 12.36 -24.71
N2 NAG SA . -47.21 14.60 -23.84
O3 NAG SA . -47.45 17.00 -25.32
O4 NAG SA . -47.43 19.45 -23.89
O5 NAG SA . -48.31 17.05 -21.26
O6 NAG SA . -48.37 20.62 -21.87
O7 NAG SA . -49.11 13.40 -23.97
C1 NAG TA . -43.61 10.36 -24.50
C2 NAG TA . -44.29 9.39 -25.46
C3 NAG TA . -43.84 9.69 -26.88
C4 NAG TA . -44.18 11.12 -27.22
C5 NAG TA . -43.49 12.05 -26.24
C6 NAG TA . -43.81 13.51 -26.46
C7 NAG TA . -44.90 7.13 -24.69
C8 NAG TA . -44.38 5.76 -24.37
N2 NAG TA . -43.98 8.01 -25.11
O3 NAG TA . -44.51 8.80 -27.78
O4 NAG TA . -43.76 11.43 -28.55
O5 NAG TA . -43.89 11.74 -24.90
O6 NAG TA . -43.72 13.86 -27.84
O7 NAG TA . -46.09 7.41 -24.61
C1 NAG UA . -42.87 -29.20 -17.61
C2 NAG UA . -43.86 -29.62 -16.52
C3 NAG UA . -45.10 -30.24 -17.15
C4 NAG UA . -45.70 -29.31 -18.19
C5 NAG UA . -44.64 -28.86 -19.19
C6 NAG UA . -45.14 -27.83 -20.16
C7 NAG UA . -42.83 -30.20 -14.36
C8 NAG UA . -42.22 -31.28 -13.54
N2 NAG UA . -43.24 -30.54 -15.58
O3 NAG UA . -46.06 -30.51 -16.13
O4 NAG UA . -46.75 -29.97 -18.87
O5 NAG UA . -43.51 -28.28 -18.51
O6 NAG UA . -44.49 -26.58 -19.97
O7 NAG UA . -42.94 -29.04 -13.94
C1 NAG VA . 6.52 -21.36 -26.91
C2 NAG VA . 7.74 -20.46 -27.04
C3 NAG VA . 8.10 -20.28 -28.51
C4 NAG VA . 8.33 -21.66 -29.13
C5 NAG VA . 7.09 -22.52 -28.94
C6 NAG VA . 7.27 -23.93 -29.44
C7 NAG VA . 8.52 -18.35 -26.05
C8 NAG VA . 8.12 -17.07 -25.39
N2 NAG VA . 7.52 -19.16 -26.40
O3 NAG VA . 9.28 -19.49 -28.63
O4 NAG VA . 8.60 -21.52 -30.52
O5 NAG VA . 6.78 -22.62 -27.54
O6 NAG VA . 7.89 -24.74 -28.46
O7 NAG VA . 9.69 -18.64 -26.23
C1 NAG WA . -46.38 32.09 21.44
C2 NAG WA . -46.81 32.96 20.27
C3 NAG WA . -48.07 33.72 20.64
C4 NAG WA . -49.16 32.75 21.02
C5 NAG WA . -48.67 31.89 22.19
C6 NAG WA . -49.65 30.83 22.59
C7 NAG WA . -45.63 34.40 18.66
C8 NAG WA . -44.48 35.33 18.45
N2 NAG WA . -45.75 33.88 19.89
O3 NAG WA . -48.49 34.51 19.53
O4 NAG WA . -50.34 33.44 21.41
O5 NAG WA . -47.47 31.21 21.80
O6 NAG WA . -50.99 31.31 22.57
O7 NAG WA . -46.42 34.13 17.77
C1 NAG XA . -5.53 41.73 -22.17
C2 NAG XA . -4.57 40.87 -22.98
C3 NAG XA . -4.67 41.26 -24.44
C4 NAG XA . -6.11 41.09 -24.91
C5 NAG XA . -7.02 41.95 -24.05
C6 NAG XA . -8.48 41.78 -24.38
C7 NAG XA . -2.45 40.01 -22.05
C8 NAG XA . -1.07 40.38 -21.60
N2 NAG XA . -3.20 41.02 -22.50
O3 NAG XA . -3.81 40.43 -25.21
O4 NAG XA . -6.24 41.49 -26.28
O5 NAG XA . -6.86 41.55 -22.67
O6 NAG XA . -9.29 42.66 -23.59
O7 NAG XA . -2.86 38.85 -22.01
C1 NAG YA . -18.77 64.43 -3.76
C2 NAG YA . -19.78 64.31 -2.63
C3 NAG YA . -20.93 65.26 -2.88
C4 NAG YA . -20.40 66.68 -2.99
C5 NAG YA . -19.37 66.74 -4.11
C6 NAG YA . -18.72 68.10 -4.25
C7 NAG YA . -20.30 62.27 -1.34
C8 NAG YA . -20.83 60.88 -1.41
N2 NAG YA . -20.25 62.94 -2.50
O3 NAG YA . -21.85 65.17 -1.80
O4 NAG YA . -21.46 67.58 -3.27
O5 NAG YA . -18.31 65.79 -3.86
O6 NAG YA . -19.67 69.14 -4.06
O7 NAG YA . -19.93 62.78 -0.29
C1 NAG ZA . -16.97 52.40 25.29
C2 NAG ZA . -17.03 53.93 25.26
C3 NAG ZA . -15.81 54.49 25.97
C4 NAG ZA . -15.76 53.96 27.39
C5 NAG ZA . -15.71 52.43 27.35
C6 NAG ZA . -15.74 51.80 28.73
C7 NAG ZA . -18.26 54.77 23.31
C8 NAG ZA . -18.17 55.27 21.90
N2 NAG ZA . -17.11 54.43 23.90
O3 NAG ZA . -15.89 55.91 25.98
O4 NAG ZA . -14.60 54.45 28.06
O5 NAG ZA . -16.87 51.94 26.65
O6 NAG ZA . -14.66 52.27 29.53
O7 NAG ZA . -19.34 54.68 23.90
C1 NAG AB . 0.17 51.13 11.86
C2 NAG AB . 0.22 50.14 13.02
C3 NAG AB . 1.01 50.74 14.16
C4 NAG AB . 2.42 51.08 13.68
C5 NAG AB . 2.31 52.05 12.49
C6 NAG AB . 3.65 52.37 11.88
C7 NAG AB . -1.71 48.62 13.16
C8 NAG AB . -3.09 48.41 13.71
N2 NAG AB . -1.12 49.78 13.46
O3 NAG AB . 1.08 49.81 15.23
O4 NAG AB . 3.17 51.68 14.72
O5 NAG AB . 1.52 51.46 11.45
O6 NAG AB . 4.63 52.61 12.89
O7 NAG AB . -1.15 47.76 12.47
C1 NAG BB . -23.08 51.71 29.65
C2 NAG BB . -23.03 50.52 30.59
C3 NAG BB . -22.08 50.82 31.75
C4 NAG BB . -20.70 51.17 31.21
C5 NAG BB . -20.83 52.38 30.28
C6 NAG BB . -19.52 52.77 29.63
C7 NAG BB . -24.63 49.10 31.82
C8 NAG BB . -26.04 48.94 32.27
N2 NAG BB . -24.35 50.19 31.10
O3 NAG BB . -21.96 49.71 32.63
O4 NAG BB . -19.82 51.50 32.27
O5 NAG BB . -21.74 52.05 29.22
O6 NAG BB . -19.70 53.87 28.74
O7 NAG BB . -23.75 48.28 32.10
C1 MAN CB . -8.96 47.48 26.95
C2 MAN CB . -7.60 46.78 26.92
C3 MAN CB . -7.73 45.34 27.43
C4 MAN CB . -8.51 45.27 28.75
C5 MAN CB . -9.87 45.96 28.56
C6 MAN CB . -10.69 46.00 29.83
O2 MAN CB . -6.66 47.42 27.79
O3 MAN CB . -6.45 44.72 27.58
O4 MAN CB . -8.70 43.92 29.12
O5 MAN CB . -9.65 47.31 28.16
O6 MAN CB . -12.01 46.43 29.49
C1 NAG DB . -15.64 62.71 -13.13
C2 NAG DB . -17.04 62.78 -13.73
C3 NAG DB . -17.52 64.23 -13.76
C4 NAG DB . -17.44 64.86 -12.38
C5 NAG DB . -16.03 64.72 -11.82
C6 NAG DB . -15.91 65.21 -10.40
C7 NAG DB . -17.75 61.11 -15.39
C8 NAG DB . -17.63 60.68 -16.83
N2 NAG DB . -17.06 62.22 -15.06
O3 NAG DB . -18.86 64.28 -14.24
O4 NAG DB . -17.80 66.23 -12.44
O5 NAG DB . -15.63 63.34 -11.83
O6 NAG DB . -16.51 64.30 -9.48
O7 NAG DB . -18.42 60.49 -14.58
C1 NAG EB . 14.86 -5.24 43.87
C2 NAG EB . 16.20 -5.94 44.03
C3 NAG EB . 16.59 -5.90 45.50
C4 NAG EB . 16.69 -4.44 45.94
C5 NAG EB . 15.35 -3.75 45.69
C6 NAG EB . 15.38 -2.27 45.99
C7 NAG EB . 17.19 -7.90 42.92
C8 NAG EB . 16.98 -9.32 42.50
N2 NAG EB . 16.17 -7.31 43.55
O3 NAG EB . 17.83 -6.56 45.69
O4 NAG EB . 17.01 -4.37 47.32
O5 NAG EB . 14.98 -3.88 44.31
O6 NAG EB . 16.21 -1.98 47.11
O7 NAG EB . 18.24 -7.31 42.72
C1 NAG FB . 11.79 4.07 45.58
C2 NAG FB . 11.38 5.48 45.98
C3 NAG FB . 12.47 6.45 45.57
C4 NAG FB . 13.78 6.05 46.22
C5 NAG FB . 14.12 4.62 45.79
C6 NAG FB . 15.37 4.08 46.46
C7 NAG FB . 8.93 5.67 45.99
C8 NAG FB . 7.72 6.11 45.21
N2 NAG FB . 10.11 5.84 45.37
O3 NAG FB . 12.11 7.77 45.98
O4 NAG FB . 14.80 6.96 45.81
O5 NAG FB . 13.06 3.74 46.18
O6 NAG FB . 16.51 4.89 46.16
O7 NAG FB . 8.84 5.21 47.12
C1 NAG GB . 6.60 15.86 48.30
C2 NAG GB . 7.97 16.32 47.82
C3 NAG GB . 8.54 17.31 48.83
C4 NAG GB . 7.58 18.48 48.98
C5 NAG GB . 6.22 17.94 49.44
C6 NAG GB . 5.16 19.01 49.56
C7 NAG GB . 9.58 14.95 46.55
C8 NAG GB . 10.45 13.74 46.58
N2 NAG GB . 8.87 15.19 47.67
O3 NAG GB . 9.80 17.78 48.37
O4 NAG GB . 8.08 19.40 49.94
O5 NAG GB . 5.75 16.99 48.48
O6 NAG GB . 5.15 19.59 50.87
O7 NAG GB . 9.51 15.68 45.57
C1 NAG HB . -39.37 -13.47 37.68
C2 NAG HB . -38.64 -14.77 37.95
C3 NAG HB . -39.02 -15.78 36.89
C4 NAG HB . -40.52 -15.98 36.91
C5 NAG HB . -41.21 -14.64 36.68
C6 NAG HB . -42.72 -14.74 36.76
C7 NAG HB . -36.46 -14.55 39.09
C8 NAG HB . -34.98 -14.34 38.91
N2 NAG HB . -37.19 -14.57 37.97
O3 NAG HB . -38.37 -17.02 37.14
O4 NAG HB . -40.91 -16.89 35.88
O5 NAG HB . -40.79 -13.71 37.69
O6 NAG HB . -43.23 -15.68 35.82
O7 NAG HB . -36.96 -14.70 40.19
C1 NAG IB . -17.63 1.61 62.89
C2 NAG IB . -19.10 1.82 62.55
C3 NAG IB . -19.82 2.36 63.77
C4 NAG IB . -19.67 1.36 64.90
C5 NAG IB . -18.19 1.13 65.18
C6 NAG IB . -17.95 0.06 66.23
C7 NAG IB . -20.03 2.50 60.37
C8 NAG IB . -20.06 3.56 59.31
N2 NAG IB . -19.25 2.75 61.43
O3 NAG IB . -21.20 2.56 63.46
O4 NAG IB . -20.32 1.86 66.08
O5 NAG IB . -17.54 0.68 63.99
O6 NAG IB . -19.08 -0.11 67.08
O7 NAG IB . -20.70 1.47 60.27
C1 NAG JB . -31.47 -14.51 41.36
C2 NAG JB . -31.88 -14.99 42.75
C3 NAG JB . -31.38 -16.40 42.95
C4 NAG JB . -31.96 -17.30 41.87
C5 NAG JB . -31.55 -16.75 40.49
C6 NAG JB . -32.16 -17.52 39.35
C7 NAG JB . -32.15 -13.24 44.45
C8 NAG JB . -31.45 -12.41 45.49
N2 NAG JB . -31.38 -14.11 43.78
O3 NAG JB . -31.78 -16.87 44.23
O4 NAG JB . -31.45 -18.62 42.01
O5 NAG JB . -32.02 -15.39 40.36
O6 NAG JB . -31.83 -18.91 39.43
O7 NAG JB . -33.35 -13.12 44.23
C1 NAG KB . -10.17 -14.95 42.02
C2 NAG KB . -9.96 -15.29 40.55
C3 NAG KB . -10.19 -16.78 40.36
C4 NAG KB . -9.24 -17.56 41.25
C5 NAG KB . -9.48 -17.15 42.70
C6 NAG KB . -8.54 -17.83 43.67
C7 NAG KB . -10.43 -13.54 38.90
C8 NAG KB . -11.50 -12.87 38.07
N2 NAG KB . -10.85 -14.53 39.69
O3 NAG KB . -9.97 -17.12 39.00
O4 NAG KB . -9.47 -18.96 41.11
O5 NAG KB . -9.28 -15.74 42.83
O6 NAG KB . -8.59 -19.24 43.54
O7 NAG KB . -9.26 -13.19 38.84
C1 NAG LB . -49.88 13.59 27.51
C2 NAG LB . -49.69 14.23 28.88
C3 NAG LB . -51.05 14.39 29.57
C4 NAG LB . -52.02 15.15 28.68
C5 NAG LB . -52.10 14.49 27.30
C6 NAG LB . -52.94 15.26 26.33
C7 NAG LB . -47.94 13.96 30.59
C8 NAG LB . -47.11 12.99 31.36
N2 NAG LB . -48.80 13.43 29.71
O3 NAG LB . -50.87 15.11 30.78
O4 NAG LB . -53.31 15.16 29.27
O5 NAG LB . -50.79 14.38 26.74
O6 NAG LB . -54.20 15.61 26.88
O7 NAG LB . -47.85 15.17 30.75
C1 NAG MB . -8.82 7.52 64.75
C2 NAG MB . -9.72 8.71 65.08
C3 NAG MB . -10.28 8.61 66.50
C4 NAG MB . -10.97 7.26 66.73
C5 NAG MB . -10.05 6.11 66.34
C6 NAG MB . -10.74 4.78 66.36
C7 NAG MB . -9.18 10.82 63.91
C8 NAG MB . -8.34 12.06 63.94
N2 NAG MB . -9.00 9.97 64.94
O3 NAG MB . -11.22 9.65 66.71
O4 NAG MB . -11.33 7.13 68.09
O5 NAG MB . -9.52 6.29 65.01
O6 NAG MB . -11.40 4.52 65.14
O7 NAG MB . -10.00 10.59 63.03
#